data_8F6M
#
_entry.id   8F6M
#
_cell.length_a   93.026
_cell.length_b   216.396
_cell.length_c   258.151
_cell.angle_alpha   90.000
_cell.angle_beta   90.000
_cell.angle_gamma   90.000
#
_symmetry.space_group_name_H-M   'P 21 21 21'
#
loop_
_entity.id
_entity.type
_entity.pdbx_description
1 polymer 'Pyruvate kinase PKM'
2 non-polymer "ADENOSINE-5'-DIPHOSPHATE"
3 non-polymer 'SUCCINIC ACID'
4 non-polymer 'MANGANESE (II) ION'
5 non-polymer 'POTASSIUM ION'
6 non-polymer ALANINE
7 non-polymer GLYCEROL
8 non-polymer (E)-2-METHYL-3-PHOSPHONOACRYLATE
9 water water
#
_entity_poly.entity_id   1
_entity_poly.type   'polypeptide(L)'
_entity_poly.pdbx_seq_one_letter_code
;MSKSHSEAGSAFIQTQQLHAAMADTFLEHMCRLDIDSAPITARNTGIICTIGPASRSVETLKEMIKSGMNVARMNFSHGT
HEYHAETIKNVRTATESFASDPILYRPVAVALDTKGPEIRTGLIKGSGTAEVELKKGATLKITLDNAYMEKCDENILWLD
YKNICKVVDVGSKVYVDDGLISLQVKQKGPDFLVTEVENGGFLGSKKGVNLPGAAVDLPAVSEKDIQDLKFGVEQDVDMV
FASFIRKAADVHEVRKILGEKGKNIKIISKIENHEGVRRFDEILEASDGIMVARGDLGIEIPAEKVFLAQKMIIGRCNRA
GKPVICATQMLESMIKKPRPTRAEGSDVANAVLDGADCIMLSGETAKGDYPLEAVRMQHLIAREAEAAMFHRKLFEELAR
ASSHSTDLMEAMAMGSVEASYKCLAAALIVLTESGRSAHQVARYRPRAPIIAVTRNHQTARQAHLYRGIFPVVCKDPVQE
AWAEDVDLRVNLAMNVGKARGFFKKGDVVIVLTGWRPGSGFTNTMRVVPVP
;
_entity_poly.pdbx_strand_id   A,B,C,D,E,F,G,H
#
loop_
_chem_comp.id
_chem_comp.type
_chem_comp.name
_chem_comp.formula
ADP non-polymer ADENOSINE-5'-DIPHOSPHATE 'C10 H15 N5 O10 P2'
GOL non-polymer GLYCEROL 'C3 H8 O3'
GZ3 non-polymer (E)-2-METHYL-3-PHOSPHONOACRYLATE 'C4 H7 O5 P'
K non-polymer 'POTASSIUM ION' 'K 1'
MN non-polymer 'MANGANESE (II) ION' 'Mn 2'
SIN non-polymer 'SUCCINIC ACID' 'C4 H6 O4'
#
# COMPACT_ATOMS: atom_id res chain seq x y z
N ILE A 13 -0.28 35.97 48.14
CA ILE A 13 -0.46 35.43 46.79
C ILE A 13 0.64 34.41 46.47
N GLN A 14 0.20 33.24 46.03
CA GLN A 14 1.15 32.21 45.68
C GLN A 14 1.97 32.66 44.47
N THR A 15 3.26 32.52 44.57
CA THR A 15 4.12 32.78 43.45
C THR A 15 3.96 31.70 42.38
N GLN A 16 4.61 31.95 41.26
CA GLN A 16 4.77 30.97 40.20
C GLN A 16 3.44 30.43 39.68
N GLN A 17 2.37 31.25 39.77
CA GLN A 17 1.04 30.86 39.27
C GLN A 17 0.59 29.53 39.87
N LEU A 18 1.03 29.28 41.11
CA LEU A 18 0.70 27.99 41.71
C LEU A 18 -0.77 27.87 42.05
N HIS A 19 -1.50 28.98 42.21
CA HIS A 19 -2.96 28.86 42.34
C HIS A 19 -3.58 28.36 41.03
N ALA A 20 -3.16 28.91 39.89
CA ALA A 20 -3.64 28.40 38.59
C ALA A 20 -3.20 26.96 38.35
N ALA A 21 -2.07 26.54 38.94
CA ALA A 21 -1.52 25.19 38.76
C ALA A 21 -2.46 24.12 39.29
N MET A 22 -3.19 24.44 40.37
CA MET A 22 -4.14 23.54 41.04
C MET A 22 -5.51 23.52 40.37
N ALA A 23 -5.71 24.24 39.27
CA ALA A 23 -7.02 24.28 38.64
C ALA A 23 -7.38 22.90 38.13
N ASP A 24 -8.68 22.63 38.05
CA ASP A 24 -9.19 21.37 37.49
C ASP A 24 -9.36 21.39 35.97
N THR A 25 -9.76 22.52 35.39
CA THR A 25 -10.00 22.60 33.94
C THR A 25 -9.06 23.62 33.32
N PHE A 26 -8.92 23.58 31.99
CA PHE A 26 -8.08 24.59 31.35
C PHE A 26 -8.70 25.97 31.54
N LEU A 27 -10.03 26.06 31.41
CA LEU A 27 -10.71 27.35 31.62
C LEU A 27 -10.41 27.93 33.01
N GLU A 28 -10.56 27.11 34.06
CA GLU A 28 -10.26 27.59 35.40
C GLU A 28 -8.79 27.98 35.55
N HIS A 29 -7.88 27.18 34.98
CA HIS A 29 -6.47 27.54 34.96
C HIS A 29 -6.29 28.93 34.39
N MET A 30 -6.89 29.18 33.23
CA MET A 30 -6.81 30.51 32.62
C MET A 30 -7.38 31.57 33.55
N CYS A 31 -8.55 31.29 34.16
CA CYS A 31 -9.22 32.27 35.01
C CYS A 31 -8.41 32.62 36.25
N ARG A 32 -7.48 31.76 36.63
CA ARG A 32 -6.67 31.98 37.84
C ARG A 32 -5.35 32.69 37.56
N LEU A 33 -5.00 32.92 36.30
CA LEU A 33 -3.71 33.56 36.04
C LEU A 33 -3.71 34.94 36.69
N ASP A 34 -2.62 35.24 37.38
CA ASP A 34 -2.56 36.36 38.33
C ASP A 34 -1.33 37.20 38.04
N ILE A 35 -1.52 38.45 37.61
CA ILE A 35 -0.42 39.33 37.31
C ILE A 35 0.39 39.67 38.55
N ASP A 36 -0.15 39.44 39.75
CA ASP A 36 0.64 39.70 40.95
C ASP A 36 1.29 38.44 41.52
N SER A 37 1.24 37.32 40.80
CA SER A 37 1.96 36.12 41.23
C SER A 37 3.37 36.15 40.61
N ALA A 38 4.41 36.32 41.45
CA ALA A 38 5.77 36.53 40.93
C ALA A 38 6.31 35.24 40.31
N PRO A 39 6.92 35.30 39.13
CA PRO A 39 7.60 34.11 38.58
C PRO A 39 8.87 33.81 39.38
N ILE A 40 9.48 32.64 39.13
CA ILE A 40 10.73 32.32 39.82
C ILE A 40 11.90 33.03 39.12
N THR A 41 13.09 32.92 39.70
CA THR A 41 14.27 33.54 39.09
C THR A 41 14.71 32.78 37.84
N ALA A 42 14.67 31.45 37.90
CA ALA A 42 15.16 30.65 36.78
C ALA A 42 14.28 30.85 35.52
N ARG A 43 14.92 30.90 34.36
CA ARG A 43 14.23 31.06 33.08
C ARG A 43 14.54 29.84 32.21
N ASN A 44 13.53 29.03 31.91
CA ASN A 44 13.79 27.73 31.29
C ASN A 44 13.90 27.75 29.77
N THR A 45 13.27 28.72 29.10
CA THR A 45 13.23 28.73 27.64
C THR A 45 14.56 29.24 27.08
N GLY A 46 15.21 28.42 26.26
CA GLY A 46 16.46 28.84 25.62
C GLY A 46 16.25 30.02 24.69
N ILE A 47 17.22 30.94 24.67
CA ILE A 47 17.17 32.11 23.81
C ILE A 47 18.28 32.01 22.76
N ILE A 48 17.90 32.09 21.49
CA ILE A 48 18.81 31.96 20.37
C ILE A 48 18.84 33.31 19.67
N CYS A 49 20.05 33.82 19.43
CA CYS A 49 20.25 35.16 18.91
C CYS A 49 21.07 35.08 17.64
N THR A 50 20.54 35.67 16.56
CA THR A 50 21.28 35.82 15.30
C THR A 50 22.31 36.93 15.44
N ILE A 51 23.57 36.61 15.15
CA ILE A 51 24.66 37.55 15.36
C ILE A 51 25.07 38.10 14.00
N GLY A 52 25.21 39.42 13.93
CA GLY A 52 25.48 40.10 12.69
C GLY A 52 26.02 41.48 12.98
N PRO A 53 25.81 42.41 12.05
CA PRO A 53 26.45 43.74 12.18
C PRO A 53 26.20 44.40 13.52
N ALA A 54 24.96 44.31 14.04
CA ALA A 54 24.65 45.04 15.27
C ALA A 54 25.17 44.37 16.54
N SER A 55 25.60 43.10 16.49
CA SER A 55 25.83 42.32 17.71
C SER A 55 27.16 41.55 17.75
N ARG A 56 28.06 41.75 16.78
CA ARG A 56 29.21 40.85 16.66
C ARG A 56 30.50 41.34 17.34
N SER A 57 30.57 42.56 17.84
CA SER A 57 31.72 42.95 18.64
C SER A 57 31.78 42.14 19.93
N VAL A 58 33.00 41.88 20.37
CA VAL A 58 33.20 41.18 21.63
C VAL A 58 32.45 41.87 22.77
N GLU A 59 32.46 43.22 22.80
CA GLU A 59 31.84 43.91 23.94
C GLU A 59 30.32 43.74 23.95
N THR A 60 29.67 43.83 22.79
CA THR A 60 28.23 43.60 22.76
C THR A 60 27.92 42.15 23.10
N LEU A 61 28.76 41.21 22.65
CA LEU A 61 28.43 39.82 22.90
C LEU A 61 28.51 39.51 24.38
N LYS A 62 29.46 40.12 25.09
CA LYS A 62 29.50 39.94 26.54
C LYS A 62 28.17 40.36 27.17
N GLU A 63 27.61 41.50 26.74
CA GLU A 63 26.33 41.94 27.29
C GLU A 63 25.17 41.07 26.80
N MET A 64 25.23 40.56 25.56
CA MET A 64 24.24 39.58 25.11
C MET A 64 24.20 38.39 26.07
N ILE A 65 25.36 37.84 26.38
CA ILE A 65 25.44 36.68 27.26
C ILE A 65 24.81 37.02 28.62
N LYS A 66 25.19 38.17 29.17
CA LYS A 66 24.65 38.59 30.46
C LYS A 66 23.15 38.84 30.40
N SER A 67 22.62 39.25 29.24
CA SER A 67 21.19 39.45 29.13
C SER A 67 20.42 38.16 28.90
N GLY A 68 21.09 37.03 28.63
CA GLY A 68 20.37 35.79 28.51
C GLY A 68 20.61 34.96 27.26
N MET A 69 21.48 35.38 26.33
CA MET A 69 21.67 34.59 25.11
C MET A 69 22.36 33.28 25.43
N ASN A 70 21.79 32.19 24.92
CA ASN A 70 22.31 30.84 25.09
C ASN A 70 22.95 30.28 23.82
N VAL A 71 22.51 30.72 22.64
CA VAL A 71 22.94 30.14 21.37
C VAL A 71 23.18 31.30 20.43
N ALA A 72 24.31 31.29 19.73
CA ALA A 72 24.64 32.27 18.69
C ALA A 72 24.39 31.64 17.32
N ARG A 73 23.47 32.21 16.56
CA ARG A 73 23.11 31.71 15.23
C ARG A 73 23.84 32.54 14.16
N MET A 74 24.58 31.86 13.29
CA MET A 74 25.22 32.50 12.14
C MET A 74 24.46 32.11 10.88
N ASN A 75 23.96 33.12 10.18
CA ASN A 75 23.11 32.93 9.00
C ASN A 75 23.97 32.98 7.75
N PHE A 76 24.18 31.82 7.12
CA PHE A 76 25.09 31.71 5.97
C PHE A 76 24.43 32.12 4.67
N SER A 77 23.16 32.53 4.72
CA SER A 77 22.55 33.26 3.62
C SER A 77 23.14 34.66 3.46
N HIS A 78 23.88 35.14 4.47
CA HIS A 78 24.61 36.42 4.46
C HIS A 78 26.08 36.15 4.76
N GLY A 79 26.91 37.17 4.47
CA GLY A 79 28.32 37.15 4.79
C GLY A 79 29.12 36.17 3.95
N THR A 80 30.35 36.00 4.37
CA THR A 80 31.31 35.05 3.81
C THR A 80 31.79 34.13 4.93
N HIS A 81 32.55 33.10 4.55
CA HIS A 81 33.15 32.24 5.56
C HIS A 81 33.97 33.06 6.54
N GLU A 82 34.78 33.98 6.00
CA GLU A 82 35.67 34.78 6.86
C GLU A 82 34.86 35.68 7.79
N TYR A 83 33.76 36.27 7.30
CA TYR A 83 32.91 37.06 8.16
C TYR A 83 32.37 36.24 9.33
N HIS A 84 31.80 35.06 9.03
CA HIS A 84 31.22 34.25 10.09
C HIS A 84 32.29 33.64 10.98
N ALA A 85 33.48 33.32 10.44
CA ALA A 85 34.56 32.84 11.30
C ALA A 85 34.95 33.91 12.31
N GLU A 86 35.02 35.16 11.87
CA GLU A 86 35.34 36.23 12.82
C GLU A 86 34.19 36.42 13.82
N THR A 87 32.93 36.42 13.36
CA THR A 87 31.82 36.46 14.32
C THR A 87 31.96 35.35 15.38
N ILE A 88 32.19 34.11 14.95
CA ILE A 88 32.27 32.98 15.86
C ILE A 88 33.40 33.15 16.87
N LYS A 89 34.60 33.53 16.41
CA LYS A 89 35.70 33.79 17.32
C LYS A 89 35.32 34.84 18.37
N ASN A 90 34.64 35.90 17.95
CA ASN A 90 34.21 36.89 18.94
C ASN A 90 33.21 36.30 19.92
N VAL A 91 32.32 35.42 19.43
CA VAL A 91 31.40 34.77 20.35
C VAL A 91 32.19 33.99 21.41
N ARG A 92 33.20 33.24 20.96
CA ARG A 92 33.98 32.41 21.89
C ARG A 92 34.86 33.26 22.79
N THR A 93 35.46 34.33 22.26
CA THR A 93 36.20 35.27 23.12
C THR A 93 35.28 35.83 24.21
N ALA A 94 34.10 36.32 23.84
CA ALA A 94 33.18 36.87 24.84
C ALA A 94 32.76 35.80 25.86
N THR A 95 32.42 34.62 25.37
CA THR A 95 31.98 33.55 26.25
C THR A 95 33.06 33.21 27.26
N GLU A 96 34.30 33.09 26.80
CA GLU A 96 35.39 32.65 27.67
C GLU A 96 35.89 33.74 28.62
N SER A 97 35.52 35.02 28.38
CA SER A 97 35.89 36.06 29.33
C SER A 97 35.21 35.87 30.68
N PHE A 98 34.19 35.02 30.78
CA PHE A 98 33.54 34.73 32.06
C PHE A 98 34.06 33.44 32.70
N ALA A 99 35.00 32.74 32.05
CA ALA A 99 35.49 31.46 32.55
C ALA A 99 36.28 31.57 33.85
N SER A 100 36.73 32.77 34.21
CA SER A 100 37.49 32.98 35.43
C SER A 100 36.65 32.77 36.69
N ASP A 101 35.33 32.64 36.53
CA ASP A 101 34.41 32.29 37.62
C ASP A 101 33.60 31.10 37.16
N PRO A 102 34.08 29.88 37.40
CA PRO A 102 33.34 28.69 36.96
C PRO A 102 31.98 28.54 37.61
N ILE A 103 31.75 29.17 38.76
CA ILE A 103 30.41 29.11 39.30
C ILE A 103 29.44 29.92 38.43
N LEU A 104 29.92 31.04 37.86
CA LEU A 104 29.05 31.91 37.08
C LEU A 104 29.12 31.70 35.55
N TYR A 105 30.16 31.01 35.05
CA TYR A 105 30.35 30.79 33.61
C TYR A 105 29.10 30.17 32.98
N ARG A 106 28.69 30.71 31.83
CA ARG A 106 27.61 30.15 31.05
C ARG A 106 28.15 29.59 29.75
N PRO A 107 27.96 28.30 29.45
CA PRO A 107 28.25 27.81 28.09
C PRO A 107 27.38 28.53 27.06
N VAL A 108 27.93 28.75 25.86
CA VAL A 108 27.21 29.40 24.76
C VAL A 108 27.38 28.53 23.52
N ALA A 109 26.26 28.10 22.93
CA ALA A 109 26.35 27.26 21.75
C ALA A 109 26.50 28.11 20.48
N VAL A 110 27.07 27.47 19.45
CA VAL A 110 27.27 28.08 18.14
C VAL A 110 26.47 27.25 17.14
N ALA A 111 25.54 27.91 16.42
CA ALA A 111 24.71 27.27 15.42
C ALA A 111 24.99 27.84 14.02
N LEU A 112 25.06 26.96 13.03
CA LEU A 112 25.25 27.30 11.62
C LEU A 112 23.92 27.12 10.89
N ASP A 113 23.45 28.17 10.24
CA ASP A 113 22.15 28.18 9.59
C ASP A 113 22.39 28.21 8.08
N THR A 114 21.94 27.18 7.39
CA THR A 114 22.35 26.93 6.02
C THR A 114 21.56 27.76 5.01
N LYS A 115 22.18 27.92 3.84
CA LYS A 115 21.48 28.49 2.68
C LYS A 115 20.34 27.58 2.26
N GLY A 116 20.67 26.36 1.83
CA GLY A 116 19.69 25.45 1.34
C GLY A 116 19.10 25.85 0.00
N PRO A 117 18.05 25.15 -0.44
CA PRO A 117 17.46 25.43 -1.77
C PRO A 117 16.67 26.72 -1.83
N GLU A 118 17.33 27.88 -1.90
CA GLU A 118 16.65 29.17 -1.75
C GLU A 118 17.07 30.09 -2.88
N ILE A 119 16.35 31.21 -3.04
CA ILE A 119 16.73 32.24 -3.99
C ILE A 119 17.11 33.49 -3.21
N ARG A 120 18.22 34.12 -3.60
CA ARG A 120 18.68 35.31 -2.88
C ARG A 120 19.01 36.41 -3.86
N THR A 121 18.77 37.65 -3.45
CA THR A 121 19.23 38.80 -4.22
C THR A 121 20.71 39.08 -3.93
N GLY A 122 21.26 40.07 -4.61
CA GLY A 122 22.66 40.44 -4.44
C GLY A 122 22.86 41.57 -3.44
N LEU A 123 24.01 42.23 -3.57
CA LEU A 123 24.43 43.28 -2.65
C LEU A 123 23.94 44.63 -3.14
N ILE A 124 23.28 45.37 -2.26
CA ILE A 124 22.92 46.75 -2.52
C ILE A 124 24.20 47.58 -2.50
N LYS A 125 24.51 48.22 -3.63
CA LYS A 125 25.64 49.16 -3.72
C LYS A 125 26.90 48.56 -3.11
N GLY A 126 27.19 47.32 -3.45
CA GLY A 126 28.41 46.68 -2.95
C GLY A 126 28.53 46.54 -1.44
N SER A 127 27.41 46.53 -0.70
CA SER A 127 27.50 46.41 0.75
C SER A 127 26.45 45.44 1.28
N GLY A 128 26.85 44.60 2.22
CA GLY A 128 25.93 43.70 2.91
C GLY A 128 24.97 44.36 3.87
N THR A 129 25.15 45.66 4.18
CA THR A 129 24.26 46.40 5.08
C THR A 129 23.56 47.60 4.45
N ALA A 130 23.87 47.94 3.19
CA ALA A 130 23.19 49.07 2.54
C ALA A 130 21.72 48.73 2.24
N GLU A 131 20.88 49.76 2.15
CA GLU A 131 19.45 49.59 1.83
C GLU A 131 18.98 50.73 0.93
N VAL A 132 17.95 50.47 0.13
CA VAL A 132 17.29 51.53 -0.62
C VAL A 132 15.80 51.43 -0.39
N GLU A 133 15.14 52.56 -0.54
CA GLU A 133 13.70 52.61 -0.37
C GLU A 133 13.04 52.42 -1.74
N LEU A 134 12.15 51.44 -1.84
CA LEU A 134 11.34 51.21 -3.04
C LEU A 134 10.03 51.96 -2.90
N LYS A 135 9.63 52.65 -3.94
CA LYS A 135 8.42 53.45 -3.89
C LYS A 135 7.29 52.69 -4.57
N LYS A 136 6.12 52.70 -3.94
CA LYS A 136 4.97 52.00 -4.51
C LYS A 136 4.66 52.56 -5.89
N GLY A 137 4.43 51.68 -6.85
CA GLY A 137 4.20 52.10 -8.23
C GLY A 137 5.46 52.33 -9.07
N ALA A 138 6.65 52.36 -8.46
CA ALA A 138 7.86 52.55 -9.26
C ALA A 138 8.20 51.28 -10.01
N THR A 139 9.09 51.44 -10.99
CA THR A 139 9.60 50.32 -11.77
C THR A 139 10.90 49.82 -11.15
N LEU A 140 11.11 48.51 -11.23
CA LEU A 140 12.31 47.85 -10.72
C LEU A 140 12.66 46.72 -11.68
N LYS A 141 13.87 46.76 -12.23
CA LYS A 141 14.29 45.69 -13.16
C LYS A 141 15.04 44.60 -12.40
N ILE A 142 14.58 43.36 -12.50
CA ILE A 142 15.35 42.21 -12.03
C ILE A 142 16.23 41.74 -13.18
N THR A 143 17.52 41.53 -12.93
CA THR A 143 18.43 40.98 -13.93
C THR A 143 19.09 39.70 -13.41
N LEU A 144 19.45 38.82 -14.33
CA LEU A 144 20.31 37.67 -14.03
C LEU A 144 21.79 37.95 -14.32
N ASP A 145 22.11 39.14 -14.82
CA ASP A 145 23.44 39.46 -15.32
C ASP A 145 24.41 39.69 -14.16
N ASN A 146 25.33 38.75 -13.95
CA ASN A 146 26.27 38.82 -12.83
C ASN A 146 27.08 40.10 -12.77
N ALA A 147 27.11 40.89 -13.83
CA ALA A 147 27.73 42.21 -13.71
C ALA A 147 27.09 43.05 -12.61
N TYR A 148 25.85 42.75 -12.24
CA TYR A 148 25.11 43.54 -11.26
C TYR A 148 24.98 42.87 -9.91
N MET A 149 25.53 41.66 -9.75
CA MET A 149 25.52 40.91 -8.50
C MET A 149 25.79 41.78 -7.27
N GLU A 150 26.76 42.69 -7.37
CA GLU A 150 27.12 43.54 -6.24
C GLU A 150 26.72 44.98 -6.47
N LYS A 151 25.77 45.22 -7.39
CA LYS A 151 25.41 46.56 -7.81
C LYS A 151 23.90 46.76 -7.82
N CYS A 152 23.19 46.12 -6.88
CA CYS A 152 21.75 46.28 -6.77
C CYS A 152 21.43 47.66 -6.23
N ASP A 153 20.31 48.23 -6.68
CA ASP A 153 19.87 49.51 -6.14
C ASP A 153 18.37 49.62 -6.40
N GLU A 154 17.82 50.83 -6.30
CA GLU A 154 16.38 51.00 -6.48
C GLU A 154 15.90 50.79 -7.91
N ASN A 155 16.80 50.75 -8.88
CA ASN A 155 16.40 50.49 -10.26
C ASN A 155 16.71 49.08 -10.74
N ILE A 156 17.80 48.49 -10.27
CA ILE A 156 18.28 47.22 -10.80
C ILE A 156 18.50 46.25 -9.64
N LEU A 157 17.89 45.07 -9.72
CA LEU A 157 17.98 44.05 -8.67
C LEU A 157 18.45 42.75 -9.29
N TRP A 158 19.59 42.25 -8.85
CA TRP A 158 20.11 40.95 -9.27
C TRP A 158 19.68 39.85 -8.31
N LEU A 159 19.52 38.62 -8.82
CA LEU A 159 19.20 37.49 -7.96
C LEU A 159 19.80 36.24 -8.58
N ASP A 160 19.89 35.15 -7.80
CA ASP A 160 20.83 34.09 -8.15
C ASP A 160 20.15 32.86 -8.73
N TYR A 161 18.87 32.94 -9.07
CA TYR A 161 18.17 31.79 -9.63
C TYR A 161 18.15 32.02 -11.14
N LYS A 162 19.10 31.37 -11.84
CA LYS A 162 19.28 31.62 -13.26
C LYS A 162 18.07 31.25 -14.09
N ASN A 163 17.22 30.35 -13.60
CA ASN A 163 16.07 29.89 -14.33
C ASN A 163 14.80 30.68 -14.03
N ILE A 164 14.90 31.85 -13.39
CA ILE A 164 13.67 32.48 -12.89
C ILE A 164 12.70 32.76 -14.03
N CYS A 165 13.22 33.15 -15.18
CA CYS A 165 12.33 33.48 -16.30
C CYS A 165 11.47 32.29 -16.75
N LYS A 166 11.89 31.06 -16.46
CA LYS A 166 11.10 29.91 -16.88
C LYS A 166 10.02 29.54 -15.88
N VAL A 167 9.99 30.12 -14.69
CA VAL A 167 8.98 29.76 -13.70
C VAL A 167 8.05 30.90 -13.35
N VAL A 168 8.22 32.08 -13.95
CA VAL A 168 7.29 33.18 -13.72
C VAL A 168 6.87 33.77 -15.06
N ASP A 169 5.70 34.40 -15.06
CA ASP A 169 5.20 35.05 -16.26
C ASP A 169 4.76 36.47 -15.92
N VAL A 170 4.45 37.21 -16.99
CA VAL A 170 3.81 38.51 -16.82
C VAL A 170 2.61 38.31 -15.94
N GLY A 171 2.38 39.25 -15.03
CA GLY A 171 1.37 39.11 -14.02
C GLY A 171 1.81 38.38 -12.77
N SER A 172 2.89 37.61 -12.80
CA SER A 172 3.33 36.89 -11.59
C SER A 172 3.78 37.89 -10.51
N LYS A 173 3.66 37.46 -9.24
CA LYS A 173 4.25 38.19 -8.12
C LYS A 173 5.61 37.60 -7.73
N VAL A 174 6.57 38.46 -7.48
CA VAL A 174 7.87 38.10 -6.92
C VAL A 174 7.97 38.77 -5.55
N TYR A 175 8.12 37.98 -4.50
CA TYR A 175 8.23 38.51 -3.14
C TYR A 175 9.68 38.55 -2.71
N VAL A 176 10.09 39.67 -2.12
CA VAL A 176 11.46 39.86 -1.64
C VAL A 176 11.42 40.07 -0.12
N ASP A 177 12.30 39.35 0.60
CA ASP A 177 12.50 39.50 2.04
C ASP A 177 11.29 39.04 2.84
N ASP A 178 10.99 37.73 2.79
CA ASP A 178 9.87 37.15 3.56
C ASP A 178 8.52 37.81 3.24
N GLY A 179 8.32 38.23 1.98
CA GLY A 179 7.06 38.86 1.56
C GLY A 179 6.95 40.35 1.85
N LEU A 180 7.99 40.96 2.39
CA LEU A 180 7.95 42.39 2.68
C LEU A 180 7.54 43.19 1.46
N ILE A 181 8.24 42.99 0.34
CA ILE A 181 8.04 43.73 -0.91
C ILE A 181 7.44 42.78 -1.93
N SER A 182 6.34 43.19 -2.54
CA SER A 182 5.77 42.42 -3.65
C SER A 182 6.05 43.16 -4.96
N LEU A 183 6.62 42.44 -5.92
CA LEU A 183 6.91 42.93 -7.27
C LEU A 183 5.99 42.22 -8.25
N GLN A 184 5.34 42.97 -9.13
CA GLN A 184 4.53 42.33 -10.17
C GLN A 184 5.28 42.37 -11.48
N VAL A 185 5.44 41.21 -12.12
CA VAL A 185 6.14 41.17 -13.39
C VAL A 185 5.29 41.83 -14.48
N LYS A 186 5.80 42.90 -15.06
CA LYS A 186 5.15 43.60 -16.19
C LYS A 186 5.70 43.18 -17.56
N GLN A 187 6.99 42.93 -17.67
CA GLN A 187 7.59 42.47 -18.91
C GLN A 187 8.70 41.49 -18.61
N LYS A 188 8.95 40.61 -19.58
CA LYS A 188 10.03 39.63 -19.52
C LYS A 188 10.95 39.79 -20.72
N GLY A 189 12.24 39.63 -20.47
CA GLY A 189 13.26 39.59 -21.50
C GLY A 189 14.09 38.33 -21.34
N PRO A 190 15.18 38.22 -22.11
CA PRO A 190 15.99 36.99 -22.06
C PRO A 190 16.58 36.69 -20.67
N ASP A 191 17.06 37.71 -19.97
CA ASP A 191 17.65 37.48 -18.65
C ASP A 191 17.24 38.60 -17.70
N PHE A 192 16.01 39.10 -17.85
CA PHE A 192 15.51 40.18 -17.00
C PHE A 192 14.00 40.16 -16.92
N LEU A 193 13.51 40.78 -15.85
CA LEU A 193 12.10 40.97 -15.57
C LEU A 193 11.93 42.44 -15.22
N VAL A 194 10.99 43.11 -15.89
CA VAL A 194 10.61 44.49 -15.53
C VAL A 194 9.39 44.35 -14.65
N THR A 195 9.47 44.88 -13.42
CA THR A 195 8.41 44.70 -12.44
C THR A 195 7.93 46.06 -11.99
N GLU A 196 6.77 46.06 -11.37
CA GLU A 196 6.26 47.21 -10.64
C GLU A 196 6.23 46.87 -9.15
N VAL A 197 6.77 47.77 -8.34
CA VAL A 197 6.71 47.72 -6.89
C VAL A 197 5.25 47.85 -6.46
N GLU A 198 4.68 46.78 -5.91
CA GLU A 198 3.31 46.88 -5.48
C GLU A 198 3.16 47.55 -4.12
N ASN A 199 4.21 47.56 -3.28
CA ASN A 199 4.09 48.27 -2.02
C ASN A 199 5.48 48.74 -1.60
N GLY A 200 5.53 49.91 -0.94
CA GLY A 200 6.82 50.50 -0.58
C GLY A 200 7.51 49.76 0.57
N GLY A 201 8.82 49.96 0.68
CA GLY A 201 9.59 49.36 1.76
C GLY A 201 11.07 49.46 1.47
N PHE A 202 11.86 49.05 2.45
CA PHE A 202 13.32 49.12 2.35
C PHE A 202 13.89 47.79 1.90
N LEU A 203 14.64 47.83 0.80
CA LEU A 203 15.30 46.68 0.19
C LEU A 203 16.76 46.68 0.62
N GLY A 204 17.17 45.64 1.31
CA GLY A 204 18.55 45.45 1.65
C GLY A 204 19.20 44.37 0.82
N SER A 205 20.36 43.89 1.31
CA SER A 205 21.22 42.99 0.57
C SER A 205 20.90 41.53 0.88
N LYS A 206 21.09 40.67 -0.13
CA LYS A 206 21.00 39.20 0.01
C LYS A 206 19.70 38.79 0.69
N LYS A 207 18.59 39.25 0.13
CA LYS A 207 17.28 38.99 0.71
C LYS A 207 16.70 37.76 0.04
N GLY A 208 15.96 36.96 0.82
CA GLY A 208 15.28 35.81 0.27
C GLY A 208 14.19 36.21 -0.71
N VAL A 209 13.96 35.35 -1.69
CA VAL A 209 12.97 35.58 -2.72
C VAL A 209 12.04 34.38 -2.75
N ASN A 210 10.73 34.63 -2.72
CA ASN A 210 9.74 33.56 -2.72
C ASN A 210 8.82 33.74 -3.92
N LEU A 211 8.56 32.62 -4.59
CA LEU A 211 7.69 32.54 -5.77
C LEU A 211 6.66 31.46 -5.46
N PRO A 212 5.66 31.78 -4.62
CA PRO A 212 4.80 30.73 -4.04
C PRO A 212 3.98 30.05 -5.14
N GLY A 213 3.93 28.72 -5.07
CA GLY A 213 3.37 27.89 -6.13
C GLY A 213 4.29 27.55 -7.29
N ALA A 214 5.11 28.50 -7.76
CA ALA A 214 6.02 28.27 -8.88
C ALA A 214 6.92 27.07 -8.66
N ALA A 215 7.35 26.46 -9.76
CA ALA A 215 8.13 25.22 -9.76
C ALA A 215 9.62 25.54 -9.70
N VAL A 216 10.07 25.96 -8.54
CA VAL A 216 11.49 26.20 -8.39
C VAL A 216 12.18 24.86 -8.21
N ASP A 217 13.27 24.65 -8.95
CA ASP A 217 13.99 23.38 -9.00
C ASP A 217 15.37 23.61 -8.40
N LEU A 218 15.56 23.19 -7.15
CA LEU A 218 16.85 23.37 -6.51
C LEU A 218 17.17 22.14 -5.68
N PRO A 219 18.43 21.74 -5.59
CA PRO A 219 18.76 20.51 -4.86
C PRO A 219 18.66 20.73 -3.35
N ALA A 220 18.34 19.63 -2.65
CA ALA A 220 18.35 19.60 -1.20
C ALA A 220 19.65 20.16 -0.64
N VAL A 221 20.79 19.73 -1.21
CA VAL A 221 22.11 20.15 -0.76
C VAL A 221 22.88 20.64 -1.98
N SER A 222 23.19 21.93 -2.00
CA SER A 222 23.96 22.51 -3.10
C SER A 222 25.45 22.41 -2.83
N GLU A 223 26.21 22.80 -3.85
CA GLU A 223 27.66 22.80 -3.68
C GLU A 223 28.08 23.83 -2.63
N LYS A 224 27.40 24.97 -2.58
CA LYS A 224 27.67 25.94 -1.51
C LYS A 224 27.28 25.37 -0.16
N ASP A 225 26.17 24.64 -0.10
CA ASP A 225 25.81 23.94 1.14
C ASP A 225 26.94 23.03 1.58
N ILE A 226 27.55 22.28 0.64
CA ILE A 226 28.61 21.35 1.03
C ILE A 226 29.78 22.13 1.60
N GLN A 227 30.13 23.25 0.98
CA GLN A 227 31.22 24.08 1.50
CA GLN A 227 31.25 24.01 1.54
C GLN A 227 30.90 24.62 2.90
N ASP A 228 29.65 25.01 3.12
CA ASP A 228 29.29 25.63 4.40
C ASP A 228 29.23 24.58 5.51
N LEU A 229 28.70 23.40 5.20
CA LEU A 229 28.63 22.33 6.19
C LEU A 229 30.02 21.91 6.60
N LYS A 230 30.93 21.80 5.62
CA LYS A 230 32.32 21.45 5.92
C LYS A 230 32.97 22.51 6.81
N PHE A 231 32.74 23.79 6.49
CA PHE A 231 33.21 24.89 7.34
C PHE A 231 32.64 24.76 8.76
N GLY A 232 31.36 24.37 8.89
CA GLY A 232 30.78 24.12 10.20
C GLY A 232 31.56 23.08 10.99
N VAL A 233 31.89 21.95 10.34
CA VAL A 233 32.72 20.94 10.99
C VAL A 233 34.09 21.52 11.39
N GLU A 234 34.73 22.27 10.47
CA GLU A 234 36.04 22.81 10.78
C GLU A 234 35.98 23.74 11.99
N GLN A 235 34.89 24.50 12.10
CA GLN A 235 34.67 25.47 13.15
C GLN A 235 34.08 24.85 14.40
N ASP A 236 33.77 23.54 14.40
CA ASP A 236 33.32 22.88 15.62
C ASP A 236 31.98 23.46 16.10
N VAL A 237 31.08 23.79 15.16
CA VAL A 237 29.78 24.26 15.60
C VAL A 237 29.05 23.13 16.33
N ASP A 238 28.07 23.52 17.16
CA ASP A 238 27.31 22.58 17.96
C ASP A 238 26.09 22.05 17.24
N MET A 239 25.59 22.77 16.25
CA MET A 239 24.34 22.40 15.62
C MET A 239 24.28 23.12 14.29
N VAL A 240 23.49 22.54 13.40
CA VAL A 240 23.20 23.08 12.08
C VAL A 240 21.69 23.26 12.01
N PHE A 241 21.24 24.45 11.61
CA PHE A 241 19.84 24.74 11.31
C PHE A 241 19.71 24.58 9.79
N ALA A 242 19.18 23.46 9.36
CA ALA A 242 19.14 23.11 7.94
C ALA A 242 17.90 23.71 7.27
N SER A 243 18.13 24.67 6.38
CA SER A 243 17.06 25.44 5.78
C SER A 243 16.29 24.64 4.72
N PHE A 244 14.98 24.83 4.68
CA PHE A 244 14.10 24.31 3.62
C PHE A 244 14.17 22.78 3.50
N ILE A 245 14.20 22.08 4.64
CA ILE A 245 14.08 20.63 4.61
C ILE A 245 12.68 20.24 4.14
N ARG A 246 12.60 19.32 3.18
CA ARG A 246 11.32 18.98 2.57
C ARG A 246 10.95 17.52 2.76
N LYS A 247 11.90 16.66 3.14
CA LYS A 247 11.64 15.24 3.28
C LYS A 247 12.78 14.64 4.07
N ALA A 248 12.58 13.40 4.56
CA ALA A 248 13.61 12.75 5.35
C ALA A 248 14.91 12.60 4.55
N ALA A 249 14.80 12.34 3.25
CA ALA A 249 16.03 12.14 2.48
C ALA A 249 16.94 13.35 2.55
N ASP A 250 16.37 14.57 2.66
CA ASP A 250 17.20 15.78 2.73
C ASP A 250 18.05 15.80 4.00
N VAL A 251 17.43 15.46 5.14
CA VAL A 251 18.18 15.36 6.40
C VAL A 251 19.32 14.38 6.26
N HIS A 252 19.04 13.22 5.65
CA HIS A 252 20.08 12.20 5.49
C HIS A 252 21.25 12.73 4.67
N GLU A 253 20.97 13.48 3.60
CA GLU A 253 22.09 14.06 2.84
C GLU A 253 22.91 14.98 3.73
N VAL A 254 22.26 15.84 4.50
CA VAL A 254 23.03 16.74 5.37
C VAL A 254 23.87 15.91 6.34
N ARG A 255 23.27 14.89 6.98
CA ARG A 255 24.03 14.07 7.92
C ARG A 255 25.22 13.38 7.24
N LYS A 256 25.03 12.94 5.99
CA LYS A 256 26.14 12.34 5.24
C LYS A 256 27.27 13.36 5.02
N ILE A 257 26.93 14.59 4.60
CA ILE A 257 27.96 15.62 4.42
C ILE A 257 28.73 15.83 5.72
N LEU A 258 28.01 15.93 6.84
CA LEU A 258 28.70 16.16 8.12
C LEU A 258 29.59 14.99 8.48
N GLY A 259 29.20 13.77 8.06
CA GLY A 259 30.15 12.68 8.08
C GLY A 259 30.49 12.15 9.47
N GLU A 260 31.56 11.35 9.50
CA GLU A 260 32.02 10.80 10.77
C GLU A 260 32.50 11.91 11.70
N LYS A 261 33.28 12.84 11.15
CA LYS A 261 33.79 13.91 12.01
C LYS A 261 32.65 14.75 12.59
N GLY A 262 31.57 14.96 11.83
CA GLY A 262 30.49 15.79 12.35
C GLY A 262 29.32 15.01 12.92
N LYS A 263 29.56 13.75 13.28
CA LYS A 263 28.44 12.89 13.67
C LYS A 263 27.71 13.37 14.92
N ASN A 264 28.33 14.20 15.77
CA ASN A 264 27.67 14.60 17.01
C ASN A 264 27.06 15.99 16.90
N ILE A 265 27.24 16.65 15.76
CA ILE A 265 26.59 17.92 15.50
C ILE A 265 25.10 17.65 15.35
N LYS A 266 24.27 18.38 16.10
CA LYS A 266 22.83 18.22 15.99
C LYS A 266 22.30 18.87 14.70
N ILE A 267 21.41 18.17 14.00
CA ILE A 267 20.76 18.69 12.80
C ILE A 267 19.34 19.12 13.18
N ILE A 268 19.08 20.43 13.16
CA ILE A 268 17.75 20.99 13.42
C ILE A 268 17.11 21.27 12.05
N SER A 269 16.06 20.55 11.67
CA SER A 269 15.48 20.77 10.35
C SER A 269 14.52 21.96 10.40
N LYS A 270 14.66 22.86 9.45
CA LYS A 270 13.78 24.03 9.39
C LYS A 270 12.59 23.73 8.49
N ILE A 271 11.39 23.90 9.03
CA ILE A 271 10.15 23.71 8.29
C ILE A 271 9.70 25.08 7.77
N GLU A 272 9.65 25.23 6.44
CA GLU A 272 9.37 26.56 5.93
C GLU A 272 8.64 26.55 4.60
N ASN A 273 8.02 25.43 4.20
CA ASN A 273 7.20 25.43 3.00
C ASN A 273 6.18 24.32 3.17
N HIS A 274 5.28 24.18 2.19
CA HIS A 274 4.16 23.26 2.32
CA HIS A 274 4.16 23.27 2.37
C HIS A 274 4.64 21.83 2.49
N GLU A 275 5.66 21.46 1.71
CA GLU A 275 6.10 20.07 1.72
C GLU A 275 6.70 19.67 3.07
N GLY A 276 7.54 20.52 3.65
CA GLY A 276 8.02 20.26 5.00
C GLY A 276 6.90 20.08 6.01
N VAL A 277 5.81 20.85 5.88
CA VAL A 277 4.68 20.60 6.79
C VAL A 277 4.00 19.26 6.46
N ARG A 278 3.78 18.97 5.17
CA ARG A 278 3.06 17.74 4.83
CA ARG A 278 3.06 17.74 4.79
C ARG A 278 3.88 16.49 5.09
N ARG A 279 5.21 16.55 4.97
CA ARG A 279 6.07 15.42 5.29
C ARG A 279 6.71 15.56 6.68
N PHE A 280 6.03 16.24 7.59
CA PHE A 280 6.66 16.58 8.86
C PHE A 280 7.12 15.36 9.62
N ASP A 281 6.30 14.29 9.67
CA ASP A 281 6.57 13.18 10.57
C ASP A 281 7.89 12.50 10.22
N GLU A 282 8.09 12.20 8.94
CA GLU A 282 9.32 11.54 8.55
C GLU A 282 10.51 12.47 8.75
N ILE A 283 10.30 13.80 8.63
CA ILE A 283 11.41 14.76 8.86
C ILE A 283 11.82 14.78 10.33
N LEU A 284 10.82 14.87 11.23
CA LEU A 284 11.10 14.79 12.66
C LEU A 284 11.84 13.50 13.00
N GLU A 285 11.39 12.37 12.45
CA GLU A 285 12.04 11.10 12.79
C GLU A 285 13.51 11.15 12.45
N ALA A 286 13.85 11.75 11.31
CA ALA A 286 15.25 11.75 10.87
C ALA A 286 16.10 12.83 11.52
N SER A 287 15.51 13.84 12.17
CA SER A 287 16.27 15.01 12.64
C SER A 287 16.58 14.94 14.15
N ASP A 288 17.44 15.83 14.61
CA ASP A 288 17.66 15.95 16.05
C ASP A 288 16.73 16.97 16.71
N GLY A 289 16.03 17.76 15.93
CA GLY A 289 15.13 18.79 16.43
C GLY A 289 14.61 19.54 15.23
N ILE A 290 13.81 20.58 15.50
CA ILE A 290 13.00 21.28 14.49
C ILE A 290 13.02 22.78 14.79
N MET A 291 13.09 23.60 13.74
CA MET A 291 12.74 25.01 13.83
C MET A 291 11.47 25.29 13.00
N VAL A 292 10.49 25.93 13.64
CA VAL A 292 9.34 26.49 12.93
C VAL A 292 9.83 27.80 12.32
N ALA A 293 10.19 27.76 11.04
CA ALA A 293 10.86 28.91 10.42
C ALA A 293 9.79 29.81 9.81
N ARG A 294 9.23 30.68 10.64
CA ARG A 294 8.01 31.34 10.22
C ARG A 294 8.25 32.40 9.13
N GLY A 295 9.46 32.94 9.00
CA GLY A 295 9.77 33.94 7.98
C GLY A 295 9.32 33.48 6.60
N ASP A 296 10.00 32.43 6.12
CA ASP A 296 9.62 31.82 4.85
C ASP A 296 8.28 31.12 4.93
N LEU A 297 8.02 30.40 6.01
CA LEU A 297 6.79 29.61 6.05
C LEU A 297 5.56 30.49 5.83
N GLY A 298 5.59 31.74 6.32
CA GLY A 298 4.43 32.61 6.27
C GLY A 298 4.20 33.36 4.95
N ILE A 299 5.13 33.27 4.01
CA ILE A 299 4.88 33.70 2.63
C ILE A 299 4.78 32.50 1.69
N GLU A 300 5.32 31.33 2.07
CA GLU A 300 5.13 30.09 1.29
C GLU A 300 3.76 29.46 1.48
N ILE A 301 3.16 29.59 2.65
CA ILE A 301 1.79 29.16 2.85
C ILE A 301 1.00 30.38 3.28
N PRO A 302 -0.33 30.30 3.23
CA PRO A 302 -1.17 31.42 3.70
C PRO A 302 -0.79 31.86 5.12
N ALA A 303 -0.65 33.17 5.32
CA ALA A 303 -0.14 33.63 6.61
C ALA A 303 -1.08 33.29 7.76
N GLU A 304 -2.39 33.19 7.50
CA GLU A 304 -3.38 32.85 8.50
C GLU A 304 -3.32 31.38 8.93
N LYS A 305 -2.54 30.55 8.26
CA LYS A 305 -2.40 29.15 8.67
C LYS A 305 -1.11 28.86 9.44
N VAL A 306 -0.18 29.82 9.53
CA VAL A 306 1.11 29.52 10.16
C VAL A 306 0.91 29.02 11.58
N PHE A 307 0.02 29.66 12.35
CA PHE A 307 -0.18 29.27 13.74
C PHE A 307 -0.63 27.81 13.84
N LEU A 308 -1.37 27.31 12.84
CA LEU A 308 -1.72 25.88 12.82
C LEU A 308 -0.47 25.02 12.73
N ALA A 309 0.40 25.36 11.78
CA ALA A 309 1.65 24.65 11.60
C ALA A 309 2.50 24.72 12.88
N GLN A 310 2.56 25.93 13.50
CA GLN A 310 3.43 26.12 14.68
C GLN A 310 3.01 25.21 15.84
N LYS A 311 1.71 25.18 16.15
CA LYS A 311 1.27 24.40 17.32
C LYS A 311 1.32 22.90 17.04
N MET A 312 0.98 22.50 15.81
CA MET A 312 1.14 21.10 15.41
C MET A 312 2.59 20.64 15.59
N ILE A 313 3.53 21.45 15.11
CA ILE A 313 4.92 21.04 15.08
C ILE A 313 5.50 21.02 16.49
N ILE A 314 5.24 22.07 17.26
CA ILE A 314 5.71 22.10 18.64
C ILE A 314 5.13 20.92 19.40
N GLY A 315 3.82 20.66 19.27
CA GLY A 315 3.23 19.54 19.98
C GLY A 315 3.86 18.20 19.61
N ARG A 316 4.05 17.95 18.31
CA ARG A 316 4.63 16.67 17.91
C ARG A 316 6.07 16.56 18.36
N CYS A 317 6.83 17.67 18.36
CA CYS A 317 8.18 17.61 18.91
C CYS A 317 8.15 17.30 20.41
N ASN A 318 7.28 17.99 21.19
CA ASN A 318 7.16 17.72 22.62
C ASN A 318 6.90 16.23 22.86
N ARG A 319 6.03 15.66 22.04
CA ARG A 319 5.64 14.26 22.12
C ARG A 319 6.83 13.32 21.90
N ALA A 320 7.71 13.65 20.95
CA ALA A 320 8.92 12.87 20.68
C ALA A 320 10.06 13.19 21.63
N GLY A 321 9.94 14.25 22.43
CA GLY A 321 11.08 14.69 23.20
C GLY A 321 12.21 15.26 22.36
N LYS A 322 11.88 15.85 21.24
CA LYS A 322 12.96 16.42 20.47
C LYS A 322 12.84 17.94 20.46
N PRO A 323 13.95 18.67 20.56
CA PRO A 323 13.90 20.14 20.68
C PRO A 323 13.17 20.79 19.52
N VAL A 324 12.41 21.86 19.83
CA VAL A 324 11.75 22.64 18.80
C VAL A 324 11.96 24.13 19.07
N ILE A 325 12.29 24.89 18.03
CA ILE A 325 12.59 26.31 18.10
C ILE A 325 11.48 27.05 17.40
N CYS A 326 10.95 28.09 18.05
CA CYS A 326 10.05 29.02 17.39
C CYS A 326 10.89 30.23 16.96
N ALA A 327 10.72 30.67 15.71
CA ALA A 327 11.62 31.64 15.11
C ALA A 327 10.86 32.67 14.28
N THR A 328 11.42 33.89 14.25
CA THR A 328 11.19 34.92 13.23
C THR A 328 10.07 35.90 13.59
N GLN A 329 10.44 37.20 13.66
CA GLN A 329 9.54 38.32 13.83
C GLN A 329 8.87 38.32 15.21
N MET A 330 9.41 37.56 16.17
CA MET A 330 8.76 37.53 17.48
C MET A 330 8.73 38.89 18.14
N LEU A 331 9.77 39.69 17.99
CA LEU A 331 9.82 41.05 18.53
C LEU A 331 10.24 42.02 17.45
N GLU A 332 9.70 41.83 16.24
CA GLU A 332 10.22 42.53 15.07
C GLU A 332 10.31 44.04 15.27
N SER A 333 9.27 44.65 15.86
CA SER A 333 9.28 46.10 16.00
C SER A 333 10.48 46.61 16.78
N MET A 334 11.10 45.74 17.59
CA MET A 334 12.24 46.18 18.38
C MET A 334 13.49 46.37 17.54
N ILE A 335 13.42 46.13 16.23
CA ILE A 335 14.55 46.52 15.38
C ILE A 335 14.78 48.04 15.48
N LYS A 336 13.72 48.81 15.68
CA LYS A 336 13.75 50.27 15.63
C LYS A 336 13.24 50.92 16.91
N LYS A 337 12.47 50.19 17.74
CA LYS A 337 11.84 50.66 18.96
C LYS A 337 12.40 49.93 20.18
N PRO A 338 12.57 50.62 21.31
CA PRO A 338 13.11 49.95 22.51
C PRO A 338 12.08 49.15 23.29
N ARG A 339 10.81 49.12 22.88
CA ARG A 339 9.80 48.27 23.51
C ARG A 339 8.95 47.64 22.42
N PRO A 340 8.47 46.42 22.64
CA PRO A 340 7.75 45.69 21.58
C PRO A 340 6.26 46.06 21.55
N THR A 341 5.59 45.60 20.50
CA THR A 341 4.15 45.77 20.44
C THR A 341 3.45 44.76 21.38
N ARG A 342 2.17 44.99 21.62
CA ARG A 342 1.42 44.01 22.41
C ARG A 342 1.28 42.67 21.68
N ALA A 343 1.16 42.66 20.35
CA ALA A 343 1.07 41.36 19.66
C ALA A 343 2.38 40.58 19.79
N GLU A 344 3.50 41.31 19.83
CA GLU A 344 4.81 40.69 19.99
C GLU A 344 4.99 40.13 21.41
N GLY A 345 4.56 40.86 22.45
CA GLY A 345 4.56 40.26 23.78
C GLY A 345 3.74 38.97 23.83
N SER A 346 2.58 38.99 23.19
CA SER A 346 1.68 37.84 23.16
C SER A 346 2.32 36.68 22.41
N ASP A 347 3.01 36.97 21.30
CA ASP A 347 3.59 35.92 20.48
C ASP A 347 4.64 35.12 21.25
N VAL A 348 5.57 35.82 21.91
CA VAL A 348 6.58 35.13 22.71
C VAL A 348 5.92 34.31 23.82
N ALA A 349 4.97 34.90 24.54
CA ALA A 349 4.31 34.18 25.62
C ALA A 349 3.66 32.91 25.11
N ASN A 350 2.93 33.02 24.00
CA ASN A 350 2.17 31.87 23.51
C ASN A 350 3.08 30.80 22.94
N ALA A 351 4.23 31.19 22.40
CA ALA A 351 5.16 30.17 21.90
C ALA A 351 5.73 29.34 23.06
N VAL A 352 6.01 30.00 24.19
CA VAL A 352 6.42 29.30 25.40
C VAL A 352 5.27 28.40 25.90
N LEU A 353 4.04 28.94 25.95
CA LEU A 353 2.90 28.13 26.34
C LEU A 353 2.67 26.97 25.37
N ASP A 354 2.85 27.20 24.04
CA ASP A 354 2.76 26.10 23.07
C ASP A 354 3.72 24.94 23.43
N GLY A 355 4.87 25.26 24.03
CA GLY A 355 5.82 24.23 24.38
C GLY A 355 7.19 24.39 23.73
N ALA A 356 7.48 25.52 23.09
CA ALA A 356 8.78 25.68 22.42
C ALA A 356 9.92 25.52 23.42
N ASP A 357 10.92 24.71 23.05
CA ASP A 357 12.13 24.61 23.89
C ASP A 357 12.93 25.90 23.84
N CYS A 358 13.05 26.52 22.66
CA CYS A 358 13.80 27.76 22.47
C CYS A 358 12.95 28.74 21.67
N ILE A 359 13.24 30.02 21.88
CA ILE A 359 12.75 31.10 21.03
C ILE A 359 13.97 31.84 20.47
N MET A 360 13.76 32.63 19.43
CA MET A 360 14.86 33.12 18.65
C MET A 360 14.62 34.58 18.26
N LEU A 361 15.71 35.29 18.09
CA LEU A 361 15.74 36.62 17.55
C LEU A 361 16.55 36.58 16.26
N SER A 362 16.07 37.29 15.25
CA SER A 362 16.75 37.36 13.97
C SER A 362 17.18 38.82 13.77
N GLY A 363 16.47 39.60 12.94
CA GLY A 363 16.87 40.98 12.76
C GLY A 363 17.01 41.74 14.08
N GLU A 364 16.23 41.37 15.10
CA GLU A 364 16.26 42.09 16.38
C GLU A 364 17.67 42.15 16.95
N THR A 365 18.43 41.06 16.82
CA THR A 365 19.81 41.11 17.28
C THR A 365 20.81 41.22 16.16
N ALA A 366 20.47 40.75 14.94
CA ALA A 366 21.47 40.74 13.86
C ALA A 366 21.78 42.14 13.37
N LYS A 367 20.75 43.03 13.27
CA LYS A 367 20.95 44.35 12.69
C LYS A 367 20.21 45.49 13.37
N GLY A 368 19.40 45.22 14.39
CA GLY A 368 18.58 46.26 14.97
C GLY A 368 19.31 47.21 15.89
N ASP A 369 18.61 48.27 16.30
CA ASP A 369 19.19 49.28 17.19
C ASP A 369 19.12 48.90 18.67
N TYR A 370 18.36 47.86 19.03
CA TYR A 370 18.09 47.52 20.42
C TYR A 370 18.31 46.04 20.71
N PRO A 371 19.46 45.49 20.33
CA PRO A 371 19.65 44.04 20.47
C PRO A 371 19.59 43.55 21.94
N LEU A 372 20.15 44.32 22.89
CA LEU A 372 20.13 43.84 24.28
C LEU A 372 18.71 43.91 24.85
N GLU A 373 17.98 44.98 24.53
CA GLU A 373 16.61 45.07 25.01
C GLU A 373 15.76 43.93 24.45
N ALA A 374 15.99 43.53 23.20
CA ALA A 374 15.23 42.41 22.65
C ALA A 374 15.54 41.12 23.41
N VAL A 375 16.83 40.87 23.71
CA VAL A 375 17.16 39.68 24.49
C VAL A 375 16.51 39.76 25.87
N ARG A 376 16.60 40.93 26.52
CA ARG A 376 16.06 41.06 27.86
C ARG A 376 14.56 40.85 27.86
N MET A 377 13.88 41.30 26.80
CA MET A 377 12.42 41.15 26.75
C MET A 377 12.03 39.68 26.58
N GLN A 378 12.77 38.93 25.75
CA GLN A 378 12.48 37.48 25.64
C GLN A 378 12.68 36.79 26.99
N HIS A 379 13.67 37.20 27.76
CA HIS A 379 13.93 36.62 29.07
C HIS A 379 12.76 36.86 30.02
N LEU A 380 12.30 38.12 30.14
CA LEU A 380 11.18 38.44 31.01
C LEU A 380 9.91 37.72 30.60
N ILE A 381 9.55 37.78 29.31
CA ILE A 381 8.29 37.15 28.90
C ILE A 381 8.35 35.65 29.16
N ALA A 382 9.50 35.02 28.82
CA ALA A 382 9.58 33.57 28.94
C ALA A 382 9.36 33.13 30.36
N ARG A 383 9.88 33.88 31.32
CA ARG A 383 9.73 33.48 32.73
C ARG A 383 8.28 33.52 33.16
N GLU A 384 7.55 34.57 32.73
CA GLU A 384 6.13 34.70 33.09
C GLU A 384 5.34 33.55 32.49
N ALA A 385 5.58 33.25 31.22
CA ALA A 385 4.78 32.25 30.53
C ALA A 385 5.08 30.83 31.02
N GLU A 386 6.33 30.60 31.47
CA GLU A 386 6.71 29.31 32.03
C GLU A 386 5.89 28.99 33.28
N ALA A 387 5.70 29.98 34.15
CA ALA A 387 4.90 29.75 35.34
C ALA A 387 3.43 29.50 34.96
N ALA A 388 2.96 30.16 33.90
CA ALA A 388 1.57 30.07 33.45
C ALA A 388 1.26 28.79 32.67
N MET A 389 2.24 27.93 32.43
CA MET A 389 1.94 26.63 31.85
C MET A 389 1.06 25.83 32.82
N PHE A 390 0.33 24.87 32.26
CA PHE A 390 -0.55 24.00 33.05
C PHE A 390 0.16 22.65 33.26
N HIS A 391 1.21 22.67 34.08
CA HIS A 391 2.15 21.53 34.13
C HIS A 391 1.45 20.21 34.42
N ARG A 392 0.48 20.21 35.34
CA ARG A 392 -0.13 18.96 35.74
C ARG A 392 -0.81 18.26 34.55
N LYS A 393 -1.58 19.02 33.75
CA LYS A 393 -2.20 18.43 32.57
C LYS A 393 -1.14 18.09 31.52
N LEU A 394 -0.19 18.98 31.29
CA LEU A 394 0.86 18.70 30.32
C LEU A 394 1.56 17.37 30.62
N PHE A 395 1.99 17.18 31.86
CA PHE A 395 2.65 15.93 32.22
C PHE A 395 1.77 14.72 31.96
N GLU A 396 0.52 14.78 32.43
CA GLU A 396 -0.39 13.66 32.15
C GLU A 396 -0.49 13.38 30.65
N GLU A 397 -0.54 14.44 29.83
CA GLU A 397 -0.80 14.18 28.41
C GLU A 397 0.46 13.73 27.68
N LEU A 398 1.64 14.21 28.11
CA LEU A 398 2.89 13.70 27.58
C LEU A 398 3.06 12.23 27.96
N ALA A 399 2.78 11.90 29.24
CA ALA A 399 2.90 10.51 29.68
C ALA A 399 2.00 9.60 28.86
N ARG A 400 0.77 10.05 28.60
CA ARG A 400 -0.13 9.25 27.76
C ARG A 400 0.48 9.03 26.37
N ALA A 401 0.97 10.10 25.76
CA ALA A 401 1.53 10.03 24.42
C ALA A 401 2.72 9.06 24.32
N SER A 402 3.53 8.94 25.37
CA SER A 402 4.73 8.11 25.29
C SER A 402 4.52 6.71 25.85
N SER A 403 3.29 6.35 26.20
CA SER A 403 3.11 5.18 27.06
C SER A 403 3.51 3.85 26.39
N HIS A 404 3.66 3.81 25.05
CA HIS A 404 4.18 2.60 24.43
C HIS A 404 5.63 2.32 24.82
N SER A 405 6.39 3.36 25.13
CA SER A 405 7.76 3.17 25.60
C SER A 405 7.79 2.82 27.09
N THR A 406 8.54 1.76 27.43
CA THR A 406 8.82 1.37 28.81
C THR A 406 10.26 1.68 29.18
N ASP A 407 10.87 2.62 28.46
CA ASP A 407 12.28 2.95 28.60
C ASP A 407 12.63 3.35 30.04
N LEU A 408 13.74 2.81 30.55
CA LEU A 408 14.10 2.97 31.96
C LEU A 408 14.47 4.41 32.31
N MET A 409 15.18 5.13 31.41
CA MET A 409 15.50 6.52 31.73
C MET A 409 14.23 7.38 31.72
N GLU A 410 13.31 7.13 30.77
CA GLU A 410 12.03 7.81 30.81
C GLU A 410 11.33 7.60 32.16
N ALA A 411 11.39 6.36 32.67
CA ALA A 411 10.81 6.06 33.97
C ALA A 411 11.45 6.90 35.07
N MET A 412 12.78 6.95 35.10
CA MET A 412 13.45 7.77 36.09
C MET A 412 13.05 9.24 35.94
N ALA A 413 12.92 9.69 34.69
CA ALA A 413 12.60 11.08 34.41
C ALA A 413 11.19 11.42 34.87
N MET A 414 10.21 10.59 34.50
CA MET A 414 8.86 10.83 34.96
C MET A 414 8.77 10.77 36.47
N GLY A 415 9.42 9.77 37.09
CA GLY A 415 9.40 9.68 38.53
C GLY A 415 9.98 10.92 39.20
N SER A 416 11.09 11.44 38.65
CA SER A 416 11.75 12.62 39.22
C SER A 416 10.91 13.89 39.04
N VAL A 417 10.33 14.08 37.87
CA VAL A 417 9.49 15.26 37.66
C VAL A 417 8.27 15.18 38.57
N GLU A 418 7.59 14.02 38.59
CA GLU A 418 6.46 13.84 39.51
C GLU A 418 6.86 14.24 40.94
N ALA A 419 8.00 13.71 41.43
CA ALA A 419 8.44 14.07 42.79
C ALA A 419 8.67 15.58 42.91
N SER A 420 9.19 16.21 41.84
CA SER A 420 9.50 17.62 41.88
C SER A 420 8.22 18.44 41.98
N TYR A 421 7.12 17.99 41.35
CA TYR A 421 5.81 18.64 41.50
C TYR A 421 5.30 18.48 42.94
N LYS A 422 5.34 17.27 43.48
CA LYS A 422 4.72 17.03 44.77
C LYS A 422 5.37 17.86 45.86
N CYS A 423 6.69 17.89 45.92
CA CYS A 423 7.35 18.61 47.01
C CYS A 423 7.78 20.02 46.60
N LEU A 424 7.35 20.52 45.42
CA LEU A 424 7.74 21.85 44.93
C LEU A 424 9.25 22.08 45.03
N ALA A 425 10.03 21.11 44.54
CA ALA A 425 11.47 21.21 44.67
C ALA A 425 11.99 22.41 43.86
N ALA A 426 13.08 22.99 44.34
CA ALA A 426 13.64 24.18 43.69
C ALA A 426 14.44 23.85 42.44
N ALA A 427 14.84 22.59 42.25
CA ALA A 427 15.59 22.23 41.06
C ALA A 427 15.67 20.71 40.97
N LEU A 428 16.03 20.22 39.78
CA LEU A 428 16.53 18.87 39.56
C LEU A 428 17.99 18.96 39.13
N ILE A 429 18.86 18.29 39.87
CA ILE A 429 20.28 18.20 39.50
C ILE A 429 20.48 16.88 38.76
N VAL A 430 21.04 16.94 37.55
CA VAL A 430 21.26 15.77 36.70
C VAL A 430 22.74 15.67 36.33
N LEU A 431 23.34 14.51 36.55
CA LEU A 431 24.74 14.28 36.17
C LEU A 431 24.72 13.55 34.85
N THR A 432 25.31 14.13 33.81
CA THR A 432 25.15 13.53 32.49
C THR A 432 26.40 13.79 31.64
N GLU A 433 26.70 12.85 30.75
CA GLU A 433 27.86 12.98 29.87
C GLU A 433 27.47 13.08 28.41
N SER A 434 26.52 12.28 27.94
CA SER A 434 25.95 12.48 26.61
C SER A 434 24.83 13.50 26.60
N GLY A 435 24.31 13.89 27.78
CA GLY A 435 23.13 14.71 27.87
C GLY A 435 21.80 13.97 27.92
N ARG A 436 21.76 12.71 27.45
CA ARG A 436 20.47 12.01 27.34
C ARG A 436 19.64 12.03 28.64
N SER A 437 20.24 11.69 29.78
CA SER A 437 19.50 11.68 31.04
C SER A 437 18.83 13.02 31.30
N ALA A 438 19.54 14.12 31.02
CA ALA A 438 18.95 15.45 31.23
C ALA A 438 17.88 15.76 30.19
N HIS A 439 18.07 15.32 28.95
CA HIS A 439 17.06 15.53 27.91
C HIS A 439 15.74 14.86 28.30
N GLN A 440 15.82 13.64 28.84
CA GLN A 440 14.60 12.91 29.16
C GLN A 440 13.85 13.59 30.31
N VAL A 441 14.57 14.19 31.24
CA VAL A 441 13.93 15.00 32.28
C VAL A 441 13.25 16.22 31.66
N ALA A 442 13.99 16.99 30.87
CA ALA A 442 13.43 18.19 30.25
C ALA A 442 12.13 17.89 29.52
N ARG A 443 12.09 16.73 28.87
CA ARG A 443 10.97 16.33 28.02
C ARG A 443 9.65 16.24 28.80
N TYR A 444 9.72 15.88 30.09
CA TYR A 444 8.52 15.73 30.91
C TYR A 444 8.18 17.01 31.69
N ARG A 445 8.88 18.11 31.42
CA ARG A 445 8.44 19.47 31.70
C ARG A 445 8.24 19.73 33.19
N PRO A 446 9.29 19.63 34.01
CA PRO A 446 9.18 20.15 35.36
C PRO A 446 9.02 21.66 35.31
N ARG A 447 8.49 22.25 36.37
CA ARG A 447 8.57 23.70 36.42
C ARG A 447 9.90 24.16 36.99
N ALA A 448 10.57 23.34 37.78
CA ALA A 448 11.81 23.79 38.38
C ALA A 448 12.96 23.66 37.36
N PRO A 449 14.03 24.43 37.54
CA PRO A 449 15.17 24.33 36.62
C PRO A 449 15.91 23.01 36.77
N ILE A 450 16.42 22.53 35.63
CA ILE A 450 17.23 21.30 35.55
C ILE A 450 18.71 21.72 35.44
N ILE A 451 19.49 21.55 36.49
CA ILE A 451 20.91 21.90 36.43
C ILE A 451 21.63 20.62 36.01
N ALA A 452 22.14 20.60 34.78
CA ALA A 452 22.82 19.44 34.22
C ALA A 452 24.32 19.66 34.30
N VAL A 453 25.01 18.80 35.02
CA VAL A 453 26.44 18.93 35.26
C VAL A 453 27.16 17.90 34.39
N THR A 454 28.16 18.34 33.62
CA THR A 454 28.79 17.47 32.63
C THR A 454 30.26 17.86 32.51
N ARG A 455 31.13 16.86 32.29
CA ARG A 455 32.51 17.10 31.86
C ARG A 455 32.65 17.19 30.34
N ASN A 456 31.57 16.90 29.60
CA ASN A 456 31.56 17.00 28.14
C ASN A 456 31.09 18.41 27.75
N HIS A 457 32.02 19.24 27.25
CA HIS A 457 31.73 20.65 27.00
C HIS A 457 30.72 20.82 25.87
N GLN A 458 30.77 19.94 24.87
CA GLN A 458 29.79 20.02 23.79
C GLN A 458 28.40 19.63 24.27
N THR A 459 28.31 18.61 25.13
CA THR A 459 27.04 18.27 25.75
C THR A 459 26.44 19.49 26.42
N ALA A 460 27.27 20.23 27.17
CA ALA A 460 26.83 21.43 27.85
C ALA A 460 26.27 22.44 26.86
N ARG A 461 27.00 22.71 25.76
CA ARG A 461 26.53 23.71 24.81
C ARG A 461 25.24 23.27 24.12
N GLN A 462 25.13 21.98 23.75
CA GLN A 462 23.97 21.50 23.04
C GLN A 462 22.73 21.41 23.92
N ALA A 463 22.91 21.37 25.25
CA ALA A 463 21.79 21.27 26.17
C ALA A 463 20.86 22.47 26.08
N HIS A 464 21.38 23.61 25.61
CA HIS A 464 20.53 24.78 25.47
C HIS A 464 19.37 24.53 24.53
N LEU A 465 19.45 23.48 23.71
CA LEU A 465 18.31 23.19 22.85
C LEU A 465 17.07 22.72 23.63
N TYR A 466 17.20 22.38 24.92
CA TYR A 466 16.14 21.73 25.66
C TYR A 466 15.58 22.65 26.75
N ARG A 467 14.25 22.78 26.77
CA ARG A 467 13.59 23.58 27.81
C ARG A 467 14.10 23.25 29.21
N GLY A 468 14.51 24.28 29.93
CA GLY A 468 14.83 24.11 31.35
C GLY A 468 16.16 23.47 31.71
N ILE A 469 16.97 23.05 30.74
CA ILE A 469 18.30 22.56 31.11
C ILE A 469 19.25 23.72 31.23
N PHE A 470 19.82 23.89 32.42
CA PHE A 470 20.77 24.95 32.70
C PHE A 470 22.13 24.25 32.79
N PRO A 471 22.93 24.19 31.71
CA PRO A 471 24.12 23.34 31.73
C PRO A 471 25.26 23.94 32.55
N VAL A 472 26.05 23.06 33.16
CA VAL A 472 27.20 23.46 33.96
C VAL A 472 28.38 22.56 33.60
N VAL A 473 29.52 23.18 33.29
CA VAL A 473 30.71 22.44 32.86
C VAL A 473 31.56 22.13 34.08
N CYS A 474 31.84 20.85 34.29
CA CYS A 474 32.75 20.42 35.36
C CYS A 474 34.16 20.33 34.79
N LYS A 475 35.08 21.13 35.34
CA LYS A 475 36.48 21.16 34.94
C LYS A 475 37.40 20.53 35.97
N ASP A 476 36.86 19.87 37.01
CA ASP A 476 37.68 19.18 38.00
C ASP A 476 38.15 17.80 37.53
N PRO A 477 39.30 17.34 38.04
CA PRO A 477 39.74 15.96 37.81
C PRO A 477 38.71 14.95 38.28
N VAL A 478 38.75 13.78 37.64
CA VAL A 478 37.87 12.66 38.01
C VAL A 478 38.37 12.07 39.31
N GLN A 479 37.51 12.01 40.33
CA GLN A 479 37.96 11.47 41.62
C GLN A 479 38.07 9.95 41.55
N GLU A 480 39.02 9.39 42.31
CA GLU A 480 39.24 7.94 42.31
C GLU A 480 38.00 7.18 42.77
N ALA A 481 37.42 7.60 43.88
CA ALA A 481 36.18 6.98 44.35
C ALA A 481 34.99 7.57 43.59
N TRP A 482 34.20 6.69 42.96
CA TRP A 482 33.00 7.11 42.24
C TRP A 482 32.07 7.93 43.12
N ALA A 483 31.87 7.51 44.37
CA ALA A 483 30.96 8.24 45.24
C ALA A 483 31.45 9.66 45.50
N GLU A 484 32.77 9.86 45.64
CA GLU A 484 33.27 11.22 45.83
C GLU A 484 33.17 12.04 44.54
N ASP A 485 33.31 11.38 43.39
CA ASP A 485 33.24 12.13 42.14
C ASP A 485 31.82 12.59 41.87
N VAL A 486 30.84 11.74 42.18
CA VAL A 486 29.43 12.13 42.10
C VAL A 486 29.17 13.33 42.99
N ASP A 487 29.61 13.25 44.25
CA ASP A 487 29.34 14.33 45.19
C ASP A 487 29.98 15.64 44.75
N LEU A 488 31.20 15.57 44.19
CA LEU A 488 31.88 16.78 43.74
C LEU A 488 31.03 17.49 42.69
N ARG A 489 30.48 16.73 41.75
CA ARG A 489 29.62 17.29 40.72
C ARG A 489 28.26 17.75 41.27
N VAL A 490 27.65 16.99 42.18
CA VAL A 490 26.41 17.48 42.78
C VAL A 490 26.68 18.78 43.53
N ASN A 491 27.79 18.85 44.25
CA ASN A 491 28.04 20.05 45.04
C ASN A 491 28.32 21.25 44.14
N LEU A 492 28.94 21.02 42.97
CA LEU A 492 29.09 22.07 41.98
C LEU A 492 27.74 22.62 41.58
N ALA A 493 26.76 21.75 41.24
CA ALA A 493 25.42 22.22 40.94
C ALA A 493 24.82 22.99 42.12
N MET A 494 25.10 22.53 43.35
CA MET A 494 24.58 23.22 44.54
C MET A 494 25.11 24.66 44.61
N ASN A 495 26.39 24.84 44.36
CA ASN A 495 26.98 26.17 44.44
C ASN A 495 26.49 27.07 43.30
N VAL A 496 26.24 26.48 42.13
CA VAL A 496 25.71 27.25 41.02
C VAL A 496 24.30 27.76 41.33
N GLY A 497 23.42 26.87 41.78
CA GLY A 497 22.05 27.30 42.05
C GLY A 497 21.99 28.32 43.17
N LYS A 498 22.83 28.17 44.19
CA LYS A 498 22.86 29.19 45.22
C LYS A 498 23.33 30.52 44.65
N ALA A 499 24.43 30.52 43.88
CA ALA A 499 24.96 31.75 43.31
C ALA A 499 23.96 32.40 42.37
N ARG A 500 23.21 31.60 41.62
CA ARG A 500 22.22 32.18 40.70
C ARG A 500 20.91 32.53 41.39
N GLY A 501 20.74 32.18 42.67
CA GLY A 501 19.49 32.49 43.34
C GLY A 501 18.34 31.56 42.98
N PHE A 502 18.64 30.34 42.47
CA PHE A 502 17.61 29.33 42.23
C PHE A 502 17.11 28.70 43.52
N PHE A 503 17.92 28.69 44.56
CA PHE A 503 17.57 28.06 45.82
C PHE A 503 18.60 28.50 46.86
N LYS A 504 18.31 28.20 48.10
CA LYS A 504 19.19 28.58 49.19
C LYS A 504 19.25 27.40 50.15
N LYS A 505 20.14 27.50 51.13
CA LYS A 505 20.32 26.42 52.09
C LYS A 505 18.99 25.96 52.68
N GLY A 506 18.78 24.64 52.70
CA GLY A 506 17.57 24.11 53.29
C GLY A 506 16.42 23.90 52.33
N ASP A 507 16.47 24.50 51.14
CA ASP A 507 15.51 24.09 50.13
C ASP A 507 15.73 22.62 49.78
N VAL A 508 14.81 22.08 49.00
CA VAL A 508 14.86 20.68 48.60
C VAL A 508 15.04 20.62 47.09
N VAL A 509 15.92 19.71 46.63
CA VAL A 509 16.17 19.48 45.22
C VAL A 509 16.11 17.99 44.95
N ILE A 510 15.76 17.63 43.73
CA ILE A 510 15.84 16.26 43.24
C ILE A 510 17.21 16.07 42.59
N VAL A 511 17.86 14.96 42.86
CA VAL A 511 19.21 14.74 42.35
C VAL A 511 19.24 13.41 41.62
N LEU A 512 19.66 13.44 40.36
CA LEU A 512 19.71 12.26 39.49
C LEU A 512 21.16 11.93 39.19
N THR A 513 21.56 10.70 39.52
CA THR A 513 22.95 10.26 39.33
C THR A 513 22.93 8.80 38.90
N GLY A 514 24.09 8.34 38.42
CA GLY A 514 24.28 6.93 38.14
C GLY A 514 24.80 6.21 39.38
N TRP A 515 24.24 5.03 39.64
CA TRP A 515 24.58 4.32 40.87
C TRP A 515 26.05 3.92 40.89
N ARG A 516 26.55 3.41 39.77
CA ARG A 516 27.93 2.98 39.63
C ARG A 516 28.51 3.67 38.41
N PRO A 517 29.85 3.70 38.28
CA PRO A 517 30.44 4.32 37.09
C PRO A 517 29.93 3.71 35.82
N GLY A 518 29.53 2.43 35.87
CA GLY A 518 29.12 1.71 34.68
C GLY A 518 27.64 1.79 34.36
N SER A 519 26.85 2.43 35.22
CA SER A 519 25.46 2.66 34.85
C SER A 519 25.44 3.56 33.62
N GLY A 520 24.57 3.23 32.68
CA GLY A 520 24.54 4.05 31.48
C GLY A 520 23.33 4.94 31.43
N PHE A 521 22.88 5.42 32.59
CA PHE A 521 21.83 6.44 32.70
C PHE A 521 21.74 6.75 34.18
N THR A 522 21.01 7.81 34.50
CA THR A 522 20.87 8.20 35.90
C THR A 522 19.75 7.33 36.48
N ASN A 523 20.14 6.22 37.08
CA ASN A 523 19.21 5.25 37.63
C ASN A 523 18.96 5.48 39.12
N THR A 524 19.50 6.56 39.68
CA THR A 524 19.43 6.86 41.11
C THR A 524 18.86 8.26 41.29
N MET A 525 17.76 8.34 42.02
CA MET A 525 17.08 9.61 42.31
C MET A 525 17.00 9.81 43.81
N ARG A 526 17.36 11.00 44.27
CA ARG A 526 17.31 11.36 45.68
C ARG A 526 16.62 12.70 45.85
N VAL A 527 15.93 12.85 46.98
CA VAL A 527 15.50 14.15 47.46
C VAL A 527 16.50 14.56 48.54
N VAL A 528 17.18 15.68 48.35
CA VAL A 528 18.19 16.11 49.31
C VAL A 528 18.02 17.58 49.66
N PRO A 529 18.32 17.99 50.88
CA PRO A 529 18.33 19.41 51.20
C PRO A 529 19.55 20.11 50.61
N VAL A 530 19.37 21.37 50.25
CA VAL A 530 20.51 22.17 49.81
C VAL A 530 21.39 22.48 51.02
N PRO A 531 22.71 22.21 50.96
CA PRO A 531 23.69 22.50 52.02
C PRO A 531 24.08 23.98 52.13
N ILE B 13 12.27 11.97 -20.47
CA ILE B 13 12.18 11.28 -21.76
C ILE B 13 13.53 10.79 -22.27
N GLN B 14 13.65 9.47 -22.38
CA GLN B 14 14.86 8.87 -22.92
C GLN B 14 15.18 9.40 -24.31
N THR B 15 16.45 9.68 -24.57
CA THR B 15 16.83 10.13 -25.89
C THR B 15 16.87 8.95 -26.85
N GLN B 16 17.04 9.29 -28.12
CA GLN B 16 17.44 8.32 -29.15
C GLN B 16 16.41 7.20 -29.30
N GLN B 17 15.12 7.52 -29.09
CA GLN B 17 14.05 6.53 -29.13
C GLN B 17 14.40 5.27 -28.33
N LEU B 18 15.08 5.45 -27.18
CA LEU B 18 15.52 4.27 -26.41
C LEU B 18 14.34 3.54 -25.74
N HIS B 19 13.26 4.24 -25.41
CA HIS B 19 12.05 3.57 -24.92
C HIS B 19 11.47 2.65 -25.99
N ALA B 20 11.28 3.18 -27.21
CA ALA B 20 10.87 2.32 -28.32
C ALA B 20 11.87 1.21 -28.59
N ALA B 21 13.18 1.42 -28.31
CA ALA B 21 14.19 0.38 -28.54
C ALA B 21 13.91 -0.87 -27.72
N MET B 22 13.18 -0.74 -26.62
CA MET B 22 12.93 -1.81 -25.66
C MET B 22 11.56 -2.47 -25.87
N ALA B 23 10.83 -2.09 -26.91
CA ALA B 23 9.61 -2.81 -27.25
C ALA B 23 9.89 -4.30 -27.48
N ASP B 24 8.89 -5.12 -27.19
CA ASP B 24 8.91 -6.52 -27.56
C ASP B 24 8.37 -6.76 -28.97
N THR B 25 7.45 -5.95 -29.49
CA THR B 25 6.94 -6.22 -30.83
C THR B 25 7.19 -5.02 -31.73
N PHE B 26 7.11 -5.26 -33.06
CA PHE B 26 7.22 -4.16 -34.00
C PHE B 26 6.11 -3.16 -33.82
N LEU B 27 4.90 -3.63 -33.48
CA LEU B 27 3.79 -2.72 -33.24
C LEU B 27 4.05 -1.84 -32.02
N GLU B 28 4.49 -2.44 -30.92
CA GLU B 28 4.76 -1.62 -29.74
C GLU B 28 5.92 -0.67 -29.98
N HIS B 29 6.94 -1.10 -30.75
CA HIS B 29 8.05 -0.22 -31.11
C HIS B 29 7.52 1.04 -31.80
N MET B 30 6.64 0.85 -32.79
CA MET B 30 6.08 1.98 -33.50
C MET B 30 5.26 2.87 -32.56
N CYS B 31 4.41 2.23 -31.73
CA CYS B 31 3.54 2.96 -30.81
C CYS B 31 4.35 3.80 -29.82
N ARG B 32 5.61 3.43 -29.59
CA ARG B 32 6.44 4.15 -28.62
C ARG B 32 7.28 5.25 -29.26
N LEU B 33 7.25 5.41 -30.59
CA LEU B 33 8.08 6.46 -31.19
C LEU B 33 7.63 7.82 -30.66
N ASP B 34 8.60 8.68 -30.32
CA ASP B 34 8.32 9.85 -29.49
C ASP B 34 9.00 11.08 -30.09
N ILE B 35 8.21 12.03 -30.62
CA ILE B 35 8.76 13.24 -31.24
C ILE B 35 9.58 14.08 -30.27
N ASP B 36 9.47 13.84 -28.96
CA ASP B 36 10.26 14.58 -27.98
C ASP B 36 11.48 13.80 -27.48
N SER B 37 11.81 12.66 -28.09
CA SER B 37 13.03 11.93 -27.79
C SER B 37 14.09 12.44 -28.77
N ALA B 38 15.09 13.20 -28.28
CA ALA B 38 16.04 13.85 -29.16
C ALA B 38 17.03 12.83 -29.76
N PRO B 39 17.36 12.95 -31.03
CA PRO B 39 18.36 12.04 -31.61
C PRO B 39 19.75 12.40 -31.11
N ILE B 40 20.74 11.56 -31.44
CA ILE B 40 22.12 11.88 -31.10
C ILE B 40 22.70 12.83 -32.13
N THR B 41 23.90 13.33 -31.84
CA THR B 41 24.57 14.25 -32.75
C THR B 41 25.01 13.56 -34.02
N ALA B 42 25.52 12.33 -33.92
CA ALA B 42 26.09 11.68 -35.09
C ALA B 42 24.99 11.27 -36.06
N ARG B 43 25.28 11.42 -37.35
CA ARG B 43 24.36 11.05 -38.40
C ARG B 43 25.03 9.94 -39.19
N ASN B 44 24.39 8.78 -39.26
CA ASN B 44 25.01 7.57 -39.77
C ASN B 44 24.83 7.33 -41.28
N THR B 45 23.74 7.82 -41.88
CA THR B 45 23.43 7.52 -43.28
C THR B 45 24.28 8.41 -44.19
N GLY B 46 25.03 7.81 -45.12
CA GLY B 46 25.82 8.62 -46.03
C GLY B 46 24.96 9.49 -46.93
N ILE B 47 25.48 10.68 -47.25
CA ILE B 47 24.78 11.61 -48.13
C ILE B 47 25.58 11.77 -49.41
N ILE B 48 24.97 11.40 -50.53
CA ILE B 48 25.59 11.49 -51.85
C ILE B 48 24.89 12.60 -52.63
N CYS B 49 25.67 13.55 -53.16
CA CYS B 49 25.13 14.70 -53.90
C CYS B 49 25.66 14.77 -55.32
N THR B 50 24.75 14.96 -56.28
CA THR B 50 25.05 15.13 -57.68
C THR B 50 25.49 16.58 -57.89
N ILE B 51 26.67 16.78 -58.45
CA ILE B 51 27.26 18.09 -58.59
C ILE B 51 27.10 18.54 -60.04
N GLY B 52 26.53 19.73 -60.24
CA GLY B 52 26.29 20.27 -61.55
C GLY B 52 26.29 21.79 -61.52
N PRO B 53 25.58 22.43 -62.46
CA PRO B 53 25.59 23.91 -62.53
C PRO B 53 25.32 24.60 -61.22
N ALA B 54 24.44 24.05 -60.37
CA ALA B 54 24.05 24.80 -59.18
C ALA B 54 25.02 24.60 -58.03
N SER B 55 25.92 23.64 -58.13
CA SER B 55 26.70 23.25 -56.96
C SER B 55 28.19 23.09 -57.20
N ARG B 56 28.68 23.36 -58.41
CA ARG B 56 30.07 23.08 -58.76
C ARG B 56 31.06 24.19 -58.41
N SER B 57 30.63 25.35 -57.87
CA SER B 57 31.62 26.34 -57.44
C SER B 57 32.31 25.89 -56.15
N VAL B 58 33.60 26.21 -56.03
CA VAL B 58 34.35 25.91 -54.80
C VAL B 58 33.57 26.41 -53.56
N GLU B 59 33.06 27.65 -53.62
CA GLU B 59 32.37 28.19 -52.43
C GLU B 59 31.11 27.40 -52.06
N THR B 60 30.34 26.96 -53.05
CA THR B 60 29.15 26.18 -52.72
C THR B 60 29.56 24.79 -52.23
N LEU B 61 30.59 24.20 -52.85
CA LEU B 61 31.07 22.90 -52.41
C LEU B 61 31.53 22.92 -50.96
N LYS B 62 32.16 24.01 -50.52
CA LYS B 62 32.55 24.10 -49.12
C LYS B 62 31.33 24.02 -48.21
N GLU B 63 30.27 24.76 -48.56
CA GLU B 63 29.04 24.71 -47.76
C GLU B 63 28.34 23.35 -47.84
N MET B 64 28.37 22.70 -49.02
CA MET B 64 27.83 21.34 -49.13
C MET B 64 28.50 20.40 -48.16
N ILE B 65 29.84 20.46 -48.08
CA ILE B 65 30.59 19.61 -47.16
C ILE B 65 30.16 19.89 -45.73
N LYS B 66 30.18 21.18 -45.34
CA LYS B 66 29.72 21.54 -44.00
C LYS B 66 28.27 21.13 -43.74
N SER B 67 27.41 21.11 -44.77
CA SER B 67 26.02 20.73 -44.55
C SER B 67 25.84 19.22 -44.42
N GLY B 68 26.83 18.43 -44.86
CA GLY B 68 26.88 17.00 -44.61
C GLY B 68 27.16 16.14 -45.82
N MET B 69 27.56 16.72 -46.95
CA MET B 69 27.82 15.93 -48.15
C MET B 69 29.03 15.01 -47.94
N ASN B 70 28.85 13.72 -48.24
CA ASN B 70 29.96 12.76 -48.13
C ASN B 70 30.51 12.32 -49.47
N VAL B 71 29.69 12.31 -50.52
CA VAL B 71 30.11 11.80 -51.81
C VAL B 71 29.62 12.77 -52.86
N ALA B 72 30.53 13.20 -53.74
CA ALA B 72 30.14 13.95 -54.95
C ALA B 72 29.93 13.01 -56.14
N ARG B 73 28.74 13.02 -56.71
CA ARG B 73 28.40 12.23 -57.89
C ARG B 73 28.49 13.13 -59.12
N MET B 74 29.26 12.67 -60.13
CA MET B 74 29.32 13.29 -61.44
C MET B 74 28.56 12.43 -62.42
N ASN B 75 27.57 13.01 -63.08
CA ASN B 75 26.69 12.27 -63.99
C ASN B 75 27.17 12.46 -65.43
N PHE B 76 27.75 11.41 -65.99
CA PHE B 76 28.35 11.54 -67.31
C PHE B 76 27.32 11.43 -68.45
N SER B 77 26.04 11.22 -68.15
CA SER B 77 25.00 11.46 -69.14
C SER B 77 24.91 12.94 -69.52
N HIS B 78 25.44 13.84 -68.69
CA HIS B 78 25.47 15.27 -68.94
C HIS B 78 26.92 15.73 -69.05
N GLY B 79 27.13 16.91 -69.60
CA GLY B 79 28.44 17.51 -69.56
C GLY B 79 29.43 16.82 -70.49
N THR B 80 30.66 17.29 -70.40
CA THR B 80 31.79 16.81 -71.16
C THR B 80 32.85 16.35 -70.16
N HIS B 81 33.88 15.65 -70.64
CA HIS B 81 34.99 15.32 -69.76
C HIS B 81 35.59 16.58 -69.14
N GLU B 82 35.79 17.59 -69.98
CA GLU B 82 36.33 18.86 -69.49
C GLU B 82 35.51 19.43 -68.34
N TYR B 83 34.18 19.47 -68.52
CA TYR B 83 33.27 19.97 -67.49
C TYR B 83 33.45 19.20 -66.18
N HIS B 84 33.43 17.87 -66.27
CA HIS B 84 33.47 17.04 -65.06
C HIS B 84 34.83 17.14 -64.39
N ALA B 85 35.92 17.21 -65.19
CA ALA B 85 37.24 17.39 -64.59
C ALA B 85 37.30 18.69 -63.79
N GLU B 86 36.72 19.76 -64.32
CA GLU B 86 36.71 21.00 -63.54
C GLU B 86 35.83 20.86 -62.30
N THR B 87 34.69 20.17 -62.41
CA THR B 87 33.89 19.94 -61.20
C THR B 87 34.70 19.16 -60.17
N ILE B 88 35.35 18.09 -60.60
CA ILE B 88 36.09 17.25 -59.67
C ILE B 88 37.22 18.03 -59.04
N LYS B 89 37.92 18.84 -59.83
CA LYS B 89 38.96 19.72 -59.30
C LYS B 89 38.39 20.61 -58.20
N ASN B 90 37.23 21.22 -58.44
CA ASN B 90 36.62 22.09 -57.43
C ASN B 90 36.19 21.31 -56.18
N VAL B 91 35.69 20.07 -56.33
CA VAL B 91 35.38 19.24 -55.17
C VAL B 91 36.62 19.06 -54.29
N ARG B 92 37.76 18.76 -54.92
CA ARG B 92 38.97 18.50 -54.17
C ARG B 92 39.51 19.79 -53.54
N THR B 93 39.40 20.92 -54.24
CA THR B 93 39.82 22.19 -53.64
C THR B 93 39.00 22.49 -52.39
N ALA B 94 37.67 22.37 -52.48
CA ALA B 94 36.83 22.63 -51.32
C ALA B 94 37.11 21.64 -50.20
N THR B 95 37.30 20.37 -50.55
CA THR B 95 37.59 19.34 -49.55
C THR B 95 38.91 19.64 -48.83
N GLU B 96 39.98 19.90 -49.59
CA GLU B 96 41.28 20.13 -48.97
C GLU B 96 41.39 21.47 -48.28
N SER B 97 40.45 22.40 -48.52
CA SER B 97 40.49 23.65 -47.77
C SER B 97 40.25 23.43 -46.28
N PHE B 98 39.69 22.27 -45.90
CA PHE B 98 39.51 21.93 -44.49
C PHE B 98 40.67 21.11 -43.92
N ALA B 99 41.66 20.79 -44.75
CA ALA B 99 42.74 19.90 -44.36
C ALA B 99 43.63 20.49 -43.29
N SER B 100 43.56 21.81 -43.06
CA SER B 100 44.37 22.44 -42.02
C SER B 100 44.16 21.76 -40.67
N ASP B 101 42.92 21.75 -40.18
CA ASP B 101 42.61 21.06 -38.94
C ASP B 101 42.36 19.56 -39.20
N PRO B 102 43.36 18.71 -38.99
CA PRO B 102 43.13 17.28 -39.25
C PRO B 102 42.04 16.67 -38.38
N ILE B 103 41.67 17.32 -37.27
CA ILE B 103 40.63 16.76 -36.42
C ILE B 103 39.24 16.97 -37.01
N LEU B 104 39.03 18.05 -37.79
CA LEU B 104 37.72 18.33 -38.33
C LEU B 104 37.61 17.96 -39.81
N TYR B 105 38.73 17.73 -40.47
CA TYR B 105 38.73 17.36 -41.87
C TYR B 105 37.79 16.19 -42.15
N ARG B 106 37.03 16.28 -43.23
CA ARG B 106 36.16 15.17 -43.59
C ARG B 106 36.65 14.68 -44.94
N PRO B 107 37.01 13.39 -45.09
CA PRO B 107 37.24 12.88 -46.45
C PRO B 107 35.94 12.99 -47.27
N VAL B 108 36.09 13.18 -48.56
CA VAL B 108 34.95 13.32 -49.46
C VAL B 108 35.21 12.44 -50.67
N ALA B 109 34.27 11.56 -50.99
CA ALA B 109 34.50 10.64 -52.10
C ALA B 109 34.02 11.24 -53.41
N VAL B 110 34.60 10.73 -54.50
CA VAL B 110 34.28 11.15 -55.86
C VAL B 110 33.71 9.93 -56.60
N ALA B 111 32.51 10.08 -57.16
CA ALA B 111 31.82 8.98 -57.85
C ALA B 111 31.54 9.38 -59.28
N LEU B 112 31.77 8.43 -60.20
CA LEU B 112 31.46 8.58 -61.61
C LEU B 112 30.25 7.73 -61.93
N ASP B 113 29.25 8.36 -62.53
CA ASP B 113 28.00 7.70 -62.88
C ASP B 113 27.98 7.58 -64.39
N THR B 114 28.00 6.35 -64.89
CA THR B 114 28.16 6.10 -66.31
C THR B 114 26.90 6.38 -67.12
N LYS B 115 27.11 6.50 -68.44
CA LYS B 115 25.99 6.56 -69.37
CA LYS B 115 25.99 6.56 -69.37
C LYS B 115 25.28 5.22 -69.44
N GLY B 116 25.97 4.18 -69.89
CA GLY B 116 25.39 2.87 -69.99
C GLY B 116 24.54 2.75 -71.24
N PRO B 117 23.82 1.66 -71.34
CA PRO B 117 22.96 1.45 -72.52
C PRO B 117 21.65 2.24 -72.44
N GLU B 118 21.73 3.53 -72.72
CA GLU B 118 20.63 4.45 -72.56
C GLU B 118 20.38 5.24 -73.83
N ILE B 119 19.19 5.84 -73.91
CA ILE B 119 18.83 6.76 -74.98
C ILE B 119 18.78 8.15 -74.38
N ARG B 120 19.42 9.13 -75.04
CA ARG B 120 19.44 10.52 -74.58
C ARG B 120 19.13 11.50 -75.72
N THR B 121 18.51 12.63 -75.34
CA THR B 121 18.22 13.76 -76.21
C THR B 121 19.45 14.67 -76.31
N GLY B 122 19.38 15.68 -77.19
CA GLY B 122 20.49 16.62 -77.39
C GLY B 122 20.32 17.90 -76.58
N LEU B 123 21.01 18.96 -77.02
CA LEU B 123 21.04 20.22 -76.30
C LEU B 123 19.87 21.11 -76.69
N ILE B 124 19.16 21.65 -75.70
CA ILE B 124 18.11 22.65 -75.93
C ILE B 124 18.82 23.94 -76.35
N LYS B 125 18.65 24.34 -77.60
CA LYS B 125 19.12 25.64 -78.04
C LYS B 125 20.61 25.81 -77.73
N GLY B 126 21.39 24.77 -77.99
CA GLY B 126 22.82 24.87 -77.79
C GLY B 126 23.28 24.95 -76.35
N SER B 127 22.43 24.64 -75.37
CA SER B 127 22.81 24.87 -73.99
C SER B 127 22.53 23.67 -73.10
N GLY B 128 23.47 23.37 -72.21
CA GLY B 128 23.28 22.27 -71.26
C GLY B 128 22.29 22.55 -70.14
N THR B 129 21.83 23.81 -70.01
CA THR B 129 20.97 24.22 -68.92
C THR B 129 19.67 24.89 -69.36
N ALA B 130 19.49 25.17 -70.65
CA ALA B 130 18.26 25.76 -71.15
C ALA B 130 17.11 24.75 -71.11
N GLU B 131 15.90 25.29 -71.02
CA GLU B 131 14.67 24.51 -70.98
C GLU B 131 13.60 25.25 -71.77
N VAL B 132 12.71 24.49 -72.39
CA VAL B 132 11.56 25.05 -73.07
C VAL B 132 10.31 24.38 -72.50
N GLU B 133 9.17 25.02 -72.68
CA GLU B 133 7.92 24.48 -72.18
C GLU B 133 7.16 23.76 -73.31
N LEU B 134 6.78 22.52 -73.07
CA LEU B 134 5.93 21.80 -74.01
C LEU B 134 4.51 21.94 -73.54
N LYS B 135 3.57 22.10 -74.49
CA LYS B 135 2.15 22.20 -74.16
C LYS B 135 1.42 20.90 -74.45
N LYS B 136 0.52 20.54 -73.54
CA LYS B 136 -0.38 19.41 -73.73
C LYS B 136 -1.07 19.54 -75.08
N GLY B 137 -0.99 18.51 -75.91
CA GLY B 137 -1.68 18.52 -77.19
C GLY B 137 -0.87 19.02 -78.37
N ALA B 138 0.26 19.68 -78.14
CA ALA B 138 1.06 20.17 -79.26
C ALA B 138 1.81 19.02 -79.94
N THR B 139 2.34 19.32 -81.12
CA THR B 139 3.21 18.41 -81.85
C THR B 139 4.64 18.56 -81.39
N LEU B 140 5.35 17.45 -81.37
CA LEU B 140 6.78 17.50 -81.16
C LEU B 140 7.41 16.49 -82.10
N LYS B 141 8.31 16.97 -82.95
CA LYS B 141 8.98 16.10 -83.90
C LYS B 141 10.25 15.57 -83.27
N ILE B 142 10.40 14.25 -83.29
CA ILE B 142 11.66 13.60 -82.92
C ILE B 142 12.47 13.38 -84.18
N THR B 143 13.74 13.79 -84.16
CA THR B 143 14.59 13.68 -85.33
C THR B 143 15.88 12.96 -84.98
N LEU B 144 16.39 12.23 -85.97
CA LEU B 144 17.69 11.58 -85.86
C LEU B 144 18.78 12.36 -86.56
N ASP B 145 18.40 13.44 -87.25
CA ASP B 145 19.34 14.19 -88.05
C ASP B 145 20.28 14.97 -87.15
N ASN B 146 21.57 14.60 -87.21
CA ASN B 146 22.59 15.15 -86.32
C ASN B 146 22.77 16.65 -86.47
N ALA B 147 22.27 17.26 -87.55
CA ALA B 147 22.28 18.71 -87.59
C ALA B 147 21.47 19.35 -86.46
N TYR B 148 20.55 18.61 -85.82
CA TYR B 148 19.76 19.16 -84.71
C TYR B 148 20.27 18.75 -83.34
N MET B 149 21.34 17.94 -83.29
CA MET B 149 21.97 17.51 -82.05
C MET B 149 21.95 18.58 -80.99
N GLU B 150 22.31 19.79 -81.39
CA GLU B 150 22.46 20.89 -80.45
C GLU B 150 21.40 21.96 -80.64
N LYS B 151 20.32 21.63 -81.36
CA LYS B 151 19.29 22.62 -81.69
C LYS B 151 17.92 22.07 -81.34
N CYS B 152 17.80 21.38 -80.21
CA CYS B 152 16.49 20.95 -79.75
C CYS B 152 15.73 22.16 -79.25
N ASP B 153 14.41 22.14 -79.42
CA ASP B 153 13.58 23.21 -78.89
C ASP B 153 12.17 22.66 -78.71
N GLU B 154 11.20 23.57 -78.50
CA GLU B 154 9.82 23.14 -78.33
C GLU B 154 9.22 22.53 -79.61
N ASN B 155 9.86 22.65 -80.78
CA ASN B 155 9.28 22.02 -81.97
C ASN B 155 10.00 20.76 -82.43
N ILE B 156 11.28 20.60 -82.10
CA ILE B 156 12.09 19.52 -82.67
C ILE B 156 13.00 18.98 -81.58
N LEU B 157 13.06 17.65 -81.45
CA LEU B 157 13.88 17.03 -80.43
C LEU B 157 14.76 15.97 -81.08
N TRP B 158 16.07 16.13 -80.99
CA TRP B 158 16.99 15.11 -81.44
C TRP B 158 17.26 14.12 -80.31
N LEU B 159 17.46 12.85 -80.67
CA LEU B 159 17.90 11.87 -79.70
C LEU B 159 18.84 10.88 -80.40
N ASP B 160 19.59 10.09 -79.61
CA ASP B 160 20.76 9.42 -80.15
C ASP B 160 20.54 7.94 -80.49
N TYR B 161 19.32 7.40 -80.35
CA TYR B 161 19.05 5.99 -80.67
C TYR B 161 18.61 5.90 -82.13
N LYS B 162 19.57 5.62 -83.01
CA LYS B 162 19.33 5.73 -84.44
C LYS B 162 18.42 4.63 -84.97
N ASN B 163 18.11 3.61 -84.19
CA ASN B 163 17.14 2.61 -84.60
C ASN B 163 15.76 2.82 -84.00
N ILE B 164 15.45 4.03 -83.51
CA ILE B 164 14.20 4.19 -82.78
C ILE B 164 13.01 3.87 -83.67
N CYS B 165 13.10 4.22 -84.95
CA CYS B 165 11.93 4.02 -85.81
C CYS B 165 11.63 2.55 -86.02
N LYS B 166 12.59 1.66 -85.73
CA LYS B 166 12.37 0.24 -85.89
C LYS B 166 11.73 -0.41 -84.68
N VAL B 167 11.67 0.25 -83.54
CA VAL B 167 11.16 -0.41 -82.36
C VAL B 167 9.93 0.28 -81.79
N VAL B 168 9.40 1.28 -82.47
CA VAL B 168 8.16 1.91 -82.02
C VAL B 168 7.17 1.84 -83.16
N ASP B 169 5.90 1.96 -82.81
CA ASP B 169 4.84 2.01 -83.79
C ASP B 169 4.02 3.26 -83.56
N VAL B 170 3.22 3.59 -84.59
CA VAL B 170 2.16 4.58 -84.44
C VAL B 170 1.34 4.16 -83.24
N GLY B 171 1.20 5.05 -82.26
CA GLY B 171 0.49 4.74 -81.05
C GLY B 171 1.40 4.36 -79.90
N SER B 172 2.65 4.00 -80.17
CA SER B 172 3.62 3.80 -79.09
C SER B 172 3.83 5.09 -78.30
N LYS B 173 4.16 4.91 -77.01
CA LYS B 173 4.56 6.00 -76.14
C LYS B 173 6.08 6.15 -76.13
N VAL B 174 6.54 7.38 -76.11
CA VAL B 174 7.93 7.71 -75.90
C VAL B 174 7.99 8.59 -74.66
N TYR B 175 8.75 8.18 -73.65
CA TYR B 175 8.81 8.95 -72.41
C TYR B 175 10.12 9.72 -72.34
N VAL B 176 10.05 10.96 -71.86
CA VAL B 176 11.25 11.80 -71.74
C VAL B 176 11.42 12.24 -70.28
N ASP B 177 12.66 12.15 -69.80
CA ASP B 177 13.07 12.60 -68.48
C ASP B 177 12.38 11.80 -67.37
N ASP B 178 12.68 10.49 -67.26
CA ASP B 178 12.14 9.61 -66.21
C ASP B 178 10.62 9.64 -66.23
N GLY B 179 10.03 9.67 -67.42
CA GLY B 179 8.60 9.72 -67.55
C GLY B 179 7.94 11.08 -67.30
N LEU B 180 8.72 12.16 -67.13
CA LEU B 180 8.10 13.48 -67.00
C LEU B 180 7.12 13.76 -68.13
N ILE B 181 7.56 13.60 -69.38
CA ILE B 181 6.76 13.93 -70.56
C ILE B 181 6.40 12.64 -71.28
N SER B 182 5.13 12.44 -71.57
CA SER B 182 4.73 11.34 -72.44
C SER B 182 4.43 11.87 -73.84
N LEU B 183 5.05 11.25 -74.86
CA LEU B 183 4.80 11.54 -76.28
C LEU B 183 4.13 10.35 -76.93
N GLN B 184 3.06 10.58 -77.68
CA GLN B 184 2.45 9.51 -78.45
C GLN B 184 2.85 9.64 -79.91
N VAL B 185 3.43 8.56 -80.47
CA VAL B 185 3.83 8.56 -81.87
C VAL B 185 2.57 8.60 -82.75
N LYS B 186 2.46 9.63 -83.60
CA LYS B 186 1.36 9.77 -84.54
C LYS B 186 1.75 9.38 -85.96
N GLN B 187 3.03 9.50 -86.31
CA GLN B 187 3.50 9.21 -87.65
C GLN B 187 4.97 8.84 -87.55
N LYS B 188 5.38 7.83 -88.31
CA LYS B 188 6.76 7.39 -88.39
C LYS B 188 7.29 7.74 -89.77
N GLY B 189 8.49 8.30 -89.82
CA GLY B 189 9.15 8.56 -91.08
C GLY B 189 10.49 7.87 -91.17
N PRO B 190 11.15 8.00 -92.31
CA PRO B 190 12.48 7.39 -92.48
C PRO B 190 13.43 7.67 -91.31
N ASP B 191 13.61 8.92 -90.93
CA ASP B 191 14.49 9.30 -89.83
C ASP B 191 13.80 10.26 -88.86
N PHE B 192 12.53 10.04 -88.55
CA PHE B 192 11.85 10.95 -87.65
C PHE B 192 10.52 10.35 -87.20
N LEU B 193 10.04 10.86 -86.08
CA LEU B 193 8.70 10.56 -85.59
C LEU B 193 7.98 11.88 -85.36
N VAL B 194 6.70 11.92 -85.71
CA VAL B 194 5.84 13.03 -85.32
C VAL B 194 5.05 12.55 -84.10
N THR B 195 5.18 13.25 -82.99
CA THR B 195 4.49 12.87 -81.76
C THR B 195 3.58 14.00 -81.28
N GLU B 196 2.60 13.60 -80.47
CA GLU B 196 1.77 14.53 -79.73
C GLU B 196 2.21 14.52 -78.27
N VAL B 197 2.38 15.71 -77.69
CA VAL B 197 2.68 15.89 -76.26
C VAL B 197 1.42 15.55 -75.44
N GLU B 198 1.47 14.46 -74.68
CA GLU B 198 0.30 14.04 -73.91
C GLU B 198 0.12 14.77 -72.59
N ASN B 199 1.17 15.39 -72.05
CA ASN B 199 1.02 16.22 -70.86
C ASN B 199 2.10 17.30 -70.91
N GLY B 200 1.80 18.45 -70.30
CA GLY B 200 2.72 19.56 -70.37
C GLY B 200 3.90 19.42 -69.42
N GLY B 201 4.96 20.15 -69.72
CA GLY B 201 6.09 20.14 -68.80
C GLY B 201 7.29 20.76 -69.46
N PHE B 202 8.36 20.86 -68.67
CA PHE B 202 9.58 21.52 -69.11
C PHE B 202 10.59 20.50 -69.63
N LEU B 203 11.07 20.73 -70.85
CA LEU B 203 12.02 19.87 -71.54
C LEU B 203 13.40 20.52 -71.50
N GLY B 204 14.35 19.86 -70.84
CA GLY B 204 15.73 20.32 -70.76
C GLY B 204 16.63 19.52 -71.69
N SER B 205 17.93 19.64 -71.45
CA SER B 205 18.94 19.04 -72.33
C SER B 205 19.34 17.63 -71.89
N LYS B 206 19.62 16.77 -72.86
CA LYS B 206 20.28 15.48 -72.57
C LYS B 206 19.49 14.67 -71.53
N LYS B 207 18.20 14.51 -71.76
CA LYS B 207 17.32 13.81 -70.83
C LYS B 207 17.17 12.37 -71.27
N GLY B 208 16.97 11.46 -70.29
CA GLY B 208 16.78 10.06 -70.62
C GLY B 208 15.49 9.81 -71.39
N VAL B 209 15.51 8.81 -72.26
CA VAL B 209 14.32 8.42 -73.04
C VAL B 209 14.04 6.95 -72.73
N ASN B 210 12.78 6.63 -72.42
CA ASN B 210 12.38 5.28 -72.09
C ASN B 210 11.26 4.83 -73.03
N LEU B 211 11.35 3.59 -73.49
CA LEU B 211 10.40 3.01 -74.43
C LEU B 211 9.95 1.68 -73.82
N PRO B 212 9.22 1.73 -72.71
CA PRO B 212 9.04 0.53 -71.90
C PRO B 212 8.42 -0.58 -72.72
N GLY B 213 9.08 -1.75 -72.71
CA GLY B 213 8.64 -2.84 -73.54
C GLY B 213 9.38 -2.96 -74.86
N ALA B 214 9.50 -1.85 -75.61
CA ALA B 214 10.13 -1.90 -76.93
C ALA B 214 11.45 -2.65 -76.87
N ALA B 215 11.82 -3.28 -77.97
CA ALA B 215 13.05 -4.08 -78.00
C ALA B 215 14.23 -3.17 -78.33
N VAL B 216 14.66 -2.41 -77.32
CA VAL B 216 15.86 -1.58 -77.44
C VAL B 216 17.09 -2.47 -77.36
N ASP B 217 17.99 -2.32 -78.32
CA ASP B 217 19.13 -3.21 -78.47
C ASP B 217 20.39 -2.38 -78.28
N LEU B 218 20.98 -2.41 -77.08
CA LEU B 218 22.16 -1.62 -76.81
C LEU B 218 23.18 -2.42 -75.98
N PRO B 219 24.47 -2.29 -76.29
CA PRO B 219 25.47 -3.11 -75.59
C PRO B 219 25.62 -2.65 -74.16
N ALA B 220 25.99 -3.58 -73.28
CA ALA B 220 26.20 -3.20 -71.89
C ALA B 220 27.29 -2.15 -71.78
N VAL B 221 28.25 -2.17 -72.68
CA VAL B 221 29.36 -1.24 -72.66
C VAL B 221 29.54 -0.69 -74.08
N SER B 222 29.48 0.62 -74.22
CA SER B 222 29.77 1.27 -75.48
C SER B 222 31.19 1.83 -75.46
N GLU B 223 31.63 2.29 -76.63
CA GLU B 223 32.94 2.92 -76.72
C GLU B 223 32.98 4.21 -75.89
N LYS B 224 31.88 4.99 -75.89
CA LYS B 224 31.73 6.09 -74.95
C LYS B 224 31.93 5.64 -73.51
N ASP B 225 31.20 4.60 -73.08
CA ASP B 225 31.44 4.08 -71.73
C ASP B 225 32.91 3.79 -71.49
N ILE B 226 33.55 3.10 -72.44
CA ILE B 226 34.98 2.84 -72.26
C ILE B 226 35.74 4.15 -72.09
N GLN B 227 35.44 5.15 -72.92
CA GLN B 227 36.17 6.41 -72.76
C GLN B 227 35.86 7.04 -71.39
N ASP B 228 34.61 6.94 -70.91
CA ASP B 228 34.27 7.55 -69.62
C ASP B 228 34.96 6.80 -68.48
N LEU B 229 35.00 5.47 -68.54
CA LEU B 229 35.57 4.72 -67.42
C LEU B 229 37.08 4.91 -67.32
N LYS B 230 37.77 4.95 -68.49
CA LYS B 230 39.20 5.25 -68.48
C LYS B 230 39.45 6.64 -67.92
N PHE B 231 38.58 7.60 -68.27
CA PHE B 231 38.68 8.94 -67.69
C PHE B 231 38.54 8.91 -66.17
N GLY B 232 37.59 8.11 -65.64
CA GLY B 232 37.47 8.02 -64.20
C GLY B 232 38.73 7.47 -63.56
N VAL B 233 39.40 6.51 -64.22
CA VAL B 233 40.67 5.98 -63.70
C VAL B 233 41.72 7.10 -63.65
N GLU B 234 41.85 7.84 -64.76
CA GLU B 234 42.73 9.01 -64.80
C GLU B 234 42.39 10.02 -63.73
N GLN B 235 41.11 10.23 -63.47
CA GLN B 235 40.73 11.22 -62.46
C GLN B 235 40.78 10.67 -61.04
N ASP B 236 41.21 9.41 -60.85
CA ASP B 236 41.33 8.79 -59.51
C ASP B 236 40.00 8.77 -58.73
N VAL B 237 38.87 8.49 -59.41
CA VAL B 237 37.59 8.41 -58.69
C VAL B 237 37.57 7.21 -57.75
N ASP B 238 36.71 7.26 -56.73
CA ASP B 238 36.67 6.22 -55.71
C ASP B 238 35.71 5.09 -56.01
N MET B 239 34.71 5.35 -56.84
CA MET B 239 33.66 4.40 -57.11
C MET B 239 33.03 4.79 -58.43
N VAL B 240 32.46 3.79 -59.09
CA VAL B 240 31.66 3.95 -60.29
C VAL B 240 30.24 3.47 -60.00
N PHE B 241 29.25 4.29 -60.38
CA PHE B 241 27.82 3.93 -60.37
C PHE B 241 27.51 3.48 -61.79
N ALA B 242 27.36 2.18 -62.00
CA ALA B 242 27.24 1.64 -63.34
C ALA B 242 25.78 1.59 -63.74
N SER B 243 25.41 2.38 -64.74
CA SER B 243 24.00 2.52 -65.13
C SER B 243 23.51 1.29 -65.86
N PHE B 244 22.23 0.95 -65.61
CA PHE B 244 21.51 -0.08 -66.35
C PHE B 244 22.20 -1.45 -66.34
N ILE B 245 22.77 -1.85 -65.20
CA ILE B 245 23.28 -3.21 -65.06
C ILE B 245 22.12 -4.21 -65.13
N ARG B 246 22.24 -5.20 -66.02
CA ARG B 246 21.15 -6.16 -66.25
C ARG B 246 21.48 -7.59 -65.86
N LYS B 247 22.75 -7.90 -65.61
CA LYS B 247 23.23 -9.25 -65.34
C LYS B 247 24.66 -9.16 -64.85
N ALA B 248 25.12 -10.23 -64.17
CA ALA B 248 26.47 -10.24 -63.63
C ALA B 248 27.53 -9.96 -64.71
N ALA B 249 27.34 -10.48 -65.93
CA ALA B 249 28.40 -10.27 -66.93
C ALA B 249 28.59 -8.79 -67.25
N ASP B 250 27.53 -7.97 -67.12
CA ASP B 250 27.72 -6.51 -67.24
C ASP B 250 28.69 -5.99 -66.19
N VAL B 251 28.59 -6.46 -64.96
CA VAL B 251 29.49 -6.01 -63.91
C VAL B 251 30.91 -6.41 -64.25
N HIS B 252 31.10 -7.66 -64.69
CA HIS B 252 32.43 -8.17 -65.00
C HIS B 252 33.09 -7.35 -66.09
N GLU B 253 32.32 -6.93 -67.08
CA GLU B 253 32.84 -6.11 -68.15
C GLU B 253 33.35 -4.76 -67.63
N VAL B 254 32.56 -4.11 -66.75
CA VAL B 254 33.03 -2.86 -66.13
C VAL B 254 34.31 -3.11 -65.35
N ARG B 255 34.34 -4.19 -64.56
CA ARG B 255 35.58 -4.54 -63.86
C ARG B 255 36.73 -4.69 -64.86
N LYS B 256 36.47 -5.40 -65.98
CA LYS B 256 37.50 -5.58 -67.00
C LYS B 256 37.99 -4.24 -67.55
N ILE B 257 37.05 -3.35 -67.93
CA ILE B 257 37.42 -2.05 -68.50
C ILE B 257 38.27 -1.26 -67.54
N LEU B 258 37.86 -1.18 -66.28
CA LEU B 258 38.65 -0.45 -65.28
C LEU B 258 40.06 -1.03 -65.16
N GLY B 259 40.21 -2.31 -65.47
CA GLY B 259 41.51 -2.90 -65.60
C GLY B 259 42.32 -2.95 -64.34
N GLU B 260 43.58 -3.30 -64.55
CA GLU B 260 44.52 -3.41 -63.43
C GLU B 260 44.69 -2.07 -62.73
N LYS B 261 44.80 -0.98 -63.49
CA LYS B 261 44.98 0.31 -62.82
C LYS B 261 43.73 0.73 -62.03
N GLY B 262 42.54 0.27 -62.43
CA GLY B 262 41.34 0.63 -61.68
C GLY B 262 40.81 -0.43 -60.74
N LYS B 263 41.64 -1.41 -60.38
CA LYS B 263 41.12 -2.57 -59.68
C LYS B 263 40.58 -2.24 -58.29
N ASN B 264 41.01 -1.14 -57.67
CA ASN B 264 40.52 -0.78 -56.33
C ASN B 264 39.31 0.13 -56.36
N ILE B 265 38.83 0.50 -57.53
CA ILE B 265 37.64 1.34 -57.64
C ILE B 265 36.40 0.46 -57.42
N LYS B 266 35.50 0.90 -56.53
CA LYS B 266 34.29 0.13 -56.20
C LYS B 266 33.25 0.23 -57.31
N ILE B 267 32.61 -0.89 -57.64
CA ILE B 267 31.57 -0.91 -58.67
C ILE B 267 30.21 -1.06 -58.00
N ILE B 268 29.40 -0.01 -58.10
CA ILE B 268 28.05 0.02 -57.58
C ILE B 268 27.13 -0.16 -58.77
N SER B 269 26.37 -1.26 -58.78
CA SER B 269 25.50 -1.55 -59.91
C SER B 269 24.15 -0.85 -59.71
N LYS B 270 23.70 -0.15 -60.76
CA LYS B 270 22.44 0.58 -60.71
C LYS B 270 21.33 -0.32 -61.24
N ILE B 271 20.30 -0.53 -60.42
CA ILE B 271 19.17 -1.36 -60.81
C ILE B 271 18.06 -0.43 -61.29
N GLU B 272 17.73 -0.55 -62.56
CA GLU B 272 16.82 0.44 -63.12
C GLU B 272 15.94 -0.11 -64.22
N ASN B 273 15.81 -1.44 -64.33
CA ASN B 273 14.85 -2.00 -65.26
C ASN B 273 14.45 -3.39 -64.76
N HIS B 274 13.45 -3.96 -65.43
CA HIS B 274 12.90 -5.27 -65.08
C HIS B 274 14.00 -6.31 -64.94
N GLU B 275 14.91 -6.38 -65.93
CA GLU B 275 15.92 -7.43 -65.90
C GLU B 275 16.85 -7.30 -64.69
N GLY B 276 17.26 -6.08 -64.35
CA GLY B 276 18.10 -5.92 -63.17
C GLY B 276 17.43 -6.40 -61.89
N VAL B 277 16.12 -6.17 -61.78
CA VAL B 277 15.39 -6.68 -60.62
C VAL B 277 15.35 -8.21 -60.67
N ARG B 278 15.00 -8.76 -61.83
CA ARG B 278 14.85 -10.20 -61.96
C ARG B 278 16.16 -10.94 -61.76
N ARG B 279 17.27 -10.39 -62.24
CA ARG B 279 18.56 -11.03 -62.07
C ARG B 279 19.34 -10.45 -60.90
N PHE B 280 18.64 -9.95 -59.88
CA PHE B 280 19.29 -9.13 -58.86
C PHE B 280 20.34 -9.90 -58.08
N ASP B 281 20.07 -11.17 -57.77
CA ASP B 281 20.99 -11.90 -56.89
C ASP B 281 22.36 -12.09 -57.54
N GLU B 282 22.39 -12.50 -58.81
CA GLU B 282 23.69 -12.62 -59.47
C GLU B 282 24.40 -11.27 -59.60
N ILE B 283 23.64 -10.18 -59.81
CA ILE B 283 24.25 -8.86 -59.88
C ILE B 283 24.85 -8.45 -58.54
N LEU B 284 24.09 -8.64 -57.45
CA LEU B 284 24.63 -8.31 -56.15
C LEU B 284 25.89 -9.11 -55.87
N GLU B 285 25.87 -10.41 -56.18
CA GLU B 285 27.05 -11.23 -55.96
C GLU B 285 28.27 -10.64 -56.63
N ALA B 286 28.12 -10.16 -57.87
CA ALA B 286 29.28 -9.67 -58.64
C ALA B 286 29.68 -8.24 -58.30
N SER B 287 28.86 -7.49 -57.55
CA SER B 287 29.09 -6.06 -57.32
C SER B 287 29.70 -5.77 -55.95
N ASP B 288 30.26 -4.56 -55.83
CA ASP B 288 30.68 -4.05 -54.53
C ASP B 288 29.55 -3.38 -53.77
N GLY B 289 28.48 -2.99 -54.45
CA GLY B 289 27.31 -2.40 -53.82
C GLY B 289 26.28 -2.13 -54.89
N ILE B 290 25.15 -1.55 -54.47
CA ILE B 290 23.97 -1.42 -55.31
C ILE B 290 23.36 -0.03 -55.14
N MET B 291 22.84 0.52 -56.24
CA MET B 291 22.00 1.70 -56.20
C MET B 291 20.60 1.30 -56.64
N VAL B 292 19.60 1.66 -55.82
CA VAL B 292 18.22 1.57 -56.30
C VAL B 292 17.97 2.84 -57.11
N ALA B 293 18.05 2.76 -58.43
CA ALA B 293 17.98 3.94 -59.30
C ALA B 293 16.53 4.19 -59.66
N ARG B 294 15.79 4.84 -58.74
CA ARG B 294 14.32 4.86 -58.88
C ARG B 294 13.82 5.74 -60.05
N GLY B 295 14.63 6.66 -60.56
CA GLY B 295 14.22 7.46 -61.72
C GLY B 295 13.84 6.66 -62.95
N ASP B 296 14.81 5.93 -63.51
CA ASP B 296 14.47 5.01 -64.60
C ASP B 296 13.61 3.86 -64.11
N LEU B 297 13.84 3.36 -62.90
CA LEU B 297 13.11 2.16 -62.50
C LEU B 297 11.61 2.42 -62.51
N GLY B 298 11.17 3.59 -62.08
CA GLY B 298 9.77 3.89 -61.91
C GLY B 298 9.05 4.19 -63.21
N ILE B 299 9.76 4.26 -64.33
CA ILE B 299 9.11 4.35 -65.63
C ILE B 299 9.38 3.08 -66.44
N GLU B 300 10.41 2.32 -66.10
CA GLU B 300 10.64 1.02 -66.73
C GLU B 300 9.67 -0.03 -66.18
N ILE B 301 9.37 0.01 -64.89
CA ILE B 301 8.38 -0.89 -64.29
C ILE B 301 7.22 -0.02 -63.80
N PRO B 302 6.05 -0.60 -63.48
CA PRO B 302 4.95 0.22 -62.95
C PRO B 302 5.38 0.97 -61.67
N ALA B 303 5.00 2.26 -61.63
CA ALA B 303 5.42 3.13 -60.54
C ALA B 303 4.99 2.56 -59.18
N GLU B 304 3.85 1.86 -59.15
CA GLU B 304 3.31 1.37 -57.90
C GLU B 304 4.05 0.13 -57.39
N LYS B 305 5.02 -0.41 -58.14
CA LYS B 305 5.79 -1.56 -57.69
C LYS B 305 7.19 -1.19 -57.22
N VAL B 306 7.61 0.07 -57.40
CA VAL B 306 8.99 0.44 -57.11
C VAL B 306 9.35 0.19 -55.65
N PHE B 307 8.42 0.49 -54.72
CA PHE B 307 8.72 0.29 -53.29
C PHE B 307 8.98 -1.18 -52.99
N LEU B 308 8.41 -2.10 -53.77
CA LEU B 308 8.70 -3.53 -53.58
C LEU B 308 10.14 -3.84 -53.94
N ALA B 309 10.58 -3.34 -55.10
CA ALA B 309 11.96 -3.54 -55.52
C ALA B 309 12.94 -2.85 -54.56
N GLN B 310 12.60 -1.64 -54.09
CA GLN B 310 13.46 -0.90 -53.18
C GLN B 310 13.68 -1.68 -51.90
N LYS B 311 12.60 -2.14 -51.28
CA LYS B 311 12.71 -2.87 -50.02
C LYS B 311 13.37 -4.23 -50.25
N MET B 312 13.02 -4.93 -51.33
CA MET B 312 13.70 -6.21 -51.60
C MET B 312 15.21 -5.98 -51.72
N ILE B 313 15.60 -4.96 -52.51
CA ILE B 313 17.02 -4.75 -52.78
C ILE B 313 17.75 -4.34 -51.50
N ILE B 314 17.19 -3.43 -50.71
CA ILE B 314 17.91 -2.98 -49.52
C ILE B 314 18.06 -4.13 -48.53
N GLY B 315 16.99 -4.91 -48.33
CA GLY B 315 17.09 -6.04 -47.44
C GLY B 315 18.15 -7.04 -47.86
N ARG B 316 18.17 -7.39 -49.15
CA ARG B 316 19.17 -8.35 -49.62
C ARG B 316 20.59 -7.80 -49.52
N CYS B 317 20.78 -6.49 -49.79
CA CYS B 317 22.12 -5.93 -49.59
C CYS B 317 22.51 -5.96 -48.13
N ASN B 318 21.57 -5.58 -47.24
CA ASN B 318 21.83 -5.60 -45.81
C ASN B 318 22.24 -6.99 -45.38
N ARG B 319 21.52 -8.00 -45.89
CA ARG B 319 21.82 -9.41 -45.65
C ARG B 319 23.25 -9.77 -46.08
N ALA B 320 23.70 -9.24 -47.23
CA ALA B 320 25.05 -9.54 -47.68
C ALA B 320 26.12 -8.66 -47.02
N GLY B 321 25.75 -7.63 -46.26
CA GLY B 321 26.74 -6.63 -45.88
C GLY B 321 27.31 -5.85 -47.06
N LYS B 322 26.53 -5.64 -48.11
CA LYS B 322 27.08 -4.81 -49.17
C LYS B 322 26.33 -3.47 -49.24
N PRO B 323 27.02 -2.36 -49.50
CA PRO B 323 26.37 -1.04 -49.43
C PRO B 323 25.20 -0.91 -50.42
N VAL B 324 24.17 -0.19 -50.01
CA VAL B 324 23.06 0.09 -50.92
C VAL B 324 22.67 1.58 -50.81
N ILE B 325 22.49 2.20 -51.97
CA ILE B 325 22.09 3.59 -52.10
C ILE B 325 20.63 3.67 -52.52
N CYS B 326 19.85 4.48 -51.81
CA CYS B 326 18.53 4.89 -52.32
C CYS B 326 18.65 6.23 -53.04
N ALA B 327 18.08 6.31 -54.24
CA ALA B 327 18.34 7.41 -55.17
C ALA B 327 17.07 7.89 -55.88
N THR B 328 17.04 9.19 -56.14
CA THR B 328 16.15 9.87 -57.10
C THR B 328 14.83 10.40 -56.53
N GLN B 329 14.63 11.70 -56.66
CA GLN B 329 13.38 12.40 -56.34
C GLN B 329 13.04 12.34 -54.84
N MET B 330 14.03 12.07 -53.99
CA MET B 330 13.76 11.95 -52.56
C MET B 330 13.23 13.26 -51.98
N LEU B 331 13.74 14.42 -52.48
CA LEU B 331 13.35 15.76 -52.02
C LEU B 331 13.05 16.67 -53.20
N GLU B 332 12.37 16.11 -54.20
CA GLU B 332 12.34 16.73 -55.53
C GLU B 332 11.79 18.16 -55.50
N SER B 333 10.78 18.41 -54.68
CA SER B 333 10.18 19.74 -54.74
C SER B 333 11.16 20.80 -54.25
N MET B 334 12.21 20.40 -53.54
CA MET B 334 13.18 21.39 -53.11
C MET B 334 14.07 21.89 -54.24
N ILE B 335 13.88 21.40 -55.46
CA ILE B 335 14.49 22.04 -56.62
C ILE B 335 14.02 23.50 -56.71
N LYS B 336 12.77 23.76 -56.32
CA LYS B 336 12.15 25.07 -56.42
C LYS B 336 11.78 25.70 -55.08
N LYS B 337 11.64 24.91 -54.00
CA LYS B 337 11.24 25.44 -52.69
C LYS B 337 12.26 25.11 -51.61
N PRO B 338 12.35 25.95 -50.59
CA PRO B 338 13.36 25.72 -49.54
C PRO B 338 12.93 24.71 -48.49
N ARG B 339 11.75 24.10 -48.63
CA ARG B 339 11.21 23.11 -47.70
CA ARG B 339 11.22 23.10 -47.70
C ARG B 339 10.61 21.97 -48.52
N PRO B 340 10.71 20.73 -48.05
CA PRO B 340 10.17 19.58 -48.79
C PRO B 340 8.68 19.35 -48.52
N THR B 341 8.08 18.46 -49.29
CA THR B 341 6.71 18.02 -48.98
C THR B 341 6.72 16.97 -47.89
N ARG B 342 5.52 16.65 -47.36
CA ARG B 342 5.46 15.61 -46.33
C ARG B 342 5.73 14.22 -46.90
N ALA B 343 5.37 13.99 -48.17
CA ALA B 343 5.75 12.73 -48.83
C ALA B 343 7.27 12.61 -48.93
N GLU B 344 7.93 13.72 -49.21
CA GLU B 344 9.37 13.68 -49.35
C GLU B 344 10.04 13.43 -48.00
N GLY B 345 9.61 14.14 -46.93
CA GLY B 345 10.13 13.81 -45.61
C GLY B 345 9.93 12.34 -45.28
N SER B 346 8.75 11.82 -45.58
CA SER B 346 8.46 10.41 -45.32
C SER B 346 9.40 9.49 -46.08
N ASP B 347 9.64 9.80 -47.35
CA ASP B 347 10.42 8.92 -48.23
C ASP B 347 11.85 8.78 -47.74
N VAL B 348 12.46 9.88 -47.29
CA VAL B 348 13.82 9.82 -46.77
C VAL B 348 13.86 8.99 -45.51
N ALA B 349 12.88 9.18 -44.62
CA ALA B 349 12.91 8.49 -43.34
C ALA B 349 12.70 6.99 -43.54
N ASN B 350 11.80 6.62 -44.44
CA ASN B 350 11.53 5.22 -44.66
C ASN B 350 12.69 4.53 -45.38
N ALA B 351 13.44 5.27 -46.22
CA ALA B 351 14.61 4.61 -46.84
C ALA B 351 15.66 4.29 -45.79
N VAL B 352 15.84 5.20 -44.83
CA VAL B 352 16.75 4.96 -43.72
C VAL B 352 16.26 3.78 -42.88
N LEU B 353 14.96 3.77 -42.58
CA LEU B 353 14.38 2.66 -41.83
C LEU B 353 14.46 1.37 -42.62
N ASP B 354 14.22 1.42 -43.96
CA ASP B 354 14.42 0.23 -44.78
C ASP B 354 15.81 -0.38 -44.59
N GLY B 355 16.84 0.44 -44.33
CA GLY B 355 18.21 -0.04 -44.27
C GLY B 355 19.21 0.56 -45.25
N ALA B 356 18.87 1.62 -45.97
CA ALA B 356 19.85 2.15 -46.94
C ALA B 356 21.09 2.67 -46.24
N ASP B 357 22.27 2.28 -46.74
CA ASP B 357 23.49 2.82 -46.18
C ASP B 357 23.62 4.29 -46.52
N CYS B 358 23.14 4.67 -47.73
CA CYS B 358 23.30 5.99 -48.31
C CYS B 358 22.01 6.43 -48.95
N ILE B 359 21.76 7.74 -48.90
CA ILE B 359 20.68 8.38 -49.64
C ILE B 359 21.32 9.42 -50.55
N MET B 360 20.56 9.86 -51.54
CA MET B 360 21.15 10.60 -52.65
C MET B 360 20.24 11.76 -53.07
N LEU B 361 20.90 12.81 -53.55
CA LEU B 361 20.27 13.98 -54.15
C LEU B 361 20.77 14.06 -55.59
N SER B 362 19.83 14.27 -56.53
CA SER B 362 20.14 14.38 -57.94
C SER B 362 19.89 15.82 -58.35
N GLY B 363 18.74 16.16 -58.95
CA GLY B 363 18.47 17.53 -59.36
C GLY B 363 18.48 18.52 -58.21
N GLU B 364 18.12 18.06 -57.01
CA GLU B 364 18.04 18.94 -55.85
C GLU B 364 19.37 19.66 -55.61
N THR B 365 20.50 18.98 -55.85
CA THR B 365 21.80 19.61 -55.74
C THR B 365 22.42 19.94 -57.09
N ALA B 366 22.06 19.22 -58.15
CA ALA B 366 22.76 19.44 -59.43
C ALA B 366 22.37 20.77 -60.05
N LYS B 367 21.07 21.09 -60.04
CA LYS B 367 20.53 22.23 -60.76
C LYS B 367 19.57 23.08 -59.95
N GLY B 368 19.20 22.68 -58.70
CA GLY B 368 18.08 23.29 -58.01
C GLY B 368 18.43 24.65 -57.39
N ASP B 369 17.41 25.35 -56.86
CA ASP B 369 17.62 26.65 -56.24
C ASP B 369 18.04 26.55 -54.78
N TYR B 370 17.90 25.38 -54.16
CA TYR B 370 18.17 25.26 -52.72
C TYR B 370 19.03 24.04 -52.42
N PRO B 371 20.18 23.92 -53.06
CA PRO B 371 21.01 22.73 -52.81
C PRO B 371 21.45 22.58 -51.37
N LEU B 372 21.79 23.67 -50.69
CA LEU B 372 22.24 23.54 -49.29
C LEU B 372 21.09 23.10 -48.37
N GLU B 373 19.92 23.71 -48.51
CA GLU B 373 18.77 23.27 -47.72
C GLU B 373 18.46 21.79 -47.97
N ALA B 374 18.58 21.32 -49.21
CA ALA B 374 18.31 19.90 -49.52
C ALA B 374 19.26 18.99 -48.77
N VAL B 375 20.56 19.31 -48.80
CA VAL B 375 21.53 18.52 -48.03
C VAL B 375 21.19 18.55 -46.54
N ARG B 376 20.91 19.74 -46.01
CA ARG B 376 20.65 19.88 -44.58
C ARG B 376 19.44 19.08 -44.14
N MET B 377 18.41 19.00 -45.00
CA MET B 377 17.18 18.29 -44.65
C MET B 377 17.41 16.77 -44.64
N GLN B 378 18.18 16.25 -45.61
CA GLN B 378 18.52 14.83 -45.56
C GLN B 378 19.26 14.52 -44.28
N HIS B 379 20.18 15.39 -43.90
CA HIS B 379 20.90 15.23 -42.65
C HIS B 379 19.92 15.14 -41.47
N LEU B 380 18.97 16.08 -41.38
CA LEU B 380 18.08 16.12 -40.24
C LEU B 380 17.20 14.87 -40.17
N ILE B 381 16.62 14.48 -41.31
CA ILE B 381 15.70 13.35 -41.32
C ILE B 381 16.44 12.07 -40.96
N ALA B 382 17.65 11.91 -41.49
CA ALA B 382 18.38 10.66 -41.32
C ALA B 382 18.64 10.38 -39.85
N ARG B 383 19.06 11.41 -39.08
CA ARG B 383 19.31 11.20 -37.66
C ARG B 383 18.06 10.77 -36.93
N GLU B 384 16.92 11.39 -37.24
CA GLU B 384 15.68 11.00 -36.58
C GLU B 384 15.31 9.57 -36.93
N ALA B 385 15.42 9.21 -38.22
CA ALA B 385 15.04 7.86 -38.64
C ALA B 385 16.04 6.82 -38.13
N GLU B 386 17.33 7.19 -38.02
CA GLU B 386 18.32 6.26 -37.47
C GLU B 386 18.00 5.86 -36.02
N ALA B 387 17.50 6.80 -35.21
CA ALA B 387 17.15 6.45 -33.84
C ALA B 387 15.91 5.57 -33.83
N ALA B 388 14.99 5.79 -34.78
CA ALA B 388 13.72 5.08 -34.87
C ALA B 388 13.87 3.65 -35.38
N MET B 389 15.04 3.23 -35.82
CA MET B 389 15.21 1.83 -36.20
C MET B 389 14.95 0.92 -34.99
N PHE B 390 14.59 -0.33 -35.27
CA PHE B 390 14.38 -1.35 -34.24
C PHE B 390 15.64 -2.24 -34.14
N HIS B 391 16.70 -1.65 -33.59
CA HIS B 391 18.04 -2.26 -33.63
C HIS B 391 18.02 -3.67 -33.10
N ARG B 392 17.34 -3.89 -31.98
CA ARG B 392 17.43 -5.20 -31.37
C ARG B 392 16.90 -6.28 -32.30
N LYS B 393 15.72 -6.04 -32.92
CA LYS B 393 15.21 -7.03 -33.88
C LYS B 393 16.08 -7.07 -35.14
N LEU B 394 16.52 -5.91 -35.64
CA LEU B 394 17.37 -5.87 -36.82
C LEU B 394 18.63 -6.72 -36.63
N PHE B 395 19.34 -6.50 -35.53
CA PHE B 395 20.51 -7.32 -35.23
C PHE B 395 20.18 -8.82 -35.23
N GLU B 396 19.13 -9.20 -34.47
CA GLU B 396 18.74 -10.61 -34.39
C GLU B 396 18.50 -11.20 -35.77
N GLU B 397 17.78 -10.46 -36.61
CA GLU B 397 17.42 -10.99 -37.92
C GLU B 397 18.62 -11.01 -38.87
N LEU B 398 19.53 -10.04 -38.77
CA LEU B 398 20.74 -10.08 -39.60
C LEU B 398 21.62 -11.27 -39.20
N ALA B 399 21.76 -11.50 -37.90
CA ALA B 399 22.58 -12.61 -37.42
C ALA B 399 22.00 -13.94 -37.87
N ARG B 400 20.67 -14.05 -37.88
CA ARG B 400 20.05 -15.28 -38.34
C ARG B 400 20.36 -15.53 -39.82
N ALA B 401 20.27 -14.48 -40.64
CA ALA B 401 20.52 -14.59 -42.08
C ALA B 401 21.96 -15.01 -42.39
N SER B 402 22.93 -14.57 -41.60
CA SER B 402 24.34 -14.86 -41.87
C SER B 402 24.86 -16.06 -41.04
N SER B 403 23.96 -16.82 -40.40
CA SER B 403 24.43 -17.77 -39.39
C SER B 403 25.23 -18.94 -39.97
N HIS B 404 25.09 -19.20 -41.28
CA HIS B 404 25.92 -20.25 -41.88
CA HIS B 404 25.92 -20.22 -41.95
C HIS B 404 27.39 -19.83 -41.96
N SER B 405 27.69 -18.55 -41.80
CA SER B 405 29.08 -18.09 -41.76
C SER B 405 29.60 -18.17 -40.32
N THR B 406 30.80 -18.73 -40.16
CA THR B 406 31.47 -18.69 -38.88
C THR B 406 32.66 -17.73 -38.90
N ASP B 407 32.62 -16.74 -39.80
CA ASP B 407 33.79 -15.87 -40.02
C ASP B 407 34.24 -15.15 -38.74
N LEU B 408 35.55 -15.07 -38.53
CA LEU B 408 36.04 -14.55 -37.26
C LEU B 408 35.82 -13.06 -37.13
N MET B 409 36.01 -12.32 -38.22
CA MET B 409 35.77 -10.87 -38.16
C MET B 409 34.29 -10.59 -37.92
N GLU B 410 33.41 -11.35 -38.58
CA GLU B 410 31.97 -11.22 -38.29
C GLU B 410 31.69 -11.47 -36.82
N ALA B 411 32.36 -12.49 -36.23
CA ALA B 411 32.18 -12.77 -34.81
C ALA B 411 32.63 -11.61 -33.96
N MET B 412 33.79 -11.02 -34.30
CA MET B 412 34.21 -9.80 -33.59
C MET B 412 33.20 -8.69 -33.78
N ALA B 413 32.73 -8.51 -35.02
CA ALA B 413 31.79 -7.41 -35.28
C ALA B 413 30.51 -7.58 -34.44
N MET B 414 29.94 -8.80 -34.45
CA MET B 414 28.73 -9.00 -33.67
C MET B 414 28.97 -8.91 -32.18
N GLY B 415 30.11 -9.38 -31.68
CA GLY B 415 30.40 -9.20 -30.25
C GLY B 415 30.50 -7.74 -29.88
N SER B 416 31.11 -6.94 -30.76
CA SER B 416 31.30 -5.53 -30.43
C SER B 416 29.99 -4.77 -30.51
N VAL B 417 29.17 -5.04 -31.53
CA VAL B 417 27.88 -4.36 -31.62
C VAL B 417 26.99 -4.76 -30.45
N GLU B 418 26.93 -6.07 -30.15
CA GLU B 418 26.21 -6.53 -28.97
C GLU B 418 26.64 -5.74 -27.74
N ALA B 419 27.97 -5.69 -27.50
CA ALA B 419 28.47 -4.96 -26.35
C ALA B 419 28.05 -3.50 -26.40
N SER B 420 28.04 -2.91 -27.60
CA SER B 420 27.66 -1.51 -27.68
C SER B 420 26.20 -1.33 -27.32
N TYR B 421 25.34 -2.31 -27.62
CA TYR B 421 23.94 -2.17 -27.22
C TYR B 421 23.81 -2.21 -25.71
N LYS B 422 24.52 -3.16 -25.09
CA LYS B 422 24.28 -3.47 -23.69
C LYS B 422 24.68 -2.30 -22.81
N CYS B 423 25.85 -1.71 -23.05
CA CYS B 423 26.33 -0.60 -22.25
C CYS B 423 26.05 0.76 -22.89
N LEU B 424 25.29 0.81 -23.98
CA LEU B 424 25.01 2.08 -24.66
C LEU B 424 26.29 2.89 -24.92
N ALA B 425 27.31 2.23 -25.47
CA ALA B 425 28.53 2.91 -25.85
C ALA B 425 28.21 4.12 -26.73
N ALA B 426 29.08 5.13 -26.67
CA ALA B 426 28.85 6.33 -27.48
C ALA B 426 29.38 6.20 -28.91
N ALA B 427 30.26 5.24 -29.16
CA ALA B 427 30.89 5.00 -30.46
C ALA B 427 31.59 3.65 -30.42
N LEU B 428 31.88 3.13 -31.61
CA LEU B 428 32.86 2.08 -31.78
C LEU B 428 34.01 2.65 -32.59
N ILE B 429 35.22 2.48 -32.10
CA ILE B 429 36.43 2.92 -32.79
C ILE B 429 37.07 1.70 -33.43
N VAL B 430 37.35 1.76 -34.73
CA VAL B 430 37.87 0.64 -35.49
C VAL B 430 39.12 1.08 -36.24
N LEU B 431 40.21 0.33 -36.07
CA LEU B 431 41.43 0.53 -36.86
C LEU B 431 41.43 -0.41 -38.07
N THR B 432 41.54 0.16 -39.27
CA THR B 432 41.42 -0.67 -40.45
C THR B 432 42.25 -0.08 -41.57
N GLU B 433 42.74 -0.94 -42.46
CA GLU B 433 43.47 -0.44 -43.65
C GLU B 433 42.76 -0.73 -44.96
N SER B 434 42.22 -1.94 -45.12
CA SER B 434 41.38 -2.23 -46.26
C SER B 434 39.96 -1.69 -46.07
N GLY B 435 39.59 -1.33 -44.84
CA GLY B 435 38.22 -1.03 -44.51
C GLY B 435 37.39 -2.23 -44.03
N ARG B 436 37.83 -3.45 -44.32
CA ARG B 436 36.97 -4.60 -44.11
C ARG B 436 36.51 -4.73 -42.67
N SER B 437 37.40 -4.45 -41.69
CA SER B 437 37.02 -4.62 -40.30
C SER B 437 35.89 -3.66 -39.93
N ALA B 438 35.95 -2.43 -40.43
CA ALA B 438 34.89 -1.46 -40.13
C ALA B 438 33.60 -1.81 -40.90
N HIS B 439 33.73 -2.32 -42.13
CA HIS B 439 32.54 -2.70 -42.90
C HIS B 439 31.77 -3.82 -42.21
N GLN B 440 32.48 -4.76 -41.60
CA GLN B 440 31.79 -5.84 -40.90
C GLN B 440 31.06 -5.31 -39.66
N VAL B 441 31.62 -4.32 -38.94
CA VAL B 441 30.88 -3.71 -37.84
C VAL B 441 29.62 -3.02 -38.37
N ALA B 442 29.77 -2.21 -39.44
CA ALA B 442 28.65 -1.44 -39.96
C ALA B 442 27.50 -2.35 -40.38
N ARG B 443 27.83 -3.48 -40.98
CA ARG B 443 26.87 -4.46 -41.43
C ARG B 443 25.92 -4.88 -40.31
N TYR B 444 26.40 -4.97 -39.07
CA TYR B 444 25.52 -5.42 -37.98
C TYR B 444 24.82 -4.29 -37.24
N ARG B 445 24.87 -3.07 -37.79
CA ARG B 445 23.98 -1.95 -37.49
C ARG B 445 23.94 -1.55 -36.01
N PRO B 446 25.06 -1.13 -35.45
CA PRO B 446 25.01 -0.48 -34.14
C PRO B 446 24.26 0.83 -34.23
N ARG B 447 23.76 1.32 -33.10
CA ARG B 447 23.17 2.65 -33.16
C ARG B 447 24.25 3.72 -33.00
N ALA B 448 25.37 3.39 -32.29
CA ALA B 448 26.45 4.36 -32.07
C ALA B 448 27.29 4.54 -33.34
N PRO B 449 27.88 5.73 -33.55
CA PRO B 449 28.75 5.91 -34.71
C PRO B 449 29.99 5.04 -34.65
N ILE B 450 30.50 4.68 -35.83
CA ILE B 450 31.72 3.90 -36.00
C ILE B 450 32.81 4.86 -36.48
N ILE B 451 33.79 5.17 -35.65
CA ILE B 451 34.92 6.00 -36.08
C ILE B 451 36.02 5.07 -36.57
N ALA B 452 36.27 5.07 -37.88
CA ALA B 452 37.25 4.17 -38.47
C ALA B 452 38.50 4.95 -38.82
N VAL B 453 39.61 4.65 -38.15
CA VAL B 453 40.89 5.32 -38.39
C VAL B 453 41.69 4.49 -39.38
N THR B 454 42.10 5.11 -40.46
CA THR B 454 42.86 4.41 -41.49
C THR B 454 43.95 5.32 -42.04
N ARG B 455 45.05 4.70 -42.45
CA ARG B 455 46.10 5.39 -43.17
C ARG B 455 45.90 5.37 -44.65
N ASN B 456 44.98 4.52 -45.15
CA ASN B 456 44.69 4.39 -46.57
C ASN B 456 43.62 5.40 -46.96
N HIS B 457 44.01 6.43 -47.73
CA HIS B 457 43.11 7.57 -48.00
C HIS B 457 41.90 7.13 -48.83
N GLN B 458 42.13 6.22 -49.79
CA GLN B 458 41.03 5.71 -50.60
C GLN B 458 40.07 4.88 -49.74
N THR B 459 40.61 4.07 -48.80
CA THR B 459 39.74 3.38 -47.85
C THR B 459 38.84 4.37 -47.12
N ALA B 460 39.41 5.48 -46.66
CA ALA B 460 38.63 6.49 -45.97
C ALA B 460 37.51 7.02 -46.86
N ARG B 461 37.83 7.29 -48.12
CA ARG B 461 36.82 7.88 -48.99
C ARG B 461 35.73 6.86 -49.30
N GLN B 462 36.12 5.62 -49.62
CA GLN B 462 35.12 4.60 -49.97
C GLN B 462 34.29 4.18 -48.76
N ALA B 463 34.77 4.45 -47.53
CA ALA B 463 34.03 4.05 -46.34
C ALA B 463 32.69 4.78 -46.23
N HIS B 464 32.52 5.88 -46.98
CA HIS B 464 31.25 6.58 -46.92
C HIS B 464 30.09 5.74 -47.45
N LEU B 465 30.39 4.67 -48.20
CA LEU B 465 29.33 3.82 -48.73
C LEU B 465 28.61 3.01 -47.65
N TYR B 466 29.13 2.97 -46.43
CA TYR B 466 28.64 2.09 -45.37
C TYR B 466 27.93 2.88 -44.27
N ARG B 467 26.72 2.47 -43.93
CA ARG B 467 25.99 3.08 -42.82
C ARG B 467 26.86 3.21 -41.58
N GLY B 468 26.98 4.44 -41.06
CA GLY B 468 27.54 4.68 -39.74
C GLY B 468 29.05 4.75 -39.64
N ILE B 469 29.78 4.56 -40.73
CA ILE B 469 31.23 4.69 -40.66
C ILE B 469 31.60 6.15 -40.88
N PHE B 470 32.31 6.69 -39.91
CA PHE B 470 32.83 8.04 -39.93
C PHE B 470 34.33 7.89 -40.17
N PRO B 471 34.80 7.99 -41.41
CA PRO B 471 36.22 7.72 -41.69
C PRO B 471 37.12 8.86 -41.23
N VAL B 472 38.27 8.48 -40.66
CA VAL B 472 39.28 9.42 -40.18
C VAL B 472 40.62 9.00 -40.78
N VAL B 473 41.26 9.91 -41.53
CA VAL B 473 42.58 9.65 -42.09
C VAL B 473 43.65 9.90 -41.04
N CYS B 474 44.52 8.90 -40.84
CA CYS B 474 45.71 9.06 -40.00
C CYS B 474 46.88 9.37 -40.91
N LYS B 475 47.52 10.53 -40.69
CA LYS B 475 48.64 10.95 -41.53
C LYS B 475 50.00 10.70 -40.88
N ASP B 476 50.04 10.35 -39.61
CA ASP B 476 51.30 10.05 -38.93
C ASP B 476 51.95 8.79 -39.51
N PRO B 477 53.28 8.74 -39.57
CA PRO B 477 53.94 7.50 -39.97
C PRO B 477 53.81 6.43 -38.89
N VAL B 478 54.00 5.17 -39.31
CA VAL B 478 53.95 4.04 -38.39
C VAL B 478 54.99 4.20 -37.29
N GLN B 479 54.55 4.07 -36.02
CA GLN B 479 55.46 4.05 -34.89
C GLN B 479 56.18 2.71 -34.79
N GLU B 480 57.39 2.73 -34.23
CA GLU B 480 58.17 1.49 -34.18
C GLU B 480 57.53 0.47 -33.24
N ALA B 481 57.03 0.92 -32.10
CA ALA B 481 56.35 0.02 -31.17
C ALA B 481 54.87 -0.11 -31.57
N TRP B 482 54.42 -1.35 -31.83
CA TRP B 482 53.03 -1.58 -32.19
C TRP B 482 52.05 -0.93 -31.22
N ALA B 483 52.24 -1.16 -29.93
CA ALA B 483 51.30 -0.64 -28.95
C ALA B 483 51.19 0.89 -29.06
N GLU B 484 52.32 1.56 -29.34
CA GLU B 484 52.29 3.01 -29.50
C GLU B 484 51.55 3.40 -30.77
N ASP B 485 51.76 2.65 -31.85
CA ASP B 485 51.06 2.97 -33.08
C ASP B 485 49.55 2.78 -32.93
N VAL B 486 49.12 1.75 -32.21
CA VAL B 486 47.69 1.54 -31.93
C VAL B 486 47.16 2.69 -31.08
N ASP B 487 47.83 2.97 -29.97
CA ASP B 487 47.41 4.06 -29.09
C ASP B 487 47.34 5.38 -29.85
N LEU B 488 48.31 5.63 -30.72
CA LEU B 488 48.25 6.86 -31.49
C LEU B 488 46.91 6.96 -32.22
N ARG B 489 46.55 5.90 -32.93
CA ARG B 489 45.35 5.95 -33.77
C ARG B 489 44.06 5.96 -32.95
N VAL B 490 44.01 5.23 -31.84
CA VAL B 490 42.82 5.32 -30.97
C VAL B 490 42.67 6.74 -30.43
N ASN B 491 43.78 7.35 -30.01
CA ASN B 491 43.72 8.72 -29.50
CA ASN B 491 43.70 8.72 -29.49
C ASN B 491 43.20 9.69 -30.55
N LEU B 492 43.55 9.46 -31.83
CA LEU B 492 43.03 10.34 -32.87
C LEU B 492 41.51 10.22 -32.96
N ALA B 493 40.99 8.99 -32.96
CA ALA B 493 39.54 8.78 -32.89
C ALA B 493 38.94 9.49 -31.68
N MET B 494 39.59 9.38 -30.51
CA MET B 494 39.02 10.02 -29.34
C MET B 494 38.91 11.53 -29.55
N ASN B 495 39.97 12.16 -30.08
CA ASN B 495 39.93 13.61 -30.32
C ASN B 495 38.87 13.99 -31.34
N VAL B 496 38.77 13.25 -32.46
CA VAL B 496 37.73 13.56 -33.45
C VAL B 496 36.35 13.43 -32.82
N GLY B 497 36.11 12.36 -32.06
CA GLY B 497 34.79 12.19 -31.47
C GLY B 497 34.45 13.29 -30.50
N LYS B 498 35.44 13.75 -29.73
CA LYS B 498 35.16 14.80 -28.78
C LYS B 498 34.92 16.13 -29.49
N ALA B 499 35.67 16.37 -30.56
CA ALA B 499 35.57 17.64 -31.27
C ALA B 499 34.24 17.73 -31.99
N ARG B 500 33.76 16.60 -32.54
CA ARG B 500 32.48 16.49 -33.20
C ARG B 500 31.31 16.41 -32.22
N GLY B 501 31.58 16.26 -30.93
CA GLY B 501 30.53 16.11 -29.92
C GLY B 501 29.86 14.74 -29.88
N PHE B 502 30.50 13.69 -30.41
CA PHE B 502 29.94 12.35 -30.30
C PHE B 502 30.03 11.84 -28.89
N PHE B 503 31.01 12.32 -28.14
CA PHE B 503 31.14 11.86 -26.77
C PHE B 503 32.03 12.87 -26.05
N LYS B 504 32.11 12.71 -24.73
CA LYS B 504 32.99 13.53 -23.91
C LYS B 504 33.69 12.62 -22.92
N LYS B 505 34.69 13.19 -22.24
CA LYS B 505 35.49 12.44 -21.28
C LYS B 505 34.59 11.68 -20.30
N GLY B 506 34.97 10.44 -20.00
CA GLY B 506 34.18 9.64 -19.09
C GLY B 506 33.09 8.81 -19.74
N ASP B 507 32.72 9.08 -20.99
CA ASP B 507 31.83 8.18 -21.73
C ASP B 507 32.54 6.85 -22.03
N VAL B 508 31.78 5.88 -22.49
CA VAL B 508 32.30 4.55 -22.78
C VAL B 508 32.28 4.31 -24.28
N VAL B 509 33.39 3.82 -24.82
CA VAL B 509 33.42 3.42 -26.22
C VAL B 509 33.96 2.01 -26.33
N ILE B 510 33.54 1.31 -27.40
CA ILE B 510 34.11 0.02 -27.80
C ILE B 510 35.24 0.27 -28.80
N VAL B 511 36.41 -0.34 -28.55
CA VAL B 511 37.58 -0.16 -29.43
C VAL B 511 37.98 -1.50 -30.05
N LEU B 512 38.09 -1.52 -31.38
CA LEU B 512 38.51 -2.69 -32.14
C LEU B 512 39.89 -2.46 -32.77
N THR B 513 40.86 -3.32 -32.43
CA THR B 513 42.26 -3.20 -32.87
C THR B 513 42.81 -4.58 -33.20
N GLY B 514 43.92 -4.59 -33.94
CA GLY B 514 44.70 -5.82 -34.10
C GLY B 514 45.63 -6.02 -32.90
N TRP B 515 45.65 -7.24 -32.36
CA TRP B 515 46.55 -7.54 -31.24
C TRP B 515 48.03 -7.36 -31.62
N ARG B 516 48.39 -7.77 -32.83
CA ARG B 516 49.75 -7.73 -33.34
C ARG B 516 49.77 -7.08 -34.71
N PRO B 517 50.92 -6.57 -35.13
CA PRO B 517 51.03 -6.05 -36.50
C PRO B 517 50.53 -7.02 -37.55
N GLY B 518 50.75 -8.32 -37.35
CA GLY B 518 50.34 -9.31 -38.33
C GLY B 518 48.91 -9.84 -38.21
N SER B 519 48.14 -9.37 -37.24
CA SER B 519 46.75 -9.81 -37.14
C SER B 519 46.05 -9.43 -38.45
N GLY B 520 45.27 -10.34 -38.99
CA GLY B 520 44.68 -9.95 -40.26
C GLY B 520 43.34 -9.24 -40.16
N PHE B 521 42.93 -8.82 -38.96
CA PHE B 521 41.66 -8.15 -38.73
C PHE B 521 41.68 -7.64 -37.31
N THR B 522 40.66 -6.88 -36.94
CA THR B 522 40.58 -6.40 -35.55
C THR B 522 40.15 -7.58 -34.70
N ASN B 523 41.11 -8.33 -34.17
CA ASN B 523 40.81 -9.48 -33.31
C ASN B 523 40.76 -9.11 -31.82
N THR B 524 40.82 -7.82 -31.48
CA THR B 524 40.84 -7.36 -30.11
C THR B 524 39.76 -6.32 -29.90
N MET B 525 38.92 -6.54 -28.89
CA MET B 525 37.84 -5.63 -28.53
C MET B 525 37.98 -5.19 -27.09
N ARG B 526 37.79 -3.89 -26.87
CA ARG B 526 37.90 -3.33 -25.54
C ARG B 526 36.77 -2.35 -25.27
N VAL B 527 36.33 -2.32 -24.03
CA VAL B 527 35.46 -1.26 -23.53
C VAL B 527 36.38 -0.31 -22.77
N VAL B 528 36.40 0.96 -23.18
CA VAL B 528 37.35 1.89 -22.58
C VAL B 528 36.66 3.22 -22.35
N PRO B 529 37.02 3.89 -21.27
CA PRO B 529 36.47 5.22 -21.01
C PRO B 529 37.16 6.25 -21.88
N VAL B 530 36.40 7.26 -22.28
CA VAL B 530 36.94 8.35 -23.07
C VAL B 530 37.86 9.20 -22.21
N PRO B 531 39.14 9.40 -22.59
CA PRO B 531 40.11 10.20 -21.82
C PRO B 531 39.81 11.70 -21.83
N ILE C 13 -4.81 -14.07 -7.32
CA ILE C 13 -4.00 -14.99 -8.15
C ILE C 13 -4.84 -15.62 -9.25
N GLN C 14 -4.44 -15.40 -10.49
CA GLN C 14 -5.15 -15.96 -11.61
C GLN C 14 -5.01 -17.48 -11.59
N THR C 15 -6.09 -18.17 -11.95
CA THR C 15 -6.10 -19.61 -12.02
C THR C 15 -5.38 -20.08 -13.29
N GLN C 16 -5.07 -21.36 -13.34
CA GLN C 16 -4.70 -22.04 -14.59
C GLN C 16 -3.42 -21.44 -15.22
N GLN C 17 -2.51 -20.92 -14.39
CA GLN C 17 -1.28 -20.28 -14.87
C GLN C 17 -1.55 -19.22 -15.94
N LEU C 18 -2.64 -18.45 -15.78
CA LEU C 18 -2.99 -17.48 -16.84
C LEU C 18 -2.04 -16.28 -16.85
N HIS C 19 -1.38 -15.99 -15.75
CA HIS C 19 -0.35 -14.96 -15.75
C HIS C 19 0.87 -15.43 -16.57
N ALA C 20 1.33 -16.65 -16.33
CA ALA C 20 2.43 -17.19 -17.12
C ALA C 20 2.05 -17.27 -18.59
N ALA C 21 0.76 -17.46 -18.86
CA ALA C 21 0.26 -17.57 -20.23
C ALA C 21 0.53 -16.29 -21.02
N MET C 22 0.60 -15.16 -20.33
CA MET C 22 0.75 -13.85 -20.97
C MET C 22 2.20 -13.42 -21.12
N ALA C 23 3.16 -14.23 -20.68
CA ALA C 23 4.57 -13.90 -20.84
C ALA C 23 4.92 -13.71 -22.31
N ASP C 24 5.98 -12.93 -22.54
CA ASP C 24 6.51 -12.68 -23.88
C ASP C 24 7.56 -13.69 -24.30
N THR C 25 8.29 -14.27 -23.35
CA THR C 25 9.40 -15.15 -23.65
C THR C 25 9.19 -16.45 -22.88
N PHE C 26 9.90 -17.51 -23.29
CA PHE C 26 9.80 -18.75 -22.54
C PHE C 26 10.35 -18.57 -21.13
N LEU C 27 11.51 -17.90 -21.01
CA LEU C 27 12.08 -17.57 -19.72
C LEU C 27 11.05 -16.91 -18.81
N GLU C 28 10.40 -15.85 -19.30
CA GLU C 28 9.41 -15.19 -18.43
CA GLU C 28 9.37 -15.16 -18.52
C GLU C 28 8.23 -16.12 -18.13
N HIS C 29 7.82 -16.97 -19.08
CA HIS C 29 6.77 -17.95 -18.82
C HIS C 29 7.13 -18.83 -17.62
N MET C 30 8.34 -19.35 -17.62
CA MET C 30 8.78 -20.20 -16.51
C MET C 30 8.83 -19.41 -15.20
N CYS C 31 9.43 -18.23 -15.23
CA CYS C 31 9.50 -17.37 -14.04
C CYS C 31 8.13 -17.05 -13.43
N ARG C 32 7.05 -17.13 -14.21
CA ARG C 32 5.72 -16.78 -13.70
C ARG C 32 4.93 -18.00 -13.25
N LEU C 33 5.49 -19.21 -13.35
CA LEU C 33 4.72 -20.37 -12.90
C LEU C 33 4.46 -20.29 -11.41
N ASP C 34 3.23 -20.54 -11.00
CA ASP C 34 2.76 -20.20 -9.65
C ASP C 34 2.10 -21.42 -8.98
N ILE C 35 2.72 -21.94 -7.91
CA ILE C 35 2.15 -23.11 -7.23
C ILE C 35 0.80 -22.80 -6.57
N ASP C 36 0.45 -21.51 -6.38
CA ASP C 36 -0.87 -21.20 -5.84
C ASP C 36 -1.87 -20.89 -6.95
N SER C 37 -1.51 -21.06 -8.22
CA SER C 37 -2.46 -20.86 -9.32
C SER C 37 -3.16 -22.20 -9.56
N ALA C 38 -4.47 -22.26 -9.27
CA ALA C 38 -5.17 -23.54 -9.28
C ALA C 38 -5.45 -23.99 -10.71
N PRO C 39 -5.24 -25.26 -11.04
CA PRO C 39 -5.58 -25.76 -12.39
C PRO C 39 -7.09 -25.88 -12.54
N ILE C 40 -7.56 -26.14 -13.77
CA ILE C 40 -8.99 -26.39 -13.98
C ILE C 40 -9.36 -27.81 -13.62
N THR C 41 -10.67 -28.08 -13.55
CA THR C 41 -11.12 -29.43 -13.21
C THR C 41 -10.80 -30.42 -14.31
N ALA C 42 -10.97 -30.03 -15.57
CA ALA C 42 -10.77 -31.01 -16.64
C ALA C 42 -9.30 -31.40 -16.75
N ARG C 43 -9.06 -32.68 -17.06
CA ARG C 43 -7.72 -33.21 -17.26
C ARG C 43 -7.65 -33.68 -18.71
N ASN C 44 -6.71 -33.10 -19.48
CA ASN C 44 -6.68 -33.34 -20.93
C ASN C 44 -5.83 -34.52 -21.36
N THR C 45 -4.83 -34.91 -20.59
CA THR C 45 -3.92 -35.93 -21.09
C THR C 45 -4.52 -37.31 -20.84
N GLY C 46 -4.55 -38.15 -21.88
CA GLY C 46 -5.17 -39.46 -21.72
C GLY C 46 -4.30 -40.38 -20.87
N ILE C 47 -4.95 -41.27 -20.12
CA ILE C 47 -4.25 -42.17 -19.21
C ILE C 47 -4.47 -43.62 -19.65
N ILE C 48 -3.38 -44.30 -19.99
CA ILE C 48 -3.36 -45.68 -20.46
C ILE C 48 -2.80 -46.57 -19.35
N CYS C 49 -3.51 -47.68 -19.06
CA CYS C 49 -3.14 -48.54 -17.94
C CYS C 49 -2.97 -49.98 -18.44
N THR C 50 -1.83 -50.58 -18.14
CA THR C 50 -1.61 -51.99 -18.43
C THR C 50 -2.36 -52.83 -17.40
N ILE C 51 -3.26 -53.70 -17.84
CA ILE C 51 -4.07 -54.48 -16.92
C ILE C 51 -3.41 -55.84 -16.74
N GLY C 52 -3.19 -56.22 -15.49
CA GLY C 52 -2.50 -57.45 -15.20
C GLY C 52 -3.05 -58.05 -13.92
N PRO C 53 -2.27 -58.95 -13.32
CA PRO C 53 -2.72 -59.59 -12.07
C PRO C 53 -3.19 -58.62 -11.01
N ALA C 54 -2.56 -57.45 -10.88
CA ALA C 54 -2.89 -56.54 -9.79
C ALA C 54 -4.20 -55.80 -10.04
N SER C 55 -4.67 -55.80 -11.28
CA SER C 55 -5.70 -54.86 -11.66
C SER C 55 -6.84 -55.46 -12.48
N ARG C 56 -6.83 -56.76 -12.78
CA ARG C 56 -7.76 -57.30 -13.76
C ARG C 56 -9.14 -57.70 -13.17
N SER C 57 -9.34 -57.63 -11.86
CA SER C 57 -10.67 -57.90 -11.35
C SER C 57 -11.66 -56.80 -11.76
N VAL C 58 -12.95 -57.14 -11.76
CA VAL C 58 -13.97 -56.18 -12.14
C VAL C 58 -14.01 -55.04 -11.14
N GLU C 59 -13.89 -55.37 -9.85
CA GLU C 59 -14.04 -54.34 -8.82
C GLU C 59 -12.89 -53.34 -8.84
N THR C 60 -11.65 -53.83 -9.01
CA THR C 60 -10.54 -52.90 -9.18
C THR C 60 -10.70 -52.06 -10.45
N LEU C 61 -11.15 -52.69 -11.54
CA LEU C 61 -11.29 -51.99 -12.81
C LEU C 61 -12.29 -50.85 -12.70
N LYS C 62 -13.33 -51.04 -11.90
CA LYS C 62 -14.29 -49.96 -11.66
C LYS C 62 -13.62 -48.78 -10.97
N GLU C 63 -12.84 -49.02 -9.91
CA GLU C 63 -12.13 -47.91 -9.26
C GLU C 63 -11.11 -47.26 -10.19
N MET C 64 -10.49 -48.04 -11.08
CA MET C 64 -9.51 -47.45 -11.97
C MET C 64 -10.16 -46.56 -13.01
N ILE C 65 -11.34 -46.96 -13.52
CA ILE C 65 -12.13 -46.06 -14.33
C ILE C 65 -12.40 -44.77 -13.56
N LYS C 66 -12.85 -44.90 -12.32
CA LYS C 66 -13.17 -43.72 -11.52
C LYS C 66 -11.94 -42.88 -11.19
N SER C 67 -10.76 -43.48 -11.19
CA SER C 67 -9.52 -42.78 -10.91
C SER C 67 -8.97 -42.01 -12.13
N GLY C 68 -9.45 -42.30 -13.34
CA GLY C 68 -8.95 -41.60 -14.51
C GLY C 68 -8.53 -42.46 -15.69
N MET C 69 -8.64 -43.78 -15.57
CA MET C 69 -8.20 -44.66 -16.64
C MET C 69 -9.06 -44.47 -17.90
N ASN C 70 -8.41 -44.30 -19.04
CA ASN C 70 -9.11 -44.12 -20.31
C ASN C 70 -8.91 -45.26 -21.28
N VAL C 71 -7.74 -45.91 -21.27
CA VAL C 71 -7.40 -46.99 -22.18
C VAL C 71 -6.83 -48.14 -21.35
N ALA C 72 -7.33 -49.35 -21.58
CA ALA C 72 -6.78 -50.53 -20.92
C ALA C 72 -5.89 -51.29 -21.91
N ARG C 73 -4.62 -51.47 -21.55
CA ARG C 73 -3.63 -52.11 -22.40
C ARG C 73 -3.42 -53.57 -21.98
N MET C 74 -3.53 -54.50 -22.93
CA MET C 74 -3.20 -55.90 -22.71
C MET C 74 -1.88 -56.19 -23.40
N ASN C 75 -0.90 -56.64 -22.64
CA ASN C 75 0.44 -56.89 -23.17
C ASN C 75 0.54 -58.36 -23.53
N PHE C 76 0.51 -58.64 -24.82
CA PHE C 76 0.51 -60.02 -25.26
C PHE C 76 1.89 -60.68 -25.16
N SER C 77 2.87 -60.05 -24.52
CA SER C 77 4.10 -60.76 -24.19
C SER C 77 3.94 -61.67 -22.98
N HIS C 78 2.92 -61.47 -22.15
CA HIS C 78 2.55 -62.35 -21.04
C HIS C 78 1.16 -62.91 -21.27
N GLY C 79 0.85 -64.04 -20.62
CA GLY C 79 -0.50 -64.58 -20.58
C GLY C 79 -0.90 -65.31 -21.85
N THR C 80 -2.07 -65.93 -21.82
CA THR C 80 -2.61 -66.62 -22.99
C THR C 80 -3.73 -65.82 -23.62
N HIS C 81 -4.18 -66.27 -24.79
CA HIS C 81 -5.39 -65.68 -25.35
C HIS C 81 -6.53 -65.79 -24.38
N GLU C 82 -6.63 -66.94 -23.71
CA GLU C 82 -7.68 -67.12 -22.73
C GLU C 82 -7.59 -66.06 -21.64
N TYR C 83 -6.39 -65.83 -21.11
CA TYR C 83 -6.20 -64.89 -20.01
C TYR C 83 -6.63 -63.47 -20.40
N HIS C 84 -6.21 -63.03 -21.58
CA HIS C 84 -6.52 -61.67 -22.04
C HIS C 84 -7.99 -61.52 -22.39
N ALA C 85 -8.60 -62.54 -23.00
CA ALA C 85 -10.03 -62.51 -23.22
C ALA C 85 -10.77 -62.21 -21.93
N GLU C 86 -10.39 -62.92 -20.86
CA GLU C 86 -11.08 -62.69 -19.60
C GLU C 86 -10.80 -61.30 -19.05
N THR C 87 -9.54 -60.85 -19.12
CA THR C 87 -9.25 -59.46 -18.74
C THR C 87 -10.13 -58.48 -19.52
N ILE C 88 -10.14 -58.64 -20.86
CA ILE C 88 -10.94 -57.78 -21.72
C ILE C 88 -12.40 -57.83 -21.32
N LYS C 89 -12.91 -59.02 -21.00
CA LYS C 89 -14.31 -59.14 -20.58
C LYS C 89 -14.55 -58.36 -19.28
N ASN C 90 -13.60 -58.41 -18.35
CA ASN C 90 -13.75 -57.67 -17.08
C ASN C 90 -13.62 -56.17 -17.29
N VAL C 91 -12.82 -55.73 -18.26
CA VAL C 91 -12.78 -54.29 -18.52
C VAL C 91 -14.16 -53.82 -18.97
N ARG C 92 -14.76 -54.57 -19.90
CA ARG C 92 -16.08 -54.19 -20.44
C ARG C 92 -17.16 -54.28 -19.39
N THR C 93 -17.11 -55.29 -18.51
CA THR C 93 -18.11 -55.37 -17.46
C THR C 93 -18.02 -54.16 -16.57
N ALA C 94 -16.80 -53.82 -16.15
CA ALA C 94 -16.60 -52.63 -15.33
C ALA C 94 -17.04 -51.37 -16.07
N THR C 95 -16.62 -51.20 -17.31
CA THR C 95 -17.01 -49.99 -18.05
C THR C 95 -18.53 -49.89 -18.14
N GLU C 96 -19.17 -50.96 -18.59
CA GLU C 96 -20.62 -50.95 -18.77
C GLU C 96 -21.37 -50.79 -17.46
N SER C 97 -20.73 -51.08 -16.32
CA SER C 97 -21.45 -50.91 -15.06
C SER C 97 -21.86 -49.47 -14.82
N PHE C 98 -21.22 -48.51 -15.48
CA PHE C 98 -21.60 -47.10 -15.37
C PHE C 98 -22.55 -46.64 -16.47
N ALA C 99 -23.00 -47.54 -17.35
CA ALA C 99 -23.84 -47.12 -18.48
C ALA C 99 -25.26 -46.73 -18.07
N SER C 100 -25.67 -46.96 -16.82
CA SER C 100 -27.01 -46.53 -16.41
C SER C 100 -27.19 -45.03 -16.60
N ASP C 101 -26.13 -44.25 -16.34
CA ASP C 101 -26.17 -42.78 -16.36
C ASP C 101 -25.36 -42.24 -17.55
N PRO C 102 -26.00 -42.02 -18.70
CA PRO C 102 -25.25 -41.53 -19.87
C PRO C 102 -24.64 -40.14 -19.70
N ILE C 103 -24.95 -39.42 -18.61
CA ILE C 103 -24.30 -38.14 -18.39
C ILE C 103 -22.91 -38.34 -17.81
N LEU C 104 -22.69 -39.45 -17.09
CA LEU C 104 -21.42 -39.70 -16.43
C LEU C 104 -20.65 -40.89 -16.99
N TYR C 105 -21.26 -41.67 -17.88
CA TYR C 105 -20.60 -42.82 -18.45
C TYR C 105 -19.35 -42.39 -19.21
N ARG C 106 -18.26 -43.11 -19.00
CA ARG C 106 -17.00 -42.82 -19.67
C ARG C 106 -16.65 -44.00 -20.58
N PRO C 107 -16.53 -43.80 -21.88
CA PRO C 107 -15.99 -44.85 -22.72
C PRO C 107 -14.59 -45.24 -22.28
N VAL C 108 -14.25 -46.51 -22.46
CA VAL C 108 -12.93 -47.01 -22.11
C VAL C 108 -12.40 -47.82 -23.29
N ALA C 109 -11.22 -47.47 -23.77
CA ALA C 109 -10.74 -48.16 -24.97
C ALA C 109 -9.94 -49.40 -24.57
N VAL C 110 -9.85 -50.34 -25.52
CA VAL C 110 -9.12 -51.59 -25.33
C VAL C 110 -7.96 -51.61 -26.31
N ALA C 111 -6.76 -51.81 -25.79
CA ALA C 111 -5.58 -51.85 -26.65
C ALA C 111 -4.85 -53.18 -26.51
N LEU C 112 -4.43 -53.70 -27.66
CA LEU C 112 -3.64 -54.92 -27.75
C LEU C 112 -2.19 -54.50 -28.01
N ASP C 113 -1.29 -54.91 -27.14
CA ASP C 113 0.14 -54.65 -27.29
C ASP C 113 0.86 -55.92 -27.75
N THR C 114 1.48 -55.89 -28.94
CA THR C 114 2.01 -57.09 -29.59
C THR C 114 3.36 -57.53 -29.01
N LYS C 115 3.72 -58.79 -29.32
CA LYS C 115 5.05 -59.32 -29.03
C LYS C 115 6.10 -58.68 -29.91
N GLY C 116 5.95 -58.80 -31.24
CA GLY C 116 6.90 -58.25 -32.17
C GLY C 116 8.25 -58.96 -32.18
N PRO C 117 9.19 -58.47 -33.01
CA PRO C 117 10.49 -59.16 -33.12
C PRO C 117 11.32 -58.99 -31.85
N GLU C 118 10.99 -59.79 -30.83
CA GLU C 118 11.55 -59.65 -29.51
C GLU C 118 12.13 -60.97 -29.05
N ILE C 119 12.92 -60.92 -27.97
CA ILE C 119 13.45 -62.11 -27.31
C ILE C 119 12.90 -62.15 -25.90
N ARG C 120 12.42 -63.31 -25.49
CA ARG C 120 11.70 -63.42 -24.25
C ARG C 120 12.15 -64.66 -23.51
N THR C 121 12.18 -64.58 -22.19
CA THR C 121 12.52 -65.75 -21.39
C THR C 121 11.25 -66.55 -21.12
N GLY C 122 11.40 -67.69 -20.43
CA GLY C 122 10.29 -68.56 -20.11
C GLY C 122 9.59 -68.21 -18.82
N LEU C 123 8.92 -69.22 -18.24
CA LEU C 123 8.20 -69.07 -16.98
C LEU C 123 9.07 -69.48 -15.80
N ILE C 124 9.09 -68.62 -14.77
CA ILE C 124 9.80 -68.86 -13.53
C ILE C 124 8.99 -69.89 -12.74
N LYS C 125 9.53 -71.11 -12.61
CA LYS C 125 8.92 -72.20 -11.83
C LYS C 125 7.42 -72.35 -12.15
N GLY C 126 7.11 -72.45 -13.44
CA GLY C 126 5.77 -72.73 -13.91
C GLY C 126 4.73 -71.63 -13.77
N SER C 127 5.09 -70.43 -13.28
CA SER C 127 4.12 -69.38 -12.97
C SER C 127 4.46 -68.09 -13.70
N GLY C 128 3.44 -67.46 -14.31
CA GLY C 128 3.58 -66.16 -14.93
C GLY C 128 3.69 -64.98 -13.96
N THR C 129 3.63 -65.22 -12.65
CA THR C 129 3.85 -64.17 -11.67
C THR C 129 4.92 -64.48 -10.65
N ALA C 130 5.61 -65.61 -10.73
CA ALA C 130 6.68 -65.92 -9.79
C ALA C 130 7.97 -65.19 -10.17
N GLU C 131 8.86 -65.03 -9.19
CA GLU C 131 10.15 -64.44 -9.46
C GLU C 131 11.18 -65.00 -8.50
N VAL C 132 12.45 -64.91 -8.89
CA VAL C 132 13.58 -65.34 -8.08
C VAL C 132 14.60 -64.21 -8.06
N GLU C 133 15.40 -64.15 -6.99
CA GLU C 133 16.40 -63.11 -6.85
C GLU C 133 17.76 -63.62 -7.35
N LEU C 134 18.35 -62.90 -8.30
CA LEU C 134 19.66 -63.24 -8.83
C LEU C 134 20.75 -62.50 -8.07
N LYS C 135 21.82 -63.21 -7.73
CA LYS C 135 22.88 -62.70 -6.87
C LYS C 135 24.08 -62.28 -7.71
N LYS C 136 24.54 -61.05 -7.50
CA LYS C 136 25.72 -60.53 -8.20
C LYS C 136 26.89 -61.50 -8.08
N GLY C 137 27.49 -61.84 -9.21
CA GLY C 137 28.63 -62.73 -9.24
C GLY C 137 28.28 -64.20 -9.33
N ALA C 138 27.01 -64.57 -9.15
CA ALA C 138 26.58 -65.95 -9.30
C ALA C 138 26.67 -66.41 -10.75
N THR C 139 26.44 -67.69 -10.98
CA THR C 139 26.39 -68.25 -12.33
C THR C 139 24.95 -68.44 -12.77
N LEU C 140 24.69 -68.15 -14.06
CA LEU C 140 23.38 -68.31 -14.66
C LEU C 140 23.53 -69.03 -15.99
N LYS C 141 22.72 -70.08 -16.18
CA LYS C 141 22.79 -70.93 -17.37
C LYS C 141 21.64 -70.55 -18.31
N ILE C 142 21.99 -70.18 -19.53
CA ILE C 142 21.01 -69.86 -20.56
C ILE C 142 20.91 -71.08 -21.46
N THR C 143 19.71 -71.62 -21.58
CA THR C 143 19.49 -72.82 -22.38
C THR C 143 18.50 -72.53 -23.50
N LEU C 144 18.67 -73.24 -24.62
CA LEU C 144 17.63 -73.30 -25.64
C LEU C 144 16.71 -74.51 -25.51
N ASP C 145 17.11 -75.51 -24.71
CA ASP C 145 16.37 -76.75 -24.49
C ASP C 145 14.94 -76.48 -24.02
N ASN C 146 13.95 -76.81 -24.86
CA ASN C 146 12.60 -76.40 -24.53
C ASN C 146 12.04 -77.10 -23.31
N ALA C 147 12.81 -78.00 -22.69
CA ALA C 147 12.35 -78.66 -21.48
C ALA C 147 12.32 -77.71 -20.28
N TYR C 148 13.11 -76.63 -20.30
CA TYR C 148 13.09 -75.64 -19.23
C TYR C 148 12.24 -74.44 -19.57
N MET C 149 11.46 -74.56 -20.65
CA MET C 149 10.62 -73.47 -21.14
C MET C 149 9.72 -72.89 -20.06
N GLU C 150 9.29 -73.73 -19.10
CA GLU C 150 8.48 -73.29 -17.96
C GLU C 150 9.14 -73.65 -16.65
N LYS C 151 10.43 -74.00 -16.70
CA LYS C 151 11.20 -74.44 -15.54
C LYS C 151 12.37 -73.48 -15.30
N CYS C 152 12.13 -72.18 -15.49
CA CYS C 152 13.16 -71.19 -15.20
C CYS C 152 13.27 -70.97 -13.69
N ASP C 153 14.49 -70.77 -13.22
CA ASP C 153 14.75 -70.36 -11.84
C ASP C 153 16.10 -69.65 -11.84
N GLU C 154 16.71 -69.50 -10.65
CA GLU C 154 17.97 -68.77 -10.50
C GLU C 154 19.20 -69.52 -11.03
N ASN C 155 19.07 -70.77 -11.48
CA ASN C 155 20.22 -71.50 -12.03
C ASN C 155 20.16 -71.68 -13.53
N ILE C 156 18.99 -71.89 -14.11
CA ILE C 156 18.81 -72.08 -15.55
C ILE C 156 17.79 -71.07 -16.04
N LEU C 157 18.12 -70.37 -17.13
CA LEU C 157 17.21 -69.43 -17.76
C LEU C 157 17.05 -69.84 -19.22
N TRP C 158 15.82 -70.09 -19.63
CA TRP C 158 15.53 -70.43 -21.03
C TRP C 158 15.02 -69.20 -21.75
N LEU C 159 15.42 -69.04 -22.99
CA LEU C 159 14.90 -67.98 -23.83
C LEU C 159 14.54 -68.55 -25.19
N ASP C 160 13.74 -67.80 -25.94
CA ASP C 160 13.12 -68.32 -27.14
C ASP C 160 13.85 -67.90 -28.41
N TYR C 161 15.09 -67.41 -28.32
CA TYR C 161 15.84 -67.01 -29.51
C TYR C 161 16.79 -68.14 -29.91
N LYS C 162 16.34 -69.00 -30.82
CA LYS C 162 17.10 -70.21 -31.12
C LYS C 162 18.51 -69.89 -31.60
N ASN C 163 18.71 -68.72 -32.21
CA ASN C 163 19.99 -68.37 -32.82
C ASN C 163 20.93 -67.61 -31.91
N ILE C 164 20.63 -67.52 -30.61
CA ILE C 164 21.33 -66.56 -29.76
C ILE C 164 22.83 -66.86 -29.73
N CYS C 165 23.23 -68.13 -29.75
CA CYS C 165 24.66 -68.44 -29.69
C CYS C 165 25.43 -67.86 -30.86
N LYS C 166 24.75 -67.57 -31.97
CA LYS C 166 25.41 -67.07 -33.16
C LYS C 166 25.58 -65.56 -33.17
N VAL C 167 24.91 -64.83 -32.27
CA VAL C 167 24.99 -63.36 -32.28
C VAL C 167 25.71 -62.79 -31.06
N VAL C 168 25.87 -63.54 -29.97
CA VAL C 168 26.60 -63.06 -28.80
C VAL C 168 27.93 -63.79 -28.71
N ASP C 169 28.88 -63.17 -28.01
CA ASP C 169 30.23 -63.69 -27.86
C ASP C 169 30.59 -63.86 -26.39
N VAL C 170 31.71 -64.55 -26.13
CA VAL C 170 32.26 -64.58 -24.79
C VAL C 170 32.68 -63.16 -24.43
N GLY C 171 32.33 -62.72 -23.23
CA GLY C 171 32.49 -61.33 -22.83
C GLY C 171 31.33 -60.41 -23.18
N SER C 172 30.50 -60.78 -24.16
CA SER C 172 29.30 -60.01 -24.48
C SER C 172 28.41 -59.81 -23.25
N LYS C 173 27.55 -58.80 -23.34
CA LYS C 173 26.51 -58.57 -22.34
C LYS C 173 25.16 -59.06 -22.83
N VAL C 174 24.44 -59.75 -21.95
CA VAL C 174 23.06 -60.12 -22.18
C VAL C 174 22.21 -59.42 -21.12
N TYR C 175 21.24 -58.61 -21.56
CA TYR C 175 20.38 -57.87 -20.64
C TYR C 175 19.00 -58.48 -20.51
N VAL C 176 18.50 -58.55 -19.29
CA VAL C 176 17.16 -59.05 -19.02
C VAL C 176 16.28 -57.98 -18.36
N ASP C 177 15.04 -57.88 -18.86
CA ASP C 177 13.98 -57.02 -18.33
C ASP C 177 14.37 -55.55 -18.41
N ASP C 178 14.41 -55.05 -19.65
CA ASP C 178 14.66 -53.65 -19.93
C ASP C 178 16.00 -53.19 -19.36
N GLY C 179 16.96 -54.10 -19.26
CA GLY C 179 18.27 -53.78 -18.72
C GLY C 179 18.42 -53.96 -17.23
N LEU C 180 17.38 -54.41 -16.53
CA LEU C 180 17.47 -54.62 -15.09
C LEU C 180 18.70 -55.46 -14.73
N ILE C 181 18.85 -56.62 -15.37
CA ILE C 181 19.90 -57.59 -15.05
C ILE C 181 20.88 -57.67 -16.23
N SER C 182 22.16 -57.50 -15.95
CA SER C 182 23.19 -57.66 -16.95
C SER C 182 23.94 -58.97 -16.69
N LEU C 183 24.11 -59.77 -17.73
CA LEU C 183 24.85 -61.03 -17.68
C LEU C 183 26.03 -60.92 -18.63
N GLN C 184 27.19 -61.38 -18.18
CA GLN C 184 28.38 -61.43 -19.03
C GLN C 184 28.58 -62.88 -19.47
N VAL C 185 28.56 -63.09 -20.79
CA VAL C 185 28.76 -64.41 -21.36
C VAL C 185 30.18 -64.85 -21.04
N LYS C 186 30.30 -65.93 -20.27
CA LYS C 186 31.61 -66.49 -19.95
C LYS C 186 31.94 -67.73 -20.77
N GLN C 187 30.93 -68.54 -21.08
CA GLN C 187 31.10 -69.73 -21.90
C GLN C 187 29.92 -69.91 -22.85
N LYS C 188 30.21 -70.30 -24.09
CA LYS C 188 29.17 -70.63 -25.05
C LYS C 188 29.34 -72.07 -25.51
N GLY C 189 28.26 -72.84 -25.41
CA GLY C 189 28.22 -74.17 -25.94
C GLY C 189 27.37 -74.18 -27.19
N PRO C 190 26.92 -75.35 -27.60
CA PRO C 190 26.15 -75.45 -28.85
C PRO C 190 24.79 -74.77 -28.74
N ASP C 191 24.08 -75.07 -27.66
CA ASP C 191 22.72 -74.57 -27.46
C ASP C 191 22.53 -74.02 -26.05
N PHE C 192 23.59 -73.42 -25.48
CA PHE C 192 23.52 -72.85 -24.14
C PHE C 192 24.55 -71.74 -24.00
N LEU C 193 24.32 -70.89 -23.01
CA LEU C 193 25.31 -69.92 -22.57
C LEU C 193 25.42 -70.02 -21.06
N VAL C 194 26.65 -69.97 -20.58
CA VAL C 194 26.94 -69.86 -19.17
C VAL C 194 27.47 -68.45 -18.94
N THR C 195 26.88 -67.76 -17.98
CA THR C 195 27.22 -66.37 -17.71
C THR C 195 27.26 -66.18 -16.21
N GLU C 196 27.74 -65.01 -15.80
CA GLU C 196 27.68 -64.60 -14.41
C GLU C 196 26.85 -63.33 -14.26
N VAL C 197 26.00 -63.34 -13.22
CA VAL C 197 25.21 -62.18 -12.84
C VAL C 197 26.14 -61.01 -12.51
N GLU C 198 26.05 -59.95 -13.31
CA GLU C 198 26.86 -58.76 -13.02
C GLU C 198 26.25 -57.88 -11.93
N ASN C 199 24.93 -57.93 -11.73
CA ASN C 199 24.29 -57.13 -10.69
C ASN C 199 23.02 -57.85 -10.27
N GLY C 200 22.72 -57.83 -8.97
CA GLY C 200 21.59 -58.59 -8.47
C GLY C 200 20.27 -57.95 -8.83
N GLY C 201 19.22 -58.76 -8.79
CA GLY C 201 17.88 -58.27 -9.07
C GLY C 201 16.89 -59.43 -9.02
N PHE C 202 15.62 -59.06 -9.08
CA PHE C 202 14.55 -60.04 -9.15
C PHE C 202 14.23 -60.33 -10.61
N LEU C 203 14.28 -61.60 -10.98
CA LEU C 203 14.04 -62.04 -12.35
C LEU C 203 12.66 -62.67 -12.42
N GLY C 204 11.74 -62.03 -13.15
CA GLY C 204 10.38 -62.53 -13.31
C GLY C 204 10.24 -63.46 -14.49
N SER C 205 8.98 -63.74 -14.85
CA SER C 205 8.67 -64.65 -15.95
C SER C 205 8.46 -63.89 -17.25
N LYS C 206 8.88 -64.50 -18.38
CA LYS C 206 8.61 -63.97 -19.71
C LYS C 206 9.15 -62.54 -19.86
N LYS C 207 10.45 -62.38 -19.55
CA LYS C 207 11.09 -61.06 -19.53
C LYS C 207 11.82 -60.79 -20.84
N GLY C 208 11.86 -59.51 -21.21
CA GLY C 208 12.58 -59.12 -22.42
C GLY C 208 14.09 -59.30 -22.26
N VAL C 209 14.71 -59.81 -23.32
CA VAL C 209 16.17 -59.95 -23.44
C VAL C 209 16.62 -58.97 -24.50
N ASN C 210 17.64 -58.19 -24.19
CA ASN C 210 18.19 -57.22 -25.13
C ASN C 210 19.66 -57.54 -25.34
N LEU C 211 20.10 -57.39 -26.60
CA LEU C 211 21.48 -57.63 -27.03
C LEU C 211 21.83 -56.43 -27.88
N PRO C 212 22.08 -55.28 -27.26
CA PRO C 212 22.14 -54.02 -28.02
C PRO C 212 23.28 -54.04 -29.04
N GLY C 213 22.96 -53.64 -30.27
CA GLY C 213 23.91 -53.62 -31.36
C GLY C 213 24.13 -54.94 -32.08
N ALA C 214 23.75 -56.07 -31.48
CA ALA C 214 23.98 -57.37 -32.09
C ALA C 214 23.03 -57.61 -33.26
N ALA C 215 23.44 -58.48 -34.18
CA ALA C 215 22.68 -58.72 -35.40
C ALA C 215 21.57 -59.74 -35.13
N VAL C 216 20.56 -59.31 -34.38
CA VAL C 216 19.39 -60.15 -34.15
C VAL C 216 18.53 -60.14 -35.41
N ASP C 217 18.07 -61.30 -35.83
CA ASP C 217 17.36 -61.44 -37.10
C ASP C 217 15.99 -62.04 -36.82
N LEU C 218 14.96 -61.20 -36.79
CA LEU C 218 13.60 -61.63 -36.53
C LEU C 218 12.68 -60.85 -37.45
N PRO C 219 11.55 -61.44 -37.84
CA PRO C 219 10.67 -60.78 -38.81
C PRO C 219 9.81 -59.69 -38.15
N ALA C 220 9.50 -58.66 -38.93
CA ALA C 220 8.60 -57.61 -38.46
C ALA C 220 7.33 -58.19 -37.87
N VAL C 221 6.68 -59.10 -38.60
CA VAL C 221 5.44 -59.78 -38.16
C VAL C 221 5.72 -61.27 -38.11
N SER C 222 5.52 -61.88 -36.94
CA SER C 222 5.77 -63.30 -36.72
C SER C 222 4.45 -64.08 -36.76
N GLU C 223 4.57 -65.41 -36.71
CA GLU C 223 3.37 -66.25 -36.72
C GLU C 223 2.52 -66.00 -35.48
N LYS C 224 3.15 -65.96 -34.30
CA LYS C 224 2.41 -65.61 -33.11
C LYS C 224 1.80 -64.21 -33.24
N ASP C 225 2.52 -63.28 -33.88
CA ASP C 225 1.97 -61.96 -34.12
C ASP C 225 0.67 -62.05 -34.91
N ILE C 226 0.66 -62.85 -35.98
CA ILE C 226 -0.56 -63.01 -36.78
C ILE C 226 -1.70 -63.53 -35.91
N GLN C 227 -1.42 -64.52 -35.07
CA GLN C 227 -2.48 -65.07 -34.22
C GLN C 227 -2.98 -64.04 -33.22
N ASP C 228 -2.07 -63.26 -32.61
CA ASP C 228 -2.48 -62.26 -31.65
C ASP C 228 -3.27 -61.14 -32.31
N LEU C 229 -2.85 -60.71 -33.50
CA LEU C 229 -3.59 -59.67 -34.22
C LEU C 229 -5.01 -60.14 -34.57
N LYS C 230 -5.14 -61.37 -35.10
CA LYS C 230 -6.45 -61.88 -35.48
C LYS C 230 -7.37 -61.94 -34.27
N PHE C 231 -6.84 -62.45 -33.17
CA PHE C 231 -7.55 -62.46 -31.88
C PHE C 231 -8.02 -61.07 -31.49
N GLY C 232 -7.22 -60.04 -31.77
CA GLY C 232 -7.63 -58.68 -31.46
C GLY C 232 -8.77 -58.22 -32.35
N VAL C 233 -8.68 -58.52 -33.64
CA VAL C 233 -9.83 -58.29 -34.51
C VAL C 233 -11.05 -59.01 -33.97
N GLU C 234 -10.90 -60.30 -33.60
CA GLU C 234 -12.02 -61.04 -33.04
C GLU C 234 -12.51 -60.42 -31.74
N GLN C 235 -11.59 -59.85 -30.95
CA GLN C 235 -11.96 -59.27 -29.67
C GLN C 235 -12.42 -57.81 -29.80
N ASP C 236 -12.39 -57.25 -31.01
CA ASP C 236 -12.95 -55.94 -31.23
C ASP C 236 -12.18 -54.87 -30.46
N VAL C 237 -10.84 -54.99 -30.46
CA VAL C 237 -10.02 -53.97 -29.81
C VAL C 237 -10.08 -52.69 -30.62
N ASP C 238 -9.73 -51.59 -29.98
CA ASP C 238 -9.75 -50.28 -30.59
C ASP C 238 -8.44 -49.89 -31.25
N MET C 239 -7.32 -50.47 -30.82
CA MET C 239 -6.01 -50.03 -31.30
C MET C 239 -5.01 -51.14 -31.07
N VAL C 240 -3.95 -51.12 -31.86
CA VAL C 240 -2.85 -52.05 -31.67
C VAL C 240 -1.60 -51.21 -31.38
N PHE C 241 -0.90 -51.56 -30.30
CA PHE C 241 0.42 -51.05 -29.97
C PHE C 241 1.42 -52.05 -30.54
N ALA C 242 2.06 -51.69 -31.66
CA ALA C 242 2.85 -52.65 -32.45
C ALA C 242 4.33 -52.53 -32.07
N SER C 243 4.83 -53.54 -31.38
CA SER C 243 6.16 -53.51 -30.79
C SER C 243 7.25 -53.54 -31.84
N PHE C 244 8.36 -52.84 -31.55
CA PHE C 244 9.58 -52.90 -32.35
C PHE C 244 9.35 -52.56 -33.82
N ILE C 245 8.51 -51.55 -34.10
CA ILE C 245 8.39 -51.09 -35.48
C ILE C 245 9.68 -50.39 -35.90
N ARG C 246 10.18 -50.74 -37.09
CA ARG C 246 11.49 -50.30 -37.53
C ARG C 246 11.49 -49.54 -38.84
N LYS C 247 10.39 -49.60 -39.59
CA LYS C 247 10.30 -48.99 -40.92
C LYS C 247 8.84 -49.02 -41.36
N ALA C 248 8.50 -48.19 -42.36
CA ALA C 248 7.11 -48.13 -42.81
C ALA C 248 6.60 -49.52 -43.21
N ALA C 249 7.43 -50.33 -43.87
CA ALA C 249 6.93 -51.62 -44.35
C ALA C 249 6.39 -52.49 -43.22
N ASP C 250 6.99 -52.39 -42.03
CA ASP C 250 6.48 -53.12 -40.87
C ASP C 250 5.04 -52.72 -40.58
N VAL C 251 4.75 -51.41 -40.59
CA VAL C 251 3.39 -50.97 -40.30
C VAL C 251 2.43 -51.52 -41.35
N HIS C 252 2.84 -51.46 -42.62
CA HIS C 252 1.99 -51.98 -43.70
C HIS C 252 1.71 -53.46 -43.53
N GLU C 253 2.69 -54.23 -43.05
CA GLU C 253 2.43 -55.64 -42.79
C GLU C 253 1.37 -55.81 -41.71
N VAL C 254 1.46 -55.05 -40.62
CA VAL C 254 0.47 -55.20 -39.56
C VAL C 254 -0.90 -54.82 -40.10
N ARG C 255 -0.95 -53.70 -40.84
CA ARG C 255 -2.19 -53.23 -41.44
C ARG C 255 -2.83 -54.32 -42.30
N LYS C 256 -2.01 -54.99 -43.12
CA LYS C 256 -2.47 -56.07 -43.98
C LYS C 256 -3.03 -57.24 -43.17
N ILE C 257 -2.36 -57.62 -42.09
CA ILE C 257 -2.91 -58.68 -41.25
C ILE C 257 -4.24 -58.27 -40.64
N LEU C 258 -4.35 -57.04 -40.14
CA LEU C 258 -5.66 -56.61 -39.66
C LEU C 258 -6.69 -56.64 -40.78
N GLY C 259 -6.25 -56.47 -42.02
CA GLY C 259 -7.07 -56.58 -43.19
C GLY C 259 -8.33 -55.70 -43.15
N GLU C 260 -9.28 -56.10 -43.99
CA GLU C 260 -10.50 -55.31 -44.15
C GLU C 260 -11.31 -55.29 -42.86
N LYS C 261 -11.38 -56.40 -42.14
CA LYS C 261 -12.21 -56.40 -40.95
C LYS C 261 -11.69 -55.47 -39.86
N GLY C 262 -10.37 -55.34 -39.71
CA GLY C 262 -9.80 -54.44 -38.71
C GLY C 262 -9.31 -53.12 -39.29
N LYS C 263 -9.88 -52.69 -40.41
CA LYS C 263 -9.39 -51.49 -41.07
C LYS C 263 -9.58 -50.24 -40.23
N ASN C 264 -10.55 -50.23 -39.30
CA ASN C 264 -10.75 -49.08 -38.43
C ASN C 264 -9.97 -49.17 -37.13
N ILE C 265 -9.18 -50.22 -36.94
CA ILE C 265 -8.34 -50.35 -35.76
C ILE C 265 -7.12 -49.47 -35.95
N LYS C 266 -6.85 -48.57 -34.99
CA LYS C 266 -5.70 -47.67 -35.11
C LYS C 266 -4.40 -48.44 -34.82
N ILE C 267 -3.38 -48.18 -35.61
CA ILE C 267 -2.09 -48.80 -35.36
C ILE C 267 -1.16 -47.73 -34.78
N ILE C 268 -0.76 -47.95 -33.53
CA ILE C 268 0.23 -47.14 -32.82
C ILE C 268 1.55 -47.89 -32.91
N SER C 269 2.49 -47.37 -33.69
CA SER C 269 3.82 -47.97 -33.80
C SER C 269 4.65 -47.61 -32.59
N LYS C 270 5.30 -48.61 -31.99
CA LYS C 270 6.17 -48.38 -30.83
C LYS C 270 7.61 -48.19 -31.29
N ILE C 271 8.23 -47.08 -30.89
CA ILE C 271 9.63 -46.84 -31.20
C ILE C 271 10.47 -47.26 -30.01
N GLU C 272 11.32 -48.27 -30.21
CA GLU C 272 12.11 -48.81 -29.11
C GLU C 272 13.51 -49.28 -29.53
N ASN C 273 14.02 -48.90 -30.69
CA ASN C 273 15.41 -49.24 -31.00
C ASN C 273 15.97 -48.13 -31.88
N HIS C 274 17.29 -48.19 -32.13
CA HIS C 274 17.93 -47.15 -32.92
C HIS C 274 17.29 -47.05 -34.30
N GLU C 275 17.06 -48.19 -34.96
CA GLU C 275 16.54 -48.15 -36.32
C GLU C 275 15.20 -47.44 -36.39
N GLY C 276 14.31 -47.73 -35.42
CA GLY C 276 13.02 -47.07 -35.40
C GLY C 276 13.15 -45.57 -35.22
N VAL C 277 14.12 -45.13 -34.41
CA VAL C 277 14.34 -43.69 -34.24
C VAL C 277 14.84 -43.10 -35.55
N ARG C 278 15.83 -43.76 -36.17
CA ARG C 278 16.43 -43.24 -37.39
C ARG C 278 15.41 -43.18 -38.53
N ARG C 279 14.54 -44.19 -38.63
CA ARG C 279 13.55 -44.21 -39.69
C ARG C 279 12.21 -43.64 -39.23
N PHE C 280 12.22 -42.69 -38.29
CA PHE C 280 10.96 -42.32 -37.65
C PHE C 280 9.97 -41.71 -38.62
N ASP C 281 10.44 -40.83 -39.52
CA ASP C 281 9.50 -40.09 -40.35
C ASP C 281 8.66 -41.02 -41.20
N GLU C 282 9.29 -42.02 -41.84
CA GLU C 282 8.49 -42.93 -42.66
C GLU C 282 7.56 -43.79 -41.80
N ILE C 283 7.95 -44.10 -40.56
CA ILE C 283 7.07 -44.83 -39.65
C ILE C 283 5.88 -43.98 -39.27
N LEU C 284 6.13 -42.72 -38.91
CA LEU C 284 5.05 -41.80 -38.55
C LEU C 284 4.05 -41.66 -39.70
N GLU C 285 4.53 -41.53 -40.92
CA GLU C 285 3.64 -41.32 -42.06
C GLU C 285 2.68 -42.49 -42.25
N ALA C 286 3.13 -43.72 -42.02
CA ALA C 286 2.35 -44.94 -42.24
C ALA C 286 1.47 -45.34 -41.07
N SER C 287 1.62 -44.71 -39.92
CA SER C 287 0.93 -45.12 -38.70
C SER C 287 -0.18 -44.14 -38.36
N ASP C 288 -1.07 -44.59 -37.45
CA ASP C 288 -2.09 -43.72 -36.86
C ASP C 288 -1.59 -42.98 -35.62
N GLY C 289 -0.49 -43.42 -35.03
CA GLY C 289 0.10 -42.71 -33.92
C GLY C 289 1.36 -43.44 -33.48
N ILE C 290 1.93 -43.01 -32.37
CA ILE C 290 3.26 -43.46 -31.99
C ILE C 290 3.30 -43.69 -30.50
N MET C 291 4.08 -44.67 -30.08
CA MET C 291 4.39 -44.74 -28.67
C MET C 291 5.89 -44.65 -28.50
N VAL C 292 6.33 -43.75 -27.62
CA VAL C 292 7.74 -43.72 -27.20
C VAL C 292 7.95 -44.80 -26.15
N ALA C 293 8.46 -45.96 -26.60
CA ALA C 293 8.55 -47.15 -25.74
C ALA C 293 9.88 -47.16 -24.99
N ARG C 294 9.93 -46.41 -23.89
CA ARG C 294 11.21 -46.06 -23.29
C ARG C 294 11.93 -47.23 -22.63
N GLY C 295 11.22 -48.32 -22.30
CA GLY C 295 11.82 -49.43 -21.55
C GLY C 295 12.89 -50.14 -22.36
N ASP C 296 12.47 -50.68 -23.51
CA ASP C 296 13.43 -51.21 -24.48
C ASP C 296 14.34 -50.13 -25.07
N LEU C 297 13.77 -48.98 -25.44
CA LEU C 297 14.59 -47.93 -26.05
C LEU C 297 15.80 -47.60 -25.19
N GLY C 298 15.60 -47.49 -23.87
CA GLY C 298 16.67 -47.05 -22.98
C GLY C 298 17.74 -48.08 -22.69
N ILE C 299 17.55 -49.30 -23.19
CA ILE C 299 18.61 -50.28 -23.18
C ILE C 299 19.13 -50.54 -24.59
N GLU C 300 18.32 -50.28 -25.62
CA GLU C 300 18.76 -50.46 -26.99
C GLU C 300 19.71 -49.36 -27.41
N ILE C 301 19.46 -48.13 -26.98
CA ILE C 301 20.37 -47.01 -27.22
C ILE C 301 20.83 -46.50 -25.86
N PRO C 302 21.84 -45.66 -25.78
CA PRO C 302 22.31 -45.19 -24.45
C PRO C 302 21.19 -44.50 -23.69
N ALA C 303 21.07 -44.85 -22.39
CA ALA C 303 20.03 -44.29 -21.53
C ALA C 303 19.99 -42.76 -21.56
N GLU C 304 21.17 -42.13 -21.62
CA GLU C 304 21.28 -40.68 -21.54
C GLU C 304 20.83 -39.99 -22.82
N LYS C 305 20.50 -40.73 -23.88
CA LYS C 305 19.98 -40.15 -25.11
C LYS C 305 18.46 -40.29 -25.24
N VAL C 306 17.82 -41.07 -24.38
CA VAL C 306 16.37 -41.32 -24.52
C VAL C 306 15.59 -40.01 -24.55
N PHE C 307 15.94 -39.04 -23.70
CA PHE C 307 15.13 -37.81 -23.70
C PHE C 307 15.18 -37.11 -25.06
N LEU C 308 16.25 -37.30 -25.83
CA LEU C 308 16.30 -36.66 -27.15
C LEU C 308 15.31 -37.30 -28.12
N ALA C 309 15.32 -38.63 -28.22
CA ALA C 309 14.31 -39.34 -28.99
C ALA C 309 12.91 -38.98 -28.52
N GLN C 310 12.71 -38.96 -27.19
CA GLN C 310 11.39 -38.70 -26.66
C GLN C 310 10.90 -37.33 -27.12
N LYS C 311 11.72 -36.29 -26.94
CA LYS C 311 11.28 -34.95 -27.32
C LYS C 311 11.15 -34.83 -28.83
N MET C 312 12.03 -35.49 -29.58
CA MET C 312 11.92 -35.43 -31.03
C MET C 312 10.64 -36.09 -31.51
N ILE C 313 10.33 -37.26 -30.98
CA ILE C 313 9.16 -37.98 -31.47
C ILE C 313 7.89 -37.22 -31.11
N ILE C 314 7.78 -36.73 -29.87
CA ILE C 314 6.54 -36.03 -29.47
C ILE C 314 6.38 -34.76 -30.30
N GLY C 315 7.48 -34.04 -30.52
CA GLY C 315 7.42 -32.84 -31.34
C GLY C 315 6.91 -33.11 -32.76
N ARG C 316 7.46 -34.15 -33.40
CA ARG C 316 7.09 -34.41 -34.79
C ARG C 316 5.68 -34.97 -34.90
N CYS C 317 5.25 -35.73 -33.89
CA CYS C 317 3.86 -36.18 -33.84
C CYS C 317 2.92 -35.00 -33.70
N ASN C 318 3.25 -34.05 -32.79
CA ASN C 318 2.46 -32.84 -32.64
C ASN C 318 2.33 -32.10 -33.99
N ARG C 319 3.46 -31.90 -34.69
CA ARG C 319 3.45 -31.26 -36.01
C ARG C 319 2.44 -31.93 -36.93
N ALA C 320 2.44 -33.27 -36.94
CA ALA C 320 1.59 -34.02 -37.86
C ALA C 320 0.18 -34.18 -37.35
N GLY C 321 -0.10 -33.80 -36.11
CA GLY C 321 -1.42 -34.05 -35.56
C GLY C 321 -1.70 -35.52 -35.30
N LYS C 322 -0.67 -36.32 -35.09
CA LYS C 322 -0.94 -37.71 -34.83
C LYS C 322 -0.68 -38.02 -33.36
N PRO C 323 -1.56 -38.80 -32.72
CA PRO C 323 -1.39 -39.10 -31.28
C PRO C 323 -0.04 -39.74 -30.95
N VAL C 324 0.56 -39.31 -29.82
CA VAL C 324 1.84 -39.85 -29.32
C VAL C 324 1.69 -40.17 -27.81
N ILE C 325 2.11 -41.37 -27.43
CA ILE C 325 2.08 -41.86 -26.06
C ILE C 325 3.49 -41.86 -25.51
N CYS C 326 3.65 -41.38 -24.27
CA CYS C 326 4.90 -41.55 -23.54
C CYS C 326 4.73 -42.73 -22.57
N ALA C 327 5.66 -43.66 -22.57
CA ALA C 327 5.47 -44.90 -21.83
C ALA C 327 6.70 -45.26 -21.00
N THR C 328 6.48 -46.07 -19.95
CA THR C 328 7.43 -46.89 -19.21
C THR C 328 8.20 -46.18 -18.10
N GLN C 329 8.01 -46.68 -16.89
CA GLN C 329 8.75 -46.27 -15.70
C GLN C 329 8.44 -44.83 -15.28
N MET C 330 7.34 -44.25 -15.79
CA MET C 330 6.99 -42.88 -15.42
C MET C 330 6.80 -42.74 -13.91
N LEU C 331 6.21 -43.75 -13.27
CA LEU C 331 5.96 -43.74 -11.84
C LEU C 331 6.44 -45.05 -11.22
N GLU C 332 7.63 -45.51 -11.63
CA GLU C 332 8.02 -46.91 -11.37
C GLU C 332 8.03 -47.24 -9.88
N SER C 333 8.54 -46.34 -9.04
CA SER C 333 8.63 -46.65 -7.62
C SER C 333 7.25 -46.88 -6.97
N MET C 334 6.15 -46.39 -7.56
CA MET C 334 4.84 -46.67 -6.98
C MET C 334 4.39 -48.11 -7.16
N ILE C 335 5.15 -48.95 -7.86
CA ILE C 335 4.92 -50.39 -7.77
C ILE C 335 4.94 -50.82 -6.31
N LYS C 336 5.75 -50.15 -5.48
CA LYS C 336 5.91 -50.51 -4.09
C LYS C 336 5.59 -49.38 -3.12
N LYS C 337 5.49 -48.12 -3.56
CA LYS C 337 5.25 -47.05 -2.64
C LYS C 337 4.04 -46.24 -3.08
N PRO C 338 3.27 -45.70 -2.12
CA PRO C 338 2.05 -44.96 -2.48
C PRO C 338 2.28 -43.53 -2.94
N ARG C 339 3.51 -43.02 -2.84
CA ARG C 339 3.86 -41.70 -3.35
C ARG C 339 5.10 -41.84 -4.22
N PRO C 340 5.22 -41.05 -5.29
CA PRO C 340 6.31 -41.23 -6.25
C PRO C 340 7.57 -40.48 -5.85
N THR C 341 8.66 -40.77 -6.56
CA THR C 341 9.86 -39.96 -6.36
C THR C 341 9.71 -38.59 -7.03
N ARG C 342 10.64 -37.68 -6.73
CA ARG C 342 10.62 -36.36 -7.34
C ARG C 342 10.99 -36.43 -8.81
N ALA C 343 11.86 -37.36 -9.19
CA ALA C 343 12.17 -37.56 -10.61
C ALA C 343 10.94 -38.04 -11.38
N GLU C 344 10.12 -38.88 -10.75
CA GLU C 344 8.91 -39.40 -11.40
C GLU C 344 7.85 -38.32 -11.57
N GLY C 345 7.64 -37.48 -10.56
CA GLY C 345 6.72 -36.37 -10.73
C GLY C 345 7.19 -35.44 -11.83
N SER C 346 8.48 -35.14 -11.83
CA SER C 346 9.08 -34.34 -12.87
C SER C 346 8.87 -34.97 -14.27
N ASP C 347 9.07 -36.28 -14.38
CA ASP C 347 9.02 -36.96 -15.67
C ASP C 347 7.60 -36.92 -16.26
N VAL C 348 6.59 -37.21 -15.44
CA VAL C 348 5.21 -37.10 -15.92
C VAL C 348 4.93 -35.68 -16.41
N ALA C 349 5.35 -34.67 -15.62
CA ALA C 349 5.02 -33.28 -15.94
C ALA C 349 5.70 -32.83 -17.23
N ASN C 350 6.96 -33.25 -17.43
CA ASN C 350 7.66 -32.83 -18.63
C ASN C 350 7.12 -33.55 -19.88
N ALA C 351 6.61 -34.77 -19.72
CA ALA C 351 6.02 -35.46 -20.86
C ALA C 351 4.79 -34.71 -21.37
N VAL C 352 3.99 -34.19 -20.44
CA VAL C 352 2.82 -33.39 -20.78
C VAL C 352 3.28 -32.07 -21.40
N LEU C 353 4.29 -31.43 -20.79
CA LEU C 353 4.85 -30.21 -21.37
C LEU C 353 5.42 -30.47 -22.75
N ASP C 354 6.09 -31.62 -22.94
CA ASP C 354 6.63 -31.94 -24.27
C ASP C 354 5.52 -31.99 -25.32
N GLY C 355 4.30 -32.35 -24.93
CA GLY C 355 3.23 -32.51 -25.91
C GLY C 355 2.63 -33.89 -26.06
N ALA C 356 2.91 -34.79 -25.09
CA ALA C 356 2.34 -36.14 -25.17
C ALA C 356 0.82 -36.08 -25.08
N ASP C 357 0.14 -36.78 -25.99
CA ASP C 357 -1.32 -36.87 -25.90
C ASP C 357 -1.74 -37.76 -24.74
N CYS C 358 -0.98 -38.85 -24.52
CA CYS C 358 -1.24 -39.84 -23.47
C CYS C 358 0.03 -40.18 -22.71
N ILE C 359 -0.17 -40.58 -21.45
CA ILE C 359 0.89 -41.11 -20.61
C ILE C 359 0.42 -42.48 -20.13
N MET C 360 1.38 -43.33 -19.74
CA MET C 360 1.12 -44.76 -19.55
C MET C 360 1.63 -45.26 -18.24
N LEU C 361 0.93 -46.26 -17.71
CA LEU C 361 1.39 -47.03 -16.58
C LEU C 361 1.54 -48.47 -17.06
N SER C 362 2.66 -49.10 -16.68
CA SER C 362 2.92 -50.50 -17.01
C SER C 362 2.89 -51.28 -15.71
N GLY C 363 4.05 -51.66 -15.15
CA GLY C 363 4.07 -52.38 -13.87
C GLY C 363 3.23 -51.72 -12.79
N GLU C 364 3.27 -50.38 -12.72
CA GLU C 364 2.52 -49.68 -11.68
C GLU C 364 1.07 -50.16 -11.56
N THR C 365 0.43 -50.54 -12.67
CA THR C 365 -0.95 -51.00 -12.63
C THR C 365 -1.11 -52.46 -13.02
N ALA C 366 -0.14 -53.04 -13.74
CA ALA C 366 -0.22 -54.45 -14.08
C ALA C 366 0.03 -55.34 -12.86
N LYS C 367 0.99 -54.99 -12.00
CA LYS C 367 1.41 -55.90 -10.94
C LYS C 367 1.71 -55.24 -9.60
N GLY C 368 1.64 -53.91 -9.49
CA GLY C 368 2.10 -53.22 -8.29
C GLY C 368 1.09 -53.17 -7.17
N ASP C 369 1.55 -52.65 -6.03
CA ASP C 369 0.73 -52.62 -4.82
C ASP C 369 -0.19 -51.40 -4.76
N TYR C 370 0.00 -50.41 -5.65
CA TYR C 370 -0.72 -49.15 -5.54
C TYR C 370 -1.27 -48.71 -6.90
N PRO C 371 -1.95 -49.60 -7.61
CA PRO C 371 -2.41 -49.23 -8.96
C PRO C 371 -3.34 -48.02 -8.96
N LEU C 372 -4.23 -47.89 -7.96
CA LEU C 372 -5.16 -46.74 -7.97
C LEU C 372 -4.41 -45.44 -7.69
N GLU C 373 -3.48 -45.46 -6.72
CA GLU C 373 -2.72 -44.25 -6.41
C GLU C 373 -1.92 -43.81 -7.62
N ALA C 374 -1.40 -44.77 -8.38
CA ALA C 374 -0.63 -44.46 -9.57
C ALA C 374 -1.51 -43.73 -10.59
N VAL C 375 -2.69 -44.28 -10.87
CA VAL C 375 -3.58 -43.60 -11.78
C VAL C 375 -3.89 -42.20 -11.26
N ARG C 376 -4.28 -42.10 -9.97
CA ARG C 376 -4.62 -40.79 -9.44
C ARG C 376 -3.47 -39.80 -9.60
N MET C 377 -2.23 -40.26 -9.43
CA MET C 377 -1.13 -39.30 -9.45
C MET C 377 -0.87 -38.79 -10.88
N GLN C 378 -0.98 -39.66 -11.89
CA GLN C 378 -0.89 -39.19 -13.28
C GLN C 378 -1.96 -38.14 -13.55
N HIS C 379 -3.17 -38.37 -13.02
CA HIS C 379 -4.25 -37.42 -13.20
C HIS C 379 -3.89 -36.06 -12.63
N LEU C 380 -3.37 -36.05 -11.40
CA LEU C 380 -3.02 -34.81 -10.70
C LEU C 380 -1.89 -34.06 -11.40
N ILE C 381 -0.80 -34.76 -11.74
CA ILE C 381 0.33 -34.09 -12.37
C ILE C 381 -0.09 -33.57 -13.74
N ALA C 382 -0.82 -34.38 -14.49
CA ALA C 382 -1.20 -33.98 -15.83
C ALA C 382 -1.93 -32.64 -15.81
N ARG C 383 -2.86 -32.45 -14.87
CA ARG C 383 -3.67 -31.23 -14.84
C ARG C 383 -2.82 -30.00 -14.59
N GLU C 384 -1.88 -30.09 -13.64
CA GLU C 384 -0.99 -28.97 -13.34
C GLU C 384 -0.09 -28.65 -14.53
N ALA C 385 0.43 -29.70 -15.20
CA ALA C 385 1.34 -29.47 -16.31
C ALA C 385 0.60 -28.91 -17.53
N GLU C 386 -0.67 -29.32 -17.71
CA GLU C 386 -1.47 -28.80 -18.83
C GLU C 386 -1.62 -27.29 -18.73
N ALA C 387 -1.87 -26.77 -17.52
CA ALA C 387 -2.00 -25.33 -17.36
C ALA C 387 -0.68 -24.62 -17.60
N ALA C 388 0.43 -25.28 -17.25
CA ALA C 388 1.78 -24.75 -17.36
C ALA C 388 2.32 -24.72 -18.79
N MET C 389 1.62 -25.30 -19.76
CA MET C 389 2.06 -25.18 -21.15
C MET C 389 2.02 -23.72 -21.58
N PHE C 390 2.82 -23.40 -22.60
CA PHE C 390 2.89 -22.05 -23.15
C PHE C 390 2.04 -22.03 -24.42
N HIS C 391 0.71 -22.05 -24.22
CA HIS C 391 -0.22 -22.28 -25.33
C HIS C 391 -0.01 -21.27 -26.45
N ARG C 392 0.11 -19.99 -26.10
CA ARG C 392 0.23 -18.95 -27.11
C ARG C 392 1.36 -19.26 -28.08
N LYS C 393 2.51 -19.56 -27.53
CA LYS C 393 3.67 -19.89 -28.35
C LYS C 393 3.48 -21.20 -29.09
N LEU C 394 3.00 -22.23 -28.39
CA LEU C 394 2.80 -23.54 -29.01
C LEU C 394 1.88 -23.42 -30.22
N PHE C 395 0.77 -22.69 -30.07
CA PHE C 395 -0.18 -22.55 -31.16
C PHE C 395 0.47 -21.90 -32.36
N GLU C 396 1.19 -20.79 -32.13
CA GLU C 396 1.87 -20.08 -33.21
C GLU C 396 2.85 -21.00 -33.92
N GLU C 397 3.58 -21.82 -33.16
CA GLU C 397 4.59 -22.68 -33.79
C GLU C 397 3.96 -23.87 -34.50
N LEU C 398 2.84 -24.38 -33.99
CA LEU C 398 2.12 -25.43 -34.71
C LEU C 398 1.50 -24.86 -35.98
N ALA C 399 0.92 -23.66 -35.90
CA ALA C 399 0.38 -23.03 -37.10
C ALA C 399 1.47 -22.85 -38.15
N ARG C 400 2.65 -22.41 -37.71
CA ARG C 400 3.80 -22.22 -38.60
C ARG C 400 4.17 -23.51 -39.31
N ALA C 401 4.28 -24.62 -38.55
CA ALA C 401 4.74 -25.88 -39.15
C ALA C 401 3.75 -26.47 -40.16
N SER C 402 2.44 -26.24 -40.00
CA SER C 402 1.46 -26.82 -40.93
C SER C 402 1.02 -25.85 -42.01
N SER C 403 1.73 -24.72 -42.20
CA SER C 403 1.16 -23.66 -43.04
C SER C 403 1.12 -24.03 -44.52
N HIS C 404 1.78 -25.11 -44.96
CA HIS C 404 1.59 -25.51 -46.33
C HIS C 404 0.22 -26.10 -46.56
N SER C 405 -0.44 -26.60 -45.51
CA SER C 405 -1.80 -27.08 -45.65
C SER C 405 -2.79 -25.93 -45.56
N THR C 406 -3.76 -25.91 -46.48
CA THR C 406 -4.88 -24.98 -46.50
C THR C 406 -6.20 -25.69 -46.21
N ASP C 407 -6.12 -26.89 -45.63
CA ASP C 407 -7.29 -27.73 -45.35
C ASP C 407 -8.35 -26.96 -44.57
N LEU C 408 -9.63 -27.13 -44.96
CA LEU C 408 -10.73 -26.36 -44.38
C LEU C 408 -10.98 -26.69 -42.92
N MET C 409 -10.95 -27.98 -42.55
CA MET C 409 -11.13 -28.39 -41.16
C MET C 409 -10.06 -27.80 -40.26
N GLU C 410 -8.80 -27.93 -40.67
CA GLU C 410 -7.72 -27.27 -39.93
C GLU C 410 -8.01 -25.79 -39.74
N ALA C 411 -8.57 -25.13 -40.77
CA ALA C 411 -8.92 -23.71 -40.64
C ALA C 411 -10.00 -23.50 -39.58
N MET C 412 -11.02 -24.39 -39.56
CA MET C 412 -12.05 -24.27 -38.53
C MET C 412 -11.45 -24.53 -37.17
N ALA C 413 -10.56 -25.54 -37.09
CA ALA C 413 -9.95 -25.88 -35.81
C ALA C 413 -9.11 -24.72 -35.31
N MET C 414 -8.30 -24.14 -36.19
CA MET C 414 -7.44 -23.05 -35.75
C MET C 414 -8.25 -21.84 -35.36
N GLY C 415 -9.28 -21.52 -36.14
CA GLY C 415 -10.17 -20.42 -35.78
C GLY C 415 -10.86 -20.64 -34.45
N SER C 416 -11.30 -21.88 -34.18
CA SER C 416 -12.03 -22.16 -32.94
C SER C 416 -11.12 -22.16 -31.73
N VAL C 417 -9.92 -22.74 -31.84
CA VAL C 417 -8.95 -22.70 -30.75
C VAL C 417 -8.53 -21.26 -30.47
N GLU C 418 -8.24 -20.52 -31.54
CA GLU C 418 -7.93 -19.10 -31.38
C GLU C 418 -9.05 -18.37 -30.64
N ALA C 419 -10.29 -18.53 -31.13
CA ALA C 419 -11.41 -17.92 -30.41
C ALA C 419 -11.45 -18.38 -28.95
N SER C 420 -11.17 -19.67 -28.71
CA SER C 420 -11.25 -20.17 -27.34
C SER C 420 -10.20 -19.52 -26.44
N TYR C 421 -9.00 -19.21 -26.99
CA TYR C 421 -7.99 -18.46 -26.22
C TYR C 421 -8.45 -17.03 -25.93
N LYS C 422 -9.00 -16.37 -26.94
CA LYS C 422 -9.37 -14.96 -26.76
C LYS C 422 -10.43 -14.77 -25.68
N CYS C 423 -11.48 -15.59 -25.67
CA CYS C 423 -12.54 -15.37 -24.69
C CYS C 423 -12.44 -16.32 -23.49
N LEU C 424 -11.31 -17.00 -23.31
CA LEU C 424 -11.14 -17.98 -22.25
C LEU C 424 -12.39 -18.88 -22.10
N ALA C 425 -12.80 -19.49 -23.21
CA ALA C 425 -13.96 -20.36 -23.20
C ALA C 425 -13.73 -21.54 -22.26
N ALA C 426 -14.82 -22.07 -21.69
CA ALA C 426 -14.69 -23.18 -20.75
C ALA C 426 -14.58 -24.53 -21.44
N ALA C 427 -14.88 -24.60 -22.73
CA ALA C 427 -14.78 -25.87 -23.42
C ALA C 427 -15.02 -25.61 -24.90
N LEU C 428 -14.57 -26.54 -25.73
CA LEU C 428 -15.04 -26.65 -27.11
C LEU C 428 -15.90 -27.89 -27.21
N ILE C 429 -17.08 -27.75 -27.83
CA ILE C 429 -18.00 -28.86 -28.08
C ILE C 429 -17.93 -29.19 -29.57
N VAL C 430 -17.64 -30.46 -29.90
CA VAL C 430 -17.51 -30.88 -31.29
C VAL C 430 -18.43 -32.06 -31.57
N LEU C 431 -19.21 -31.96 -32.64
CA LEU C 431 -20.07 -33.05 -33.08
C LEU C 431 -19.32 -33.78 -34.19
N THR C 432 -19.06 -35.07 -33.98
CA THR C 432 -18.21 -35.77 -34.92
C THR C 432 -18.63 -37.24 -35.00
N GLU C 433 -18.41 -37.83 -36.14
CA GLU C 433 -18.73 -39.22 -36.36
C GLU C 433 -17.50 -40.07 -36.64
N SER C 434 -16.57 -39.60 -37.48
CA SER C 434 -15.30 -40.28 -37.62
C SER C 434 -14.33 -39.94 -36.49
N GLY C 435 -14.59 -38.86 -35.75
CA GLY C 435 -13.60 -38.26 -34.88
C GLY C 435 -12.75 -37.20 -35.53
N ARG C 436 -12.71 -37.14 -36.87
CA ARG C 436 -11.71 -36.30 -37.52
C ARG C 436 -11.83 -34.82 -37.15
N SER C 437 -13.05 -34.30 -37.08
CA SER C 437 -13.24 -32.91 -36.71
C SER C 437 -12.66 -32.63 -35.32
N ALA C 438 -12.84 -33.57 -34.39
CA ALA C 438 -12.32 -33.33 -33.05
C ALA C 438 -10.80 -33.53 -32.99
N HIS C 439 -10.27 -34.49 -33.75
CA HIS C 439 -8.82 -34.67 -33.82
C HIS C 439 -8.11 -33.40 -34.27
N GLN C 440 -8.69 -32.69 -35.25
CA GLN C 440 -8.05 -31.46 -35.73
C GLN C 440 -8.10 -30.35 -34.68
N VAL C 441 -9.19 -30.26 -33.90
CA VAL C 441 -9.17 -29.27 -32.81
C VAL C 441 -8.08 -29.61 -31.81
N ALA C 442 -8.04 -30.86 -31.37
CA ALA C 442 -7.07 -31.30 -30.39
C ALA C 442 -5.65 -30.98 -30.85
N ARG C 443 -5.37 -31.19 -32.14
CA ARG C 443 -4.04 -30.93 -32.70
C ARG C 443 -3.53 -29.50 -32.41
N TYR C 444 -4.43 -28.52 -32.40
CA TYR C 444 -4.00 -27.14 -32.18
C TYR C 444 -4.06 -26.75 -30.71
N ARG C 445 -4.24 -27.70 -29.80
CA ARG C 445 -3.90 -27.53 -28.38
C ARG C 445 -4.59 -26.35 -27.70
N PRO C 446 -5.91 -26.33 -27.68
CA PRO C 446 -6.63 -25.44 -26.75
C PRO C 446 -6.28 -25.83 -25.32
N ARG C 447 -6.34 -24.87 -24.39
CA ARG C 447 -6.30 -25.22 -22.98
C ARG C 447 -7.65 -25.72 -22.46
N ALA C 448 -8.78 -25.31 -23.10
CA ALA C 448 -10.09 -25.78 -22.65
C ALA C 448 -10.34 -27.22 -23.12
N PRO C 449 -11.10 -28.01 -22.35
CA PRO C 449 -11.39 -29.40 -22.77
C PRO C 449 -12.27 -29.44 -24.01
N ILE C 450 -12.10 -30.49 -24.81
CA ILE C 450 -12.85 -30.69 -26.05
C ILE C 450 -13.88 -31.79 -25.78
N ILE C 451 -15.16 -31.42 -25.66
CA ILE C 451 -16.23 -32.41 -25.47
C ILE C 451 -16.73 -32.85 -26.84
N ALA C 452 -16.41 -34.11 -27.22
CA ALA C 452 -16.73 -34.63 -28.54
C ALA C 452 -17.90 -35.62 -28.41
N VAL C 453 -19.04 -35.23 -28.95
CA VAL C 453 -20.28 -35.99 -28.90
C VAL C 453 -20.38 -36.77 -30.19
N THR C 454 -20.55 -38.09 -30.08
CA THR C 454 -20.57 -38.95 -31.24
C THR C 454 -21.59 -40.07 -31.00
N ARG C 455 -22.18 -40.54 -32.11
CA ARG C 455 -22.98 -41.76 -32.07
C ARG C 455 -22.16 -42.98 -32.42
N ASN C 456 -20.90 -42.79 -32.86
CA ASN C 456 -20.03 -43.90 -33.20
C ASN C 456 -19.24 -44.32 -31.96
N HIS C 457 -19.59 -45.47 -31.38
CA HIS C 457 -18.98 -45.89 -30.11
C HIS C 457 -17.48 -46.15 -30.27
N GLN C 458 -17.05 -46.66 -31.42
CA GLN C 458 -15.61 -46.87 -31.59
C GLN C 458 -14.86 -45.53 -31.69
N THR C 459 -15.44 -44.55 -32.40
CA THR C 459 -14.88 -43.18 -32.42
C THR C 459 -14.67 -42.66 -31.01
N ALA C 460 -15.68 -42.83 -30.17
CA ALA C 460 -15.61 -42.36 -28.80
C ALA C 460 -14.46 -43.01 -28.06
N ARG C 461 -14.28 -44.33 -28.23
CA ARG C 461 -13.23 -45.06 -27.53
C ARG C 461 -11.85 -44.67 -28.05
N GLN C 462 -11.71 -44.56 -29.37
CA GLN C 462 -10.42 -44.18 -29.95
C GLN C 462 -10.07 -42.71 -29.69
N ALA C 463 -11.05 -41.87 -29.39
CA ALA C 463 -10.76 -40.46 -29.13
C ALA C 463 -9.79 -40.26 -27.97
N HIS C 464 -9.70 -41.23 -27.07
CA HIS C 464 -8.80 -41.11 -25.94
C HIS C 464 -7.34 -40.97 -26.34
N LEU C 465 -7.00 -41.27 -27.59
CA LEU C 465 -5.63 -41.15 -28.03
C LEU C 465 -5.18 -39.70 -28.16
N TYR C 466 -6.11 -38.74 -28.12
CA TYR C 466 -5.88 -37.36 -28.52
C TYR C 466 -5.99 -36.45 -27.31
N ARG C 467 -4.96 -35.61 -27.09
CA ARG C 467 -4.96 -34.69 -25.98
C ARG C 467 -6.25 -33.88 -25.96
N GLY C 468 -6.89 -33.80 -24.79
CA GLY C 468 -8.01 -32.92 -24.58
C GLY C 468 -9.38 -33.44 -25.00
N ILE C 469 -9.48 -34.56 -25.72
CA ILE C 469 -10.79 -35.02 -26.14
C ILE C 469 -11.41 -35.86 -25.02
N PHE C 470 -12.51 -35.36 -24.49
CA PHE C 470 -13.38 -36.00 -23.53
C PHE C 470 -14.57 -36.54 -24.37
N PRO C 471 -14.57 -37.80 -24.78
CA PRO C 471 -15.64 -38.28 -25.67
C PRO C 471 -16.93 -38.60 -24.91
N VAL C 472 -18.05 -38.40 -25.59
CA VAL C 472 -19.38 -38.60 -25.02
C VAL C 472 -20.18 -39.40 -26.04
N VAL C 473 -20.75 -40.53 -25.61
CA VAL C 473 -21.52 -41.37 -26.52
C VAL C 473 -22.97 -40.90 -26.51
N CYS C 474 -23.51 -40.59 -27.68
CA CYS C 474 -24.91 -40.24 -27.80
C CYS C 474 -25.67 -41.51 -28.18
N LYS C 475 -26.61 -41.91 -27.33
CA LYS C 475 -27.40 -43.12 -27.55
C LYS C 475 -28.83 -42.78 -27.97
N ASP C 476 -29.10 -41.53 -28.39
CA ASP C 476 -30.44 -41.12 -28.75
C ASP C 476 -30.70 -41.38 -30.22
N PRO C 477 -31.94 -41.66 -30.61
CA PRO C 477 -32.24 -41.85 -32.03
C PRO C 477 -32.08 -40.55 -32.80
N VAL C 478 -31.78 -40.69 -34.09
CA VAL C 478 -31.55 -39.51 -34.91
C VAL C 478 -32.87 -38.74 -35.07
N GLN C 479 -32.86 -37.45 -34.70
CA GLN C 479 -34.02 -36.58 -34.90
C GLN C 479 -34.25 -36.30 -36.38
N GLU C 480 -35.52 -36.15 -36.75
CA GLU C 480 -35.87 -35.97 -38.15
C GLU C 480 -35.36 -34.63 -38.68
N ALA C 481 -35.59 -33.56 -37.94
CA ALA C 481 -35.04 -32.25 -38.28
C ALA C 481 -33.56 -32.16 -37.90
N TRP C 482 -32.73 -31.78 -38.86
CA TRP C 482 -31.30 -31.71 -38.64
C TRP C 482 -30.96 -30.72 -37.52
N ALA C 483 -31.52 -29.50 -37.56
CA ALA C 483 -31.21 -28.55 -36.50
C ALA C 483 -31.48 -29.16 -35.15
N GLU C 484 -32.56 -29.94 -35.04
CA GLU C 484 -32.92 -30.50 -33.75
C GLU C 484 -31.98 -31.64 -33.34
N ASP C 485 -31.46 -32.40 -34.31
CA ASP C 485 -30.50 -33.44 -33.95
C ASP C 485 -29.21 -32.83 -33.41
N VAL C 486 -28.74 -31.74 -34.04
CA VAL C 486 -27.59 -31.00 -33.54
C VAL C 486 -27.84 -30.51 -32.12
N ASP C 487 -28.97 -29.84 -31.91
CA ASP C 487 -29.24 -29.26 -30.59
C ASP C 487 -29.24 -30.33 -29.51
N LEU C 488 -29.86 -31.47 -29.79
CA LEU C 488 -29.87 -32.58 -28.85
C LEU C 488 -28.44 -32.96 -28.45
N ARG C 489 -27.56 -33.10 -29.44
CA ARG C 489 -26.19 -33.50 -29.14
C ARG C 489 -25.43 -32.38 -28.44
N VAL C 490 -25.60 -31.12 -28.85
CA VAL C 490 -24.96 -30.03 -28.11
C VAL C 490 -25.44 -29.99 -26.67
N ASN C 491 -26.74 -30.16 -26.46
CA ASN C 491 -27.27 -30.10 -25.10
C ASN C 491 -26.78 -31.30 -24.27
N LEU C 492 -26.67 -32.47 -24.88
CA LEU C 492 -25.98 -33.56 -24.17
C LEU C 492 -24.59 -33.10 -23.68
N ALA C 493 -23.80 -32.49 -24.56
CA ALA C 493 -22.48 -31.99 -24.14
C ALA C 493 -22.60 -30.96 -23.00
N MET C 494 -23.59 -30.07 -23.08
CA MET C 494 -23.78 -29.08 -22.03
C MET C 494 -24.06 -29.76 -20.69
N ASN C 495 -24.89 -30.80 -20.71
CA ASN C 495 -25.19 -31.50 -19.47
C ASN C 495 -23.97 -32.25 -18.95
N VAL C 496 -23.20 -32.87 -19.84
CA VAL C 496 -22.00 -33.59 -19.39
C VAL C 496 -21.05 -32.61 -18.72
N GLY C 497 -20.77 -31.50 -19.41
CA GLY C 497 -19.90 -30.49 -18.83
C GLY C 497 -20.38 -29.95 -17.49
N LYS C 498 -21.69 -29.71 -17.33
CA LYS C 498 -22.14 -29.21 -16.03
C LYS C 498 -21.98 -30.28 -14.96
N ALA C 499 -22.37 -31.51 -15.29
CA ALA C 499 -22.24 -32.59 -14.32
C ALA C 499 -20.80 -32.79 -13.89
N ARG C 500 -19.86 -32.70 -14.82
CA ARG C 500 -18.44 -32.89 -14.52
C ARG C 500 -17.79 -31.64 -13.91
N GLY C 501 -18.52 -30.52 -13.83
CA GLY C 501 -17.92 -29.28 -13.32
C GLY C 501 -16.93 -28.60 -14.26
N PHE C 502 -17.00 -28.87 -15.57
CA PHE C 502 -16.14 -28.11 -16.50
C PHE C 502 -16.65 -26.68 -16.67
N PHE C 503 -17.96 -26.47 -16.54
CA PHE C 503 -18.52 -25.14 -16.64
C PHE C 503 -19.88 -25.13 -15.94
N LYS C 504 -20.42 -23.92 -15.78
CA LYS C 504 -21.71 -23.72 -15.17
C LYS C 504 -22.49 -22.76 -16.05
N LYS C 505 -23.78 -22.65 -15.75
CA LYS C 505 -24.70 -21.83 -16.53
C LYS C 505 -24.12 -20.42 -16.70
N GLY C 506 -24.14 -19.93 -17.95
CA GLY C 506 -23.65 -18.59 -18.23
C GLY C 506 -22.16 -18.47 -18.54
N ASP C 507 -21.38 -19.54 -18.37
CA ASP C 507 -20.06 -19.59 -18.99
C ASP C 507 -20.22 -19.62 -20.51
N VAL C 508 -19.10 -19.46 -21.22
CA VAL C 508 -19.10 -19.47 -22.69
C VAL C 508 -18.33 -20.69 -23.18
N VAL C 509 -18.85 -21.33 -24.22
CA VAL C 509 -18.16 -22.43 -24.88
C VAL C 509 -18.15 -22.18 -26.39
N ILE C 510 -17.21 -22.84 -27.08
CA ILE C 510 -17.13 -22.83 -28.54
C ILE C 510 -17.80 -24.10 -29.04
N VAL C 511 -18.70 -23.99 -30.03
CA VAL C 511 -19.47 -25.15 -30.51
C VAL C 511 -19.18 -25.32 -31.98
N LEU C 512 -18.70 -26.51 -32.36
CA LEU C 512 -18.41 -26.83 -33.75
C LEU C 512 -19.40 -27.86 -34.27
N THR C 513 -20.11 -27.52 -35.35
CA THR C 513 -21.13 -28.41 -35.90
C THR C 513 -21.04 -28.38 -37.41
N GLY C 514 -21.73 -29.33 -38.05
CA GLY C 514 -21.96 -29.27 -39.47
C GLY C 514 -23.21 -28.44 -39.75
N TRP C 515 -23.12 -27.55 -40.74
CA TRP C 515 -24.29 -26.78 -41.13
C TRP C 515 -25.42 -27.70 -41.63
N ARG C 516 -25.07 -28.72 -42.41
CA ARG C 516 -25.98 -29.66 -43.04
C ARG C 516 -25.55 -31.08 -42.70
N PRO C 517 -26.48 -32.04 -42.81
CA PRO C 517 -26.11 -33.44 -42.58
C PRO C 517 -25.00 -33.96 -43.47
N GLY C 518 -24.75 -33.33 -44.60
CA GLY C 518 -23.70 -33.83 -45.49
C GLY C 518 -22.51 -32.90 -45.57
N SER C 519 -22.34 -32.03 -44.56
CA SER C 519 -21.32 -30.99 -44.60
C SER C 519 -19.92 -31.57 -44.74
N GLY C 520 -19.67 -32.76 -44.18
CA GLY C 520 -18.39 -33.44 -44.31
C GLY C 520 -17.34 -33.11 -43.25
N PHE C 521 -17.54 -32.05 -42.49
CA PHE C 521 -16.70 -31.69 -41.33
C PHE C 521 -17.49 -30.63 -40.57
N THR C 522 -16.99 -30.23 -39.42
CA THR C 522 -17.71 -29.20 -38.68
C THR C 522 -17.32 -27.86 -39.31
N ASN C 523 -18.13 -27.41 -40.29
CA ASN C 523 -17.92 -26.14 -40.98
C ASN C 523 -18.59 -24.96 -40.29
N THR C 524 -19.11 -25.16 -39.08
CA THR C 524 -19.87 -24.12 -38.38
C THR C 524 -19.34 -23.97 -36.95
N MET C 525 -18.91 -22.77 -36.58
CA MET C 525 -18.43 -22.47 -35.24
CA MET C 525 -18.41 -22.46 -35.25
C MET C 525 -19.25 -21.35 -34.63
N ARG C 526 -19.62 -21.51 -33.36
CA ARG C 526 -20.41 -20.55 -32.62
C ARG C 526 -19.83 -20.38 -31.24
N VAL C 527 -19.88 -19.14 -30.73
CA VAL C 527 -19.68 -18.87 -29.32
C VAL C 527 -21.06 -18.80 -28.68
N VAL C 528 -21.26 -19.59 -27.62
CA VAL C 528 -22.57 -19.91 -27.09
C VAL C 528 -22.51 -19.85 -25.56
N PRO C 529 -23.51 -19.28 -24.89
CA PRO C 529 -23.55 -19.34 -23.42
C PRO C 529 -24.01 -20.72 -22.93
N VAL C 530 -23.45 -21.16 -21.82
CA VAL C 530 -23.95 -22.40 -21.25
C VAL C 530 -25.32 -22.10 -20.64
N PRO C 531 -26.38 -22.81 -21.04
CA PRO C 531 -27.74 -22.69 -20.51
C PRO C 531 -27.86 -23.26 -19.09
N SER D 10 32.25 -33.45 -43.13
CA SER D 10 32.53 -32.45 -42.10
C SER D 10 31.28 -31.66 -41.73
N ALA D 11 30.73 -30.89 -42.67
CA ALA D 11 29.40 -30.35 -42.52
C ALA D 11 28.32 -31.42 -42.42
N PHE D 12 28.62 -32.68 -42.74
CA PHE D 12 27.65 -33.75 -42.62
C PHE D 12 27.80 -34.55 -41.33
N ILE D 13 28.86 -34.33 -40.58
CA ILE D 13 28.97 -34.91 -39.24
C ILE D 13 28.10 -34.11 -38.29
N GLN D 14 27.25 -34.80 -37.55
CA GLN D 14 26.34 -34.14 -36.63
C GLN D 14 27.01 -34.08 -35.26
N THR D 15 27.18 -32.87 -34.74
CA THR D 15 27.71 -32.73 -33.38
C THR D 15 26.89 -31.70 -32.64
N GLN D 16 26.77 -31.93 -31.33
CA GLN D 16 26.40 -30.88 -30.38
C GLN D 16 25.00 -30.32 -30.65
N GLN D 17 24.10 -31.12 -31.25
CA GLN D 17 22.77 -30.65 -31.63
C GLN D 17 22.83 -29.32 -32.39
N LEU D 18 23.88 -29.15 -33.21
CA LEU D 18 23.98 -27.88 -33.93
C LEU D 18 22.91 -27.74 -35.00
N HIS D 19 22.35 -28.85 -35.51
CA HIS D 19 21.21 -28.68 -36.41
C HIS D 19 19.99 -28.14 -35.65
N ALA D 20 19.67 -28.73 -34.50
CA ALA D 20 18.58 -28.17 -33.70
C ALA D 20 18.89 -26.74 -33.26
N ALA D 21 20.17 -26.40 -33.08
CA ALA D 21 20.52 -25.05 -32.63
C ALA D 21 20.02 -24.00 -33.62
N MET D 22 19.86 -24.40 -34.88
CA MET D 22 19.54 -23.49 -35.98
C MET D 22 18.03 -23.36 -36.21
N ALA D 23 17.20 -24.09 -35.46
CA ALA D 23 15.75 -23.97 -35.65
C ALA D 23 15.27 -22.53 -35.44
N ASP D 24 14.12 -22.23 -36.04
CA ASP D 24 13.52 -20.94 -35.81
CA ASP D 24 13.42 -20.97 -35.88
C ASP D 24 12.51 -20.95 -34.65
N THR D 25 11.91 -22.09 -34.31
CA THR D 25 10.92 -22.17 -33.24
C THR D 25 11.32 -23.23 -32.22
N PHE D 26 10.74 -23.13 -31.03
CA PHE D 26 11.00 -24.14 -30.02
C PHE D 26 10.55 -25.51 -30.51
N LEU D 27 9.39 -25.55 -31.18
CA LEU D 27 8.89 -26.82 -31.72
C LEU D 27 9.89 -27.43 -32.70
N GLU D 28 10.36 -26.64 -33.66
CA GLU D 28 11.29 -27.18 -34.65
C GLU D 28 12.60 -27.59 -33.98
N HIS D 29 13.06 -26.78 -33.01
CA HIS D 29 14.26 -27.15 -32.25
C HIS D 29 14.10 -28.52 -31.63
N MET D 30 12.99 -28.74 -30.95
CA MET D 30 12.69 -30.05 -30.40
C MET D 30 12.61 -31.13 -31.49
N CYS D 31 11.91 -30.83 -32.59
CA CYS D 31 11.79 -31.82 -33.68
C CYS D 31 13.14 -32.21 -34.25
N ARG D 32 14.16 -31.40 -34.04
CA ARG D 32 15.46 -31.67 -34.63
C ARG D 32 16.42 -32.36 -33.68
N LEU D 33 16.08 -32.56 -32.41
CA LEU D 33 17.01 -33.23 -31.49
C LEU D 33 17.35 -34.62 -32.02
N ASP D 34 18.63 -34.96 -31.99
CA ASP D 34 19.15 -36.07 -32.79
C ASP D 34 20.02 -36.95 -31.90
N ILE D 35 19.61 -38.20 -31.67
CA ILE D 35 20.43 -39.09 -30.84
C ILE D 35 21.79 -39.41 -31.47
N ASP D 36 21.94 -39.15 -32.77
CA ASP D 36 23.20 -39.42 -33.46
C ASP D 36 24.06 -38.18 -33.61
N SER D 37 23.69 -37.08 -32.95
CA SER D 37 24.53 -35.88 -32.89
C SER D 37 25.34 -35.94 -31.59
N ALA D 38 26.65 -36.12 -31.73
CA ALA D 38 27.54 -36.44 -30.62
C ALA D 38 27.81 -35.20 -29.75
N PRO D 39 27.63 -35.29 -28.43
CA PRO D 39 27.97 -34.15 -27.56
C PRO D 39 29.48 -33.87 -27.60
N ILE D 40 29.87 -32.67 -27.14
CA ILE D 40 31.29 -32.37 -26.98
C ILE D 40 31.84 -33.03 -25.72
N THR D 41 33.17 -32.97 -25.57
CA THR D 41 33.81 -33.60 -24.41
C THR D 41 33.50 -32.84 -23.11
N ALA D 42 33.56 -31.50 -23.15
CA ALA D 42 33.29 -30.67 -21.98
C ALA D 42 31.89 -30.92 -21.40
N ARG D 43 31.83 -31.05 -20.07
CA ARG D 43 30.56 -31.12 -19.36
C ARG D 43 30.44 -29.89 -18.48
N ASN D 44 29.38 -29.09 -18.71
CA ASN D 44 29.23 -27.78 -18.07
C ASN D 44 28.48 -27.80 -16.75
N THR D 45 27.59 -28.76 -16.53
CA THR D 45 26.75 -28.74 -15.33
C THR D 45 27.54 -29.26 -14.13
N GLY D 46 27.64 -28.45 -13.06
CA GLY D 46 28.31 -28.92 -11.86
C GLY D 46 27.59 -30.11 -11.24
N ILE D 47 28.39 -31.02 -10.64
CA ILE D 47 27.89 -32.22 -9.98
C ILE D 47 28.27 -32.17 -8.49
N ILE D 48 27.26 -32.17 -7.64
CA ILE D 48 27.40 -32.09 -6.19
C ILE D 48 27.06 -33.45 -5.61
N CYS D 49 27.95 -33.99 -4.77
CA CYS D 49 27.83 -35.34 -4.23
C CYS D 49 27.80 -35.27 -2.71
N THR D 50 26.75 -35.85 -2.12
CA THR D 50 26.68 -36.03 -0.68
C THR D 50 27.62 -37.15 -0.23
N ILE D 51 28.55 -36.85 0.70
CA ILE D 51 29.53 -37.82 1.16
C ILE D 51 29.10 -38.40 2.51
N GLY D 52 29.11 -39.72 2.62
CA GLY D 52 28.57 -40.45 3.74
C GLY D 52 29.22 -41.82 3.85
N PRO D 53 28.60 -42.72 4.62
CA PRO D 53 29.20 -44.06 4.79
C PRO D 53 29.68 -44.70 3.50
N ALA D 54 28.95 -44.56 2.39
CA ALA D 54 29.33 -45.27 1.15
C ALA D 54 30.50 -44.63 0.42
N SER D 55 30.84 -43.37 0.74
CA SER D 55 31.70 -42.58 -0.15
C SER D 55 32.81 -41.82 0.57
N ARG D 56 32.98 -42.00 1.87
CA ARG D 56 33.91 -41.13 2.58
C ARG D 56 35.34 -41.66 2.62
N SER D 57 35.63 -42.84 2.10
CA SER D 57 37.01 -43.32 2.11
C SER D 57 37.83 -42.52 1.09
N VAL D 58 39.10 -42.30 1.42
CA VAL D 58 39.97 -41.55 0.53
C VAL D 58 39.97 -42.18 -0.87
N GLU D 59 40.05 -43.51 -0.92
CA GLU D 59 40.15 -44.17 -2.21
C GLU D 59 38.87 -44.04 -3.03
N THR D 60 37.69 -44.15 -2.39
CA THR D 60 36.45 -43.93 -3.15
C THR D 60 36.34 -42.49 -3.63
N LEU D 61 36.76 -41.54 -2.80
CA LEU D 61 36.68 -40.14 -3.16
C LEU D 61 37.57 -39.81 -4.37
N LYS D 62 38.75 -40.42 -4.44
CA LYS D 62 39.60 -40.31 -5.63
C LYS D 62 38.84 -40.65 -6.90
N GLU D 63 38.13 -41.78 -6.90
CA GLU D 63 37.35 -42.21 -8.07
C GLU D 63 36.16 -41.29 -8.33
N MET D 64 35.57 -40.74 -7.27
CA MET D 64 34.44 -39.82 -7.42
C MET D 64 34.89 -38.53 -8.10
N ILE D 65 36.08 -38.04 -7.74
CA ILE D 65 36.69 -36.91 -8.45
C ILE D 65 36.86 -37.27 -9.93
N LYS D 66 37.51 -38.41 -10.20
CA LYS D 66 37.79 -38.78 -11.58
C LYS D 66 36.51 -38.99 -12.36
N SER D 67 35.45 -39.45 -11.70
CA SER D 67 34.15 -39.62 -12.33
C SER D 67 33.39 -38.31 -12.50
N GLY D 68 33.80 -37.23 -11.84
CA GLY D 68 33.17 -35.95 -12.17
C GLY D 68 32.66 -35.09 -11.01
N MET D 69 32.85 -35.54 -9.78
CA MET D 69 32.37 -34.80 -8.62
C MET D 69 33.10 -33.47 -8.50
N ASN D 70 32.35 -32.38 -8.35
CA ASN D 70 32.94 -31.06 -8.22
C ASN D 70 32.81 -30.48 -6.82
N VAL D 71 31.74 -30.84 -6.09
CA VAL D 71 31.44 -30.35 -4.75
C VAL D 71 31.08 -31.53 -3.85
N ALA D 72 31.70 -31.58 -2.67
CA ALA D 72 31.38 -32.59 -1.68
C ALA D 72 30.45 -31.96 -0.66
N ARG D 73 29.23 -32.51 -0.53
CA ARG D 73 28.25 -31.99 0.44
C ARG D 73 28.28 -32.84 1.71
N MET D 74 28.44 -32.19 2.86
CA MET D 74 28.32 -32.84 4.17
C MET D 74 27.00 -32.43 4.79
N ASN D 75 26.13 -33.41 5.07
CA ASN D 75 24.80 -33.17 5.63
C ASN D 75 24.84 -33.25 7.14
N PHE D 76 24.80 -32.09 7.82
CA PHE D 76 24.90 -32.05 9.27
C PHE D 76 23.59 -32.44 9.99
N SER D 77 22.55 -32.87 9.26
CA SER D 77 21.42 -33.56 9.85
C SER D 77 21.81 -34.97 10.32
N HIS D 78 22.91 -35.49 9.79
CA HIS D 78 23.47 -36.78 10.19
C HIS D 78 24.82 -36.56 10.82
N GLY D 79 25.24 -37.52 11.64
CA GLY D 79 26.63 -37.60 12.09
C GLY D 79 26.98 -36.55 13.13
N THR D 80 28.25 -36.56 13.50
CA THR D 80 28.83 -35.66 14.50
C THR D 80 29.82 -34.72 13.84
N HIS D 81 30.23 -33.67 14.58
CA HIS D 81 31.32 -32.81 14.11
C HIS D 81 32.56 -33.62 13.80
N GLU D 82 32.92 -34.55 14.70
CA GLU D 82 34.08 -35.41 14.45
C GLU D 82 33.93 -36.19 13.15
N TYR D 83 32.74 -36.72 12.89
CA TYR D 83 32.52 -37.53 11.69
C TYR D 83 32.79 -36.70 10.42
N HIS D 84 32.20 -35.50 10.34
CA HIS D 84 32.33 -34.64 9.16
C HIS D 84 33.74 -34.06 9.04
N ALA D 85 34.38 -33.75 10.16
CA ALA D 85 35.76 -33.30 10.07
C ALA D 85 36.63 -34.36 9.39
N GLU D 86 36.43 -35.62 9.75
CA GLU D 86 37.20 -36.70 9.14
C GLU D 86 36.85 -36.89 7.67
N THR D 87 35.55 -36.81 7.33
CA THR D 87 35.15 -36.80 5.92
C THR D 87 35.81 -35.66 5.15
N ILE D 88 35.72 -34.44 5.69
CA ILE D 88 36.31 -33.29 5.04
C ILE D 88 37.79 -33.53 4.83
N LYS D 89 38.45 -34.12 5.83
CA LYS D 89 39.88 -34.39 5.68
C LYS D 89 40.13 -35.37 4.53
N ASN D 90 39.31 -36.44 4.46
CA ASN D 90 39.45 -37.40 3.37
C ASN D 90 39.19 -36.76 2.01
N VAL D 91 38.19 -35.89 1.91
CA VAL D 91 37.94 -35.17 0.66
C VAL D 91 39.19 -34.42 0.21
N ARG D 92 39.81 -33.68 1.14
CA ARG D 92 40.99 -32.89 0.76
C ARG D 92 42.17 -33.78 0.42
N THR D 93 42.32 -34.89 1.14
CA THR D 93 43.39 -35.83 0.82
C THR D 93 43.22 -36.37 -0.59
N ALA D 94 42.02 -36.84 -0.93
CA ALA D 94 41.76 -37.27 -2.31
C ALA D 94 42.03 -36.14 -3.30
N THR D 95 41.48 -34.96 -3.03
CA THR D 95 41.65 -33.85 -3.96
C THR D 95 43.12 -33.56 -4.19
N GLU D 96 43.91 -33.47 -3.12
CA GLU D 96 45.29 -33.04 -3.28
C GLU D 96 46.17 -34.12 -3.87
N SER D 97 45.72 -35.39 -3.83
CA SER D 97 46.51 -36.46 -4.44
C SER D 97 46.72 -36.24 -5.93
N PHE D 98 45.93 -35.39 -6.58
CA PHE D 98 46.14 -35.01 -7.98
C PHE D 98 46.94 -33.73 -8.15
N ALA D 99 47.35 -33.09 -7.05
CA ALA D 99 47.93 -31.76 -7.18
C ALA D 99 49.28 -31.78 -7.87
N SER D 100 49.89 -32.96 -8.00
CA SER D 100 51.21 -33.03 -8.59
C SER D 100 51.21 -32.64 -10.05
N ASP D 101 50.06 -32.68 -10.73
CA ASP D 101 49.95 -32.28 -12.14
C ASP D 101 49.01 -31.08 -12.28
N PRO D 102 49.53 -29.85 -12.21
CA PRO D 102 48.64 -28.68 -12.24
C PRO D 102 47.87 -28.55 -13.55
N ILE D 103 48.25 -29.28 -14.59
CA ILE D 103 47.46 -29.22 -15.80
C ILE D 103 46.16 -30.03 -15.62
N LEU D 104 46.18 -31.10 -14.80
CA LEU D 104 45.02 -31.96 -14.64
C LEU D 104 44.29 -31.78 -13.32
N TYR D 105 44.93 -31.20 -12.31
CA TYR D 105 44.30 -31.04 -11.00
C TYR D 105 42.93 -30.38 -11.12
N ARG D 106 41.96 -30.87 -10.35
CA ARG D 106 40.62 -30.30 -10.33
C ARG D 106 40.34 -29.81 -8.93
N PRO D 107 40.14 -28.51 -8.73
CA PRO D 107 39.62 -28.04 -7.44
C PRO D 107 38.32 -28.78 -7.10
N VAL D 108 38.06 -28.95 -5.80
CA VAL D 108 36.86 -29.64 -5.30
C VAL D 108 36.34 -28.81 -4.13
N ALA D 109 35.09 -28.37 -4.20
CA ALA D 109 34.49 -27.54 -3.17
C ALA D 109 33.93 -28.38 -2.01
N VAL D 110 33.82 -27.76 -0.85
CA VAL D 110 33.27 -28.37 0.36
C VAL D 110 32.05 -27.58 0.76
N ALA D 111 30.92 -28.26 0.91
CA ALA D 111 29.67 -27.61 1.24
C ALA D 111 29.19 -28.16 2.56
N LEU D 112 28.76 -27.27 3.45
CA LEU D 112 28.09 -27.67 4.69
C LEU D 112 26.58 -27.46 4.54
N ASP D 113 25.80 -28.52 4.76
CA ASP D 113 24.34 -28.47 4.65
C ASP D 113 23.73 -28.49 6.06
N THR D 114 23.03 -27.43 6.43
CA THR D 114 22.63 -27.24 7.83
C THR D 114 21.46 -28.12 8.24
N LYS D 115 21.28 -28.22 9.56
CA LYS D 115 20.06 -28.81 10.11
C LYS D 115 18.87 -27.92 9.84
N GLY D 116 18.89 -26.68 10.35
CA GLY D 116 17.79 -25.76 10.22
C GLY D 116 16.56 -26.10 11.05
N PRO D 117 15.46 -25.33 10.86
CA PRO D 117 14.23 -25.60 11.62
C PRO D 117 13.52 -26.87 11.19
N GLU D 118 14.05 -28.01 11.60
CA GLU D 118 13.59 -29.31 11.12
C GLU D 118 13.29 -30.22 12.30
N ILE D 119 12.55 -31.30 12.02
CA ILE D 119 12.27 -32.36 12.98
C ILE D 119 12.95 -33.62 12.52
N ARG D 120 13.69 -34.27 13.42
CA ARG D 120 14.45 -35.47 13.11
C ARG D 120 14.13 -36.56 14.10
N THR D 121 14.17 -37.82 13.63
CA THR D 121 14.05 -38.97 14.48
C THR D 121 15.40 -39.31 15.10
N GLY D 122 15.42 -40.34 15.96
CA GLY D 122 16.64 -40.77 16.62
C GLY D 122 17.31 -41.94 15.89
N LEU D 123 18.19 -42.64 16.63
CA LEU D 123 18.99 -43.71 16.06
C LEU D 123 18.27 -45.05 16.20
N ILE D 124 18.28 -45.81 15.12
CA ILE D 124 17.79 -47.17 15.12
C ILE D 124 18.84 -48.03 15.80
N LYS D 125 18.51 -48.57 16.97
CA LYS D 125 19.37 -49.52 17.66
C LYS D 125 20.81 -48.99 17.78
N GLY D 126 20.92 -47.76 18.24
CA GLY D 126 22.23 -47.16 18.53
C GLY D 126 23.18 -46.88 17.37
N SER D 127 22.71 -47.06 16.12
CA SER D 127 23.55 -46.98 14.93
C SER D 127 23.05 -45.91 13.96
N GLY D 128 23.96 -45.07 13.48
CA GLY D 128 23.64 -44.13 12.41
C GLY D 128 23.32 -44.77 11.07
N THR D 129 23.57 -46.08 10.89
CA THR D 129 23.36 -46.75 9.60
C THR D 129 22.37 -47.90 9.66
N ALA D 130 21.68 -48.09 10.78
CA ALA D 130 20.76 -49.21 10.94
C ALA D 130 19.39 -48.89 10.35
N GLU D 131 18.65 -49.93 9.99
CA GLU D 131 17.30 -49.81 9.48
C GLU D 131 16.44 -50.93 10.04
N VAL D 132 15.14 -50.64 10.19
CA VAL D 132 14.12 -51.65 10.51
C VAL D 132 13.04 -51.54 9.47
N GLU D 133 12.38 -52.66 9.17
CA GLU D 133 11.27 -52.67 8.22
C GLU D 133 9.92 -52.46 8.92
N LEU D 134 9.20 -51.41 8.54
CA LEU D 134 7.85 -51.18 9.03
C LEU D 134 6.82 -51.87 8.14
N LYS D 135 5.81 -52.48 8.76
CA LYS D 135 4.78 -53.25 8.07
C LYS D 135 3.47 -52.47 8.02
N LYS D 136 2.86 -52.41 6.85
CA LYS D 136 1.56 -51.76 6.72
C LYS D 136 0.58 -52.32 7.75
N GLY D 137 -0.12 -51.45 8.46
CA GLY D 137 -1.08 -51.88 9.45
C GLY D 137 -0.55 -52.07 10.86
N ALA D 138 0.77 -52.18 11.03
CA ALA D 138 1.35 -52.26 12.36
C ALA D 138 1.11 -50.97 13.15
N THR D 139 1.35 -51.07 14.43
CA THR D 139 1.33 -49.96 15.35
C THR D 139 2.76 -49.50 15.55
N LEU D 140 2.94 -48.20 15.66
CA LEU D 140 4.21 -47.63 16.02
C LEU D 140 3.94 -46.50 16.98
N LYS D 141 4.66 -46.46 18.09
CA LYS D 141 4.50 -45.42 19.09
C LYS D 141 5.62 -44.40 18.95
N ILE D 142 5.25 -43.12 18.91
CA ILE D 142 6.21 -42.03 18.90
C ILE D 142 6.38 -41.54 20.34
N THR D 143 7.63 -41.45 20.80
CA THR D 143 7.91 -40.97 22.15
C THR D 143 8.84 -39.77 22.07
N LEU D 144 8.75 -38.93 23.10
CA LEU D 144 9.63 -37.81 23.32
C LEU D 144 10.65 -38.08 24.39
N ASP D 145 10.62 -39.28 24.96
CA ASP D 145 11.43 -39.65 26.12
C ASP D 145 12.87 -39.91 25.66
N ASN D 146 13.79 -39.00 26.00
CA ASN D 146 15.17 -39.07 25.55
C ASN D 146 15.89 -40.36 25.92
N ALA D 147 15.31 -41.21 26.76
CA ALA D 147 15.86 -42.53 27.01
C ALA D 147 15.85 -43.38 25.76
N TYR D 148 15.06 -42.98 24.76
CA TYR D 148 14.91 -43.76 23.55
C TYR D 148 15.56 -43.11 22.35
N MET D 149 16.21 -41.96 22.53
CA MET D 149 16.66 -41.22 21.38
C MET D 149 17.69 -42.01 20.56
N GLU D 150 18.28 -43.05 21.15
CA GLU D 150 19.18 -43.94 20.43
C GLU D 150 18.69 -45.37 20.44
N LYS D 151 17.41 -45.58 20.69
CA LYS D 151 16.84 -46.93 20.77
C LYS D 151 15.55 -47.04 19.95
N CYS D 152 15.53 -46.43 18.78
CA CYS D 152 14.36 -46.55 17.94
C CYS D 152 14.35 -47.92 17.28
N ASP D 153 13.15 -48.45 17.07
CA ASP D 153 13.00 -49.72 16.36
C ASP D 153 11.61 -49.72 15.74
N GLU D 154 11.14 -50.89 15.34
CA GLU D 154 9.83 -51.02 14.72
C GLU D 154 8.67 -50.68 15.67
N ASN D 155 8.89 -50.68 16.99
CA ASN D 155 7.78 -50.45 17.92
C ASN D 155 7.79 -49.07 18.56
N ILE D 156 8.96 -48.46 18.76
CA ILE D 156 9.09 -47.17 19.41
C ILE D 156 9.93 -46.26 18.52
N LEU D 157 9.46 -45.05 18.30
CA LEU D 157 10.16 -44.09 17.46
C LEU D 157 10.28 -42.80 18.24
N TRP D 158 11.50 -42.40 18.57
CA TRP D 158 11.80 -41.10 19.20
C TRP D 158 11.97 -40.00 18.15
N LEU D 159 11.69 -38.76 18.54
CA LEU D 159 11.98 -37.62 17.69
C LEU D 159 12.15 -36.40 18.57
N ASP D 160 12.76 -35.35 18.00
CA ASP D 160 13.33 -34.25 18.77
C ASP D 160 12.48 -32.97 18.81
N TYR D 161 11.21 -33.01 18.37
CA TYR D 161 10.31 -31.84 18.45
C TYR D 161 9.45 -32.00 19.69
N LYS D 162 9.90 -31.41 20.79
CA LYS D 162 9.27 -31.62 22.09
C LYS D 162 7.80 -31.20 22.09
N ASN D 163 7.37 -30.34 21.17
CA ASN D 163 6.00 -29.85 21.19
C ASN D 163 5.08 -30.58 20.20
N ILE D 164 5.47 -31.76 19.72
CA ILE D 164 4.72 -32.35 18.62
C ILE D 164 3.27 -32.62 19.01
N CYS D 165 3.02 -32.95 20.26
CA CYS D 165 1.64 -33.23 20.63
C CYS D 165 0.79 -31.97 20.70
N LYS D 166 1.39 -30.79 20.68
CA LYS D 166 0.61 -29.57 20.61
C LYS D 166 0.13 -29.24 19.20
N VAL D 167 0.67 -29.88 18.16
CA VAL D 167 0.44 -29.43 16.80
C VAL D 167 -0.18 -30.49 15.91
N VAL D 168 -0.23 -31.74 16.36
CA VAL D 168 -0.92 -32.76 15.59
C VAL D 168 -2.07 -33.30 16.44
N ASP D 169 -3.08 -33.80 15.76
CA ASP D 169 -4.28 -34.31 16.40
C ASP D 169 -4.50 -35.76 15.99
N VAL D 170 -5.46 -36.41 16.63
CA VAL D 170 -5.88 -37.72 16.17
C VAL D 170 -6.34 -37.58 14.75
N GLY D 171 -5.95 -38.53 13.89
CA GLY D 171 -6.24 -38.44 12.48
C GLY D 171 -5.20 -37.71 11.65
N SER D 172 -4.31 -36.95 12.28
CA SER D 172 -3.19 -36.32 11.59
C SER D 172 -2.29 -37.37 10.93
N LYS D 173 -1.56 -36.93 9.90
CA LYS D 173 -0.51 -37.70 9.26
C LYS D 173 0.86 -37.24 9.76
N VAL D 174 1.69 -38.19 10.15
CA VAL D 174 3.10 -37.96 10.43
C VAL D 174 3.89 -38.66 9.34
N TYR D 175 4.66 -37.89 8.57
CA TYR D 175 5.46 -38.43 7.48
C TYR D 175 6.91 -38.49 7.89
N VAL D 176 7.57 -39.61 7.57
CA VAL D 176 8.96 -39.84 7.95
C VAL D 176 9.75 -40.10 6.69
N ASP D 177 10.88 -39.38 6.56
CA ASP D 177 11.93 -39.51 5.53
C ASP D 177 11.41 -39.03 4.17
N ASP D 178 11.20 -37.72 4.05
CA ASP D 178 10.65 -37.12 2.84
C ASP D 178 9.35 -37.80 2.40
N GLY D 179 8.51 -38.17 3.37
CA GLY D 179 7.23 -38.78 3.08
C GLY D 179 7.26 -40.23 2.68
N LEU D 180 8.41 -40.90 2.79
CA LEU D 180 8.49 -42.33 2.54
C LEU D 180 7.44 -43.08 3.35
N ILE D 181 7.42 -42.85 4.66
CA ILE D 181 6.47 -43.53 5.57
C ILE D 181 5.42 -42.54 6.03
N SER D 182 4.15 -42.94 5.91
CA SER D 182 3.01 -42.21 6.45
C SER D 182 2.50 -42.91 7.70
N LEU D 183 2.44 -42.18 8.80
CA LEU D 183 1.91 -42.65 10.06
C LEU D 183 0.61 -41.90 10.33
N GLN D 184 -0.45 -42.63 10.68
CA GLN D 184 -1.69 -42.00 11.07
C GLN D 184 -1.80 -42.02 12.58
N VAL D 185 -1.99 -40.84 13.19
CA VAL D 185 -2.17 -40.74 14.63
C VAL D 185 -3.50 -41.39 15.02
N LYS D 186 -3.44 -42.45 15.83
CA LYS D 186 -4.65 -43.08 16.35
C LYS D 186 -4.99 -42.62 17.76
N GLN D 187 -3.97 -42.37 18.57
CA GLN D 187 -4.12 -41.99 19.97
C GLN D 187 -3.01 -41.01 20.31
N LYS D 188 -3.38 -39.97 21.03
CA LYS D 188 -2.48 -38.91 21.45
C LYS D 188 -2.48 -38.84 22.97
N GLY D 189 -1.30 -38.72 23.55
CA GLY D 189 -1.18 -38.37 24.95
C GLY D 189 -0.40 -37.08 25.07
N PRO D 190 0.03 -36.74 26.28
CA PRO D 190 0.76 -35.48 26.45
C PRO D 190 2.16 -35.52 25.85
N ASP D 191 2.79 -36.70 25.79
CA ASP D 191 4.16 -36.79 25.30
C ASP D 191 4.38 -38.04 24.45
N PHE D 192 3.31 -38.56 23.86
CA PHE D 192 3.43 -39.68 22.94
C PHE D 192 2.28 -39.67 21.95
N LEU D 193 2.46 -40.45 20.89
CA LEU D 193 1.47 -40.68 19.85
C LEU D 193 1.46 -42.16 19.52
N VAL D 194 0.29 -42.76 19.47
CA VAL D 194 0.14 -44.11 18.95
C VAL D 194 -0.30 -43.96 17.51
N THR D 195 0.46 -44.56 16.58
CA THR D 195 0.15 -44.41 15.18
C THR D 195 -0.01 -45.75 14.52
N GLU D 196 -0.72 -45.74 13.40
CA GLU D 196 -0.81 -46.88 12.50
C GLU D 196 0.10 -46.64 11.29
N VAL D 197 0.89 -47.65 10.93
CA VAL D 197 1.74 -47.54 9.75
C VAL D 197 0.85 -47.64 8.51
N GLU D 198 0.81 -46.58 7.70
CA GLU D 198 -0.10 -46.59 6.57
C GLU D 198 0.49 -47.31 5.36
N ASN D 199 1.82 -47.40 5.28
CA ASN D 199 2.45 -48.13 4.17
C ASN D 199 3.78 -48.67 4.68
N GLY D 200 4.16 -49.84 4.16
CA GLY D 200 5.41 -50.43 4.57
C GLY D 200 6.62 -49.75 3.94
N GLY D 201 7.75 -49.89 4.58
CA GLY D 201 8.97 -49.30 4.10
C GLY D 201 10.03 -49.48 5.17
N PHE D 202 11.25 -49.08 4.83
CA PHE D 202 12.40 -49.21 5.71
C PHE D 202 12.69 -47.88 6.38
N LEU D 203 12.74 -47.92 7.71
CA LEU D 203 12.91 -46.72 8.53
C LEU D 203 14.35 -46.68 9.02
N GLY D 204 15.08 -45.61 8.68
CA GLY D 204 16.47 -45.47 9.03
C GLY D 204 16.67 -44.59 10.25
N SER D 205 17.92 -44.19 10.45
CA SER D 205 18.25 -43.31 11.56
C SER D 205 18.20 -41.85 11.16
N LYS D 206 17.76 -41.00 12.10
CA LYS D 206 17.85 -39.56 11.94
C LYS D 206 17.19 -39.09 10.65
N LYS D 207 15.94 -39.52 10.46
CA LYS D 207 15.17 -39.19 9.28
C LYS D 207 14.29 -37.96 9.50
N GLY D 208 14.11 -37.19 8.44
CA GLY D 208 13.26 -36.03 8.53
C GLY D 208 11.81 -36.40 8.80
N VAL D 209 11.13 -35.53 9.55
CA VAL D 209 9.71 -35.71 9.83
C VAL D 209 8.98 -34.50 9.29
N ASN D 210 7.93 -34.73 8.52
CA ASN D 210 7.13 -33.63 8.01
C ASN D 210 5.72 -33.71 8.55
N LEU D 211 5.14 -32.54 8.83
CA LEU D 211 3.80 -32.40 9.40
C LEU D 211 3.08 -31.35 8.55
N PRO D 212 2.70 -31.70 7.32
CA PRO D 212 2.28 -30.68 6.37
C PRO D 212 0.99 -30.04 6.86
N GLY D 213 1.02 -28.71 6.98
CA GLY D 213 -0.11 -28.00 7.56
C GLY D 213 -0.22 -28.09 9.07
N ALA D 214 0.87 -28.33 9.77
CA ALA D 214 0.90 -28.17 11.21
C ALA D 214 1.69 -26.92 11.55
N ALA D 215 1.40 -26.35 12.73
CA ALA D 215 2.06 -25.13 13.20
C ALA D 215 3.34 -25.46 13.96
N VAL D 216 4.31 -25.99 13.22
CA VAL D 216 5.62 -26.22 13.84
C VAL D 216 6.32 -24.89 14.03
N ASP D 217 6.80 -24.64 15.25
CA ASP D 217 7.40 -23.34 15.63
C ASP D 217 8.85 -23.57 16.03
N LEU D 218 9.76 -23.35 15.09
CA LEU D 218 11.18 -23.56 15.31
C LEU D 218 11.95 -22.35 14.83
N PRO D 219 13.09 -22.06 15.46
CA PRO D 219 13.86 -20.86 15.09
C PRO D 219 14.55 -21.02 13.74
N ALA D 220 14.71 -19.90 13.05
CA ALA D 220 15.42 -19.93 11.77
C ALA D 220 16.84 -20.45 11.95
N VAL D 221 17.50 -20.04 13.03
CA VAL D 221 18.85 -20.48 13.39
C VAL D 221 18.79 -20.95 14.83
N SER D 222 19.11 -22.23 15.06
CA SER D 222 19.08 -22.79 16.41
C SER D 222 20.48 -22.82 17.01
N GLU D 223 20.52 -23.11 18.31
CA GLU D 223 21.81 -23.23 18.98
C GLU D 223 22.69 -24.22 18.23
N LYS D 224 22.14 -25.40 17.91
CA LYS D 224 22.92 -26.37 17.13
C LYS D 224 23.35 -25.80 15.78
N ASP D 225 22.44 -25.09 15.09
CA ASP D 225 22.82 -24.41 13.84
C ASP D 225 24.04 -23.50 14.05
N ILE D 226 24.04 -22.72 15.14
CA ILE D 226 25.17 -21.82 15.43
C ILE D 226 26.46 -22.62 15.57
N GLN D 227 26.40 -23.75 16.28
CA GLN D 227 27.57 -24.60 16.43
C GLN D 227 28.01 -25.16 15.09
N ASP D 228 27.06 -25.59 14.26
CA ASP D 228 27.44 -26.18 12.97
C ASP D 228 28.08 -25.12 12.07
N LEU D 229 27.48 -23.93 12.01
CA LEU D 229 28.00 -22.86 11.17
C LEU D 229 29.41 -22.43 11.61
N LYS D 230 29.63 -22.25 12.92
CA LYS D 230 30.96 -21.90 13.41
C LYS D 230 31.96 -22.99 13.06
N PHE D 231 31.56 -24.26 13.21
CA PHE D 231 32.38 -25.37 12.76
C PHE D 231 32.76 -25.22 11.28
N GLY D 232 31.79 -24.86 10.43
CA GLY D 232 32.09 -24.76 9.01
C GLY D 232 33.08 -23.64 8.69
N VAL D 233 32.98 -22.50 9.40
CA VAL D 233 34.02 -21.48 9.30
C VAL D 233 35.37 -22.05 9.70
N GLU D 234 35.43 -22.75 10.85
CA GLU D 234 36.69 -23.34 11.28
C GLU D 234 37.24 -24.30 10.24
N GLN D 235 36.36 -25.10 9.61
CA GLN D 235 36.79 -26.08 8.60
C GLN D 235 37.04 -25.45 7.24
N ASP D 236 36.83 -24.15 7.09
CA ASP D 236 37.11 -23.45 5.84
C ASP D 236 36.22 -23.98 4.69
N VAL D 237 34.93 -24.19 4.97
CA VAL D 237 34.04 -24.65 3.91
C VAL D 237 33.81 -23.52 2.92
N ASP D 238 33.46 -23.89 1.68
CA ASP D 238 33.28 -22.93 0.59
C ASP D 238 31.88 -22.35 0.52
N MET D 239 30.90 -23.07 1.03
CA MET D 239 29.54 -22.64 0.91
C MET D 239 28.74 -23.39 1.96
N VAL D 240 27.63 -22.78 2.35
CA VAL D 240 26.64 -23.37 3.23
C VAL D 240 25.34 -23.55 2.44
N PHE D 241 24.77 -24.76 2.48
CA PHE D 241 23.40 -24.98 2.04
C PHE D 241 22.51 -24.79 3.27
N ALA D 242 21.73 -23.70 3.29
CA ALA D 242 20.96 -23.31 4.46
C ALA D 242 19.56 -23.92 4.38
N SER D 243 19.29 -24.91 5.20
CA SER D 243 18.02 -25.63 5.14
C SER D 243 16.86 -24.75 5.63
N PHE D 244 15.70 -24.96 4.99
CA PHE D 244 14.39 -24.40 5.39
C PHE D 244 14.41 -22.88 5.50
N ILE D 245 14.99 -22.20 4.51
CA ILE D 245 14.92 -20.74 4.50
C ILE D 245 13.49 -20.32 4.13
N ARG D 246 12.94 -19.39 4.90
CA ARG D 246 11.53 -18.98 4.74
C ARG D 246 11.36 -17.53 4.34
N LYS D 247 12.39 -16.72 4.47
CA LYS D 247 12.27 -15.28 4.29
C LYS D 247 13.67 -14.71 4.38
N ALA D 248 13.81 -13.46 3.92
CA ALA D 248 15.13 -12.83 3.82
C ALA D 248 15.83 -12.77 5.17
N ALA D 249 15.06 -12.52 6.24
CA ALA D 249 15.65 -12.37 7.56
C ALA D 249 16.37 -13.62 8.00
N ASP D 250 15.88 -14.80 7.56
CA ASP D 250 16.58 -16.06 7.85
C ASP D 250 17.98 -16.06 7.25
N VAL D 251 18.11 -15.62 5.99
CA VAL D 251 19.43 -15.55 5.35
C VAL D 251 20.35 -14.60 6.11
N HIS D 252 19.83 -13.42 6.48
CA HIS D 252 20.62 -12.42 7.21
C HIS D 252 21.11 -12.95 8.55
N GLU D 253 20.26 -13.66 9.28
CA GLU D 253 20.73 -14.32 10.50
C GLU D 253 21.88 -15.29 10.20
N VAL D 254 21.74 -16.11 9.14
CA VAL D 254 22.81 -17.04 8.78
C VAL D 254 24.08 -16.26 8.43
N ARG D 255 23.92 -15.22 7.60
CA ARG D 255 25.02 -14.31 7.27
C ARG D 255 25.68 -13.74 8.53
N LYS D 256 24.87 -13.44 9.55
CA LYS D 256 25.42 -12.86 10.77
C LYS D 256 26.19 -13.90 11.58
N ILE D 257 25.68 -15.13 11.66
CA ILE D 257 26.45 -16.16 12.36
C ILE D 257 27.77 -16.39 11.66
N LEU D 258 27.74 -16.42 10.32
CA LEU D 258 29.00 -16.64 9.60
C LEU D 258 29.97 -15.51 9.89
N GLY D 259 29.44 -14.29 10.05
CA GLY D 259 30.20 -13.15 10.55
C GLY D 259 31.26 -12.65 9.59
N GLU D 260 32.16 -11.83 10.15
CA GLU D 260 33.24 -11.27 9.36
C GLU D 260 34.20 -12.35 8.90
N LYS D 261 34.46 -13.35 9.75
CA LYS D 261 35.38 -14.41 9.36
C LYS D 261 34.81 -15.27 8.22
N GLY D 262 33.49 -15.48 8.18
CA GLY D 262 32.96 -16.28 7.08
C GLY D 262 32.32 -15.45 5.99
N LYS D 263 32.78 -14.19 5.83
CA LYS D 263 32.06 -13.27 4.97
C LYS D 263 32.12 -13.69 3.51
N ASN D 264 33.13 -14.47 3.12
CA ASN D 264 33.30 -14.95 1.75
C ASN D 264 32.66 -16.31 1.52
N ILE D 265 32.12 -16.92 2.57
CA ILE D 265 31.44 -18.19 2.39
C ILE D 265 30.11 -17.94 1.68
N LYS D 266 29.84 -18.70 0.62
CA LYS D 266 28.63 -18.54 -0.15
C LYS D 266 27.43 -19.14 0.59
N ILE D 267 26.33 -18.40 0.63
CA ILE D 267 25.11 -18.86 1.28
C ILE D 267 24.13 -19.25 0.18
N ILE D 268 23.84 -20.55 0.13
CA ILE D 268 22.88 -21.15 -0.78
C ILE D 268 21.62 -21.46 0.02
N SER D 269 20.56 -20.68 -0.21
CA SER D 269 19.31 -20.90 0.51
C SER D 269 18.53 -22.07 -0.09
N LYS D 270 18.04 -22.95 0.77
CA LYS D 270 17.30 -24.12 0.31
C LYS D 270 15.82 -23.78 0.41
N ILE D 271 15.11 -23.88 -0.71
CA ILE D 271 13.65 -23.68 -0.73
C ILE D 271 13.02 -25.06 -0.61
N GLU D 272 12.30 -25.29 0.51
CA GLU D 272 11.72 -26.60 0.76
C GLU D 272 10.35 -26.56 1.44
N ASN D 273 9.66 -25.42 1.45
CA ASN D 273 8.30 -25.41 1.96
C ASN D 273 7.54 -24.28 1.27
N HIS D 274 6.25 -24.15 1.62
CA HIS D 274 5.37 -23.17 0.98
CA HIS D 274 5.41 -23.17 0.93
C HIS D 274 5.91 -21.75 1.15
N GLU D 275 6.29 -21.40 2.38
CA GLU D 275 6.68 -20.01 2.62
C GLU D 275 7.95 -19.65 1.84
N GLY D 276 8.92 -20.58 1.77
CA GLY D 276 10.09 -20.33 0.94
C GLY D 276 9.73 -20.03 -0.52
N VAL D 277 8.75 -20.76 -1.07
CA VAL D 277 8.35 -20.51 -2.46
C VAL D 277 7.65 -19.17 -2.57
N ARG D 278 6.68 -18.91 -1.67
CA ARG D 278 5.90 -17.67 -1.73
CA ARG D 278 5.90 -17.68 -1.74
C ARG D 278 6.76 -16.44 -1.52
N ARG D 279 7.82 -16.55 -0.71
CA ARG D 279 8.69 -15.41 -0.47
C ARG D 279 10.00 -15.53 -1.23
N PHE D 280 9.97 -16.25 -2.36
CA PHE D 280 11.21 -16.57 -3.06
C PHE D 280 12.03 -15.33 -3.42
N ASP D 281 11.39 -14.27 -3.93
CA ASP D 281 12.15 -13.15 -4.50
C ASP D 281 13.05 -12.48 -3.46
N GLU D 282 12.49 -12.14 -2.29
CA GLU D 282 13.32 -11.55 -1.24
C GLU D 282 14.41 -12.52 -0.79
N ILE D 283 14.13 -13.83 -0.80
CA ILE D 283 15.16 -14.80 -0.43
C ILE D 283 16.29 -14.80 -1.45
N LEU D 284 15.94 -14.84 -2.74
CA LEU D 284 16.97 -14.78 -3.77
C LEU D 284 17.83 -13.53 -3.62
N GLU D 285 17.18 -12.37 -3.46
CA GLU D 285 17.89 -11.11 -3.34
C GLU D 285 18.92 -11.19 -2.23
N ALA D 286 18.56 -11.81 -1.10
CA ALA D 286 19.48 -11.86 0.04
C ALA D 286 20.54 -12.97 -0.05
N SER D 287 20.40 -13.95 -0.95
CA SER D 287 21.30 -15.13 -1.00
C SER D 287 22.36 -15.02 -2.09
N ASP D 288 23.39 -15.87 -1.98
CA ASP D 288 24.35 -16.02 -3.07
C ASP D 288 23.90 -17.02 -4.13
N GLY D 289 22.91 -17.84 -3.82
CA GLY D 289 22.38 -18.85 -4.74
C GLY D 289 21.28 -19.61 -4.00
N ILE D 290 20.74 -20.62 -4.70
CA ILE D 290 19.50 -21.30 -4.31
C ILE D 290 19.65 -22.79 -4.58
N MET D 291 19.03 -23.59 -3.70
CA MET D 291 18.82 -25.01 -3.92
C MET D 291 17.34 -25.30 -3.93
N VAL D 292 16.89 -25.98 -4.99
CA VAL D 292 15.54 -26.54 -5.05
C VAL D 292 15.58 -27.85 -4.29
N ALA D 293 15.23 -27.79 -3.01
CA ALA D 293 15.43 -28.96 -2.14
C ALA D 293 14.16 -29.82 -2.23
N ARG D 294 14.06 -30.60 -3.31
CA ARG D 294 12.79 -31.24 -3.68
C ARG D 294 12.33 -32.33 -2.69
N GLY D 295 13.23 -32.89 -1.89
CA GLY D 295 12.87 -33.92 -0.92
C GLY D 295 11.85 -33.41 0.08
N ASP D 296 12.23 -32.38 0.85
CA ASP D 296 11.25 -31.79 1.75
C ASP D 296 10.15 -31.10 0.96
N LEU D 297 10.50 -30.41 -0.14
CA LEU D 297 9.52 -29.63 -0.88
C LEU D 297 8.35 -30.50 -1.33
N GLY D 298 8.60 -31.73 -1.74
CA GLY D 298 7.53 -32.49 -2.35
C GLY D 298 6.65 -33.24 -1.38
N ILE D 299 6.93 -33.10 -0.09
CA ILE D 299 5.99 -33.51 0.93
C ILE D 299 5.42 -32.30 1.68
N GLU D 300 6.13 -31.16 1.68
CA GLU D 300 5.58 -29.92 2.25
C GLU D 300 4.51 -29.31 1.34
N ILE D 301 4.64 -29.45 0.02
CA ILE D 301 3.58 -28.98 -0.89
C ILE D 301 3.13 -30.17 -1.70
N PRO D 302 2.01 -30.08 -2.42
CA PRO D 302 1.58 -31.20 -3.25
C PRO D 302 2.67 -31.62 -4.23
N ALA D 303 2.89 -32.93 -4.34
CA ALA D 303 4.00 -33.45 -5.12
C ALA D 303 3.83 -33.08 -6.60
N GLU D 304 2.58 -33.02 -7.07
CA GLU D 304 2.29 -32.68 -8.45
C GLU D 304 2.56 -31.22 -8.75
N LYS D 305 2.89 -30.41 -7.75
CA LYS D 305 3.24 -29.02 -8.00
C LYS D 305 4.75 -28.75 -7.99
N VAL D 306 5.58 -29.72 -7.59
CA VAL D 306 7.01 -29.43 -7.41
C VAL D 306 7.65 -28.91 -8.71
N PHE D 307 7.27 -29.46 -9.86
CA PHE D 307 7.92 -29.04 -11.10
C PHE D 307 7.64 -27.55 -11.38
N LEU D 308 6.50 -27.02 -10.94
CA LEU D 308 6.22 -25.60 -11.12
C LEU D 308 7.20 -24.77 -10.30
N ALA D 309 7.35 -25.11 -9.02
CA ALA D 309 8.35 -24.47 -8.17
C ALA D 309 9.76 -24.59 -8.77
N GLN D 310 10.15 -25.79 -9.20
CA GLN D 310 11.51 -25.97 -9.73
C GLN D 310 11.78 -25.07 -10.93
N LYS D 311 10.87 -25.06 -11.91
CA LYS D 311 11.10 -24.28 -13.12
C LYS D 311 11.04 -22.77 -12.83
N MET D 312 10.12 -22.37 -11.96
CA MET D 312 10.02 -20.95 -11.59
C MET D 312 11.31 -20.50 -10.90
N ILE D 313 11.87 -21.35 -10.04
CA ILE D 313 13.04 -20.94 -9.27
C ILE D 313 14.28 -20.93 -10.16
N ILE D 314 14.43 -21.93 -11.03
CA ILE D 314 15.60 -21.95 -11.86
C ILE D 314 15.58 -20.76 -12.82
N GLY D 315 14.41 -20.45 -13.38
CA GLY D 315 14.34 -19.33 -14.31
C GLY D 315 14.71 -18.01 -13.65
N ARG D 316 14.21 -17.80 -12.43
CA ARG D 316 14.45 -16.51 -11.76
C ARG D 316 15.90 -16.41 -11.33
N CYS D 317 16.51 -17.52 -10.92
CA CYS D 317 17.96 -17.50 -10.65
C CYS D 317 18.76 -17.24 -11.93
N ASN D 318 18.42 -17.92 -13.02
CA ASN D 318 19.09 -17.63 -14.29
C ASN D 318 18.98 -16.14 -14.62
N ARG D 319 17.77 -15.60 -14.49
CA ARG D 319 17.52 -14.18 -14.72
C ARG D 319 18.44 -13.32 -13.87
N ALA D 320 18.63 -13.70 -12.61
CA ALA D 320 19.48 -12.90 -11.69
C ALA D 320 20.97 -13.18 -11.84
N GLY D 321 21.35 -14.19 -12.62
CA GLY D 321 22.76 -14.53 -12.65
C GLY D 321 23.26 -15.19 -11.38
N LYS D 322 22.36 -15.78 -10.56
CA LYS D 322 22.82 -16.44 -9.35
C LYS D 322 22.69 -17.95 -9.47
N PRO D 323 23.66 -18.69 -8.92
CA PRO D 323 23.67 -20.15 -9.04
C PRO D 323 22.41 -20.82 -8.49
N VAL D 324 21.97 -21.90 -9.15
CA VAL D 324 20.82 -22.66 -8.67
C VAL D 324 21.11 -24.16 -8.80
N ILE D 325 20.81 -24.91 -7.74
CA ILE D 325 21.07 -26.35 -7.64
C ILE D 325 19.74 -27.09 -7.68
N CYS D 326 19.68 -28.17 -8.47
CA CYS D 326 18.52 -29.04 -8.44
C CYS D 326 18.89 -30.30 -7.64
N ALA D 327 18.07 -30.65 -6.65
CA ALA D 327 18.48 -31.71 -5.72
C ALA D 327 17.38 -32.72 -5.45
N THR D 328 17.82 -33.93 -5.12
CA THR D 328 17.12 -34.99 -4.40
C THR D 328 16.38 -35.95 -5.32
N GLN D 329 16.70 -37.24 -5.21
CA GLN D 329 16.01 -38.33 -5.89
C GLN D 329 16.21 -38.27 -7.41
N MET D 330 17.18 -37.51 -7.89
CA MET D 330 17.42 -37.45 -9.33
C MET D 330 17.74 -38.82 -9.93
N LEU D 331 18.51 -39.65 -9.24
CA LEU D 331 18.82 -41.02 -9.69
C LEU D 331 18.55 -42.02 -8.58
N GLU D 332 17.46 -41.81 -7.84
CA GLU D 332 17.22 -42.51 -6.59
C GLU D 332 17.37 -44.04 -6.72
N SER D 333 16.80 -44.63 -7.76
CA SER D 333 16.85 -46.10 -7.84
C SER D 333 18.29 -46.61 -7.91
N MET D 334 19.25 -45.74 -8.27
CA MET D 334 20.63 -46.17 -8.35
C MET D 334 21.24 -46.40 -6.98
N ILE D 335 20.47 -46.20 -5.92
CA ILE D 335 20.95 -46.64 -4.61
C ILE D 335 21.14 -48.15 -4.61
N LYS D 336 20.30 -48.87 -5.38
CA LYS D 336 20.33 -50.33 -5.42
C LYS D 336 20.58 -50.91 -6.82
N LYS D 337 20.49 -50.13 -7.89
CA LYS D 337 20.68 -50.66 -9.23
C LYS D 337 21.74 -49.86 -9.99
N PRO D 338 22.52 -50.52 -10.86
CA PRO D 338 23.59 -49.82 -11.58
C PRO D 338 23.12 -48.96 -12.73
N ARG D 339 21.86 -49.04 -13.11
CA ARG D 339 21.34 -48.22 -14.19
C ARG D 339 20.05 -47.57 -13.72
N PRO D 340 19.78 -46.32 -14.11
CA PRO D 340 18.60 -45.59 -13.60
C PRO D 340 17.33 -45.96 -14.36
N THR D 341 16.18 -45.51 -13.82
CA THR D 341 14.93 -45.63 -14.54
C THR D 341 14.84 -44.59 -15.66
N ARG D 342 13.84 -44.73 -16.51
CA ARG D 342 13.61 -43.75 -17.58
C ARG D 342 13.22 -42.39 -17.01
N ALA D 343 12.38 -42.36 -15.97
CA ALA D 343 11.96 -41.10 -15.35
C ALA D 343 13.16 -40.34 -14.78
N GLU D 344 14.13 -41.08 -14.25
CA GLU D 344 15.34 -40.48 -13.68
C GLU D 344 16.27 -39.95 -14.77
N GLY D 345 16.44 -40.69 -15.88
CA GLY D 345 17.22 -40.13 -16.97
C GLY D 345 16.63 -38.81 -17.42
N SER D 346 15.30 -38.78 -17.56
CA SER D 346 14.58 -37.62 -18.03
C SER D 346 14.66 -36.46 -17.02
N ASP D 347 14.65 -36.79 -15.73
CA ASP D 347 14.63 -35.76 -14.70
C ASP D 347 15.94 -34.97 -14.70
N VAL D 348 17.07 -35.67 -14.77
CA VAL D 348 18.37 -35.02 -14.90
C VAL D 348 18.42 -34.16 -16.17
N ALA D 349 18.09 -34.75 -17.33
CA ALA D 349 18.12 -33.99 -18.58
C ALA D 349 17.27 -32.71 -18.48
N ASN D 350 16.06 -32.83 -17.95
CA ASN D 350 15.17 -31.67 -17.89
C ASN D 350 15.64 -30.63 -16.87
N ALA D 351 16.30 -31.06 -15.78
CA ALA D 351 16.86 -30.05 -14.89
C ALA D 351 17.95 -29.22 -15.59
N VAL D 352 18.77 -29.86 -16.42
CA VAL D 352 19.78 -29.14 -17.20
C VAL D 352 19.11 -28.21 -18.21
N LEU D 353 18.08 -28.71 -18.92
CA LEU D 353 17.35 -27.86 -19.86
C LEU D 353 16.61 -26.75 -19.15
N ASP D 354 16.13 -27.01 -17.92
CA ASP D 354 15.52 -25.92 -17.17
C ASP D 354 16.51 -24.76 -16.97
N GLY D 355 17.81 -25.07 -16.80
CA GLY D 355 18.80 -24.04 -16.53
C GLY D 355 19.64 -24.24 -15.27
N ALA D 356 19.52 -25.40 -14.63
CA ALA D 356 20.18 -25.60 -13.34
C ALA D 356 21.69 -25.49 -13.50
N ASP D 357 22.33 -24.73 -12.64
CA ASP D 357 23.79 -24.63 -12.71
C ASP D 357 24.45 -25.91 -12.28
N CYS D 358 23.87 -26.57 -11.26
CA CYS D 358 24.39 -27.79 -10.68
C CYS D 358 23.25 -28.75 -10.45
N ILE D 359 23.58 -30.03 -10.49
CA ILE D 359 22.68 -31.10 -10.12
C ILE D 359 23.34 -31.84 -8.98
N MET D 360 22.53 -32.55 -8.19
CA MET D 360 22.99 -33.11 -6.93
C MET D 360 22.64 -34.58 -6.83
N LEU D 361 23.45 -35.30 -6.06
CA LEU D 361 23.18 -36.66 -5.63
C LEU D 361 23.16 -36.70 -4.11
N SER D 362 22.20 -37.46 -3.55
CA SER D 362 22.03 -37.52 -2.10
C SER D 362 22.30 -38.95 -1.66
N GLY D 363 21.26 -39.77 -1.39
CA GLY D 363 21.52 -41.15 -0.99
C GLY D 363 22.35 -41.90 -2.01
N GLU D 364 22.25 -41.51 -3.29
CA GLU D 364 22.96 -42.24 -4.36
C GLU D 364 24.45 -42.33 -4.06
N THR D 365 25.02 -41.29 -3.45
CA THR D 365 26.45 -41.32 -3.15
C THR D 365 26.72 -41.43 -1.67
N ALA D 366 25.77 -41.04 -0.83
CA ALA D 366 25.98 -41.05 0.60
C ALA D 366 25.93 -42.47 1.15
N LYS D 367 25.01 -43.30 0.62
CA LYS D 367 24.82 -44.62 1.21
C LYS D 367 24.55 -45.73 0.20
N GLY D 368 24.47 -45.46 -1.07
CA GLY D 368 24.02 -46.47 -2.01
C GLY D 368 25.14 -47.41 -2.42
N ASP D 369 24.75 -48.41 -3.23
CA ASP D 369 25.67 -49.43 -3.70
C ASP D 369 26.45 -49.04 -4.94
N TYR D 370 26.03 -47.98 -5.64
CA TYR D 370 26.64 -47.62 -6.92
C TYR D 370 26.98 -46.13 -6.98
N PRO D 371 27.66 -45.59 -5.96
CA PRO D 371 27.99 -44.15 -5.99
C PRO D 371 28.71 -43.72 -7.26
N LEU D 372 29.73 -44.47 -7.66
CA LEU D 372 30.51 -44.05 -8.83
C LEU D 372 29.66 -44.04 -10.09
N GLU D 373 28.85 -45.09 -10.29
CA GLU D 373 27.99 -45.15 -11.47
C GLU D 373 26.99 -44.01 -11.49
N ALA D 374 26.47 -43.62 -10.32
CA ALA D 374 25.57 -42.48 -10.27
C ALA D 374 26.28 -41.18 -10.69
N VAL D 375 27.51 -40.97 -10.23
CA VAL D 375 28.25 -39.77 -10.65
C VAL D 375 28.43 -39.79 -12.17
N ARG D 376 28.85 -40.93 -12.70
CA ARG D 376 29.10 -41.08 -14.14
C ARG D 376 27.82 -40.88 -14.95
N MET D 377 26.68 -41.34 -14.44
CA MET D 377 25.45 -41.12 -15.19
C MET D 377 25.05 -39.65 -15.22
N GLN D 378 25.17 -38.92 -14.10
CA GLN D 378 24.88 -37.48 -14.14
C GLN D 378 25.75 -36.79 -15.19
N HIS D 379 27.04 -37.12 -15.20
CA HIS D 379 27.98 -36.58 -16.18
C HIS D 379 27.47 -36.77 -17.60
N LEU D 380 27.10 -38.02 -17.93
CA LEU D 380 26.71 -38.38 -19.30
C LEU D 380 25.41 -37.69 -19.71
N ILE D 381 24.39 -37.72 -18.86
CA ILE D 381 23.15 -37.06 -19.22
C ILE D 381 23.35 -35.57 -19.35
N ALA D 382 24.19 -34.98 -18.49
CA ALA D 382 24.29 -33.52 -18.51
C ALA D 382 24.90 -33.05 -19.83
N ARG D 383 25.92 -33.76 -20.34
CA ARG D 383 26.54 -33.36 -21.60
C ARG D 383 25.52 -33.39 -22.72
N GLU D 384 24.66 -34.42 -22.72
CA GLU D 384 23.65 -34.54 -23.76
C GLU D 384 22.66 -33.39 -23.67
N ALA D 385 22.25 -33.05 -22.43
CA ALA D 385 21.20 -32.07 -22.28
C ALA D 385 21.75 -30.67 -22.54
N GLU D 386 23.03 -30.48 -22.20
CA GLU D 386 23.69 -29.21 -22.46
C GLU D 386 23.64 -28.83 -23.93
N ALA D 387 23.99 -29.79 -24.81
CA ALA D 387 23.93 -29.56 -26.25
C ALA D 387 22.49 -29.26 -26.71
N ALA D 388 21.51 -29.91 -26.07
CA ALA D 388 20.11 -29.80 -26.45
C ALA D 388 19.47 -28.50 -26.01
N MET D 389 20.17 -27.65 -25.25
CA MET D 389 19.60 -26.34 -24.98
C MET D 389 19.45 -25.55 -26.27
N PHE D 390 18.56 -24.56 -26.20
CA PHE D 390 18.23 -23.72 -27.35
C PHE D 390 18.92 -22.37 -27.13
N HIS D 391 20.26 -22.42 -27.23
CA HIS D 391 21.09 -21.31 -26.76
C HIS D 391 20.70 -19.98 -27.39
N ARG D 392 20.41 -19.96 -28.69
CA ARG D 392 20.09 -18.68 -29.33
C ARG D 392 18.91 -18.01 -28.65
N LYS D 393 17.84 -18.77 -28.35
CA LYS D 393 16.68 -18.14 -27.71
C LYS D 393 17.00 -17.82 -26.26
N LEU D 394 17.65 -18.76 -25.56
CA LEU D 394 17.99 -18.57 -24.16
C LEU D 394 18.75 -17.26 -24.00
N PHE D 395 19.81 -17.08 -24.80
CA PHE D 395 20.58 -15.83 -24.77
C PHE D 395 19.69 -14.61 -25.02
N GLU D 396 18.87 -14.64 -26.08
CA GLU D 396 18.00 -13.50 -26.35
C GLU D 396 17.14 -13.17 -25.15
N GLU D 397 16.61 -14.20 -24.49
CA GLU D 397 15.63 -14.00 -23.43
C GLU D 397 16.29 -13.53 -22.15
N LEU D 398 17.51 -14.00 -21.91
CA LEU D 398 18.31 -13.52 -20.80
C LEU D 398 18.71 -12.06 -21.03
N ALA D 399 19.16 -11.73 -22.25
CA ALA D 399 19.47 -10.33 -22.55
C ALA D 399 18.24 -9.44 -22.38
N ARG D 400 17.08 -9.89 -22.85
CA ARG D 400 15.86 -9.11 -22.61
C ARG D 400 15.65 -8.87 -21.10
N ALA D 401 15.81 -9.90 -20.28
CA ALA D 401 15.46 -9.74 -18.87
C ALA D 401 16.40 -8.78 -18.14
N SER D 402 17.68 -8.73 -18.52
CA SER D 402 18.65 -7.86 -17.85
C SER D 402 18.82 -6.50 -18.53
N SER D 403 17.94 -6.13 -19.47
CA SER D 403 18.26 -4.99 -20.33
C SER D 403 18.23 -3.64 -19.61
N HIS D 404 17.63 -3.57 -18.42
CA HIS D 404 17.74 -2.33 -17.66
C HIS D 404 19.17 -2.10 -17.18
N SER D 405 19.98 -3.14 -17.10
CA SER D 405 21.36 -2.99 -16.71
C SER D 405 22.22 -2.67 -17.93
N THR D 406 23.10 -1.67 -17.77
CA THR D 406 24.13 -1.31 -18.73
C THR D 406 25.53 -1.61 -18.15
N ASP D 407 25.61 -2.54 -17.21
CA ASP D 407 26.87 -2.90 -16.58
C ASP D 407 27.92 -3.31 -17.61
N LEU D 408 29.16 -2.83 -17.43
CA LEU D 408 30.18 -3.00 -18.46
C LEU D 408 30.70 -4.45 -18.53
N MET D 409 30.88 -5.12 -17.40
CA MET D 409 31.23 -6.54 -17.45
C MET D 409 30.14 -7.37 -18.14
N GLU D 410 28.85 -7.07 -17.87
CA GLU D 410 27.78 -7.72 -18.62
C GLU D 410 27.94 -7.51 -20.12
N ALA D 411 28.24 -6.26 -20.52
CA ALA D 411 28.45 -5.97 -21.93
C ALA D 411 29.58 -6.79 -22.51
N MET D 412 30.70 -6.90 -21.77
CA MET D 412 31.82 -7.74 -22.21
C MET D 412 31.40 -9.20 -22.31
N ALA D 413 30.63 -9.68 -21.32
CA ALA D 413 30.27 -11.09 -21.33
C ALA D 413 29.30 -11.39 -22.48
N MET D 414 28.36 -10.48 -22.74
CA MET D 414 27.38 -10.73 -23.79
C MET D 414 28.04 -10.69 -25.16
N GLY D 415 28.94 -9.71 -25.37
CA GLY D 415 29.69 -9.67 -26.61
C GLY D 415 30.53 -10.92 -26.79
N SER D 416 31.17 -11.37 -25.72
CA SER D 416 32.04 -12.55 -25.80
C SER D 416 31.26 -13.82 -26.09
N VAL D 417 30.13 -14.00 -25.40
CA VAL D 417 29.27 -15.16 -25.66
C VAL D 417 28.72 -15.12 -27.08
N GLU D 418 28.23 -13.94 -27.52
CA GLU D 418 27.79 -13.75 -28.90
C GLU D 418 28.89 -14.12 -29.90
N ALA D 419 30.13 -13.62 -29.68
CA ALA D 419 31.21 -14.01 -30.58
C ALA D 419 31.41 -15.52 -30.56
N SER D 420 31.32 -16.12 -29.36
CA SER D 420 31.54 -17.56 -29.23
C SER D 420 30.50 -18.36 -30.01
N TYR D 421 29.23 -17.88 -30.06
CA TYR D 421 28.24 -18.55 -30.92
C TYR D 421 28.59 -18.40 -32.39
N LYS D 422 28.97 -17.18 -32.81
CA LYS D 422 29.18 -16.88 -34.21
C LYS D 422 30.27 -17.76 -34.81
N CYS D 423 31.42 -17.84 -34.16
CA CYS D 423 32.54 -18.56 -34.72
C CYS D 423 32.66 -19.97 -34.16
N LEU D 424 31.68 -20.41 -33.38
CA LEU D 424 31.68 -21.75 -32.75
C LEU D 424 33.00 -22.02 -32.02
N ALA D 425 33.42 -21.04 -31.22
CA ALA D 425 34.64 -21.18 -30.43
C ALA D 425 34.59 -22.43 -29.56
N ALA D 426 35.76 -23.00 -29.30
CA ALA D 426 35.85 -24.21 -28.49
C ALA D 426 35.85 -23.93 -27.00
N ALA D 427 36.10 -22.69 -26.59
CA ALA D 427 36.14 -22.33 -25.18
C ALA D 427 36.18 -20.82 -25.07
N LEU D 428 35.83 -20.33 -23.88
CA LEU D 428 36.11 -18.96 -23.45
C LEU D 428 37.10 -19.05 -22.30
N ILE D 429 38.21 -18.32 -22.38
CA ILE D 429 39.22 -18.32 -21.32
C ILE D 429 39.06 -17.03 -20.55
N VAL D 430 38.87 -17.13 -19.23
CA VAL D 430 38.63 -15.93 -18.44
C VAL D 430 39.64 -15.86 -17.31
N LEU D 431 40.33 -14.73 -17.19
CA LEU D 431 41.25 -14.50 -16.08
C LEU D 431 40.49 -13.76 -14.99
N THR D 432 40.44 -14.33 -13.79
CA THR D 432 39.63 -13.70 -12.78
C THR D 432 40.26 -13.95 -11.41
N GLU D 433 40.09 -12.99 -10.51
CA GLU D 433 40.51 -13.19 -9.13
CA GLU D 433 40.51 -13.15 -9.11
C GLU D 433 39.33 -13.26 -8.18
N SER D 434 38.33 -12.43 -8.35
CA SER D 434 37.13 -12.60 -7.55
C SER D 434 36.21 -13.68 -8.13
N GLY D 435 36.43 -14.11 -9.37
CA GLY D 435 35.48 -14.94 -10.09
C GLY D 435 34.42 -14.17 -10.87
N ARG D 436 34.18 -12.91 -10.51
CA ARG D 436 33.00 -12.19 -10.99
C ARG D 436 32.94 -12.12 -12.51
N SER D 437 34.07 -11.83 -13.16
CA SER D 437 34.11 -11.81 -14.62
C SER D 437 33.66 -13.14 -15.22
N ALA D 438 34.10 -14.28 -14.63
CA ALA D 438 33.65 -15.56 -15.16
C ALA D 438 32.16 -15.81 -14.85
N HIS D 439 31.67 -15.35 -13.71
CA HIS D 439 30.26 -15.54 -13.37
C HIS D 439 29.36 -14.80 -14.37
N GLN D 440 29.78 -13.61 -14.79
CA GLN D 440 29.01 -12.88 -15.78
C GLN D 440 29.01 -13.59 -17.13
N VAL D 441 30.14 -14.18 -17.55
CA VAL D 441 30.11 -14.95 -18.79
C VAL D 441 29.16 -16.13 -18.65
N ALA D 442 29.28 -16.87 -17.53
CA ALA D 442 28.46 -18.06 -17.32
C ALA D 442 26.98 -17.74 -17.40
N ARG D 443 26.59 -16.63 -16.79
CA ARG D 443 25.19 -16.25 -16.72
C ARG D 443 24.56 -16.12 -18.11
N TYR D 444 25.35 -15.79 -19.15
CA TYR D 444 24.79 -15.67 -20.49
C TYR D 444 24.91 -16.95 -21.31
N ARG D 445 25.31 -18.07 -20.70
CA ARG D 445 25.03 -19.39 -21.25
C ARG D 445 25.64 -19.64 -22.63
N PRO D 446 26.95 -19.53 -22.76
CA PRO D 446 27.61 -20.05 -23.96
C PRO D 446 27.51 -21.56 -23.93
N ARG D 447 27.59 -22.18 -25.11
CA ARG D 447 27.69 -23.63 -25.12
C ARG D 447 29.10 -24.10 -24.82
N ALA D 448 30.14 -23.30 -25.16
CA ALA D 448 31.53 -23.69 -24.95
C ALA D 448 31.91 -23.60 -23.48
N PRO D 449 32.84 -24.43 -23.02
CA PRO D 449 33.27 -24.32 -21.62
C PRO D 449 33.97 -23.00 -21.34
N ILE D 450 33.84 -22.54 -20.10
CA ILE D 450 34.51 -21.34 -19.61
C ILE D 450 35.68 -21.81 -18.75
N ILE D 451 36.89 -21.73 -19.29
CA ILE D 451 38.08 -22.04 -18.51
C ILE D 451 38.49 -20.79 -17.75
N ALA D 452 38.24 -20.78 -16.42
CA ALA D 452 38.54 -19.62 -15.58
C ALA D 452 39.86 -19.87 -14.85
N VAL D 453 40.89 -19.11 -15.20
CA VAL D 453 42.19 -19.24 -14.54
C VAL D 453 42.27 -18.21 -13.42
N THR D 454 42.56 -18.67 -12.20
CA THR D 454 42.65 -17.79 -11.04
C THR D 454 43.80 -18.24 -10.12
N ARG D 455 44.37 -17.28 -9.42
CA ARG D 455 45.29 -17.58 -8.32
C ARG D 455 44.58 -17.66 -6.98
N ASN D 456 43.29 -17.30 -6.92
CA ASN D 456 42.53 -17.35 -5.68
C ASN D 456 41.88 -18.75 -5.57
N HIS D 457 42.44 -19.59 -4.67
CA HIS D 457 42.00 -20.97 -4.57
C HIS D 457 40.52 -21.07 -4.21
N GLN D 458 40.05 -20.20 -3.32
CA GLN D 458 38.64 -20.25 -2.92
C GLN D 458 37.71 -19.84 -4.07
N THR D 459 38.13 -18.88 -4.88
CA THR D 459 37.40 -18.55 -6.11
C THR D 459 37.31 -19.76 -7.03
N ALA D 460 38.39 -20.51 -7.16
CA ALA D 460 38.36 -21.69 -8.02
C ALA D 460 37.35 -22.72 -7.50
N ARG D 461 37.30 -22.95 -6.19
CA ARG D 461 36.39 -23.97 -5.66
C ARG D 461 34.94 -23.53 -5.79
N GLN D 462 34.67 -22.26 -5.46
CA GLN D 462 33.32 -21.73 -5.52
C GLN D 462 32.81 -21.62 -6.97
N ALA D 463 33.71 -21.54 -7.95
CA ALA D 463 33.29 -21.39 -9.34
C ALA D 463 32.43 -22.56 -9.78
N HIS D 464 32.56 -23.72 -9.11
CA HIS D 464 31.78 -24.89 -9.46
C HIS D 464 30.27 -24.64 -9.32
N LEU D 465 29.88 -23.59 -8.61
CA LEU D 465 28.46 -23.26 -8.49
C LEU D 465 27.84 -22.74 -9.80
N TYR D 466 28.65 -22.38 -10.80
CA TYR D 466 28.19 -21.71 -12.01
C TYR D 466 28.31 -22.62 -13.22
N ARG D 467 27.21 -22.73 -13.96
CA ARG D 467 27.17 -23.52 -15.19
C ARG D 467 28.36 -23.19 -16.11
N GLY D 468 29.09 -24.23 -16.51
CA GLY D 468 30.11 -24.06 -17.53
C GLY D 468 31.47 -23.53 -17.06
N ILE D 469 31.63 -23.05 -15.83
CA ILE D 469 32.96 -22.60 -15.43
C ILE D 469 33.79 -23.82 -15.06
N PHE D 470 34.93 -23.96 -15.71
CA PHE D 470 35.92 -25.00 -15.44
C PHE D 470 37.11 -24.34 -14.75
N PRO D 471 37.15 -24.30 -13.41
CA PRO D 471 38.18 -23.48 -12.73
C PRO D 471 39.55 -24.10 -12.81
N VAL D 472 40.56 -23.27 -13.00
CA VAL D 472 41.95 -23.69 -13.07
C VAL D 472 42.75 -22.84 -12.08
N VAL D 473 43.47 -23.49 -11.18
CA VAL D 473 44.30 -22.80 -10.19
C VAL D 473 45.66 -22.50 -10.81
N CYS D 474 46.04 -21.25 -10.78
CA CYS D 474 47.37 -20.85 -11.21
C CYS D 474 48.19 -20.71 -9.93
N LYS D 475 49.26 -21.48 -9.83
CA LYS D 475 50.17 -21.39 -8.69
C LYS D 475 51.49 -20.68 -9.01
N ASP D 476 51.69 -20.26 -10.26
CA ASP D 476 52.91 -19.55 -10.62
C ASP D 476 53.01 -18.21 -9.87
N PRO D 477 54.22 -17.75 -9.58
CA PRO D 477 54.39 -16.40 -9.04
C PRO D 477 54.01 -15.35 -10.07
N VAL D 478 53.64 -14.17 -9.56
CA VAL D 478 53.25 -13.06 -10.41
C VAL D 478 54.45 -12.55 -11.21
N GLN D 479 54.32 -12.49 -12.53
CA GLN D 479 55.37 -11.92 -13.35
C GLN D 479 55.39 -10.40 -13.22
N GLU D 480 56.59 -9.81 -13.32
CA GLU D 480 56.69 -8.36 -13.21
C GLU D 480 55.97 -7.68 -14.38
N ALA D 481 56.14 -8.19 -15.60
CA ALA D 481 55.51 -7.60 -16.78
C ALA D 481 54.07 -8.11 -16.91
N TRP D 482 53.11 -7.19 -16.75
CA TRP D 482 51.70 -7.58 -16.82
C TRP D 482 51.39 -8.43 -18.06
N ALA D 483 51.85 -8.01 -19.23
CA ALA D 483 51.54 -8.78 -20.42
C ALA D 483 52.09 -10.20 -20.30
N GLU D 484 53.28 -10.35 -19.72
CA GLU D 484 53.83 -11.67 -19.49
C GLU D 484 52.95 -12.48 -18.55
N ASP D 485 52.48 -11.85 -17.48
CA ASP D 485 51.64 -12.55 -16.52
C ASP D 485 50.29 -12.94 -17.14
N VAL D 486 49.70 -12.06 -17.94
CA VAL D 486 48.49 -12.45 -18.65
C VAL D 486 48.77 -13.65 -19.52
N ASP D 487 49.85 -13.56 -20.32
CA ASP D 487 50.20 -14.62 -21.25
C ASP D 487 50.43 -15.96 -20.54
N LEU D 488 51.16 -15.93 -19.41
CA LEU D 488 51.36 -17.16 -18.64
C LEU D 488 50.01 -17.83 -18.30
N ARG D 489 49.05 -17.07 -17.79
CA ARG D 489 47.77 -17.63 -17.37
C ARG D 489 46.96 -18.12 -18.56
N VAL D 490 46.95 -17.36 -19.66
CA VAL D 490 46.24 -17.80 -20.85
C VAL D 490 46.83 -19.10 -21.37
N ASN D 491 48.16 -19.22 -21.34
CA ASN D 491 48.79 -20.45 -21.80
C ASN D 491 48.46 -21.62 -20.90
N LEU D 492 48.37 -21.38 -19.59
CA LEU D 492 47.88 -22.41 -18.68
C LEU D 492 46.52 -22.92 -19.14
N ALA D 493 45.58 -22.01 -19.41
CA ALA D 493 44.27 -22.46 -19.87
C ALA D 493 44.39 -23.25 -21.18
N MET D 494 45.28 -22.81 -22.08
CA MET D 494 45.47 -23.51 -23.37
C MET D 494 45.93 -24.95 -23.17
N ASN D 495 46.99 -25.14 -22.37
CA ASN D 495 47.44 -26.49 -22.03
C ASN D 495 46.35 -27.32 -21.35
N VAL D 496 45.65 -26.73 -20.38
CA VAL D 496 44.57 -27.44 -19.70
C VAL D 496 43.54 -27.92 -20.72
N GLY D 497 43.07 -27.00 -21.56
CA GLY D 497 42.09 -27.36 -22.58
C GLY D 497 42.60 -28.42 -23.55
N LYS D 498 43.89 -28.36 -23.92
CA LYS D 498 44.42 -29.39 -24.81
C LYS D 498 44.52 -30.74 -24.10
N ALA D 499 44.89 -30.75 -22.83
CA ALA D 499 45.02 -32.02 -22.12
C ALA D 499 43.65 -32.63 -21.81
N ARG D 500 42.60 -31.82 -21.70
CA ARG D 500 41.27 -32.33 -21.42
C ARG D 500 40.52 -32.71 -22.70
N GLY D 501 41.15 -32.59 -23.86
CA GLY D 501 40.45 -32.75 -25.12
C GLY D 501 39.33 -31.75 -25.38
N PHE D 502 39.36 -30.57 -24.74
CA PHE D 502 38.41 -29.51 -25.07
C PHE D 502 38.72 -28.92 -26.45
N PHE D 503 40.00 -28.75 -26.78
CA PHE D 503 40.35 -28.26 -28.10
C PHE D 503 41.73 -28.78 -28.48
N LYS D 504 42.12 -28.51 -29.73
CA LYS D 504 43.41 -28.89 -30.25
C LYS D 504 43.99 -27.69 -30.97
N LYS D 505 45.27 -27.77 -31.33
CA LYS D 505 45.93 -26.68 -32.04
C LYS D 505 45.13 -26.26 -33.26
N GLY D 506 45.01 -24.93 -33.44
CA GLY D 506 44.28 -24.41 -34.57
C GLY D 506 42.80 -24.21 -34.35
N ASP D 507 42.24 -24.68 -33.23
CA ASP D 507 40.88 -24.30 -32.90
C ASP D 507 40.86 -22.82 -32.51
N VAL D 508 39.67 -22.28 -32.34
CA VAL D 508 39.50 -20.87 -32.01
C VAL D 508 38.88 -20.76 -30.63
N VAL D 509 39.38 -19.82 -29.83
CA VAL D 509 38.86 -19.63 -28.49
C VAL D 509 38.74 -18.13 -28.24
N ILE D 510 37.91 -17.79 -27.26
CA ILE D 510 37.68 -16.42 -26.86
C ILE D 510 38.43 -16.20 -25.55
N VAL D 511 39.16 -15.09 -25.46
CA VAL D 511 40.01 -14.85 -24.28
C VAL D 511 39.63 -13.50 -23.68
N LEU D 512 39.30 -13.51 -22.40
CA LEU D 512 38.90 -12.31 -21.69
C LEU D 512 39.95 -11.98 -20.63
N THR D 513 40.43 -10.73 -20.64
CA THR D 513 41.51 -10.32 -19.76
C THR D 513 41.27 -8.88 -19.37
N GLY D 514 42.02 -8.44 -18.36
CA GLY D 514 42.10 -7.02 -18.03
C GLY D 514 43.24 -6.39 -18.80
N TRP D 515 43.03 -5.15 -19.26
CA TRP D 515 44.02 -4.52 -20.12
C TRP D 515 45.25 -4.09 -19.33
N ARG D 516 45.06 -3.65 -18.11
CA ARG D 516 46.10 -3.27 -17.17
C ARG D 516 45.83 -3.96 -15.85
N PRO D 517 46.84 -4.06 -14.97
CA PRO D 517 46.59 -4.67 -13.65
C PRO D 517 45.55 -3.93 -12.85
N GLY D 518 45.34 -2.64 -13.16
CA GLY D 518 44.30 -1.86 -12.54
C GLY D 518 42.92 -2.06 -13.13
N SER D 519 42.82 -2.74 -14.27
CA SER D 519 41.51 -3.10 -14.80
C SER D 519 40.79 -4.00 -13.79
N GLY D 520 39.57 -3.60 -13.39
CA GLY D 520 38.81 -4.33 -12.38
C GLY D 520 37.69 -5.20 -12.95
N PHE D 521 37.80 -5.52 -14.24
CA PHE D 521 37.07 -6.61 -14.86
C PHE D 521 37.82 -6.91 -16.15
N THR D 522 37.43 -7.99 -16.81
CA THR D 522 38.04 -8.35 -18.07
C THR D 522 37.45 -7.44 -19.13
N ASN D 523 38.13 -6.31 -19.40
CA ASN D 523 37.66 -5.33 -20.37
C ASN D 523 38.22 -5.56 -21.77
N THR D 524 38.89 -6.68 -22.00
CA THR D 524 39.58 -6.97 -23.24
C THR D 524 39.17 -8.35 -23.72
N MET D 525 38.63 -8.43 -24.94
CA MET D 525 38.20 -9.68 -25.54
CA MET D 525 38.16 -9.66 -25.56
C MET D 525 38.96 -9.89 -26.84
N ARG D 526 39.46 -11.12 -27.03
CA ARG D 526 40.17 -11.49 -28.24
C ARG D 526 39.70 -12.85 -28.73
N VAL D 527 39.63 -13.00 -30.05
CA VAL D 527 39.48 -14.31 -30.67
C VAL D 527 40.88 -14.76 -31.06
N VAL D 528 41.27 -15.92 -30.56
CA VAL D 528 42.65 -16.41 -30.56
C VAL D 528 42.68 -17.83 -31.09
N PRO D 529 43.58 -18.19 -31.99
CA PRO D 529 43.74 -19.60 -32.35
C PRO D 529 44.48 -20.34 -31.24
N VAL D 530 44.12 -21.60 -31.04
CA VAL D 530 44.87 -22.39 -30.06
C VAL D 530 46.25 -22.69 -30.63
N PRO D 531 47.33 -22.37 -29.91
CA PRO D 531 48.72 -22.67 -30.30
C PRO D 531 49.02 -24.17 -30.31
N ILE E 13 5.12 -18.34 -59.69
CA ILE E 13 5.23 -17.23 -58.75
C ILE E 13 3.93 -17.04 -57.98
N GLN E 14 3.95 -17.36 -56.69
CA GLN E 14 2.78 -17.11 -55.86
C GLN E 14 2.33 -15.66 -56.00
N THR E 15 1.03 -15.47 -56.06
CA THR E 15 0.42 -14.16 -56.10
C THR E 15 0.45 -13.53 -54.70
N GLN E 16 0.10 -12.24 -54.63
CA GLN E 16 -0.24 -11.62 -53.36
C GLN E 16 0.92 -11.65 -52.35
N GLN E 17 2.15 -11.64 -52.82
CA GLN E 17 3.34 -11.71 -51.96
C GLN E 17 3.18 -12.83 -50.94
N LEU E 18 2.56 -13.95 -51.37
CA LEU E 18 2.38 -15.07 -50.46
C LEU E 18 3.70 -15.74 -50.11
N HIS E 19 4.70 -15.70 -51.00
CA HIS E 19 5.99 -16.21 -50.59
C HIS E 19 6.58 -15.39 -49.44
N ALA E 20 6.61 -14.05 -49.58
CA ALA E 20 7.05 -13.21 -48.47
C ALA E 20 6.18 -13.40 -47.22
N ALA E 21 4.89 -13.73 -47.40
CA ALA E 21 4.02 -13.91 -46.24
C ALA E 21 4.52 -15.02 -45.33
N MET E 22 5.24 -15.98 -45.88
CA MET E 22 5.69 -17.14 -45.16
C MET E 22 7.09 -16.95 -44.56
N ALA E 23 7.66 -15.74 -44.64
CA ALA E 23 8.96 -15.52 -44.03
C ALA E 23 8.90 -15.64 -42.51
N ASP E 24 10.07 -15.91 -41.93
CA ASP E 24 10.24 -16.06 -40.48
C ASP E 24 10.58 -14.74 -39.81
N THR E 25 11.26 -13.84 -40.51
CA THR E 25 11.70 -12.57 -39.93
C THR E 25 11.17 -11.44 -40.80
N PHE E 26 11.17 -10.22 -40.23
CA PHE E 26 10.81 -9.06 -41.06
C PHE E 26 11.82 -8.87 -42.19
N LEU E 27 13.11 -9.10 -41.90
CA LEU E 27 14.16 -8.97 -42.92
C LEU E 27 13.90 -9.92 -44.09
N GLU E 28 13.68 -11.20 -43.79
CA GLU E 28 13.40 -12.16 -44.84
C GLU E 28 12.10 -11.80 -45.60
N HIS E 29 11.07 -11.34 -44.89
CA HIS E 29 9.85 -10.85 -45.52
C HIS E 29 10.18 -9.76 -46.54
N MET E 30 10.93 -8.75 -46.13
CA MET E 30 11.34 -7.73 -47.09
C MET E 30 12.15 -8.34 -48.24
N CYS E 31 13.10 -9.21 -47.92
CA CYS E 31 13.94 -9.78 -48.97
C CYS E 31 13.12 -10.53 -50.01
N ARG E 32 11.93 -11.02 -49.63
CA ARG E 32 11.09 -11.82 -50.51
C ARG E 32 10.09 -11.02 -51.34
N LEU E 33 10.04 -9.70 -51.21
CA LEU E 33 9.05 -8.95 -51.96
C LEU E 33 9.37 -9.05 -53.45
N ASP E 34 8.35 -9.34 -54.25
CA ASP E 34 8.53 -9.75 -55.65
C ASP E 34 7.64 -8.90 -56.54
N ILE E 35 8.24 -8.04 -57.37
CA ILE E 35 7.47 -7.19 -58.27
C ILE E 35 6.67 -7.98 -59.29
N ASP E 36 6.96 -9.27 -59.46
CA ASP E 36 6.19 -10.09 -60.38
C ASP E 36 5.09 -10.90 -59.68
N SER E 37 4.91 -10.73 -58.36
CA SER E 37 3.80 -11.38 -57.66
C SER E 37 2.58 -10.44 -57.74
N ALA E 38 1.55 -10.85 -58.50
CA ALA E 38 0.43 -9.95 -58.76
C ALA E 38 -0.45 -9.79 -57.52
N PRO E 39 -0.88 -8.56 -57.21
CA PRO E 39 -1.85 -8.34 -56.11
C PRO E 39 -3.22 -8.87 -56.48
N ILE E 40 -4.12 -8.90 -55.49
CA ILE E 40 -5.48 -9.37 -55.78
C ILE E 40 -6.25 -8.21 -56.39
N THR E 41 -7.48 -8.48 -56.85
CA THR E 41 -8.32 -7.42 -57.38
C THR E 41 -8.82 -6.47 -56.30
N ALA E 42 -9.21 -6.99 -55.13
CA ALA E 42 -9.81 -6.11 -54.13
C ALA E 42 -8.76 -5.12 -53.59
N ARG E 43 -9.20 -3.92 -53.28
CA ARG E 43 -8.34 -2.90 -52.71
C ARG E 43 -8.90 -2.55 -51.34
N ASN E 44 -8.12 -2.73 -50.28
CA ASN E 44 -8.67 -2.61 -48.93
C ASN E 44 -8.57 -1.22 -48.31
N THR E 45 -7.59 -0.39 -48.67
CA THR E 45 -7.44 0.93 -48.07
C THR E 45 -8.45 1.94 -48.62
N GLY E 46 -9.20 2.60 -47.73
CA GLY E 46 -10.15 3.59 -48.17
C GLY E 46 -9.47 4.80 -48.78
N ILE E 47 -10.13 5.40 -49.79
CA ILE E 47 -9.59 6.58 -50.43
C ILE E 47 -10.55 7.74 -50.17
N ILE E 48 -10.02 8.80 -49.57
CA ILE E 48 -10.75 10.01 -49.20
C ILE E 48 -10.26 11.13 -50.12
N CYS E 49 -11.21 11.76 -50.84
CA CYS E 49 -10.92 12.79 -51.84
C CYS E 49 -11.55 14.11 -51.42
N THR E 50 -10.72 15.15 -51.31
CA THR E 50 -11.26 16.48 -51.14
C THR E 50 -11.86 16.97 -52.46
N ILE E 51 -13.10 17.45 -52.40
CA ILE E 51 -13.78 17.93 -53.60
C ILE E 51 -13.64 19.45 -53.65
N GLY E 52 -13.39 19.98 -54.84
CA GLY E 52 -13.24 21.41 -55.03
C GLY E 52 -13.52 21.72 -56.48
N PRO E 53 -13.06 22.88 -56.97
CA PRO E 53 -13.40 23.29 -58.35
C PRO E 53 -13.04 22.27 -59.42
N ALA E 54 -11.96 21.50 -59.26
CA ALA E 54 -11.59 20.55 -60.30
C ALA E 54 -12.45 19.28 -60.31
N SER E 55 -13.24 19.00 -59.24
CA SER E 55 -13.84 17.68 -59.06
C SER E 55 -15.32 17.73 -58.67
N ARG E 56 -15.96 18.89 -58.64
CA ARG E 56 -17.29 18.95 -58.05
C ARG E 56 -18.44 18.91 -59.08
N SER E 57 -18.14 18.85 -60.38
CA SER E 57 -19.19 18.55 -61.35
C SER E 57 -19.69 17.11 -61.19
N VAL E 58 -20.99 16.91 -61.47
CA VAL E 58 -21.56 15.57 -61.40
C VAL E 58 -20.77 14.61 -62.29
N GLU E 59 -20.41 15.06 -63.49
CA GLU E 59 -19.73 14.19 -64.42
C GLU E 59 -18.36 13.77 -63.90
N THR E 60 -17.58 14.69 -63.36
CA THR E 60 -16.29 14.27 -62.81
C THR E 60 -16.47 13.35 -61.59
N LEU E 61 -17.44 13.65 -60.72
CA LEU E 61 -17.66 12.84 -59.52
C LEU E 61 -18.01 11.38 -59.86
N LYS E 62 -18.83 11.18 -60.88
CA LYS E 62 -19.07 9.83 -61.39
C LYS E 62 -17.77 9.10 -61.66
N GLU E 63 -16.85 9.76 -62.39
CA GLU E 63 -15.56 9.15 -62.70
C GLU E 63 -14.71 8.95 -61.45
N MET E 64 -14.79 9.90 -60.51
CA MET E 64 -14.07 9.75 -59.24
C MET E 64 -14.50 8.48 -58.53
N ILE E 65 -15.81 8.22 -58.52
CA ILE E 65 -16.34 7.03 -57.89
C ILE E 65 -15.87 5.80 -58.64
N LYS E 66 -15.95 5.82 -59.97
CA LYS E 66 -15.46 4.68 -60.74
C LYS E 66 -13.95 4.49 -60.54
N SER E 67 -13.22 5.58 -60.31
CA SER E 67 -11.78 5.48 -60.12
C SER E 67 -11.40 4.96 -58.73
N GLY E 68 -12.30 5.01 -57.74
CA GLY E 68 -11.96 4.51 -56.40
C GLY E 68 -12.32 5.33 -55.17
N MET E 69 -12.73 6.60 -55.34
CA MET E 69 -13.22 7.41 -54.23
C MET E 69 -14.23 6.68 -53.37
N ASN E 70 -13.96 6.61 -52.06
CA ASN E 70 -14.94 6.13 -51.10
C ASN E 70 -15.56 7.21 -50.25
N VAL E 71 -14.85 8.32 -50.00
CA VAL E 71 -15.32 9.38 -49.13
C VAL E 71 -15.05 10.72 -49.81
N ALA E 72 -16.07 11.59 -49.88
CA ALA E 72 -15.90 12.95 -50.38
C ALA E 72 -15.76 13.87 -49.19
N ARG E 73 -14.62 14.54 -49.10
CA ARG E 73 -14.37 15.45 -47.99
C ARG E 73 -14.70 16.87 -48.44
N MET E 74 -15.53 17.55 -47.68
CA MET E 74 -15.87 18.94 -47.96
C MET E 74 -15.09 19.80 -46.99
N ASN E 75 -14.26 20.68 -47.50
CA ASN E 75 -13.36 21.46 -46.65
C ASN E 75 -14.04 22.78 -46.29
N PHE E 76 -14.52 22.91 -45.05
CA PHE E 76 -15.25 24.12 -44.67
C PHE E 76 -14.35 25.31 -44.29
N SER E 77 -13.03 25.22 -44.50
CA SER E 77 -12.19 26.40 -44.32
C SER E 77 -12.55 27.55 -45.26
N HIS E 78 -13.17 27.25 -46.39
CA HIS E 78 -13.69 28.26 -47.30
C HIS E 78 -15.02 27.77 -47.86
N GLY E 79 -15.79 28.70 -48.42
CA GLY E 79 -17.05 28.34 -49.06
C GLY E 79 -18.24 28.54 -48.12
N THR E 80 -19.36 29.00 -48.66
CA THR E 80 -20.56 29.19 -47.88
C THR E 80 -21.31 27.87 -47.70
N HIS E 81 -22.31 27.88 -46.82
CA HIS E 81 -23.16 26.69 -46.66
C HIS E 81 -23.80 26.30 -47.99
N GLU E 82 -24.30 27.30 -48.74
CA GLU E 82 -24.95 27.02 -50.02
C GLU E 82 -23.96 26.41 -51.01
N TYR E 83 -22.74 26.92 -51.00
CA TYR E 83 -21.72 26.36 -51.88
C TYR E 83 -21.48 24.88 -51.54
N HIS E 84 -21.30 24.58 -50.25
CA HIS E 84 -21.04 23.19 -49.86
C HIS E 84 -22.26 22.30 -50.04
N ALA E 85 -23.47 22.83 -49.83
CA ALA E 85 -24.67 22.05 -50.11
C ALA E 85 -24.76 21.66 -51.58
N GLU E 86 -24.37 22.59 -52.47
CA GLU E 86 -24.30 22.27 -53.89
C GLU E 86 -23.30 21.13 -54.17
N THR E 87 -22.12 21.18 -53.56
CA THR E 87 -21.14 20.09 -53.73
C THR E 87 -21.70 18.77 -53.22
N ILE E 88 -22.23 18.78 -52.00
CA ILE E 88 -22.84 17.57 -51.42
C ILE E 88 -23.94 17.04 -52.33
N LYS E 89 -24.79 17.92 -52.87
CA LYS E 89 -25.83 17.48 -53.79
C LYS E 89 -25.23 16.77 -55.00
N ASN E 90 -24.20 17.37 -55.62
CA ASN E 90 -23.56 16.73 -56.78
C ASN E 90 -22.95 15.38 -56.42
N VAL E 91 -22.32 15.30 -55.26
CA VAL E 91 -21.78 14.01 -54.85
C VAL E 91 -22.88 12.96 -54.81
N ARG E 92 -24.02 13.29 -54.18
CA ARG E 92 -25.11 12.33 -54.08
C ARG E 92 -25.77 12.04 -55.44
N THR E 93 -25.91 13.05 -56.29
CA THR E 93 -26.44 12.77 -57.63
C THR E 93 -25.57 11.76 -58.35
N ALA E 94 -24.25 11.95 -58.30
CA ALA E 94 -23.31 11.05 -58.95
C ALA E 94 -23.36 9.67 -58.32
N THR E 95 -23.30 9.61 -56.98
CA THR E 95 -23.39 8.33 -56.28
C THR E 95 -24.65 7.57 -56.69
N GLU E 96 -25.80 8.24 -56.70
CA GLU E 96 -27.06 7.55 -56.95
C GLU E 96 -27.28 7.22 -58.42
N SER E 97 -26.51 7.82 -59.34
CA SER E 97 -26.60 7.47 -60.75
C SER E 97 -26.25 6.01 -60.96
N PHE E 98 -25.59 5.38 -59.98
CA PHE E 98 -25.25 3.97 -60.07
C PHE E 98 -26.24 3.07 -59.36
N ALA E 99 -27.27 3.63 -58.74
CA ALA E 99 -28.09 2.85 -57.82
C ALA E 99 -28.98 1.86 -58.56
N SER E 100 -29.08 1.97 -59.88
CA SER E 100 -30.01 1.12 -60.60
C SER E 100 -29.53 -0.33 -60.57
N ASP E 101 -28.21 -0.54 -60.45
CA ASP E 101 -27.64 -1.88 -60.33
C ASP E 101 -27.21 -2.15 -58.89
N PRO E 102 -28.07 -2.73 -58.05
CA PRO E 102 -27.68 -2.92 -56.65
C PRO E 102 -26.47 -3.81 -56.48
N ILE E 103 -26.09 -4.57 -57.51
CA ILE E 103 -24.95 -5.45 -57.32
C ILE E 103 -23.65 -4.68 -57.47
N LEU E 104 -23.63 -3.65 -58.31
CA LEU E 104 -22.40 -2.90 -58.53
C LEU E 104 -22.36 -1.58 -57.76
N TYR E 105 -23.48 -1.14 -57.20
CA TYR E 105 -23.52 0.17 -56.54
C TYR E 105 -22.54 0.24 -55.37
N ARG E 106 -21.74 1.32 -55.32
CA ARG E 106 -20.86 1.59 -54.18
C ARG E 106 -21.41 2.75 -53.36
N PRO E 107 -21.65 2.54 -52.06
CA PRO E 107 -21.92 3.68 -51.16
C PRO E 107 -20.75 4.65 -51.13
N VAL E 108 -21.05 5.94 -50.97
CA VAL E 108 -20.04 6.98 -50.93
C VAL E 108 -20.33 7.85 -49.70
N ALA E 109 -19.34 8.00 -48.81
CA ALA E 109 -19.53 8.78 -47.59
C ALA E 109 -19.28 10.27 -47.85
N VAL E 110 -19.86 11.10 -46.97
CA VAL E 110 -19.70 12.56 -46.98
C VAL E 110 -19.05 12.99 -45.67
N ALA E 111 -17.88 13.61 -45.75
CA ALA E 111 -17.19 14.11 -44.56
C ALA E 111 -17.18 15.64 -44.55
N LEU E 112 -17.45 16.21 -43.38
CA LEU E 112 -17.39 17.64 -43.14
C LEU E 112 -16.09 17.93 -42.37
N ASP E 113 -15.20 18.75 -42.95
CA ASP E 113 -13.88 19.03 -42.36
C ASP E 113 -13.86 20.50 -41.90
N THR E 114 -13.79 20.72 -40.59
CA THR E 114 -14.08 22.04 -40.06
C THR E 114 -12.91 22.99 -40.28
N LYS E 115 -13.25 24.28 -40.34
CA LYS E 115 -12.23 25.32 -40.36
C LYS E 115 -11.41 25.32 -39.07
N GLY E 116 -12.09 25.33 -37.92
CA GLY E 116 -11.41 25.32 -36.64
C GLY E 116 -10.83 26.67 -36.20
N PRO E 117 -10.26 26.69 -35.02
CA PRO E 117 -9.66 27.94 -34.53
C PRO E 117 -8.45 28.33 -35.36
N GLU E 118 -8.29 29.64 -35.57
CA GLU E 118 -7.21 30.19 -36.37
C GLU E 118 -6.68 31.45 -35.72
N ILE E 119 -5.40 31.72 -35.98
CA ILE E 119 -4.77 32.99 -35.64
C ILE E 119 -4.42 33.70 -36.95
N ARG E 120 -4.87 34.94 -37.09
CA ARG E 120 -4.61 35.73 -38.29
C ARG E 120 -4.04 37.09 -37.94
N THR E 121 -3.20 37.61 -38.83
CA THR E 121 -2.66 38.97 -38.73
C THR E 121 -3.65 39.96 -39.32
N GLY E 122 -3.32 41.26 -39.22
CA GLY E 122 -4.18 42.32 -39.72
C GLY E 122 -3.82 42.78 -41.12
N LEU E 123 -4.28 43.97 -41.50
CA LEU E 123 -4.04 44.50 -42.85
C LEU E 123 -2.74 45.28 -42.90
N ILE E 124 -1.89 44.96 -43.90
CA ILE E 124 -0.70 45.75 -44.20
C ILE E 124 -1.12 47.13 -44.72
N LYS E 125 -0.78 48.17 -43.96
CA LYS E 125 -1.00 49.56 -44.38
C LYS E 125 -2.46 49.81 -44.76
N GLY E 126 -3.39 49.15 -44.07
CA GLY E 126 -4.80 49.32 -44.39
C GLY E 126 -5.28 48.68 -45.67
N SER E 127 -4.52 47.77 -46.28
CA SER E 127 -4.86 47.23 -47.60
C SER E 127 -4.87 45.71 -47.58
N GLY E 128 -5.85 45.11 -48.28
CA GLY E 128 -5.87 43.66 -48.44
C GLY E 128 -4.76 43.12 -49.32
N THR E 129 -4.11 43.98 -50.11
CA THR E 129 -3.18 43.48 -51.14
C THR E 129 -1.77 44.03 -51.02
N ALA E 130 -1.57 45.05 -50.18
CA ALA E 130 -0.22 45.58 -49.95
C ALA E 130 0.68 44.58 -49.24
N GLU E 131 1.97 44.71 -49.44
CA GLU E 131 2.96 43.86 -48.80
C GLU E 131 4.10 44.73 -48.33
N VAL E 132 4.82 44.24 -47.31
CA VAL E 132 6.08 44.82 -46.83
C VAL E 132 7.12 43.70 -46.80
N GLU E 133 8.39 44.06 -46.68
CA GLU E 133 9.47 43.08 -46.58
C GLU E 133 10.03 43.02 -45.16
N LEU E 134 10.13 41.82 -44.61
CA LEU E 134 10.80 41.61 -43.33
C LEU E 134 12.19 41.07 -43.60
N LYS E 135 13.20 41.71 -43.03
CA LYS E 135 14.58 41.32 -43.23
C LYS E 135 15.09 40.53 -42.02
N LYS E 136 15.89 39.49 -42.29
CA LYS E 136 16.45 38.69 -41.22
C LYS E 136 17.26 39.57 -40.28
N GLY E 137 17.09 39.36 -38.98
CA GLY E 137 17.80 40.16 -37.99
C GLY E 137 17.06 41.39 -37.52
N ALA E 138 16.11 41.92 -38.31
CA ALA E 138 15.33 43.10 -37.95
C ALA E 138 14.40 42.81 -36.77
N THR E 139 13.94 43.88 -36.15
CA THR E 139 13.00 43.80 -35.05
C THR E 139 11.57 44.01 -35.56
N LEU E 140 10.64 43.21 -35.03
CA LEU E 140 9.24 43.34 -35.38
C LEU E 140 8.41 43.16 -34.11
N LYS E 141 7.55 44.15 -33.83
CA LYS E 141 6.73 44.15 -32.63
C LYS E 141 5.34 43.64 -32.98
N ILE E 142 4.91 42.60 -32.28
CA ILE E 142 3.54 42.11 -32.39
C ILE E 142 2.70 42.79 -31.32
N THR E 143 1.54 43.29 -31.70
CA THR E 143 0.67 44.01 -30.79
C THR E 143 -0.73 43.42 -30.86
N LEU E 144 -1.43 43.48 -29.73
CA LEU E 144 -2.82 43.08 -29.69
C LEU E 144 -3.74 44.28 -29.71
N ASP E 145 -3.17 45.48 -29.74
CA ASP E 145 -3.94 46.70 -29.67
C ASP E 145 -4.69 46.93 -30.96
N ASN E 146 -6.02 46.93 -30.89
CA ASN E 146 -6.85 47.01 -32.10
C ASN E 146 -6.65 48.29 -32.88
N ALA E 147 -6.16 49.36 -32.25
CA ALA E 147 -5.83 50.56 -32.99
C ALA E 147 -4.90 50.28 -34.16
N TYR E 148 -4.19 49.16 -34.16
CA TYR E 148 -3.28 48.80 -35.23
C TYR E 148 -3.77 47.66 -36.10
N MET E 149 -5.02 47.20 -35.91
CA MET E 149 -5.45 46.04 -36.67
C MET E 149 -5.44 46.29 -38.18
N GLU E 150 -5.50 47.53 -38.63
CA GLU E 150 -5.40 47.83 -40.05
C GLU E 150 -4.20 48.72 -40.33
N LYS E 151 -3.20 48.64 -39.44
CA LYS E 151 -1.95 49.38 -39.60
C LYS E 151 -0.74 48.47 -39.43
N CYS E 152 -0.76 47.26 -39.96
CA CYS E 152 0.45 46.46 -39.92
C CYS E 152 1.46 46.97 -40.92
N ASP E 153 2.74 46.82 -40.60
CA ASP E 153 3.84 47.20 -41.47
C ASP E 153 5.11 46.47 -41.02
N GLU E 154 6.27 46.92 -41.49
CA GLU E 154 7.46 46.13 -41.18
C GLU E 154 7.93 46.34 -39.75
N ASN E 155 7.35 47.30 -39.02
CA ASN E 155 7.68 47.52 -37.61
C ASN E 155 6.66 46.95 -36.64
N ILE E 156 5.41 46.82 -37.06
CA ILE E 156 4.32 46.54 -36.13
C ILE E 156 3.34 45.57 -36.79
N LEU E 157 3.04 44.47 -36.11
CA LEU E 157 2.13 43.47 -36.63
C LEU E 157 1.04 43.20 -35.60
N TRP E 158 -0.20 43.43 -35.99
CA TRP E 158 -1.34 43.06 -35.14
C TRP E 158 -1.77 41.65 -35.51
N LEU E 159 -2.25 40.91 -34.50
CA LEU E 159 -2.93 39.64 -34.74
C LEU E 159 -4.09 39.51 -33.77
N ASP E 160 -4.97 38.55 -34.04
CA ASP E 160 -6.30 38.53 -33.43
C ASP E 160 -6.40 37.57 -32.26
N TYR E 161 -5.30 37.01 -31.80
CA TYR E 161 -5.33 36.02 -30.73
C TYR E 161 -5.02 36.76 -29.42
N LYS E 162 -6.10 37.13 -28.72
CA LYS E 162 -5.97 38.02 -27.57
C LYS E 162 -5.21 37.38 -26.42
N ASN E 163 -5.06 36.06 -26.37
CA ASN E 163 -4.34 35.39 -25.30
C ASN E 163 -2.93 34.99 -25.65
N ILE E 164 -2.40 35.46 -26.79
CA ILE E 164 -1.12 34.93 -27.25
C ILE E 164 -0.03 35.11 -26.19
N CYS E 165 0.00 36.26 -25.51
CA CYS E 165 1.08 36.48 -24.54
C CYS E 165 0.95 35.56 -23.31
N LYS E 166 -0.19 34.91 -23.11
CA LYS E 166 -0.28 33.89 -22.08
C LYS E 166 0.35 32.56 -22.47
N VAL E 167 0.58 32.27 -23.76
CA VAL E 167 0.98 30.91 -24.15
C VAL E 167 2.33 30.85 -24.86
N VAL E 168 2.91 31.96 -25.24
CA VAL E 168 4.25 31.96 -25.81
C VAL E 168 5.17 32.65 -24.82
N ASP E 169 6.44 32.30 -24.84
CA ASP E 169 7.36 32.93 -23.92
C ASP E 169 8.60 33.44 -24.67
N VAL E 170 9.45 34.16 -23.94
CA VAL E 170 10.74 34.55 -24.49
C VAL E 170 11.49 33.33 -24.97
N GLY E 171 12.09 33.45 -26.16
CA GLY E 171 12.68 32.30 -26.83
C GLY E 171 11.74 31.48 -27.71
N SER E 172 10.42 31.65 -27.59
CA SER E 172 9.47 30.93 -28.46
C SER E 172 9.57 31.42 -29.92
N LYS E 173 9.19 30.55 -30.86
CA LYS E 173 9.03 30.96 -32.25
C LYS E 173 7.57 31.30 -32.54
N VAL E 174 7.39 32.26 -33.44
CA VAL E 174 6.09 32.60 -34.03
C VAL E 174 6.28 32.44 -35.54
N TYR E 175 5.47 31.59 -36.16
CA TYR E 175 5.53 31.35 -37.61
C TYR E 175 4.40 32.12 -38.26
N VAL E 176 4.70 32.80 -39.37
CA VAL E 176 3.71 33.59 -40.09
C VAL E 176 3.63 33.14 -41.55
N ASP E 177 2.40 33.08 -42.07
CA ASP E 177 2.10 32.74 -43.47
C ASP E 177 2.53 31.31 -43.79
N ASP E 178 1.82 30.36 -43.18
CA ASP E 178 2.10 28.92 -43.35
C ASP E 178 3.59 28.61 -43.16
N GLY E 179 4.16 29.18 -42.09
CA GLY E 179 5.53 28.90 -41.75
C GLY E 179 6.59 29.52 -42.64
N LEU E 180 6.23 30.43 -43.55
CA LEU E 180 7.23 31.01 -44.45
C LEU E 180 8.09 32.01 -43.71
N ILE E 181 7.50 32.73 -42.77
CA ILE E 181 8.20 33.73 -41.97
C ILE E 181 8.31 33.18 -40.55
N SER E 182 9.49 33.26 -39.95
CA SER E 182 9.67 32.86 -38.55
C SER E 182 10.24 34.02 -37.75
N LEU E 183 9.69 34.22 -36.54
CA LEU E 183 10.09 35.25 -35.60
C LEU E 183 10.46 34.56 -34.30
N GLN E 184 11.46 35.10 -33.60
CA GLN E 184 11.80 34.67 -32.26
C GLN E 184 11.40 35.74 -31.25
N VAL E 185 10.63 35.34 -30.25
CA VAL E 185 10.24 36.29 -29.21
C VAL E 185 11.46 36.68 -28.38
N LYS E 186 11.77 37.98 -28.32
CA LYS E 186 12.84 38.51 -27.49
C LYS E 186 12.37 39.10 -26.18
N GLN E 187 11.18 39.68 -26.15
CA GLN E 187 10.66 40.43 -25.01
C GLN E 187 9.15 40.27 -25.01
N LYS E 188 8.56 40.15 -23.83
CA LYS E 188 7.14 39.86 -23.72
C LYS E 188 6.50 40.83 -22.73
N GLY E 189 5.37 41.41 -23.12
CA GLY E 189 4.53 42.23 -22.26
C GLY E 189 3.15 41.61 -22.12
N PRO E 190 2.22 42.29 -21.45
CA PRO E 190 0.85 41.72 -21.34
C PRO E 190 0.10 41.66 -22.66
N ASP E 191 0.45 42.56 -23.60
CA ASP E 191 -0.24 42.70 -24.87
C ASP E 191 0.73 43.04 -26.01
N PHE E 192 2.01 42.72 -25.87
CA PHE E 192 2.90 42.84 -27.01
C PHE E 192 3.98 41.79 -26.89
N LEU E 193 4.55 41.45 -28.05
CA LEU E 193 5.78 40.65 -28.17
C LEU E 193 6.78 41.43 -29.00
N VAL E 194 8.01 41.56 -28.50
CA VAL E 194 9.10 42.09 -29.32
C VAL E 194 9.84 40.88 -29.87
N THR E 195 9.93 40.81 -31.20
CA THR E 195 10.52 39.65 -31.84
C THR E 195 11.64 40.06 -32.76
N GLU E 196 12.45 39.07 -33.10
CA GLU E 196 13.49 39.23 -34.09
C GLU E 196 13.19 38.30 -35.26
N VAL E 197 13.27 38.83 -36.47
CA VAL E 197 12.98 38.07 -37.67
C VAL E 197 14.09 37.04 -37.89
N GLU E 198 13.72 35.75 -37.96
CA GLU E 198 14.71 34.73 -38.28
C GLU E 198 14.70 34.44 -39.77
N ASN E 199 13.57 33.96 -40.29
CA ASN E 199 13.35 33.80 -41.73
C ASN E 199 12.47 34.96 -42.16
N GLY E 200 13.04 35.85 -42.96
CA GLY E 200 12.33 36.98 -43.52
C GLY E 200 11.64 36.61 -44.83
N GLY E 201 11.15 37.61 -45.52
CA GLY E 201 10.29 37.42 -46.67
C GLY E 201 9.30 38.56 -46.78
N PHE E 202 8.46 38.45 -47.81
CA PHE E 202 7.42 39.44 -48.02
C PHE E 202 6.23 39.09 -47.14
N LEU E 203 5.70 40.08 -46.44
CA LEU E 203 4.56 39.90 -45.54
C LEU E 203 3.33 40.64 -46.10
N GLY E 204 2.26 39.90 -46.32
CA GLY E 204 0.99 40.45 -46.74
C GLY E 204 -0.02 40.46 -45.60
N SER E 205 -1.28 40.71 -45.97
CA SER E 205 -2.36 40.90 -45.01
C SER E 205 -3.07 39.60 -44.63
N LYS E 206 -3.57 39.55 -43.39
CA LYS E 206 -4.43 38.46 -42.92
C LYS E 206 -3.79 37.10 -43.14
N LYS E 207 -2.54 36.98 -42.74
CA LYS E 207 -1.78 35.74 -42.91
C LYS E 207 -2.00 34.82 -41.69
N GLY E 208 -1.88 33.51 -41.90
CA GLY E 208 -2.04 32.56 -40.80
C GLY E 208 -0.81 32.52 -39.89
N VAL E 209 -1.07 32.30 -38.61
CA VAL E 209 -0.01 32.27 -37.58
C VAL E 209 -0.02 30.90 -36.91
N ASN E 210 1.17 30.30 -36.77
CA ASN E 210 1.36 29.08 -35.99
C ASN E 210 2.31 29.33 -34.82
N LEU E 211 2.06 28.67 -33.68
CA LEU E 211 2.81 28.88 -32.44
C LEU E 211 3.39 27.54 -31.99
N PRO E 212 4.53 27.14 -32.57
CA PRO E 212 5.05 25.78 -32.33
C PRO E 212 5.36 25.57 -30.85
N GLY E 213 4.90 24.44 -30.31
CA GLY E 213 5.12 24.10 -28.91
C GLY E 213 4.20 24.79 -27.90
N ALA E 214 3.37 25.76 -28.31
CA ALA E 214 2.49 26.46 -27.37
C ALA E 214 1.20 25.69 -27.11
N ALA E 215 0.71 25.76 -25.90
CA ALA E 215 -0.59 25.19 -25.57
C ALA E 215 -1.65 26.23 -25.95
N VAL E 216 -1.92 26.35 -27.25
CA VAL E 216 -2.90 27.35 -27.69
C VAL E 216 -4.23 27.06 -27.03
N ASP E 217 -4.84 28.09 -26.44
CA ASP E 217 -6.03 27.91 -25.62
C ASP E 217 -7.26 28.48 -26.30
N LEU E 218 -7.23 28.62 -27.61
CA LEU E 218 -8.43 29.04 -28.33
C LEU E 218 -9.55 28.02 -28.11
N PRO E 219 -10.80 28.42 -28.33
CA PRO E 219 -11.93 27.49 -28.16
C PRO E 219 -11.79 26.26 -29.06
N ALA E 220 -12.39 25.15 -28.63
CA ALA E 220 -12.34 23.92 -29.42
C ALA E 220 -13.08 24.09 -30.74
N VAL E 221 -14.20 24.81 -30.71
CA VAL E 221 -14.99 25.11 -31.90
C VAL E 221 -15.21 26.61 -31.93
N SER E 222 -14.95 27.24 -33.06
CA SER E 222 -15.29 28.65 -33.21
C SER E 222 -16.81 28.80 -33.31
N GLU E 223 -17.27 30.05 -33.35
CA GLU E 223 -18.69 30.25 -33.64
C GLU E 223 -19.03 29.80 -35.04
N LYS E 224 -18.11 30.01 -35.99
CA LYS E 224 -18.36 29.50 -37.34
C LYS E 224 -18.43 27.98 -37.34
N ASP E 225 -17.53 27.30 -36.61
CA ASP E 225 -17.58 25.85 -36.50
C ASP E 225 -18.94 25.37 -35.98
N ILE E 226 -19.46 26.03 -34.95
CA ILE E 226 -20.74 25.61 -34.38
C ILE E 226 -21.80 25.63 -35.46
N GLN E 227 -21.84 26.71 -36.24
CA GLN E 227 -22.79 26.79 -37.35
C GLN E 227 -22.52 25.69 -38.34
N ASP E 228 -21.25 25.44 -38.66
CA ASP E 228 -20.98 24.42 -39.68
C ASP E 228 -21.31 23.01 -39.17
N LEU E 229 -21.09 22.74 -37.89
CA LEU E 229 -21.39 21.41 -37.36
C LEU E 229 -22.90 21.14 -37.40
N LYS E 230 -23.70 22.12 -36.97
CA LYS E 230 -25.15 21.97 -37.04
C LYS E 230 -25.59 21.81 -38.47
N PHE E 231 -24.97 22.56 -39.39
CA PHE E 231 -25.28 22.39 -40.79
C PHE E 231 -24.97 20.96 -41.24
N GLY E 232 -23.84 20.40 -40.81
CA GLY E 232 -23.53 19.03 -41.18
C GLY E 232 -24.60 18.04 -40.72
N VAL E 233 -25.11 18.22 -39.49
CA VAL E 233 -26.22 17.39 -39.02
C VAL E 233 -27.39 17.50 -39.99
N GLU E 234 -27.78 18.73 -40.35
CA GLU E 234 -28.89 18.92 -41.28
C GLU E 234 -28.59 18.33 -42.65
N GLN E 235 -27.33 18.38 -43.09
CA GLN E 235 -26.95 17.80 -44.38
C GLN E 235 -26.74 16.29 -44.30
N ASP E 236 -26.92 15.69 -43.11
CA ASP E 236 -26.81 14.23 -42.92
C ASP E 236 -25.43 13.70 -43.32
N VAL E 237 -24.37 14.43 -42.91
CA VAL E 237 -23.01 13.94 -43.15
C VAL E 237 -22.73 12.70 -42.30
N ASP E 238 -21.80 11.87 -42.78
CA ASP E 238 -21.44 10.62 -42.11
C ASP E 238 -20.38 10.80 -41.02
N MET E 239 -19.60 11.86 -41.11
CA MET E 239 -18.43 12.02 -40.26
C MET E 239 -17.99 13.48 -40.29
N VAL E 240 -17.33 13.85 -39.21
CA VAL E 240 -16.73 15.16 -39.03
C VAL E 240 -15.23 14.95 -38.86
N PHE E 241 -14.43 15.70 -39.63
CA PHE E 241 -12.98 15.78 -39.42
C PHE E 241 -12.78 17.06 -38.62
N ALA E 242 -12.52 16.93 -37.33
CA ALA E 242 -12.54 18.06 -36.42
C ALA E 242 -11.14 18.65 -36.30
N SER E 243 -11.00 19.93 -36.60
CA SER E 243 -9.69 20.55 -36.72
C SER E 243 -9.03 20.81 -35.36
N PHE E 244 -7.70 20.71 -35.36
CA PHE E 244 -6.88 21.28 -34.29
C PHE E 244 -7.30 20.74 -32.93
N ILE E 245 -7.45 19.41 -32.85
CA ILE E 245 -7.85 18.78 -31.60
C ILE E 245 -6.61 18.65 -30.69
N ARG E 246 -6.69 19.20 -29.46
CA ARG E 246 -5.54 19.26 -28.56
C ARG E 246 -5.69 18.44 -27.29
N LYS E 247 -6.88 17.92 -26.98
CA LYS E 247 -7.20 17.31 -25.69
C LYS E 247 -8.57 16.69 -25.81
N ALA E 248 -8.84 15.75 -24.90
CA ALA E 248 -10.14 15.06 -24.91
C ALA E 248 -11.30 16.04 -24.79
N ALA E 249 -11.14 17.10 -24.00
CA ALA E 249 -12.23 18.06 -23.82
C ALA E 249 -12.65 18.73 -25.14
N ASP E 250 -11.69 18.95 -26.07
CA ASP E 250 -12.07 19.48 -27.37
C ASP E 250 -13.00 18.50 -28.10
N VAL E 251 -12.69 17.20 -28.04
CA VAL E 251 -13.57 16.23 -28.69
C VAL E 251 -14.96 16.28 -28.08
N HIS E 252 -15.03 16.37 -26.73
CA HIS E 252 -16.32 16.42 -26.04
C HIS E 252 -17.13 17.63 -26.48
N GLU E 253 -16.47 18.78 -26.67
CA GLU E 253 -17.18 19.96 -27.16
C GLU E 253 -17.80 19.69 -28.53
N VAL E 254 -17.03 19.10 -29.47
CA VAL E 254 -17.59 18.81 -30.79
C VAL E 254 -18.77 17.86 -30.66
N ARG E 255 -18.61 16.82 -29.85
CA ARG E 255 -19.67 15.88 -29.58
C ARG E 255 -20.92 16.59 -29.04
N LYS E 256 -20.73 17.54 -28.13
CA LYS E 256 -21.88 18.29 -27.59
C LYS E 256 -22.59 19.09 -28.68
N ILE E 257 -21.85 19.76 -29.57
CA ILE E 257 -22.51 20.52 -30.63
C ILE E 257 -23.30 19.57 -31.55
N LEU E 258 -22.71 18.42 -31.90
CA LEU E 258 -23.48 17.51 -32.75
C LEU E 258 -24.75 17.03 -32.02
N GLY E 259 -24.68 16.93 -30.70
CA GLY E 259 -25.86 16.70 -29.90
C GLY E 259 -26.47 15.31 -30.07
N GLU E 260 -27.69 15.21 -29.54
CA GLU E 260 -28.43 13.96 -29.60
C GLU E 260 -28.81 13.63 -31.04
N LYS E 261 -29.24 14.63 -31.80
CA LYS E 261 -29.61 14.40 -33.20
C LYS E 261 -28.41 13.90 -34.02
N GLY E 262 -27.21 14.43 -33.77
CA GLY E 262 -26.01 14.02 -34.53
C GLY E 262 -25.17 12.91 -33.88
N LYS E 263 -25.73 12.16 -32.92
CA LYS E 263 -24.91 11.30 -32.09
C LYS E 263 -24.29 10.11 -32.84
N ASN E 264 -24.81 9.72 -34.01
CA ASN E 264 -24.22 8.63 -34.77
C ASN E 264 -23.21 9.10 -35.80
N ILE E 265 -23.03 10.41 -35.92
CA ILE E 265 -21.99 10.97 -36.77
C ILE E 265 -20.64 10.69 -36.14
N LYS E 266 -19.70 10.14 -36.94
CA LYS E 266 -18.37 9.81 -36.44
C LYS E 266 -17.50 11.05 -36.31
N ILE E 267 -16.83 11.21 -35.18
CA ILE E 267 -15.90 12.31 -34.99
C ILE E 267 -14.48 11.78 -35.17
N ILE E 268 -13.78 12.32 -36.18
CA ILE E 268 -12.36 12.04 -36.43
C ILE E 268 -11.57 13.26 -36.00
N SER E 269 -10.70 13.08 -35.02
CA SER E 269 -9.91 14.22 -34.52
C SER E 269 -8.69 14.45 -35.40
N LYS E 270 -8.49 15.69 -35.84
CA LYS E 270 -7.30 16.02 -36.62
C LYS E 270 -6.18 16.42 -35.66
N ILE E 271 -5.07 15.68 -35.71
CA ILE E 271 -3.90 15.93 -34.87
C ILE E 271 -2.99 16.83 -35.69
N GLU E 272 -2.81 18.09 -35.21
CA GLU E 272 -2.16 19.12 -36.01
C GLU E 272 -1.05 19.89 -35.30
N ASN E 273 -0.73 19.61 -34.03
CA ASN E 273 0.26 20.43 -33.35
C ASN E 273 0.89 19.58 -32.24
N HIS E 274 1.91 20.15 -31.57
CA HIS E 274 2.63 19.42 -30.54
CA HIS E 274 2.64 19.46 -30.51
C HIS E 274 1.68 18.90 -29.47
N GLU E 275 0.82 19.77 -28.91
CA GLU E 275 -0.03 19.37 -27.82
C GLU E 275 -0.92 18.18 -28.21
N GLY E 276 -1.42 18.16 -29.45
CA GLY E 276 -2.26 17.04 -29.85
C GLY E 276 -1.48 15.73 -29.89
N VAL E 277 -0.21 15.80 -30.33
CA VAL E 277 0.66 14.61 -30.27
C VAL E 277 0.90 14.19 -28.81
N ARG E 278 1.25 15.15 -27.94
CA ARG E 278 1.54 14.84 -26.53
CA ARG E 278 1.55 14.82 -26.54
C ARG E 278 0.35 14.25 -25.82
N ARG E 279 -0.86 14.75 -26.11
CA ARG E 279 -2.05 14.29 -25.42
C ARG E 279 -2.82 13.28 -26.26
N PHE E 280 -2.10 12.53 -27.10
CA PHE E 280 -2.78 11.70 -28.09
C PHE E 280 -3.69 10.65 -27.45
N ASP E 281 -3.25 10.00 -26.36
CA ASP E 281 -4.03 8.86 -25.83
C ASP E 281 -5.43 9.28 -25.38
N GLU E 282 -5.51 10.39 -24.62
CA GLU E 282 -6.84 10.89 -24.22
C GLU E 282 -7.66 11.33 -25.42
N ILE E 283 -7.04 11.89 -26.46
CA ILE E 283 -7.78 12.26 -27.65
C ILE E 283 -8.34 11.02 -28.35
N LEU E 284 -7.50 10.00 -28.55
CA LEU E 284 -7.96 8.75 -29.14
C LEU E 284 -9.12 8.14 -28.36
N GLU E 285 -9.00 8.06 -27.03
CA GLU E 285 -10.04 7.44 -26.23
C GLU E 285 -11.38 8.10 -26.47
N ALA E 286 -11.39 9.44 -26.65
CA ALA E 286 -12.64 10.17 -26.83
C ALA E 286 -13.14 10.18 -28.26
N SER E 287 -12.27 9.89 -29.24
CA SER E 287 -12.65 10.07 -30.63
C SER E 287 -13.16 8.75 -31.22
N ASP E 288 -13.76 8.83 -32.41
CA ASP E 288 -14.11 7.66 -33.19
C ASP E 288 -13.01 7.26 -34.16
N GLY E 289 -12.02 8.13 -34.34
CA GLY E 289 -10.91 7.88 -35.26
C GLY E 289 -10.05 9.13 -35.29
N ILE E 290 -9.02 9.10 -36.13
CA ILE E 290 -7.96 10.11 -36.10
C ILE E 290 -7.53 10.41 -37.52
N MET E 291 -7.22 11.67 -37.81
CA MET E 291 -6.49 11.96 -39.04
C MET E 291 -5.13 12.51 -38.65
N VAL E 292 -4.07 11.96 -39.23
CA VAL E 292 -2.72 12.53 -39.11
C VAL E 292 -2.68 13.70 -40.08
N ALA E 293 -2.80 14.92 -39.55
CA ALA E 293 -2.93 16.11 -40.40
C ALA E 293 -1.52 16.65 -40.65
N ARG E 294 -0.83 16.00 -41.62
CA ARG E 294 0.63 16.13 -41.71
C ARG E 294 1.09 17.53 -42.14
N GLY E 295 0.30 18.24 -42.93
CA GLY E 295 0.66 19.57 -43.39
C GLY E 295 0.86 20.55 -42.25
N ASP E 296 -0.20 20.85 -41.51
CA ASP E 296 -0.03 21.76 -40.38
C ASP E 296 0.86 21.15 -39.31
N LEU E 297 0.76 19.84 -39.10
CA LEU E 297 1.64 19.22 -38.13
C LEU E 297 3.11 19.51 -38.43
N GLY E 298 3.50 19.49 -39.70
CA GLY E 298 4.91 19.80 -40.00
C GLY E 298 5.28 21.27 -39.97
N ILE E 299 4.31 22.19 -39.81
CA ILE E 299 4.63 23.57 -39.41
C ILE E 299 4.77 23.68 -37.91
N GLU E 300 3.95 22.93 -37.18
CA GLU E 300 3.95 23.02 -35.73
C GLU E 300 5.16 22.33 -35.13
N ILE E 301 5.59 21.21 -35.70
CA ILE E 301 6.76 20.50 -35.19
C ILE E 301 7.79 20.47 -36.30
N PRO E 302 9.06 20.22 -35.97
CA PRO E 302 10.07 20.08 -37.03
C PRO E 302 9.64 19.04 -38.07
N ALA E 303 9.59 19.45 -39.36
CA ALA E 303 9.19 18.55 -40.44
C ALA E 303 9.88 17.19 -40.35
N GLU E 304 11.14 17.16 -39.96
CA GLU E 304 11.82 15.88 -39.98
C GLU E 304 11.27 14.90 -38.94
N LYS E 305 10.37 15.35 -38.06
CA LYS E 305 9.80 14.50 -37.02
C LYS E 305 8.41 13.97 -37.39
N VAL E 306 7.77 14.49 -38.45
CA VAL E 306 6.38 14.11 -38.72
C VAL E 306 6.22 12.59 -38.86
N PHE E 307 7.15 11.93 -39.56
CA PHE E 307 7.00 10.48 -39.74
C PHE E 307 6.95 9.76 -38.40
N LEU E 308 7.64 10.26 -37.37
CA LEU E 308 7.56 9.61 -36.05
C LEU E 308 6.14 9.71 -35.50
N ALA E 309 5.55 10.90 -35.56
CA ALA E 309 4.18 11.04 -35.07
C ALA E 309 3.21 10.20 -35.90
N GLN E 310 3.44 10.13 -37.21
CA GLN E 310 2.52 9.40 -38.09
C GLN E 310 2.52 7.92 -37.74
N LYS E 311 3.71 7.34 -37.51
CA LYS E 311 3.79 5.91 -37.25
C LYS E 311 3.30 5.59 -35.85
N MET E 312 3.61 6.43 -34.86
CA MET E 312 3.07 6.29 -33.51
C MET E 312 1.54 6.34 -33.54
N ILE E 313 0.98 7.35 -34.21
CA ILE E 313 -0.46 7.51 -34.19
C ILE E 313 -1.13 6.34 -34.89
N ILE E 314 -0.60 5.95 -36.05
CA ILE E 314 -1.23 4.84 -36.76
C ILE E 314 -1.15 3.57 -35.93
N GLY E 315 0.03 3.29 -35.37
CA GLY E 315 0.15 2.12 -34.49
C GLY E 315 -0.86 2.11 -33.35
N ARG E 316 -0.97 3.23 -32.62
CA ARG E 316 -1.88 3.26 -31.47
C ARG E 316 -3.34 3.14 -31.90
N CYS E 317 -3.69 3.71 -33.06
CA CYS E 317 -5.06 3.53 -33.58
C CYS E 317 -5.31 2.08 -33.96
N ASN E 318 -4.34 1.43 -34.63
CA ASN E 318 -4.45 0.00 -34.96
C ASN E 318 -4.71 -0.82 -33.69
N ARG E 319 -3.91 -0.55 -32.65
CA ARG E 319 -4.03 -1.22 -31.37
C ARG E 319 -5.43 -1.09 -30.80
N ALA E 320 -6.03 0.08 -30.96
CA ALA E 320 -7.35 0.29 -30.39
C ALA E 320 -8.45 -0.12 -31.34
N GLY E 321 -8.12 -0.46 -32.59
CA GLY E 321 -9.16 -0.69 -33.58
C GLY E 321 -9.98 0.53 -33.90
N LYS E 322 -9.36 1.70 -33.88
CA LYS E 322 -10.11 2.86 -34.37
C LYS E 322 -9.52 3.36 -35.70
N PRO E 323 -10.38 3.86 -36.57
CA PRO E 323 -9.92 4.30 -37.91
C PRO E 323 -8.84 5.35 -37.82
N VAL E 324 -7.85 5.27 -38.71
CA VAL E 324 -6.85 6.33 -38.82
C VAL E 324 -6.63 6.68 -40.30
N ILE E 325 -6.59 7.98 -40.57
CA ILE E 325 -6.41 8.55 -41.89
C ILE E 325 -5.00 9.12 -42.01
N CYS E 326 -4.29 8.71 -43.05
CA CYS E 326 -3.06 9.43 -43.40
C CYS E 326 -3.37 10.50 -44.45
N ALA E 327 -2.90 11.74 -44.20
CA ALA E 327 -3.36 12.88 -45.00
C ALA E 327 -2.22 13.81 -45.42
N THR E 328 -2.38 14.40 -46.61
CA THR E 328 -1.75 15.66 -47.00
C THR E 328 -0.42 15.49 -47.74
N GLN E 329 -0.41 15.92 -49.00
CA GLN E 329 0.76 15.95 -49.90
C GLN E 329 1.26 14.57 -50.27
N MET E 330 0.40 13.55 -50.13
CA MET E 330 0.76 12.18 -50.49
C MET E 330 1.15 12.05 -51.96
N LEU E 331 0.41 12.71 -52.86
CA LEU E 331 0.71 12.73 -54.29
C LEU E 331 0.80 14.17 -54.81
N GLU E 332 1.42 15.07 -54.04
CA GLU E 332 1.26 16.52 -54.27
C GLU E 332 1.61 16.93 -55.71
N SER E 333 2.69 16.38 -56.28
CA SER E 333 3.12 16.79 -57.60
C SER E 333 2.07 16.51 -58.67
N MET E 334 1.15 15.55 -58.43
CA MET E 334 0.11 15.29 -59.42
C MET E 334 -0.94 16.39 -59.51
N ILE E 335 -0.81 17.44 -58.69
CA ILE E 335 -1.57 18.65 -58.98
C ILE E 335 -1.27 19.13 -60.40
N LYS E 336 -0.02 18.99 -60.85
CA LYS E 336 0.36 19.44 -62.19
C LYS E 336 0.83 18.33 -63.14
N LYS E 337 1.14 17.13 -62.63
CA LYS E 337 1.73 16.07 -63.43
C LYS E 337 0.88 14.80 -63.42
N PRO E 338 0.78 14.09 -64.54
CA PRO E 338 -0.11 12.91 -64.59
C PRO E 338 0.47 11.67 -63.88
N ARG E 339 1.76 11.67 -63.50
CA ARG E 339 2.46 10.60 -62.81
C ARG E 339 3.16 11.18 -61.58
N PRO E 340 3.21 10.45 -60.46
CA PRO E 340 3.80 10.99 -59.22
C PRO E 340 5.33 10.87 -59.16
N THR E 341 5.90 11.52 -58.15
CA THR E 341 7.31 11.30 -57.92
C THR E 341 7.56 9.97 -57.20
N ARG E 342 8.83 9.58 -57.17
CA ARG E 342 9.21 8.35 -56.49
C ARG E 342 8.98 8.46 -54.98
N ALA E 343 9.20 9.65 -54.41
CA ALA E 343 8.91 9.84 -52.98
C ALA E 343 7.42 9.73 -52.71
N GLU E 344 6.60 10.18 -53.67
CA GLU E 344 5.16 10.11 -53.49
C GLU E 344 4.67 8.66 -53.54
N GLY E 345 5.15 7.87 -54.51
CA GLY E 345 4.78 6.46 -54.54
C GLY E 345 5.20 5.73 -53.28
N SER E 346 6.43 6.01 -52.82
CA SER E 346 6.90 5.47 -51.54
C SER E 346 5.98 5.86 -50.37
N ASP E 347 5.59 7.14 -50.31
CA ASP E 347 4.79 7.66 -49.19
C ASP E 347 3.44 6.95 -49.09
N VAL E 348 2.75 6.81 -50.21
CA VAL E 348 1.50 6.10 -50.18
C VAL E 348 1.70 4.65 -49.72
N ALA E 349 2.70 3.96 -50.29
CA ALA E 349 2.89 2.56 -49.93
C ALA E 349 3.22 2.41 -48.44
N ASN E 350 4.09 3.29 -47.93
CA ASN E 350 4.48 3.15 -46.53
C ASN E 350 3.33 3.51 -45.58
N ALA E 351 2.45 4.45 -45.95
CA ALA E 351 1.29 4.71 -45.10
C ALA E 351 0.43 3.46 -44.96
N VAL E 352 0.28 2.71 -46.06
CA VAL E 352 -0.52 1.49 -46.02
C VAL E 352 0.20 0.43 -45.19
N LEU E 353 1.52 0.30 -45.39
CA LEU E 353 2.29 -0.64 -44.58
C LEU E 353 2.27 -0.26 -43.11
N ASP E 354 2.29 1.06 -42.81
CA ASP E 354 2.20 1.52 -41.42
C ASP E 354 0.92 0.98 -40.76
N GLY E 355 -0.16 0.87 -41.53
CA GLY E 355 -1.47 0.44 -41.03
C GLY E 355 -2.61 1.43 -41.19
N ALA E 356 -2.45 2.46 -42.03
CA ALA E 356 -3.50 3.46 -42.20
C ALA E 356 -4.78 2.83 -42.76
N ASP E 357 -5.94 3.13 -42.15
CA ASP E 357 -7.21 2.62 -42.69
C ASP E 357 -7.57 3.29 -44.01
N CYS E 358 -7.33 4.58 -44.11
CA CYS E 358 -7.60 5.37 -45.30
C CYS E 358 -6.40 6.25 -45.59
N ILE E 359 -6.31 6.64 -46.87
CA ILE E 359 -5.36 7.63 -47.32
C ILE E 359 -6.17 8.71 -48.04
N MET E 360 -5.61 9.91 -48.13
CA MET E 360 -6.35 11.10 -48.51
C MET E 360 -5.66 11.87 -49.62
N LEU E 361 -6.48 12.58 -50.38
CA LEU E 361 -6.05 13.50 -51.39
C LEU E 361 -6.67 14.86 -51.08
N SER E 362 -5.88 15.94 -51.20
CA SER E 362 -6.40 17.29 -50.97
C SER E 362 -6.33 18.08 -52.25
N GLY E 363 -5.31 18.94 -52.44
CA GLY E 363 -5.22 19.70 -53.70
C GLY E 363 -5.23 18.80 -54.94
N GLU E 364 -4.70 17.58 -54.81
CA GLU E 364 -4.64 16.65 -55.94
C GLU E 364 -6.01 16.44 -56.58
N THR E 365 -7.07 16.38 -55.75
CA THR E 365 -8.42 16.22 -56.29
C THR E 365 -9.25 17.50 -56.21
N ALA E 366 -8.93 18.43 -55.31
CA ALA E 366 -9.77 19.61 -55.16
C ALA E 366 -9.54 20.60 -56.30
N LYS E 367 -8.27 20.77 -56.70
CA LYS E 367 -7.97 21.80 -57.67
C LYS E 367 -6.95 21.45 -58.73
N GLY E 368 -6.39 20.22 -58.75
CA GLY E 368 -5.32 19.91 -59.66
C GLY E 368 -5.79 19.52 -61.06
N ASP E 369 -4.81 19.35 -61.95
CA ASP E 369 -5.11 19.03 -63.35
C ASP E 369 -5.43 17.56 -63.57
N TYR E 370 -5.12 16.69 -62.60
CA TYR E 370 -5.20 15.25 -62.82
C TYR E 370 -5.87 14.54 -61.64
N PRO E 371 -7.06 14.99 -61.23
CA PRO E 371 -7.73 14.37 -60.08
C PRO E 371 -8.02 12.87 -60.25
N LEU E 372 -8.49 12.45 -61.42
CA LEU E 372 -8.80 11.05 -61.65
C LEU E 372 -7.55 10.20 -61.59
N GLU E 373 -6.45 10.69 -62.16
CA GLU E 373 -5.20 9.93 -62.14
C GLU E 373 -4.66 9.80 -60.73
N ALA E 374 -4.88 10.82 -59.86
CA ALA E 374 -4.42 10.71 -58.48
C ALA E 374 -5.21 9.65 -57.73
N VAL E 375 -6.53 9.65 -57.87
CA VAL E 375 -7.33 8.58 -57.26
C VAL E 375 -6.83 7.22 -57.71
N ARG E 376 -6.65 7.05 -59.03
CA ARG E 376 -6.27 5.75 -59.57
C ARG E 376 -4.90 5.32 -59.08
N MET E 377 -3.98 6.28 -58.88
CA MET E 377 -2.62 5.92 -58.43
C MET E 377 -2.64 5.48 -56.96
N GLN E 378 -3.46 6.16 -56.12
CA GLN E 378 -3.62 5.69 -54.74
C GLN E 378 -4.20 4.27 -54.71
N HIS E 379 -5.19 3.99 -55.55
CA HIS E 379 -5.74 2.64 -55.68
C HIS E 379 -4.67 1.62 -56.06
N LEU E 380 -3.87 1.92 -57.09
CA LEU E 380 -2.84 0.96 -57.52
C LEU E 380 -1.80 0.72 -56.44
N ILE E 381 -1.33 1.80 -55.79
CA ILE E 381 -0.28 1.62 -54.79
C ILE E 381 -0.82 0.87 -53.59
N ALA E 382 -2.02 1.24 -53.13
CA ALA E 382 -2.61 0.56 -51.98
C ALA E 382 -2.64 -0.94 -52.17
N ARG E 383 -3.16 -1.44 -53.31
CA ARG E 383 -3.27 -2.89 -53.52
C ARG E 383 -1.91 -3.58 -53.44
N GLU E 384 -0.89 -2.97 -54.04
CA GLU E 384 0.45 -3.56 -53.96
C GLU E 384 0.96 -3.56 -52.52
N ALA E 385 0.79 -2.43 -51.79
CA ALA E 385 1.30 -2.40 -50.42
C ALA E 385 0.49 -3.32 -49.49
N GLU E 386 -0.80 -3.47 -49.76
CA GLU E 386 -1.64 -4.38 -48.94
C GLU E 386 -1.13 -5.81 -49.01
N ALA E 387 -0.75 -6.27 -50.20
CA ALA E 387 -0.24 -7.63 -50.28
C ALA E 387 1.11 -7.74 -49.55
N ALA E 388 1.90 -6.68 -49.56
CA ALA E 388 3.23 -6.67 -48.98
C ALA E 388 3.23 -6.52 -47.47
N MET E 389 2.08 -6.35 -46.83
CA MET E 389 2.04 -6.38 -45.37
C MET E 389 2.49 -7.75 -44.87
N PHE E 390 2.96 -7.78 -43.63
CA PHE E 390 3.42 -9.03 -42.99
C PHE E 390 2.33 -9.53 -42.03
N HIS E 391 1.22 -10.03 -42.62
CA HIS E 391 -0.02 -10.30 -41.88
C HIS E 391 0.21 -11.23 -40.70
N ARG E 392 0.95 -12.31 -40.89
CA ARG E 392 1.13 -13.26 -39.78
C ARG E 392 1.68 -12.56 -38.54
N LYS E 393 2.76 -11.78 -38.69
CA LYS E 393 3.30 -11.06 -37.51
C LYS E 393 2.37 -9.96 -37.05
N LEU E 394 1.73 -9.25 -37.99
CA LEU E 394 0.86 -8.14 -37.57
C LEU E 394 -0.28 -8.64 -36.69
N PHE E 395 -0.88 -9.77 -37.09
CA PHE E 395 -1.99 -10.33 -36.31
C PHE E 395 -1.52 -10.79 -34.93
N GLU E 396 -0.35 -11.45 -34.84
CA GLU E 396 0.18 -11.87 -33.55
C GLU E 396 0.40 -10.67 -32.62
N GLU E 397 0.90 -9.57 -33.16
CA GLU E 397 1.22 -8.40 -32.33
C GLU E 397 -0.03 -7.67 -31.88
N LEU E 398 -1.03 -7.55 -32.77
CA LEU E 398 -2.32 -6.97 -32.41
C LEU E 398 -3.00 -7.81 -31.35
N ALA E 399 -2.97 -9.13 -31.53
CA ALA E 399 -3.61 -10.01 -30.55
C ALA E 399 -2.94 -9.85 -29.19
N ARG E 400 -1.60 -9.75 -29.19
CA ARG E 400 -0.90 -9.55 -27.92
C ARG E 400 -1.33 -8.22 -27.29
N ALA E 401 -1.43 -7.16 -28.08
CA ALA E 401 -1.74 -5.85 -27.53
C ALA E 401 -3.15 -5.80 -26.92
N SER E 402 -4.09 -6.60 -27.41
CA SER E 402 -5.45 -6.53 -26.90
C SER E 402 -5.79 -7.67 -25.96
N SER E 403 -4.78 -8.43 -25.49
CA SER E 403 -5.06 -9.70 -24.82
C SER E 403 -5.72 -9.53 -23.45
N HIS E 404 -5.70 -8.33 -22.86
CA HIS E 404 -6.48 -8.10 -21.66
CA HIS E 404 -6.49 -8.05 -21.66
C HIS E 404 -7.99 -8.12 -21.93
N SER E 405 -8.43 -7.85 -23.16
CA SER E 405 -9.85 -7.98 -23.49
C SER E 405 -10.20 -9.42 -23.81
N THR E 406 -11.29 -9.92 -23.18
CA THR E 406 -11.83 -11.23 -23.53
C THR E 406 -13.15 -11.12 -24.29
N ASP E 407 -13.38 -9.98 -24.95
CA ASP E 407 -14.65 -9.67 -25.62
C ASP E 407 -15.03 -10.72 -26.66
N LEU E 408 -16.32 -11.07 -26.68
CA LEU E 408 -16.77 -12.22 -27.50
C LEU E 408 -16.72 -11.94 -28.98
N MET E 409 -17.08 -10.72 -29.41
CA MET E 409 -16.96 -10.36 -30.83
C MET E 409 -15.50 -10.36 -31.28
N GLU E 410 -14.59 -9.80 -30.47
CA GLU E 410 -13.15 -9.91 -30.79
C GLU E 410 -12.74 -11.35 -30.96
N ALA E 411 -13.28 -12.24 -30.13
CA ALA E 411 -12.93 -13.65 -30.25
C ALA E 411 -13.42 -14.20 -31.59
N MET E 412 -14.63 -13.85 -31.99
CA MET E 412 -15.15 -14.27 -33.29
C MET E 412 -14.32 -13.69 -34.43
N ALA E 413 -13.99 -12.43 -34.33
CA ALA E 413 -13.20 -11.78 -35.37
C ALA E 413 -11.81 -12.40 -35.48
N MET E 414 -11.17 -12.69 -34.34
CA MET E 414 -9.85 -13.31 -34.39
C MET E 414 -9.90 -14.74 -34.94
N GLY E 415 -10.88 -15.54 -34.52
CA GLY E 415 -10.99 -16.89 -35.07
C GLY E 415 -11.27 -16.87 -36.56
N SER E 416 -12.13 -15.94 -36.99
CA SER E 416 -12.48 -15.78 -38.38
C SER E 416 -11.29 -15.33 -39.22
N VAL E 417 -10.53 -14.37 -38.73
CA VAL E 417 -9.36 -13.92 -39.50
C VAL E 417 -8.33 -15.02 -39.55
N GLU E 418 -8.10 -15.68 -38.42
CA GLU E 418 -7.23 -16.84 -38.36
C GLU E 418 -7.67 -17.88 -39.40
N ALA E 419 -8.95 -18.25 -39.41
CA ALA E 419 -9.38 -19.22 -40.43
C ALA E 419 -9.14 -18.69 -41.84
N SER E 420 -9.28 -17.37 -42.05
CA SER E 420 -9.08 -16.84 -43.40
C SER E 420 -7.64 -16.96 -43.84
N TYR E 421 -6.69 -16.77 -42.91
CA TYR E 421 -5.28 -17.00 -43.24
C TYR E 421 -5.06 -18.46 -43.60
N LYS E 422 -5.59 -19.38 -42.77
CA LYS E 422 -5.26 -20.79 -42.94
C LYS E 422 -5.72 -21.31 -44.31
N CYS E 423 -7.00 -21.11 -44.67
CA CYS E 423 -7.47 -21.64 -45.95
C CYS E 423 -7.40 -20.62 -47.09
N LEU E 424 -6.63 -19.54 -46.96
CA LEU E 424 -6.51 -18.52 -48.00
C LEU E 424 -7.88 -18.17 -48.57
N ALA E 425 -8.84 -17.95 -47.67
CA ALA E 425 -10.20 -17.57 -48.06
C ALA E 425 -10.17 -16.31 -48.92
N ALA E 426 -11.09 -16.23 -49.88
CA ALA E 426 -11.09 -15.11 -50.80
C ALA E 426 -11.85 -13.90 -50.26
N ALA E 427 -12.61 -14.06 -49.18
CA ALA E 427 -13.30 -12.92 -48.56
C ALA E 427 -13.84 -13.36 -47.22
N LEU E 428 -14.16 -12.37 -46.39
CA LEU E 428 -14.99 -12.56 -45.22
C LEU E 428 -16.30 -11.81 -45.45
N ILE E 429 -17.42 -12.51 -45.30
CA ILE E 429 -18.74 -11.93 -45.42
C ILE E 429 -19.26 -11.72 -44.01
N VAL E 430 -19.66 -10.49 -43.71
CA VAL E 430 -20.09 -10.12 -42.36
C VAL E 430 -21.43 -9.41 -42.48
N LEU E 431 -22.43 -9.94 -41.81
CA LEU E 431 -23.74 -9.31 -41.74
C LEU E 431 -23.78 -8.41 -40.50
N THR E 432 -24.03 -7.11 -40.69
CA THR E 432 -23.93 -6.19 -39.56
C THR E 432 -24.97 -5.07 -39.73
N GLU E 433 -25.52 -4.59 -38.64
CA GLU E 433 -26.38 -3.42 -38.76
CA GLU E 433 -26.40 -3.42 -38.72
C GLU E 433 -25.76 -2.17 -38.14
N SER E 434 -25.07 -2.29 -37.00
CA SER E 434 -24.33 -1.13 -36.50
C SER E 434 -22.94 -1.00 -37.13
N GLY E 435 -22.46 -2.00 -37.91
CA GLY E 435 -21.07 -2.00 -38.35
C GLY E 435 -20.09 -2.63 -37.39
N ARG E 436 -20.49 -2.86 -36.14
CA ARG E 436 -19.51 -3.20 -35.12
C ARG E 436 -18.84 -4.56 -35.37
N SER E 437 -19.61 -5.58 -35.75
CA SER E 437 -19.01 -6.88 -36.02
C SER E 437 -17.98 -6.79 -37.14
N ALA E 438 -18.28 -6.01 -38.18
CA ALA E 438 -17.37 -5.86 -39.30
C ALA E 438 -16.15 -5.03 -38.90
N HIS E 439 -16.33 -4.01 -38.06
CA HIS E 439 -15.18 -3.24 -37.55
C HIS E 439 -14.19 -4.13 -36.80
N GLN E 440 -14.70 -5.05 -35.97
CA GLN E 440 -13.80 -5.93 -35.22
C GLN E 440 -13.06 -6.92 -36.13
N VAL E 441 -13.68 -7.36 -37.24
CA VAL E 441 -12.91 -8.15 -38.19
C VAL E 441 -11.82 -7.31 -38.82
N ALA E 442 -12.14 -6.09 -39.21
CA ALA E 442 -11.18 -5.26 -39.94
C ALA E 442 -9.98 -4.96 -39.06
N ARG E 443 -10.23 -4.77 -37.76
CA ARG E 443 -9.17 -4.51 -36.80
C ARG E 443 -8.08 -5.58 -36.80
N TYR E 444 -8.45 -6.86 -36.97
CA TYR E 444 -7.42 -7.89 -36.93
C TYR E 444 -6.79 -8.17 -38.31
N ARG E 445 -7.06 -7.31 -39.32
CA ARG E 445 -6.25 -7.22 -40.54
C ARG E 445 -6.16 -8.53 -41.32
N PRO E 446 -7.26 -9.10 -41.78
CA PRO E 446 -7.17 -10.16 -42.79
C PRO E 446 -6.55 -9.62 -44.06
N ARG E 447 -6.00 -10.51 -44.87
CA ARG E 447 -5.61 -10.00 -46.17
C ARG E 447 -6.79 -10.03 -47.15
N ALA E 448 -7.76 -10.93 -46.95
CA ALA E 448 -8.94 -10.99 -47.84
C ALA E 448 -9.88 -9.81 -47.58
N PRO E 449 -10.62 -9.34 -48.59
CA PRO E 449 -11.62 -8.29 -48.36
C PRO E 449 -12.75 -8.73 -47.43
N ILE E 450 -13.31 -7.77 -46.71
CA ILE E 450 -14.44 -7.97 -45.80
C ILE E 450 -15.66 -7.38 -46.48
N ILE E 451 -16.54 -8.23 -46.98
CA ILE E 451 -17.79 -7.76 -47.55
C ILE E 451 -18.82 -7.68 -46.43
N ALA E 452 -19.13 -6.45 -46.01
CA ALA E 452 -20.08 -6.19 -44.93
C ALA E 452 -21.42 -5.84 -45.56
N VAL E 453 -22.41 -6.68 -45.34
CA VAL E 453 -23.76 -6.47 -45.88
C VAL E 453 -24.62 -5.88 -44.77
N THR E 454 -25.27 -4.77 -45.04
CA THR E 454 -26.07 -4.12 -44.02
C THR E 454 -27.32 -3.52 -44.65
N ARG E 455 -28.39 -3.41 -43.85
CA ARG E 455 -29.56 -2.63 -44.29
C ARG E 455 -29.50 -1.19 -43.83
N ASN E 456 -28.54 -0.84 -42.95
CA ASN E 456 -28.41 0.51 -42.44
C ASN E 456 -27.46 1.29 -43.38
N HIS E 457 -28.02 2.25 -44.11
CA HIS E 457 -27.25 2.93 -45.16
C HIS E 457 -26.11 3.75 -44.55
N GLN E 458 -26.33 4.32 -43.36
CA GLN E 458 -25.26 5.10 -42.74
C GLN E 458 -24.13 4.19 -42.27
N THR E 459 -24.46 3.03 -41.71
CA THR E 459 -23.42 2.04 -41.44
C THR E 459 -22.58 1.76 -42.69
N ALA E 460 -23.24 1.60 -43.84
CA ALA E 460 -22.53 1.31 -45.10
C ALA E 460 -21.56 2.42 -45.44
N ARG E 461 -22.00 3.68 -45.33
CA ARG E 461 -21.12 4.77 -45.71
C ARG E 461 -19.97 4.92 -44.73
N GLN E 462 -20.27 4.84 -43.43
CA GLN E 462 -19.21 4.98 -42.42
C GLN E 462 -18.19 3.84 -42.47
N ALA E 463 -18.56 2.67 -43.01
CA ALA E 463 -17.65 1.53 -42.99
C ALA E 463 -16.38 1.82 -43.76
N HIS E 464 -16.45 2.75 -44.71
CA HIS E 464 -15.28 3.17 -45.48
C HIS E 464 -14.14 3.66 -44.59
N LEU E 465 -14.40 3.99 -43.31
CA LEU E 465 -13.32 4.42 -42.43
C LEU E 465 -12.39 3.28 -42.05
N TYR E 466 -12.78 2.02 -42.29
CA TYR E 466 -12.08 0.84 -41.78
C TYR E 466 -11.37 0.12 -42.91
N ARG E 467 -10.09 -0.25 -42.67
CA ARG E 467 -9.34 -1.05 -43.65
C ARG E 467 -10.12 -2.31 -44.11
N GLY E 468 -10.30 -2.46 -45.41
CA GLY E 468 -10.74 -3.73 -45.92
C GLY E 468 -12.23 -3.97 -45.88
N ILE E 469 -13.02 -3.08 -45.28
CA ILE E 469 -14.48 -3.27 -45.30
C ILE E 469 -14.99 -2.72 -46.61
N PHE E 470 -15.62 -3.58 -47.40
CA PHE E 470 -16.28 -3.26 -48.64
C PHE E 470 -17.78 -3.30 -48.36
N PRO E 471 -18.42 -2.15 -48.10
CA PRO E 471 -19.82 -2.16 -47.66
C PRO E 471 -20.79 -2.42 -48.81
N VAL E 472 -21.87 -3.15 -48.52
CA VAL E 472 -22.92 -3.46 -49.47
C VAL E 472 -24.27 -3.16 -48.83
N VAL E 473 -25.07 -2.31 -49.48
CA VAL E 473 -26.40 -1.98 -48.98
C VAL E 473 -27.38 -3.07 -49.42
N CYS E 474 -28.04 -3.69 -48.46
CA CYS E 474 -29.13 -4.60 -48.77
C CYS E 474 -30.43 -3.80 -48.76
N LYS E 475 -31.13 -3.78 -49.90
CA LYS E 475 -32.40 -3.06 -49.98
C LYS E 475 -33.62 -3.98 -49.94
N ASP E 476 -33.43 -5.29 -49.96
CA ASP E 476 -34.55 -6.23 -49.91
C ASP E 476 -35.31 -6.06 -48.59
N PRO E 477 -36.62 -6.25 -48.61
CA PRO E 477 -37.36 -6.30 -47.34
C PRO E 477 -36.92 -7.48 -46.51
N VAL E 478 -37.16 -7.37 -45.20
CA VAL E 478 -36.82 -8.47 -44.30
C VAL E 478 -37.65 -9.70 -44.66
N GLN E 479 -37.00 -10.87 -44.72
CA GLN E 479 -37.71 -12.14 -44.88
C GLN E 479 -38.22 -12.62 -43.52
N GLU E 480 -39.32 -13.37 -43.54
CA GLU E 480 -40.05 -13.69 -42.30
C GLU E 480 -39.28 -14.69 -41.44
N ALA E 481 -38.60 -15.63 -42.08
CA ALA E 481 -37.74 -16.53 -41.34
C ALA E 481 -36.33 -15.96 -41.29
N TRP E 482 -35.78 -15.87 -40.08
CA TRP E 482 -34.41 -15.41 -39.89
C TRP E 482 -33.44 -16.11 -40.84
N ALA E 483 -33.52 -17.44 -40.89
CA ALA E 483 -32.59 -18.21 -41.72
C ALA E 483 -32.63 -17.78 -43.18
N GLU E 484 -33.84 -17.51 -43.70
CA GLU E 484 -33.92 -17.08 -45.09
C GLU E 484 -33.36 -15.68 -45.28
N ASP E 485 -33.60 -14.78 -44.33
CA ASP E 485 -33.09 -13.43 -44.44
C ASP E 485 -31.56 -13.41 -44.36
N VAL E 486 -30.98 -14.23 -43.48
CA VAL E 486 -29.52 -14.35 -43.45
C VAL E 486 -29.01 -14.84 -44.78
N ASP E 487 -29.56 -15.96 -45.26
CA ASP E 487 -29.13 -16.54 -46.53
C ASP E 487 -29.21 -15.52 -47.67
N LEU E 488 -30.32 -14.77 -47.71
CA LEU E 488 -30.51 -13.69 -48.69
C LEU E 488 -29.32 -12.71 -48.70
N ARG E 489 -28.92 -12.24 -47.52
CA ARG E 489 -27.83 -11.25 -47.44
C ARG E 489 -26.49 -11.88 -47.80
N VAL E 490 -26.23 -13.09 -47.33
CA VAL E 490 -25.01 -13.80 -47.71
C VAL E 490 -24.93 -13.95 -49.23
N ASN E 491 -26.06 -14.34 -49.85
CA ASN E 491 -26.02 -14.52 -51.30
C ASN E 491 -25.85 -13.19 -52.03
N LEU E 492 -26.38 -12.10 -51.47
CA LEU E 492 -26.08 -10.78 -52.00
C LEU E 492 -24.58 -10.54 -52.05
N ALA E 493 -23.87 -10.84 -50.94
CA ALA E 493 -22.42 -10.67 -50.91
C ALA E 493 -21.72 -11.55 -51.94
N MET E 494 -22.18 -12.80 -52.08
CA MET E 494 -21.60 -13.71 -53.05
C MET E 494 -21.72 -13.14 -54.47
N ASN E 495 -22.90 -12.61 -54.83
CA ASN E 495 -23.10 -12.06 -56.17
C ASN E 495 -22.23 -10.82 -56.38
N VAL E 496 -22.13 -9.96 -55.36
CA VAL E 496 -21.26 -8.78 -55.41
C VAL E 496 -19.81 -9.19 -55.59
N GLY E 497 -19.34 -10.14 -54.76
CA GLY E 497 -17.96 -10.60 -54.89
C GLY E 497 -17.65 -11.21 -56.25
N LYS E 498 -18.61 -11.94 -56.82
CA LYS E 498 -18.35 -12.51 -58.14
C LYS E 498 -18.35 -11.42 -59.21
N ALA E 499 -19.26 -10.47 -59.12
CA ALA E 499 -19.31 -9.46 -60.16
C ALA E 499 -18.09 -8.55 -60.11
N ARG E 500 -17.49 -8.39 -58.93
CA ARG E 500 -16.30 -7.55 -58.77
C ARG E 500 -15.01 -8.28 -59.06
N GLY E 501 -15.05 -9.60 -59.32
CA GLY E 501 -13.82 -10.33 -59.52
C GLY E 501 -13.07 -10.68 -58.25
N PHE E 502 -13.70 -10.59 -57.07
CA PHE E 502 -13.00 -10.97 -55.84
C PHE E 502 -12.91 -12.49 -55.70
N PHE E 503 -13.88 -13.23 -56.23
CA PHE E 503 -13.84 -14.68 -56.17
C PHE E 503 -14.74 -15.24 -57.26
N LYS E 504 -14.67 -16.55 -57.42
CA LYS E 504 -15.47 -17.29 -58.38
C LYS E 504 -16.02 -18.54 -57.71
N LYS E 505 -16.99 -19.15 -58.38
CA LYS E 505 -17.66 -20.33 -57.85
C LYS E 505 -16.64 -21.39 -57.48
N GLY E 506 -16.87 -22.05 -56.36
CA GLY E 506 -15.89 -22.99 -55.84
C GLY E 506 -14.75 -22.40 -55.04
N ASP E 507 -14.60 -21.07 -54.98
CA ASP E 507 -13.66 -20.49 -54.02
C ASP E 507 -14.24 -20.62 -52.61
N VAL E 508 -13.43 -20.33 -51.61
CA VAL E 508 -13.86 -20.45 -50.23
C VAL E 508 -13.85 -19.09 -49.54
N VAL E 509 -14.86 -18.84 -48.72
CA VAL E 509 -15.02 -17.60 -47.98
C VAL E 509 -15.46 -17.92 -46.56
N ILE E 510 -15.16 -17.00 -45.63
CA ILE E 510 -15.60 -17.06 -44.26
C ILE E 510 -16.84 -16.20 -44.15
N VAL E 511 -17.85 -16.69 -43.44
CA VAL E 511 -19.14 -15.99 -43.33
C VAL E 511 -19.47 -15.84 -41.87
N LEU E 512 -19.73 -14.59 -41.44
CA LEU E 512 -20.02 -14.27 -40.05
C LEU E 512 -21.45 -13.77 -39.96
N THR E 513 -22.29 -14.45 -39.17
CA THR E 513 -23.70 -14.08 -39.04
C THR E 513 -24.13 -14.22 -37.59
N GLY E 514 -25.31 -13.65 -37.28
CA GLY E 514 -25.95 -13.86 -35.97
C GLY E 514 -26.81 -15.12 -36.01
N TRP E 515 -26.72 -15.90 -34.95
CA TRP E 515 -27.40 -17.20 -34.96
C TRP E 515 -28.92 -17.02 -34.90
N ARG E 516 -29.39 -16.06 -34.13
CA ARG E 516 -30.79 -15.72 -34.03
C ARG E 516 -30.95 -14.23 -34.20
N PRO E 517 -32.15 -13.74 -34.49
CA PRO E 517 -32.34 -12.28 -34.55
C PRO E 517 -31.86 -11.64 -33.28
N GLY E 518 -31.72 -12.43 -32.21
CA GLY E 518 -31.45 -11.89 -30.89
C GLY E 518 -29.99 -11.63 -30.56
N SER E 519 -29.07 -12.32 -31.22
CA SER E 519 -27.65 -12.10 -30.96
C SER E 519 -27.33 -10.64 -31.25
N GLY E 520 -26.45 -10.06 -30.44
CA GLY E 520 -26.02 -8.70 -30.67
C GLY E 520 -24.62 -8.62 -31.24
N PHE E 521 -24.20 -9.67 -31.93
CA PHE E 521 -22.94 -9.71 -32.66
C PHE E 521 -23.00 -10.96 -33.52
N THR E 522 -22.05 -11.08 -34.43
CA THR E 522 -21.99 -12.25 -35.28
C THR E 522 -21.29 -13.34 -34.50
N ASN E 523 -22.08 -14.24 -33.88
CA ASN E 523 -21.58 -15.33 -33.08
C ASN E 523 -21.47 -16.64 -33.86
N THR E 524 -21.70 -16.60 -35.17
CA THR E 524 -21.66 -17.80 -36.01
C THR E 524 -20.65 -17.57 -37.11
N MET E 525 -19.67 -18.46 -37.21
CA MET E 525 -18.65 -18.41 -38.25
CA MET E 525 -18.67 -18.40 -38.28
C MET E 525 -18.72 -19.69 -39.08
N ARG E 526 -18.72 -19.54 -40.41
CA ARG E 526 -18.76 -20.68 -41.32
C ARG E 526 -17.69 -20.51 -42.39
N VAL E 527 -17.12 -21.62 -42.83
CA VAL E 527 -16.32 -21.64 -44.05
C VAL E 527 -17.21 -22.24 -45.13
N VAL E 528 -17.47 -21.50 -46.22
CA VAL E 528 -18.45 -21.95 -47.21
C VAL E 528 -17.88 -21.79 -48.62
N PRO E 529 -18.09 -22.75 -49.49
CA PRO E 529 -17.71 -22.58 -50.90
C PRO E 529 -18.59 -21.53 -51.57
N VAL E 530 -18.03 -20.85 -52.55
CA VAL E 530 -18.79 -19.85 -53.31
C VAL E 530 -19.68 -20.57 -54.32
N PRO E 531 -21.00 -20.29 -54.37
CA PRO E 531 -21.97 -20.88 -55.30
C PRO E 531 -21.70 -20.55 -56.78
N ILE F 13 -2.15 -10.90 23.38
CA ILE F 13 -2.94 -10.37 24.50
C ILE F 13 -2.07 -9.96 25.67
N GLN F 14 -2.04 -8.66 25.97
CA GLN F 14 -1.24 -8.21 27.11
C GLN F 14 -1.81 -8.75 28.42
N THR F 15 -0.91 -9.02 29.34
CA THR F 15 -1.33 -9.53 30.62
C THR F 15 -1.82 -8.39 31.51
N GLN F 16 -2.35 -8.78 32.68
CA GLN F 16 -2.62 -7.82 33.73
C GLN F 16 -3.53 -6.68 33.24
N GLN F 17 -4.45 -6.98 32.32
CA GLN F 17 -5.41 -5.99 31.83
C GLN F 17 -4.71 -4.72 31.36
N LEU F 18 -3.52 -4.87 30.79
CA LEU F 18 -2.75 -3.69 30.43
C LEU F 18 -3.30 -2.96 29.22
N HIS F 19 -4.09 -3.62 28.38
CA HIS F 19 -4.77 -2.87 27.32
C HIS F 19 -5.83 -1.95 27.93
N ALA F 20 -6.70 -2.51 28.79
CA ALA F 20 -7.62 -1.68 29.57
C ALA F 20 -6.89 -0.59 30.35
N ALA F 21 -5.67 -0.88 30.83
CA ALA F 21 -4.94 0.12 31.60
C ALA F 21 -4.74 1.42 30.84
N MET F 22 -4.63 1.34 29.51
CA MET F 22 -4.30 2.49 28.68
C MET F 22 -5.53 3.23 28.16
N ALA F 23 -6.72 2.92 28.67
CA ALA F 23 -7.95 3.57 28.22
C ALA F 23 -7.94 5.06 28.57
N ASP F 24 -8.72 5.84 27.81
CA ASP F 24 -8.84 7.28 28.04
C ASP F 24 -10.04 7.64 28.90
N THR F 25 -11.04 6.75 28.99
CA THR F 25 -12.22 6.97 29.81
C THR F 25 -12.55 5.71 30.59
N PHE F 26 -13.34 5.90 31.65
CA PHE F 26 -13.72 4.75 32.46
C PHE F 26 -14.58 3.76 31.65
N LEU F 27 -15.49 4.26 30.83
CA LEU F 27 -16.26 3.38 29.96
C LEU F 27 -15.34 2.54 29.06
N GLU F 28 -14.43 3.19 28.36
CA GLU F 28 -13.50 2.43 27.52
C GLU F 28 -12.66 1.45 28.35
N HIS F 29 -12.25 1.83 29.55
CA HIS F 29 -11.54 0.91 30.45
C HIS F 29 -12.33 -0.38 30.64
N MET F 30 -13.62 -0.26 30.99
CA MET F 30 -14.47 -1.42 31.18
C MET F 30 -14.64 -2.23 29.89
N CYS F 31 -14.89 -1.54 28.77
CA CYS F 31 -15.07 -2.21 27.48
C CYS F 31 -13.85 -3.02 27.08
N ARG F 32 -12.67 -2.68 27.61
CA ARG F 32 -11.45 -3.38 27.29
C ARG F 32 -11.11 -4.53 28.23
N LEU F 33 -11.88 -4.75 29.30
CA LEU F 33 -11.50 -5.82 30.23
C LEU F 33 -11.58 -7.16 29.51
N ASP F 34 -10.58 -8.00 29.74
CA ASP F 34 -10.33 -9.17 28.89
C ASP F 34 -10.12 -10.41 29.75
N ILE F 35 -11.08 -11.33 29.71
CA ILE F 35 -10.98 -12.56 30.49
C ILE F 35 -9.79 -13.41 30.08
N ASP F 36 -9.19 -13.14 28.91
CA ASP F 36 -8.00 -13.89 28.52
C ASP F 36 -6.71 -13.13 28.80
N SER F 37 -6.79 -11.97 29.49
CA SER F 37 -5.59 -11.26 29.96
C SER F 37 -5.25 -11.80 31.35
N ALA F 38 -4.13 -12.51 31.46
CA ALA F 38 -3.79 -13.20 32.71
C ALA F 38 -3.36 -12.20 33.78
N PRO F 39 -3.81 -12.37 35.03
CA PRO F 39 -3.28 -11.56 36.12
C PRO F 39 -1.86 -11.98 36.47
N ILE F 40 -1.18 -11.15 37.27
CA ILE F 40 0.16 -11.51 37.74
C ILE F 40 0.07 -12.49 38.90
N THR F 41 1.22 -13.00 39.31
CA THR F 41 1.29 -13.97 40.40
C THR F 41 1.04 -13.32 41.74
N ALA F 42 1.57 -12.10 41.95
CA ALA F 42 1.44 -11.44 43.23
C ALA F 42 -0.01 -11.10 43.49
N ARG F 43 -0.43 -11.22 44.75
CA ARG F 43 -1.78 -10.85 45.17
C ARG F 43 -1.66 -9.76 46.24
N ASN F 44 -2.25 -8.58 45.97
CA ASN F 44 -1.96 -7.39 46.76
C ASN F 44 -2.96 -7.17 47.92
N THR F 45 -4.19 -7.67 47.81
CA THR F 45 -5.21 -7.36 48.81
C THR F 45 -5.04 -8.28 50.02
N GLY F 46 -4.92 -7.72 51.22
CA GLY F 46 -4.72 -8.55 52.39
C GLY F 46 -5.95 -9.40 52.69
N ILE F 47 -5.72 -10.60 53.21
CA ILE F 47 -6.84 -11.50 53.54
C ILE F 47 -6.87 -11.72 55.05
N ILE F 48 -8.00 -11.37 55.67
CA ILE F 48 -8.20 -11.49 57.12
C ILE F 48 -9.20 -12.63 57.37
N CYS F 49 -8.83 -13.58 58.22
CA CYS F 49 -9.70 -14.73 58.50
C CYS F 49 -10.04 -14.81 59.98
N THR F 50 -11.32 -14.95 60.26
CA THR F 50 -11.79 -15.20 61.61
C THR F 50 -11.54 -16.66 61.98
N ILE F 51 -10.82 -16.87 63.07
CA ILE F 51 -10.44 -18.22 63.49
C ILE F 51 -11.43 -18.69 64.55
N GLY F 52 -11.97 -19.89 64.36
CA GLY F 52 -12.89 -20.49 65.31
C GLY F 52 -12.83 -22.00 65.23
N PRO F 53 -13.89 -22.68 65.69
CA PRO F 53 -13.88 -24.17 65.69
C PRO F 53 -13.50 -24.81 64.34
N ALA F 54 -13.90 -24.25 63.21
CA ALA F 54 -13.55 -24.93 61.97
C ALA F 54 -12.11 -24.71 61.56
N SER F 55 -11.39 -23.80 62.21
CA SER F 55 -10.10 -23.37 61.68
C SER F 55 -8.98 -23.25 62.71
N ARG F 56 -9.19 -23.63 63.98
CA ARG F 56 -8.23 -23.31 65.03
C ARG F 56 -7.21 -24.40 65.32
N SER F 57 -7.25 -25.56 64.67
CA SER F 57 -6.15 -26.50 64.86
C SER F 57 -4.89 -26.01 64.13
N VAL F 58 -3.73 -26.37 64.71
CA VAL F 58 -2.45 -26.07 64.06
C VAL F 58 -2.42 -26.59 62.63
N GLU F 59 -2.86 -27.82 62.43
CA GLU F 59 -2.83 -28.40 61.09
C GLU F 59 -3.63 -27.55 60.10
N THR F 60 -4.85 -27.15 60.47
CA THR F 60 -5.64 -26.35 59.53
C THR F 60 -5.03 -24.96 59.36
N LEU F 61 -4.50 -24.40 60.44
CA LEU F 61 -3.93 -23.06 60.34
C LEU F 61 -2.74 -23.03 59.38
N LYS F 62 -1.93 -24.10 59.34
CA LYS F 62 -0.84 -24.15 58.35
C LYS F 62 -1.38 -24.04 56.92
N GLU F 63 -2.47 -24.76 56.63
CA GLU F 63 -3.07 -24.68 55.30
C GLU F 63 -3.74 -23.33 55.05
N MET F 64 -4.31 -22.71 56.09
CA MET F 64 -4.81 -21.35 55.98
C MET F 64 -3.71 -20.43 55.50
N ILE F 65 -2.53 -20.51 56.14
CA ILE F 65 -1.40 -19.66 55.78
C ILE F 65 -0.96 -19.93 54.35
N LYS F 66 -0.87 -21.22 53.99
CA LYS F 66 -0.46 -21.55 52.63
C LYS F 66 -1.49 -21.07 51.62
N SER F 67 -2.76 -21.05 52.00
CA SER F 67 -3.81 -20.63 51.07
C SER F 67 -3.87 -19.11 50.89
N GLY F 68 -3.18 -18.35 51.75
CA GLY F 68 -3.12 -16.90 51.62
C GLY F 68 -3.57 -16.08 52.83
N MET F 69 -3.95 -16.66 53.97
CA MET F 69 -4.34 -15.84 55.12
C MET F 69 -3.18 -14.99 55.60
N ASN F 70 -3.44 -13.70 55.82
CA ASN F 70 -2.44 -12.78 56.34
C ASN F 70 -2.67 -12.34 57.78
N VAL F 71 -3.92 -12.28 58.22
CA VAL F 71 -4.28 -11.78 59.53
C VAL F 71 -5.26 -12.76 60.15
N ALA F 72 -4.97 -13.18 61.37
CA ALA F 72 -5.89 -14.04 62.12
C ALA F 72 -6.71 -13.16 63.07
N ARG F 73 -8.02 -13.18 62.88
CA ARG F 73 -8.96 -12.38 63.65
C ARG F 73 -9.61 -13.23 64.74
N MET F 74 -9.48 -12.79 66.00
CA MET F 74 -10.15 -13.40 67.15
C MET F 74 -11.34 -12.55 67.54
N ASN F 75 -12.55 -13.13 67.49
CA ASN F 75 -13.78 -12.38 67.74
C ASN F 75 -14.19 -12.55 69.21
N PHE F 76 -13.90 -11.54 70.03
CA PHE F 76 -14.13 -11.66 71.47
C PHE F 76 -15.59 -11.54 71.84
N SER F 77 -16.52 -11.41 70.88
CA SER F 77 -17.94 -11.60 71.16
C SER F 77 -18.23 -13.04 71.60
N HIS F 78 -17.28 -13.96 71.41
CA HIS F 78 -17.41 -15.38 71.70
C HIS F 78 -16.15 -15.84 72.41
N GLY F 79 -16.26 -16.95 73.13
CA GLY F 79 -15.12 -17.60 73.73
C GLY F 79 -14.62 -16.91 74.99
N THR F 80 -13.84 -17.65 75.77
CA THR F 80 -13.16 -17.18 76.97
C THR F 80 -11.75 -16.73 76.61
N HIS F 81 -11.10 -16.07 77.58
CA HIS F 81 -9.70 -15.70 77.38
C HIS F 81 -8.85 -16.93 77.14
N GLU F 82 -9.13 -18.01 77.86
CA GLU F 82 -8.35 -19.22 77.69
C GLU F 82 -8.60 -19.87 76.33
N TYR F 83 -9.84 -19.85 75.85
CA TYR F 83 -10.10 -20.28 74.48
C TYR F 83 -9.25 -19.49 73.47
N HIS F 84 -9.24 -18.16 73.61
CA HIS F 84 -8.58 -17.32 72.62
C HIS F 84 -7.08 -17.40 72.75
N ALA F 85 -6.56 -17.58 73.97
CA ALA F 85 -5.12 -17.69 74.13
C ALA F 85 -4.62 -18.93 73.44
N GLU F 86 -5.44 -19.99 73.47
CA GLU F 86 -5.07 -21.23 72.81
C GLU F 86 -5.18 -21.10 71.28
N THR F 87 -6.21 -20.41 70.79
CA THR F 87 -6.27 -20.11 69.36
C THR F 87 -5.01 -19.36 68.92
N ILE F 88 -4.67 -18.30 69.67
CA ILE F 88 -3.51 -17.49 69.32
C ILE F 88 -2.24 -18.33 69.36
N LYS F 89 -2.05 -19.10 70.43
CA LYS F 89 -0.96 -20.07 70.46
C LYS F 89 -0.88 -20.88 69.17
N ASN F 90 -2.00 -21.45 68.73
CA ASN F 90 -1.98 -22.31 67.56
C ASN F 90 -1.64 -21.51 66.30
N VAL F 91 -2.12 -20.25 66.21
CA VAL F 91 -1.75 -19.44 65.05
C VAL F 91 -0.24 -19.25 65.03
N ARG F 92 0.32 -18.95 66.19
CA ARG F 92 1.76 -18.71 66.25
C ARG F 92 2.55 -19.98 66.01
N THR F 93 2.04 -21.12 66.49
CA THR F 93 2.73 -22.39 66.21
C THR F 93 2.73 -22.70 64.73
N ALA F 94 1.58 -22.55 64.07
CA ALA F 94 1.51 -22.81 62.64
C ALA F 94 2.37 -21.84 61.84
N THR F 95 2.36 -20.55 62.23
CA THR F 95 3.17 -19.53 61.57
C THR F 95 4.65 -19.85 61.70
N GLU F 96 5.11 -20.14 62.93
CA GLU F 96 6.54 -20.35 63.11
C GLU F 96 6.99 -21.68 62.51
N SER F 97 6.06 -22.55 62.11
CA SER F 97 6.48 -23.80 61.51
C SER F 97 7.14 -23.58 60.17
N PHE F 98 6.99 -22.42 59.57
CA PHE F 98 7.61 -22.10 58.29
C PHE F 98 8.89 -21.27 58.46
N ALA F 99 9.27 -20.93 59.69
CA ALA F 99 10.36 -19.99 59.89
C ALA F 99 11.73 -20.57 59.56
N SER F 100 11.86 -21.88 59.41
CA SER F 100 13.16 -22.43 59.06
C SER F 100 13.68 -21.86 57.75
N ASP F 101 12.78 -21.58 56.79
CA ASP F 101 13.16 -20.96 55.51
C ASP F 101 12.76 -19.48 55.50
N PRO F 102 13.65 -18.57 55.92
CA PRO F 102 13.28 -17.14 55.90
C PRO F 102 12.95 -16.61 54.53
N ILE F 103 13.28 -17.33 53.47
CA ILE F 103 12.98 -16.81 52.16
C ILE F 103 11.50 -17.00 51.87
N LEU F 104 10.86 -18.01 52.48
CA LEU F 104 9.44 -18.25 52.24
C LEU F 104 8.55 -17.97 53.45
N TYR F 105 9.12 -17.72 54.63
CA TYR F 105 8.32 -17.41 55.82
C TYR F 105 7.41 -16.21 55.58
N ARG F 106 6.13 -16.36 55.91
CA ARG F 106 5.16 -15.28 55.83
C ARG F 106 4.82 -14.86 57.24
N PRO F 107 5.05 -13.60 57.62
CA PRO F 107 4.51 -13.10 58.88
C PRO F 107 3.00 -13.18 58.85
N VAL F 108 2.41 -13.39 60.03
CA VAL F 108 0.97 -13.50 60.19
C VAL F 108 0.57 -12.62 61.37
N ALA F 109 -0.33 -11.68 61.14
CA ALA F 109 -0.72 -10.79 62.21
C ALA F 109 -1.87 -11.41 63.05
N VAL F 110 -2.00 -10.94 64.29
CA VAL F 110 -3.05 -11.33 65.23
C VAL F 110 -3.90 -10.11 65.54
N ALA F 111 -5.21 -10.20 65.27
CA ALA F 111 -6.13 -9.09 65.49
C ALA F 111 -7.13 -9.46 66.58
N LEU F 112 -7.36 -8.51 67.51
CA LEU F 112 -8.37 -8.66 68.55
C LEU F 112 -9.61 -7.85 68.18
N ASP F 113 -10.76 -8.53 68.04
CA ASP F 113 -12.01 -7.86 67.68
C ASP F 113 -12.91 -7.80 68.92
N THR F 114 -13.15 -6.58 69.44
CA THR F 114 -13.82 -6.40 70.72
C THR F 114 -15.31 -6.74 70.65
N LYS F 115 -15.85 -7.20 71.79
CA LYS F 115 -17.30 -7.28 71.95
C LYS F 115 -17.94 -5.91 71.76
N GLY F 116 -17.56 -4.93 72.57
CA GLY F 116 -18.19 -3.63 72.50
C GLY F 116 -19.63 -3.63 72.99
N PRO F 117 -20.38 -2.57 72.67
CA PRO F 117 -21.76 -2.43 73.23
C PRO F 117 -22.79 -3.33 72.56
N GLU F 118 -22.68 -4.62 72.78
CA GLU F 118 -23.55 -5.61 72.16
C GLU F 118 -24.82 -5.84 72.97
N ILE F 119 -25.85 -6.30 72.27
CA ILE F 119 -27.02 -6.95 72.85
C ILE F 119 -27.06 -8.36 72.30
N ARG F 120 -27.23 -9.36 73.17
CA ARG F 120 -27.23 -10.76 72.75
C ARG F 120 -28.37 -11.51 73.40
N THR F 121 -28.91 -12.48 72.68
CA THR F 121 -29.98 -13.33 73.19
C THR F 121 -29.39 -14.48 73.98
N GLY F 122 -30.24 -15.26 74.60
CA GLY F 122 -29.83 -16.37 75.43
C GLY F 122 -29.60 -17.65 74.65
N LEU F 123 -29.58 -18.76 75.40
CA LEU F 123 -29.30 -20.10 74.88
C LEU F 123 -30.58 -20.77 74.43
N ILE F 124 -30.57 -21.32 73.21
CA ILE F 124 -31.72 -22.10 72.76
C ILE F 124 -31.78 -23.37 73.61
N LYS F 125 -32.87 -23.51 74.37
CA LYS F 125 -33.09 -24.60 75.31
C LYS F 125 -32.63 -25.95 74.75
N ALA F 130 -28.26 -25.98 68.60
CA ALA F 130 -29.71 -26.16 68.55
C ALA F 130 -30.39 -24.87 68.02
N GLU F 131 -31.55 -25.04 67.38
CA GLU F 131 -32.26 -23.92 66.76
C GLU F 131 -33.76 -24.08 66.96
N VAL F 132 -34.47 -23.00 66.66
CA VAL F 132 -35.93 -22.99 66.55
C VAL F 132 -36.26 -22.11 65.36
N GLU F 133 -37.40 -22.38 64.75
CA GLU F 133 -37.85 -21.65 63.58
C GLU F 133 -38.95 -20.71 64.02
N LEU F 134 -38.73 -19.41 63.85
CA LEU F 134 -39.75 -18.40 64.13
C LEU F 134 -40.52 -18.13 62.85
N LYS F 135 -41.84 -18.17 62.92
CA LYS F 135 -42.68 -18.09 61.73
C LYS F 135 -43.33 -16.71 61.64
N LYS F 136 -43.35 -16.14 60.44
CA LYS F 136 -44.08 -14.90 60.21
C LYS F 136 -45.47 -14.97 60.85
N GLY F 137 -45.86 -13.91 61.54
CA GLY F 137 -47.16 -13.88 62.19
C GLY F 137 -47.22 -14.55 63.54
N ALA F 138 -46.26 -15.39 63.91
CA ALA F 138 -46.32 -16.01 65.22
C ALA F 138 -46.04 -14.97 66.31
N THR F 139 -46.49 -15.29 67.50
CA THR F 139 -46.21 -14.50 68.69
C THR F 139 -44.90 -14.92 69.32
N LEU F 140 -44.15 -13.94 69.82
CA LEU F 140 -42.90 -14.23 70.51
C LEU F 140 -42.77 -13.25 71.67
N LYS F 141 -42.46 -13.75 72.86
CA LYS F 141 -42.32 -12.90 74.04
C LYS F 141 -40.83 -12.72 74.34
N ILE F 142 -40.40 -11.46 74.42
CA ILE F 142 -39.07 -11.17 74.92
C ILE F 142 -39.16 -10.99 76.42
N THR F 143 -38.30 -11.65 77.16
CA THR F 143 -38.24 -11.50 78.61
C THR F 143 -36.85 -11.08 79.05
N LEU F 144 -36.80 -10.39 80.19
CA LEU F 144 -35.54 -10.11 80.87
C LEU F 144 -35.30 -11.01 82.07
N ASP F 145 -36.24 -11.91 82.39
CA ASP F 145 -36.11 -12.79 83.54
C ASP F 145 -35.05 -13.85 83.27
N ASN F 146 -33.94 -13.80 84.01
CA ASN F 146 -32.86 -14.77 83.83
C ASN F 146 -33.30 -16.21 83.99
N ALA F 147 -34.48 -16.46 84.56
CA ALA F 147 -35.02 -17.81 84.55
C ALA F 147 -35.02 -18.40 83.14
N TYR F 148 -35.06 -17.55 82.13
CA TYR F 148 -35.14 -18.04 80.77
C TYR F 148 -33.83 -17.89 80.03
N MET F 149 -32.74 -17.55 80.72
CA MET F 149 -31.51 -17.16 80.02
C MET F 149 -30.92 -18.34 79.24
N GLU F 150 -31.16 -19.57 79.69
CA GLU F 150 -30.74 -20.72 78.91
C GLU F 150 -31.93 -21.56 78.42
N LYS F 151 -33.12 -20.95 78.35
CA LYS F 151 -34.34 -21.63 77.93
C LYS F 151 -35.09 -20.80 76.90
N CYS F 152 -34.40 -20.41 75.83
CA CYS F 152 -35.04 -19.63 74.76
C CYS F 152 -35.87 -20.56 73.86
N ASP F 153 -37.17 -20.30 73.79
CA ASP F 153 -38.18 -21.08 73.09
C ASP F 153 -38.49 -20.46 71.75
N GLU F 154 -39.29 -21.15 70.96
CA GLU F 154 -40.01 -20.40 69.95
C GLU F 154 -41.13 -19.55 70.56
N ASN F 155 -41.36 -19.63 71.87
CA ASN F 155 -42.34 -18.80 72.58
C ASN F 155 -41.75 -17.71 73.43
N ILE F 156 -40.51 -17.89 73.89
CA ILE F 156 -39.90 -17.00 74.86
C ILE F 156 -38.45 -16.79 74.44
N LEU F 157 -38.02 -15.54 74.41
CA LEU F 157 -36.66 -15.18 74.05
C LEU F 157 -36.09 -14.28 75.14
N TRP F 158 -34.92 -14.65 75.66
CA TRP F 158 -34.22 -13.84 76.65
C TRP F 158 -33.09 -13.10 75.97
N LEU F 159 -32.87 -11.87 76.38
CA LEU F 159 -31.71 -11.14 75.88
C LEU F 159 -31.13 -10.33 77.04
N ASP F 160 -29.91 -9.85 76.86
CA ASP F 160 -29.10 -9.40 77.99
C ASP F 160 -29.04 -7.87 78.17
N TYR F 161 -29.88 -7.09 77.46
CA TYR F 161 -29.97 -5.65 77.66
C TYR F 161 -31.15 -5.32 78.60
N LYS F 162 -30.83 -5.05 79.88
CA LYS F 162 -31.88 -4.88 80.90
C LYS F 162 -32.74 -3.62 80.70
N ASN F 163 -32.29 -2.66 79.91
CA ASN F 163 -33.06 -1.43 79.71
C ASN F 163 -34.00 -1.50 78.50
N ILE F 164 -34.13 -2.65 77.85
CA ILE F 164 -34.76 -2.65 76.53
C ILE F 164 -36.17 -2.07 76.60
N CYS F 165 -36.94 -2.40 77.65
CA CYS F 165 -38.31 -1.89 77.73
C CYS F 165 -38.34 -0.37 77.81
N LYS F 166 -37.25 0.24 78.27
CA LYS F 166 -37.19 1.69 78.38
C LYS F 166 -37.02 2.35 77.02
N VAL F 167 -36.36 1.69 76.07
CA VAL F 167 -35.93 2.34 74.83
C VAL F 167 -36.72 1.88 73.61
N VAL F 168 -37.73 1.03 73.79
CA VAL F 168 -38.58 0.58 72.68
C VAL F 168 -40.03 0.94 72.98
N ASP F 169 -40.84 1.01 71.92
CA ASP F 169 -42.27 1.31 72.05
C ASP F 169 -43.09 0.30 71.27
N VAL F 170 -44.40 0.28 71.57
CA VAL F 170 -45.31 -0.46 70.71
C VAL F 170 -45.10 0.08 69.31
N GLY F 171 -45.07 -0.83 68.32
CA GLY F 171 -44.73 -0.45 66.98
C GLY F 171 -43.26 -0.56 66.63
N SER F 172 -42.38 -0.50 67.62
CA SER F 172 -40.94 -0.61 67.34
C SER F 172 -40.58 -2.00 66.80
N LYS F 173 -39.46 -2.06 66.11
CA LYS F 173 -38.92 -3.30 65.57
C LYS F 173 -37.73 -3.75 66.41
N VAL F 174 -37.67 -5.04 66.72
CA VAL F 174 -36.49 -5.67 67.29
C VAL F 174 -35.92 -6.60 66.22
N TYR F 175 -34.65 -6.45 65.90
CA TYR F 175 -34.02 -7.29 64.90
C TYR F 175 -33.08 -8.27 65.58
N VAL F 176 -33.04 -9.52 65.09
CA VAL F 176 -32.18 -10.56 65.65
C VAL F 176 -31.28 -11.16 64.56
N ASP F 177 -29.98 -11.32 64.87
CA ASP F 177 -29.00 -11.93 63.97
C ASP F 177 -28.72 -11.09 62.72
N ASP F 178 -28.09 -9.92 62.90
CA ASP F 178 -27.82 -8.95 61.82
C ASP F 178 -29.05 -8.71 60.94
N GLY F 179 -30.24 -8.77 61.53
CA GLY F 179 -31.43 -8.39 60.80
C GLY F 179 -32.08 -9.51 60.03
N LEU F 180 -31.70 -10.77 60.28
CA LEU F 180 -32.38 -11.91 59.65
C LEU F 180 -33.81 -12.05 60.15
N ILE F 181 -34.03 -11.84 61.45
CA ILE F 181 -35.34 -11.99 62.08
C ILE F 181 -35.81 -10.61 62.53
N SER F 182 -37.09 -10.29 62.30
CA SER F 182 -37.61 -9.03 62.81
C SER F 182 -38.89 -9.29 63.57
N LEU F 183 -39.03 -8.59 64.69
CA LEU F 183 -40.16 -8.67 65.59
C LEU F 183 -40.76 -7.29 65.77
N GLN F 184 -42.10 -7.21 65.74
CA GLN F 184 -42.79 -5.95 66.00
C GLN F 184 -43.33 -5.95 67.42
N VAL F 185 -42.94 -4.96 68.22
CA VAL F 185 -43.49 -4.89 69.58
C VAL F 185 -44.98 -4.59 69.49
N LYS F 186 -45.80 -5.49 70.03
CA LYS F 186 -47.24 -5.33 70.07
C LYS F 186 -47.74 -4.93 71.45
N GLN F 187 -47.18 -5.51 72.51
CA GLN F 187 -47.48 -5.09 73.87
C GLN F 187 -46.19 -4.98 74.66
N LYS F 188 -46.19 -4.03 75.59
CA LYS F 188 -45.03 -3.75 76.43
C LYS F 188 -45.38 -4.09 77.88
N GLY F 189 -44.44 -4.73 78.56
CA GLY F 189 -44.58 -5.04 79.97
C GLY F 189 -43.51 -4.36 80.80
N PRO F 190 -43.49 -4.65 82.10
CA PRO F 190 -42.43 -4.06 82.95
C PRO F 190 -41.06 -4.66 82.67
N ASP F 191 -41.01 -5.96 82.41
CA ASP F 191 -39.76 -6.62 82.02
C ASP F 191 -40.01 -7.60 80.88
N PHE F 192 -40.97 -7.32 80.00
CA PHE F 192 -41.13 -8.14 78.81
C PHE F 192 -41.76 -7.33 77.67
N LEU F 193 -41.68 -7.92 76.48
CA LEU F 193 -42.30 -7.38 75.28
C LEU F 193 -43.00 -8.54 74.59
N VAL F 194 -44.27 -8.36 74.28
CA VAL F 194 -44.98 -9.28 73.40
C VAL F 194 -44.82 -8.75 72.00
N THR F 195 -44.27 -9.58 71.12
CA THR F 195 -44.00 -9.18 69.75
C THR F 195 -44.63 -10.18 68.79
N GLU F 196 -44.75 -9.74 67.56
CA GLU F 196 -45.19 -10.57 66.46
C GLU F 196 -44.06 -10.67 65.45
N VAL F 197 -43.68 -11.90 65.10
CA VAL F 197 -42.64 -12.12 64.08
C VAL F 197 -43.08 -11.50 62.77
N GLU F 198 -42.22 -10.67 62.17
CA GLU F 198 -42.45 -10.23 60.79
C GLU F 198 -41.57 -11.07 59.86
N ASN F 199 -40.26 -10.85 59.84
CA ASN F 199 -39.34 -11.75 59.13
C ASN F 199 -39.01 -12.90 60.05
N GLY F 200 -39.49 -14.10 59.71
CA GLY F 200 -39.16 -15.30 60.45
C GLY F 200 -37.86 -15.93 59.96
N GLY F 201 -37.48 -17.02 60.60
CA GLY F 201 -36.24 -17.69 60.27
C GLY F 201 -35.79 -18.59 61.40
N PHE F 202 -34.62 -19.19 61.19
CA PHE F 202 -34.04 -20.08 62.18
C PHE F 202 -33.25 -19.26 63.19
N LEU F 203 -33.63 -19.38 64.46
CA LEU F 203 -33.01 -18.66 65.56
C LEU F 203 -32.08 -19.59 66.35
N GLY F 204 -30.79 -19.30 66.34
CA GLY F 204 -29.83 -20.00 67.18
C GLY F 204 -29.65 -19.33 68.53
N SER F 205 -28.56 -19.74 69.21
CA SER F 205 -28.19 -19.23 70.53
C SER F 205 -27.29 -17.99 70.42
N LYS F 206 -27.44 -17.08 71.39
CA LYS F 206 -26.54 -15.92 71.57
C LYS F 206 -26.36 -15.13 70.29
N LYS F 207 -27.48 -14.77 69.69
CA LYS F 207 -27.41 -14.00 68.46
C LYS F 207 -27.53 -12.51 68.76
N GLY F 208 -27.05 -11.71 67.80
CA GLY F 208 -27.07 -10.26 67.96
C GLY F 208 -28.48 -9.69 67.90
N VAL F 209 -28.72 -8.65 68.69
CA VAL F 209 -29.97 -7.91 68.70
C VAL F 209 -29.63 -6.47 68.29
N ASN F 210 -30.37 -5.95 67.31
CA ASN F 210 -30.26 -4.55 66.91
C ASN F 210 -31.58 -3.80 67.11
N LEU F 211 -31.45 -2.57 67.62
CA LEU F 211 -32.56 -1.66 67.86
C LEU F 211 -32.28 -0.35 67.11
N PRO F 212 -32.23 -0.42 65.78
CA PRO F 212 -31.87 0.77 65.00
C PRO F 212 -32.75 1.94 65.41
N GLY F 213 -32.11 3.07 65.67
CA GLY F 213 -32.83 4.29 66.01
C GLY F 213 -33.23 4.43 67.46
N ALA F 214 -33.00 3.40 68.29
CA ALA F 214 -33.32 3.48 69.70
C ALA F 214 -32.14 4.09 70.45
N ALA F 215 -32.45 4.67 71.61
CA ALA F 215 -31.42 5.32 72.43
C ALA F 215 -30.86 4.30 73.44
N VAL F 216 -30.12 3.34 72.88
CA VAL F 216 -29.43 2.34 73.68
C VAL F 216 -28.23 3.01 74.36
N ASP F 217 -28.09 2.81 75.67
CA ASP F 217 -27.16 3.62 76.44
C ASP F 217 -25.98 2.78 76.96
N LEU F 218 -25.46 1.92 76.12
CA LEU F 218 -24.36 1.07 76.55
C LEU F 218 -23.03 1.76 76.34
N PRO F 219 -22.04 1.45 77.17
CA PRO F 219 -20.77 2.17 77.09
C PRO F 219 -20.03 1.82 75.80
N ALA F 220 -19.28 2.79 75.29
CA ALA F 220 -18.44 2.51 74.15
C ALA F 220 -17.39 1.43 74.50
N VAL F 221 -16.84 1.52 75.70
CA VAL F 221 -15.84 0.58 76.19
C VAL F 221 -16.34 0.07 77.54
N SER F 222 -16.69 -1.21 77.62
CA SER F 222 -17.23 -1.74 78.86
C SER F 222 -16.09 -2.29 79.73
N GLU F 223 -16.47 -2.73 80.93
CA GLU F 223 -15.51 -3.40 81.79
C GLU F 223 -15.04 -4.70 81.14
N LYS F 224 -15.97 -5.44 80.54
CA LYS F 224 -15.61 -6.59 79.70
C LYS F 224 -14.56 -6.19 78.64
N ASP F 225 -14.80 -5.08 77.94
CA ASP F 225 -13.87 -4.63 76.90
C ASP F 225 -12.51 -4.28 77.52
N ILE F 226 -12.52 -3.59 78.67
CA ILE F 226 -11.26 -3.22 79.31
C ILE F 226 -10.44 -4.47 79.60
N GLN F 227 -11.08 -5.48 80.17
CA GLN F 227 -10.36 -6.71 80.43
C GLN F 227 -9.86 -7.36 79.15
N ASP F 228 -10.69 -7.32 78.07
CA ASP F 228 -10.27 -7.92 76.79
C ASP F 228 -9.09 -7.17 76.17
N LEU F 229 -9.13 -5.84 76.20
CA LEU F 229 -8.05 -5.05 75.62
C LEU F 229 -6.75 -5.25 76.38
N LYS F 230 -6.81 -5.29 77.72
CA LYS F 230 -5.62 -5.58 78.50
C LYS F 230 -5.06 -6.95 78.15
N PHE F 231 -5.95 -7.93 77.97
CA PHE F 231 -5.54 -9.27 77.55
C PHE F 231 -4.84 -9.24 76.20
N GLY F 232 -5.33 -8.40 75.26
CA GLY F 232 -4.65 -8.29 73.98
C GLY F 232 -3.24 -7.75 74.11
N VAL F 233 -3.03 -6.82 75.04
CA VAL F 233 -1.68 -6.30 75.26
C VAL F 233 -0.77 -7.40 75.79
N GLU F 234 -1.24 -8.16 76.78
CA GLU F 234 -0.48 -9.31 77.28
C GLU F 234 -0.25 -10.35 76.20
N GLN F 235 -1.17 -10.50 75.25
CA GLN F 235 -0.97 -11.51 74.22
C GLN F 235 -0.21 -10.96 73.02
N ASP F 236 0.20 -9.69 73.08
CA ASP F 236 1.04 -9.09 72.05
C ASP F 236 0.32 -9.06 70.69
N VAL F 237 -0.97 -8.68 70.69
CA VAL F 237 -1.69 -8.63 69.42
C VAL F 237 -1.21 -7.43 68.59
N ASP F 238 -1.43 -7.52 67.29
CA ASP F 238 -0.88 -6.51 66.40
C ASP F 238 -1.84 -5.35 66.19
N MET F 239 -3.12 -5.57 66.45
CA MET F 239 -4.14 -4.58 66.12
C MET F 239 -5.45 -4.97 66.80
N VAL F 240 -6.28 -3.96 67.04
CA VAL F 240 -7.59 -4.10 67.66
C VAL F 240 -8.64 -3.64 66.64
N PHE F 241 -9.69 -4.46 66.44
CA PHE F 241 -10.86 -4.02 65.64
C PHE F 241 -11.92 -3.61 66.66
N ALA F 242 -12.15 -2.31 66.79
CA ALA F 242 -12.94 -1.76 67.88
C ALA F 242 -14.38 -1.62 67.41
N SER F 243 -15.28 -2.39 68.04
CA SER F 243 -16.67 -2.52 67.61
C SER F 243 -17.49 -1.28 67.95
N PHE F 244 -18.36 -0.88 67.02
CA PHE F 244 -19.43 0.11 67.24
C PHE F 244 -18.88 1.50 67.58
N ILE F 245 -17.76 1.86 66.96
CA ILE F 245 -17.21 3.20 67.16
C ILE F 245 -18.17 4.24 66.59
N ARG F 246 -18.52 5.24 67.42
CA ARG F 246 -19.48 6.28 67.04
CA ARG F 246 -19.47 6.28 67.02
C ARG F 246 -18.89 7.68 66.95
N LYS F 247 -17.70 7.92 67.51
CA LYS F 247 -17.11 9.26 67.54
C LYS F 247 -15.63 9.15 67.90
N ALA F 248 -14.89 10.22 67.64
CA ALA F 248 -13.46 10.20 67.94
C ALA F 248 -13.22 9.89 69.41
N ALA F 249 -14.09 10.39 70.30
CA ALA F 249 -13.88 10.17 71.72
C ALA F 249 -13.88 8.67 72.06
N ASP F 250 -14.66 7.86 71.32
CA ASP F 250 -14.63 6.40 71.49
C ASP F 250 -13.24 5.84 71.21
N VAL F 251 -12.65 6.24 70.09
CA VAL F 251 -11.29 5.82 69.74
C VAL F 251 -10.30 6.20 70.84
N HIS F 252 -10.38 7.46 71.29
CA HIS F 252 -9.46 7.93 72.35
C HIS F 252 -9.57 7.08 73.60
N GLU F 253 -10.77 6.57 73.92
CA GLU F 253 -10.93 5.67 75.06
C GLU F 253 -10.17 4.37 74.85
N VAL F 254 -10.34 3.73 73.69
CA VAL F 254 -9.63 2.48 73.40
C VAL F 254 -8.12 2.72 73.52
N ARG F 255 -7.63 3.78 72.89
CA ARG F 255 -6.21 4.10 72.93
C ARG F 255 -5.72 4.29 74.37
N LYS F 256 -6.54 4.91 75.22
CA LYS F 256 -6.11 5.10 76.61
C LYS F 256 -6.02 3.78 77.36
N ILE F 257 -6.99 2.88 77.16
CA ILE F 257 -6.87 1.56 77.78
C ILE F 257 -5.61 0.87 77.31
N LEU F 258 -5.35 0.90 75.99
CA LEU F 258 -4.18 0.19 75.49
C LEU F 258 -2.91 0.78 76.11
N GLY F 259 -2.93 2.08 76.40
CA GLY F 259 -1.91 2.70 77.19
C GLY F 259 -0.53 2.67 76.57
N GLU F 260 0.43 2.98 77.42
CA GLU F 260 1.82 2.99 77.00
C GLU F 260 2.26 1.61 76.50
N LYS F 261 1.93 0.55 77.24
CA LYS F 261 2.39 -0.77 76.81
C LYS F 261 1.83 -1.13 75.44
N GLY F 262 0.63 -0.67 75.12
CA GLY F 262 0.03 -0.96 73.84
C GLY F 262 0.02 0.18 72.85
N LYS F 263 0.92 1.17 73.01
CA LYS F 263 0.88 2.34 72.14
C LYS F 263 1.16 2.00 70.67
N ASN F 264 1.82 0.89 70.36
CA ASN F 264 2.09 0.54 68.96
C ASN F 264 1.01 -0.34 68.33
N ILE F 265 -0.01 -0.75 69.08
CA ILE F 265 -1.10 -1.57 68.55
C ILE F 265 -2.02 -0.69 67.73
N LYS F 266 -2.25 -1.06 66.47
CA LYS F 266 -3.13 -0.28 65.61
C LYS F 266 -4.58 -0.44 66.04
N ILE F 267 -5.31 0.67 66.05
CA ILE F 267 -6.75 0.65 66.36
C ILE F 267 -7.49 0.84 65.04
N ILE F 268 -8.21 -0.20 64.64
CA ILE F 268 -9.09 -0.15 63.47
C ILE F 268 -10.52 0.05 63.98
N SER F 269 -11.13 1.17 63.64
CA SER F 269 -12.49 1.44 64.06
C SER F 269 -13.50 0.76 63.15
N LYS F 270 -14.43 0.02 63.76
CA LYS F 270 -15.51 -0.60 63.01
C LYS F 270 -16.69 0.36 62.86
N ILE F 271 -17.02 0.68 61.61
CA ILE F 271 -18.18 1.51 61.31
C ILE F 271 -19.37 0.60 61.08
N GLU F 272 -20.37 0.72 61.95
CA GLU F 272 -21.51 -0.19 61.84
C GLU F 272 -22.81 0.38 62.38
N ASN F 273 -22.94 1.70 62.51
CA ASN F 273 -24.23 2.25 62.86
C ASN F 273 -24.32 3.61 62.18
N HIS F 274 -25.50 4.22 62.29
CA HIS F 274 -25.71 5.44 61.56
C HIS F 274 -24.83 6.57 62.08
N GLU F 275 -24.70 6.69 63.40
CA GLU F 275 -23.83 7.76 63.94
C GLU F 275 -22.39 7.60 63.48
N GLY F 276 -21.91 6.36 63.37
CA GLY F 276 -20.53 6.16 62.93
C GLY F 276 -20.31 6.59 61.50
N VAL F 277 -21.29 6.36 60.62
CA VAL F 277 -21.20 6.89 59.26
C VAL F 277 -21.21 8.42 59.29
N ARG F 278 -22.16 8.99 60.05
CA ARG F 278 -22.35 10.44 60.05
C ARG F 278 -21.12 11.16 60.57
N ARG F 279 -20.52 10.61 61.62
CA ARG F 279 -19.32 11.18 62.23
C ARG F 279 -18.04 10.58 61.66
N PHE F 280 -18.08 10.12 60.39
CA PHE F 280 -16.99 9.29 59.88
C PHE F 280 -15.65 10.03 59.87
N ASP F 281 -15.64 11.30 59.43
CA ASP F 281 -14.37 12.02 59.27
C ASP F 281 -13.61 12.12 60.60
N GLU F 282 -14.29 12.46 61.69
CA GLU F 282 -13.56 12.59 62.96
C GLU F 282 -13.08 11.22 63.46
N ILE F 283 -13.82 10.15 63.15
CA ILE F 283 -13.37 8.81 63.52
C ILE F 283 -12.11 8.42 62.75
N LEU F 284 -12.15 8.59 61.41
CA LEU F 284 -10.98 8.30 60.60
C LEU F 284 -9.76 9.07 61.10
N GLU F 285 -9.95 10.33 61.46
CA GLU F 285 -8.83 11.15 61.89
C GLU F 285 -8.15 10.55 63.12
N ALA F 286 -8.94 10.05 64.06
CA ALA F 286 -8.43 9.50 65.30
C ALA F 286 -7.92 8.07 65.18
N SER F 287 -8.25 7.35 64.10
CA SER F 287 -8.00 5.91 64.02
C SER F 287 -6.77 5.60 63.17
N ASP F 288 -6.22 4.37 63.34
CA ASP F 288 -5.16 3.92 62.42
C ASP F 288 -5.73 3.31 61.13
N GLY F 289 -7.02 2.99 61.12
CA GLY F 289 -7.66 2.35 59.98
C GLY F 289 -9.11 2.10 60.32
N ILE F 290 -9.82 1.51 59.35
CA ILE F 290 -11.28 1.43 59.37
C ILE F 290 -11.69 0.04 58.87
N MET F 291 -12.77 -0.49 59.46
CA MET F 291 -13.45 -1.64 58.92
C MET F 291 -14.89 -1.27 58.60
N VAL F 292 -15.30 -1.54 57.37
CA VAL F 292 -16.70 -1.47 57.00
C VAL F 292 -17.35 -2.75 57.52
N ALA F 293 -18.03 -2.65 58.66
CA ALA F 293 -18.57 -3.82 59.37
C ALA F 293 -20.01 -4.04 58.92
N ARG F 294 -20.15 -4.72 57.78
CA ARG F 294 -21.39 -4.64 57.04
C ARG F 294 -22.50 -5.47 57.68
N GLY F 295 -22.14 -6.42 58.56
CA GLY F 295 -23.12 -7.20 59.32
C GLY F 295 -24.07 -6.30 60.08
N ASP F 296 -23.57 -5.68 61.15
CA ASP F 296 -24.39 -4.73 61.89
C ASP F 296 -24.77 -3.52 61.03
N LEU F 297 -23.89 -3.08 60.13
CA LEU F 297 -24.21 -1.84 59.43
C LEU F 297 -25.49 -1.99 58.62
N GLY F 298 -25.70 -3.17 58.02
CA GLY F 298 -26.82 -3.42 57.15
C GLY F 298 -28.14 -3.70 57.84
N ILE F 299 -28.16 -3.76 59.17
CA ILE F 299 -29.42 -3.66 59.88
C ILE F 299 -29.59 -2.31 60.58
N GLU F 300 -28.50 -1.68 61.04
CA GLU F 300 -28.61 -0.35 61.64
C GLU F 300 -29.06 0.72 60.65
N ILE F 301 -28.80 0.52 59.35
CA ILE F 301 -29.30 1.40 58.29
C ILE F 301 -29.93 0.50 57.24
N PRO F 302 -30.73 1.02 56.30
CA PRO F 302 -31.37 0.12 55.33
C PRO F 302 -30.34 -0.65 54.52
N ALA F 303 -30.64 -1.93 54.31
CA ALA F 303 -29.69 -2.82 53.63
C ALA F 303 -29.33 -2.29 52.25
N GLU F 304 -30.28 -1.64 51.57
CA GLU F 304 -30.04 -1.16 50.23
C GLU F 304 -29.10 0.04 50.19
N LYS F 305 -28.76 0.62 51.36
CA LYS F 305 -27.87 1.76 51.45
C LYS F 305 -26.41 1.38 51.75
N VAL F 306 -26.16 0.10 52.08
CA VAL F 306 -24.85 -0.27 52.57
C VAL F 306 -23.78 0.05 51.54
N PHE F 307 -24.05 -0.18 50.25
CA PHE F 307 -22.99 0.04 49.26
C PHE F 307 -22.56 1.50 49.21
N LEU F 308 -23.48 2.43 49.52
CA LEU F 308 -23.13 3.85 49.57
C LEU F 308 -22.10 4.13 50.66
N ALA F 309 -22.37 3.63 51.87
CA ALA F 309 -21.44 3.81 52.99
C ALA F 309 -20.12 3.10 52.71
N GLN F 310 -20.18 1.89 52.14
CA GLN F 310 -18.94 1.15 51.85
C GLN F 310 -18.05 1.94 50.89
N LYS F 311 -18.64 2.41 49.78
CA LYS F 311 -17.86 3.14 48.79
C LYS F 311 -17.38 4.48 49.33
N MET F 312 -18.24 5.20 50.07
CA MET F 312 -17.80 6.46 50.70
C MET F 312 -16.61 6.21 51.62
N ILE F 313 -16.71 5.20 52.47
CA ILE F 313 -15.67 4.97 53.48
C ILE F 313 -14.37 4.52 52.82
N ILE F 314 -14.46 3.60 51.87
CA ILE F 314 -13.24 3.13 51.22
C ILE F 314 -12.58 4.31 50.53
N GLY F 315 -13.38 5.11 49.80
CA GLY F 315 -12.79 6.25 49.10
C GLY F 315 -12.08 7.21 50.05
N ARG F 316 -12.72 7.52 51.18
CA ARG F 316 -12.12 8.49 52.07
C ARG F 316 -10.89 7.90 52.78
N CYS F 317 -10.89 6.60 53.04
CA CYS F 317 -9.68 5.98 53.58
C CYS F 317 -8.54 6.01 52.56
N ASN F 318 -8.84 5.67 51.29
CA ASN F 318 -7.82 5.75 50.23
C ASN F 318 -7.23 7.16 50.18
N ARG F 319 -8.11 8.18 50.23
CA ARG F 319 -7.70 9.59 50.17
C ARG F 319 -6.72 9.92 51.31
N ALA F 320 -6.95 9.36 52.51
CA ALA F 320 -6.11 9.65 53.66
C ALA F 320 -4.89 8.75 53.76
N GLY F 321 -4.79 7.70 52.95
CA GLY F 321 -3.72 6.75 53.17
C GLY F 321 -3.91 5.89 54.40
N LYS F 322 -5.17 5.67 54.83
CA LYS F 322 -5.25 4.79 55.98
C LYS F 322 -5.92 3.46 55.60
N PRO F 323 -5.46 2.37 56.17
CA PRO F 323 -6.00 1.04 55.81
C PRO F 323 -7.51 0.97 55.97
N VAL F 324 -8.19 0.29 55.03
CA VAL F 324 -9.62 0.06 55.14
C VAL F 324 -9.91 -1.41 54.81
N ILE F 325 -10.76 -2.04 55.63
CA ILE F 325 -11.13 -3.45 55.51
C ILE F 325 -12.59 -3.54 55.11
N CYS F 326 -12.91 -4.32 54.06
CA CYS F 326 -14.30 -4.67 53.76
C CYS F 326 -14.61 -6.03 54.37
N ALA F 327 -15.73 -6.13 55.09
CA ALA F 327 -16.02 -7.29 55.93
C ALA F 327 -17.47 -7.75 55.80
N THR F 328 -17.64 -9.05 56.03
CA THR F 328 -18.88 -9.70 56.43
C THR F 328 -19.71 -10.14 55.24
N GLN F 329 -19.96 -11.45 55.16
CA GLN F 329 -20.84 -12.08 54.17
C GLN F 329 -20.29 -11.98 52.74
N MET F 330 -18.98 -11.81 52.59
CA MET F 330 -18.41 -11.71 51.24
C MET F 330 -18.59 -12.99 50.44
N LEU F 331 -18.42 -14.15 51.09
CA LEU F 331 -18.53 -15.48 50.51
C LEU F 331 -19.43 -16.36 51.37
N GLU F 332 -20.52 -15.75 51.89
CA GLU F 332 -21.34 -16.38 52.93
C GLU F 332 -21.77 -17.79 52.54
N SER F 333 -22.19 -18.01 51.30
CA SER F 333 -22.73 -19.33 50.94
C SER F 333 -21.65 -20.40 51.05
N MET F 334 -20.37 -20.03 51.08
CA MET F 334 -19.34 -21.04 51.25
C MET F 334 -19.24 -21.58 52.67
N ILE F 335 -20.06 -21.12 53.62
CA ILE F 335 -20.13 -21.83 54.90
C ILE F 335 -20.58 -23.28 54.67
N LYS F 336 -21.44 -23.52 53.66
CA LYS F 336 -22.00 -24.82 53.39
C LYS F 336 -21.63 -25.42 52.04
N LYS F 337 -20.99 -24.66 51.13
CA LYS F 337 -20.71 -25.05 49.75
C LYS F 337 -19.28 -24.69 49.36
N PRO F 338 -18.60 -25.53 48.56
CA PRO F 338 -17.20 -25.27 48.22
C PRO F 338 -16.99 -24.27 47.10
N ARG F 339 -18.06 -23.73 46.54
CA ARG F 339 -17.96 -22.70 45.53
C ARG F 339 -18.92 -21.58 45.91
N PRO F 340 -18.57 -20.33 45.61
CA PRO F 340 -19.44 -19.19 45.94
C PRO F 340 -20.51 -18.94 44.87
N THR F 341 -21.49 -18.11 45.23
CA THR F 341 -22.45 -17.60 44.24
C THR F 341 -21.82 -16.52 43.37
N ARG F 342 -22.49 -16.21 42.25
CA ARG F 342 -22.01 -15.12 41.39
C ARG F 342 -22.04 -13.76 42.10
N ALA F 343 -23.07 -13.50 42.91
CA ALA F 343 -23.13 -12.25 43.67
C ALA F 343 -21.92 -12.13 44.60
N GLU F 344 -21.52 -13.25 45.21
CA GLU F 344 -20.36 -13.24 46.11
C GLU F 344 -19.06 -12.99 45.34
N GLY F 345 -18.87 -13.66 44.20
CA GLY F 345 -17.72 -13.33 43.37
C GLY F 345 -17.67 -11.86 43.02
N SER F 346 -18.83 -11.32 42.64
CA SER F 346 -18.94 -9.92 42.26
C SER F 346 -18.62 -9.00 43.44
N ASP F 347 -19.09 -9.36 44.63
CA ASP F 347 -18.88 -8.52 45.80
C ASP F 347 -17.42 -8.45 46.19
N VAL F 348 -16.70 -9.58 46.15
CA VAL F 348 -15.27 -9.53 46.43
C VAL F 348 -14.55 -8.67 45.37
N ALA F 349 -14.84 -8.91 44.08
CA ALA F 349 -14.16 -8.15 43.02
C ALA F 349 -14.43 -6.66 43.16
N ASN F 350 -15.68 -6.27 43.50
CA ASN F 350 -15.99 -4.84 43.56
C ASN F 350 -15.41 -4.15 44.80
N ALA F 351 -15.27 -4.86 45.92
CA ALA F 351 -14.55 -4.33 47.08
C ALA F 351 -13.10 -4.03 46.75
N VAL F 352 -12.47 -4.91 45.95
CA VAL F 352 -11.09 -4.65 45.55
C VAL F 352 -11.05 -3.47 44.59
N LEU F 353 -11.96 -3.43 43.62
CA LEU F 353 -12.01 -2.27 42.71
C LEU F 353 -12.33 -0.99 43.48
N ASP F 354 -13.19 -1.08 44.52
CA ASP F 354 -13.48 0.12 45.32
C ASP F 354 -12.21 0.70 45.92
N GLY F 355 -11.26 -0.18 46.29
CA GLY F 355 -10.00 0.20 46.87
C GLY F 355 -9.70 -0.35 48.25
N ALA F 356 -10.40 -1.39 48.70
CA ALA F 356 -10.15 -1.93 50.03
C ALA F 356 -8.73 -2.47 50.16
N ASP F 357 -8.05 -2.13 51.27
CA ASP F 357 -6.72 -2.69 51.50
C ASP F 357 -6.79 -4.18 51.84
N CYS F 358 -7.78 -4.58 52.65
CA CYS F 358 -7.99 -5.97 53.03
C CYS F 358 -9.45 -6.36 52.83
N ILE F 359 -9.65 -7.68 52.68
CA ILE F 359 -10.98 -8.26 52.67
C ILE F 359 -10.99 -9.33 53.76
N MET F 360 -12.20 -9.71 54.19
CA MET F 360 -12.35 -10.53 55.39
C MET F 360 -13.32 -11.70 55.17
N LEU F 361 -13.04 -12.76 55.91
CA LEU F 361 -13.88 -13.92 56.06
C LEU F 361 -14.23 -14.02 57.53
N SER F 362 -15.49 -14.31 57.81
CA SER F 362 -15.95 -14.47 59.18
C SER F 362 -16.45 -15.90 59.37
N GLY F 363 -17.77 -16.15 59.22
CA GLY F 363 -18.26 -17.50 59.38
C GLY F 363 -17.59 -18.47 58.42
N GLU F 364 -17.18 -17.98 57.25
CA GLU F 364 -16.64 -18.85 56.19
C GLU F 364 -15.41 -19.58 56.66
N THR F 365 -14.63 -18.97 57.54
CA THR F 365 -13.47 -19.62 58.13
C THR F 365 -13.65 -19.95 59.59
N ALA F 366 -14.56 -19.28 60.31
CA ALA F 366 -14.63 -19.55 61.74
C ALA F 366 -15.40 -20.83 62.04
N LYS F 367 -16.41 -21.15 61.21
CA LYS F 367 -17.29 -22.26 61.53
C LYS F 367 -17.77 -23.05 60.33
N GLY F 368 -17.48 -22.63 59.10
CA GLY F 368 -17.94 -23.34 57.92
C GLY F 368 -17.22 -24.64 57.64
N ASP F 369 -17.76 -25.37 56.66
CA ASP F 369 -17.22 -26.65 56.21
C ASP F 369 -16.09 -26.51 55.19
N TYR F 370 -15.82 -25.30 54.66
CA TYR F 370 -14.87 -25.10 53.56
C TYR F 370 -13.98 -23.88 53.79
N PRO F 371 -13.37 -23.76 54.97
CA PRO F 371 -12.50 -22.58 55.23
C PRO F 371 -11.39 -22.39 54.21
N LEU F 372 -10.72 -23.47 53.79
CA LEU F 372 -9.59 -23.32 52.89
C LEU F 372 -10.05 -22.86 51.52
N GLU F 373 -11.15 -23.44 51.02
CA GLU F 373 -11.68 -23.02 49.73
C GLU F 373 -12.07 -21.56 49.74
N ALA F 374 -12.63 -21.08 50.85
CA ALA F 374 -13.01 -19.67 50.94
C ALA F 374 -11.79 -18.75 50.87
N VAL F 375 -10.73 -19.07 51.61
CA VAL F 375 -9.48 -18.27 51.53
C VAL F 375 -8.96 -18.27 50.11
N ARG F 376 -8.92 -19.45 49.50
CA ARG F 376 -8.37 -19.57 48.16
C ARG F 376 -9.19 -18.79 47.15
N MET F 377 -10.50 -18.74 47.32
CA MET F 377 -11.32 -18.03 46.37
C MET F 377 -11.13 -16.51 46.50
N GLN F 378 -10.99 -16.00 47.74
CA GLN F 378 -10.65 -14.59 47.91
C GLN F 378 -9.32 -14.26 47.24
N HIS F 379 -8.35 -15.17 47.37
CA HIS F 379 -7.05 -14.94 46.74
C HIS F 379 -7.19 -14.85 45.23
N LEU F 380 -7.94 -15.78 44.62
CA LEU F 380 -8.11 -15.77 43.16
C LEU F 380 -8.84 -14.52 42.66
N ILE F 381 -9.92 -14.12 43.35
CA ILE F 381 -10.70 -13.00 42.85
C ILE F 381 -9.89 -11.71 42.95
N ALA F 382 -9.19 -11.53 44.08
CA ALA F 382 -8.45 -10.30 44.34
C ALA F 382 -7.45 -10.01 43.23
N ARG F 383 -6.68 -11.03 42.83
CA ARG F 383 -5.70 -10.83 41.77
C ARG F 383 -6.35 -10.36 40.47
N GLU F 384 -7.45 -11.00 40.07
CA GLU F 384 -8.13 -10.57 38.86
C GLU F 384 -8.58 -9.11 38.99
N ALA F 385 -9.15 -8.76 40.15
CA ALA F 385 -9.72 -7.42 40.32
C ALA F 385 -8.61 -6.39 40.45
N GLU F 386 -7.50 -6.78 41.09
CA GLU F 386 -6.37 -5.87 41.20
C GLU F 386 -5.89 -5.43 39.81
N ALA F 387 -5.84 -6.37 38.86
CA ALA F 387 -5.36 -5.99 37.54
C ALA F 387 -6.37 -5.10 36.84
N ALA F 388 -7.65 -5.30 37.14
CA ALA F 388 -8.74 -4.58 36.48
C ALA F 388 -8.94 -3.16 37.04
N MET F 389 -8.19 -2.75 38.07
CA MET F 389 -8.25 -1.36 38.48
C MET F 389 -7.77 -0.46 37.33
N PHE F 390 -8.23 0.79 37.38
CA PHE F 390 -7.83 1.83 36.44
C PHE F 390 -6.74 2.67 37.12
N HIS F 391 -5.56 2.05 37.26
CA HIS F 391 -4.47 2.66 38.04
C HIS F 391 -4.11 4.09 37.59
N ARG F 392 -4.02 4.34 36.29
CA ARG F 392 -3.62 5.66 35.83
C ARG F 392 -4.56 6.73 36.37
N LYS F 393 -5.87 6.50 36.26
CA LYS F 393 -6.84 7.46 36.75
C LYS F 393 -6.84 7.51 38.28
N LEU F 394 -6.79 6.34 38.92
CA LEU F 394 -6.72 6.30 40.38
C LEU F 394 -5.58 7.17 40.88
N PHE F 395 -4.40 6.98 40.30
CA PHE F 395 -3.23 7.72 40.75
C PHE F 395 -3.40 9.23 40.56
N GLU F 396 -3.92 9.66 39.40
CA GLU F 396 -4.09 11.09 39.19
C GLU F 396 -5.09 11.66 40.21
N GLU F 397 -6.14 10.89 40.55
CA GLU F 397 -7.16 11.41 41.44
C GLU F 397 -6.71 11.40 42.90
N LEU F 398 -5.89 10.41 43.27
CA LEU F 398 -5.29 10.41 44.59
C LEU F 398 -4.32 11.57 44.75
N ALA F 399 -3.48 11.80 43.73
CA ALA F 399 -2.52 12.89 43.76
C ALA F 399 -3.24 14.24 43.90
N ARG F 400 -4.34 14.40 43.18
CA ARG F 400 -5.08 15.64 43.27
C ARG F 400 -5.65 15.83 44.67
N ALA F 401 -6.23 14.77 45.26
CA ALA F 401 -6.81 14.90 46.60
C ALA F 401 -5.75 15.22 47.67
N SER F 402 -4.51 14.76 47.52
CA SER F 402 -3.49 15.05 48.52
C SER F 402 -2.59 16.24 48.16
N SER F 403 -2.95 17.04 47.15
CA SER F 403 -1.95 17.97 46.63
C SER F 403 -1.64 19.14 47.56
N HIS F 404 -2.45 19.39 48.59
CA HIS F 404 -2.07 20.42 49.55
CA HIS F 404 -2.10 20.39 49.61
C HIS F 404 -0.85 19.99 50.39
N SER F 405 -0.53 18.71 50.40
CA SER F 405 0.65 18.22 51.09
C SER F 405 1.85 18.22 50.14
N THR F 406 2.99 18.70 50.66
CA THR F 406 4.27 18.66 49.95
C THR F 406 5.26 17.71 50.62
N ASP F 407 4.75 16.74 51.40
CA ASP F 407 5.58 15.85 52.20
C ASP F 407 6.60 15.08 51.35
N LEU F 408 7.83 14.98 51.85
CA LEU F 408 8.91 14.42 51.04
C LEU F 408 8.74 12.92 50.81
N MET F 409 8.29 12.16 51.82
CA MET F 409 8.09 10.75 51.57
C MET F 409 6.97 10.52 50.57
N GLU F 410 5.89 11.31 50.64
CA GLU F 410 4.85 11.20 49.60
C GLU F 410 5.43 11.48 48.22
N ALA F 411 6.30 12.50 48.12
CA ALA F 411 6.93 12.77 46.84
C ALA F 411 7.77 11.59 46.37
N MET F 412 8.55 10.98 47.28
CA MET F 412 9.33 9.78 46.93
C MET F 412 8.40 8.65 46.46
N ALA F 413 7.28 8.45 47.16
CA ALA F 413 6.35 7.37 46.84
C ALA F 413 5.67 7.59 45.49
N MET F 414 5.25 8.82 45.22
CA MET F 414 4.58 9.10 43.95
C MET F 414 5.57 8.99 42.80
N GLY F 415 6.81 9.45 43.02
CA GLY F 415 7.82 9.27 41.99
C GLY F 415 8.10 7.80 41.75
N SER F 416 8.12 6.99 42.81
CA SER F 416 8.47 5.60 42.63
C SER F 416 7.30 4.85 41.98
N VAL F 417 6.08 5.20 42.37
CA VAL F 417 4.94 4.54 41.74
C VAL F 417 4.86 4.92 40.28
N GLU F 418 4.99 6.21 39.99
CA GLU F 418 4.99 6.68 38.62
C GLU F 418 6.05 5.94 37.80
N ALA F 419 7.28 5.84 38.33
CA ALA F 419 8.32 5.11 37.61
C ALA F 419 7.91 3.65 37.42
N SER F 420 7.24 3.07 38.41
CA SER F 420 6.87 1.66 38.29
C SER F 420 5.85 1.46 37.18
N TYR F 421 4.94 2.42 37.02
CA TYR F 421 3.99 2.36 35.92
C TYR F 421 4.73 2.41 34.60
N LYS F 422 5.67 3.36 34.46
CA LYS F 422 6.27 3.63 33.15
C LYS F 422 7.12 2.45 32.66
N CYS F 423 7.91 1.83 33.54
CA CYS F 423 8.74 0.73 33.07
C CYS F 423 8.11 -0.62 33.39
N LEU F 424 6.83 -0.65 33.80
CA LEU F 424 6.18 -1.92 34.15
C LEU F 424 7.09 -2.74 35.08
N ALA F 425 7.65 -2.08 36.09
CA ALA F 425 8.52 -2.76 37.06
C ALA F 425 7.77 -3.93 37.72
N ALA F 426 8.51 -4.96 38.07
CA ALA F 426 7.87 -6.16 38.63
C ALA F 426 7.63 -6.08 40.13
N ALA F 427 8.28 -5.15 40.83
CA ALA F 427 8.06 -4.95 42.25
C ALA F 427 8.65 -3.60 42.63
N LEU F 428 8.20 -3.06 43.76
CA LEU F 428 8.93 -2.02 44.48
C LEU F 428 9.49 -2.65 45.74
N ILE F 429 10.78 -2.45 46.00
CA ILE F 429 11.42 -2.97 47.20
C ILE F 429 11.64 -1.79 48.12
N VAL F 430 11.10 -1.88 49.34
CA VAL F 430 11.15 -0.78 50.29
C VAL F 430 11.79 -1.27 51.59
N LEU F 431 12.86 -0.60 52.01
CA LEU F 431 13.47 -0.90 53.30
C LEU F 431 12.88 0.04 54.35
N THR F 432 12.24 -0.54 55.37
CA THR F 432 11.54 0.30 56.33
C THR F 432 11.63 -0.34 57.71
N GLU F 433 11.65 0.51 58.74
CA GLU F 433 11.60 0.02 60.11
CA GLU F 433 11.64 0.08 60.15
C GLU F 433 10.27 0.32 60.79
N SER F 434 9.71 1.50 60.61
CA SER F 434 8.41 1.80 61.19
C SER F 434 7.26 1.37 60.28
N GLY F 435 7.55 1.00 59.04
CA GLY F 435 6.53 0.78 58.04
C GLY F 435 6.18 2.00 57.21
N ARG F 436 6.44 3.20 57.72
CA ARG F 436 5.88 4.42 57.13
C ARG F 436 6.24 4.60 55.65
N SER F 437 7.50 4.39 55.28
CA SER F 437 7.88 4.60 53.89
C SER F 437 7.10 3.65 52.99
N ALA F 438 6.94 2.39 53.40
CA ALA F 438 6.16 1.45 52.59
C ALA F 438 4.68 1.78 52.59
N HIS F 439 4.12 2.29 53.70
CA HIS F 439 2.71 2.69 53.71
C HIS F 439 2.43 3.77 52.68
N GLN F 440 3.38 4.71 52.53
CA GLN F 440 3.16 5.81 51.60
C GLN F 440 3.21 5.32 50.15
N VAL F 441 4.04 4.32 49.85
CA VAL F 441 4.04 3.73 48.51
C VAL F 441 2.72 3.03 48.23
N ALA F 442 2.23 2.23 49.20
CA ALA F 442 0.96 1.49 49.05
C ALA F 442 -0.19 2.46 48.80
N ARG F 443 -0.22 3.56 49.55
CA ARG F 443 -1.27 4.55 49.39
C ARG F 443 -1.41 5.03 47.94
N TYR F 444 -0.33 5.09 47.17
CA TYR F 444 -0.43 5.58 45.81
C TYR F 444 -0.61 4.46 44.79
N ARG F 445 -0.90 3.24 45.25
CA ARG F 445 -1.52 2.18 44.45
C ARG F 445 -0.72 1.80 43.20
N PRO F 446 0.53 1.32 43.33
CA PRO F 446 1.17 0.67 42.17
C PRO F 446 0.44 -0.62 41.83
N ARG F 447 0.55 -1.05 40.57
CA ARG F 447 0.04 -2.40 40.32
C ARG F 447 1.04 -3.47 40.76
N ALA F 448 2.35 -3.12 40.86
CA ALA F 448 3.39 -4.08 41.23
C ALA F 448 3.40 -4.29 42.74
N PRO F 449 3.73 -5.49 43.19
CA PRO F 449 3.81 -5.73 44.65
C PRO F 449 4.92 -4.91 45.27
N ILE F 450 4.69 -4.52 46.53
CA ILE F 450 5.66 -3.80 47.33
C ILE F 450 6.28 -4.78 48.32
N ILE F 451 7.53 -5.15 48.11
CA ILE F 451 8.25 -6.00 49.06
C ILE F 451 8.89 -5.09 50.11
N ALA F 452 8.36 -5.12 51.34
CA ALA F 452 8.87 -4.30 52.43
C ALA F 452 9.75 -5.16 53.34
N VAL F 453 11.06 -4.91 53.31
CA VAL F 453 12.00 -5.62 54.17
C VAL F 453 12.21 -4.82 55.45
N THR F 454 12.05 -5.51 56.58
CA THR F 454 12.17 -4.85 57.87
C THR F 454 12.78 -5.81 58.89
N ARG F 455 13.51 -5.24 59.83
CA ARG F 455 13.92 -5.98 61.01
C ARG F 455 12.91 -5.85 62.15
N ASN F 456 11.90 -4.98 62.01
CA ASN F 456 10.89 -4.83 63.04
C ASN F 456 9.75 -5.82 62.79
N HIS F 457 9.63 -6.83 63.66
CA HIS F 457 8.69 -7.93 63.42
C HIS F 457 7.24 -7.45 63.50
N GLN F 458 6.94 -6.57 64.46
CA GLN F 458 5.59 -5.99 64.54
C GLN F 458 5.27 -5.16 63.30
N THR F 459 6.25 -4.39 62.82
CA THR F 459 6.05 -3.66 61.56
C THR F 459 5.64 -4.63 60.45
N ALA F 460 6.35 -5.75 60.36
CA ALA F 460 6.08 -6.76 59.33
C ALA F 460 4.66 -7.30 59.45
N ARG F 461 4.22 -7.63 60.67
CA ARG F 461 2.87 -8.15 60.87
C ARG F 461 1.83 -7.10 60.51
N GLN F 462 2.08 -5.86 60.91
CA GLN F 462 1.10 -4.80 60.76
C GLN F 462 0.99 -4.32 59.32
N ALA F 463 2.00 -4.60 58.51
CA ALA F 463 2.03 -4.17 57.11
C ALA F 463 0.91 -4.79 56.29
N HIS F 464 0.45 -5.99 56.68
CA HIS F 464 -0.68 -6.62 56.00
C HIS F 464 -1.93 -5.73 55.94
N LEU F 465 -1.99 -4.66 56.73
CA LEU F 465 -3.17 -3.80 56.64
C LEU F 465 -3.20 -2.98 55.35
N TYR F 466 -2.10 -2.93 54.61
CA TYR F 466 -1.95 -2.05 53.44
C TYR F 466 -1.97 -2.87 52.16
N ARG F 467 -2.72 -2.38 51.17
CA ARG F 467 -2.76 -3.01 49.86
C ARG F 467 -1.36 -3.14 49.28
N GLY F 468 -0.99 -4.35 48.87
CA GLY F 468 0.19 -4.55 48.08
C GLY F 468 1.48 -4.70 48.87
N ILE F 469 1.47 -4.47 50.17
CA ILE F 469 2.70 -4.64 50.95
C ILE F 469 2.83 -6.10 51.33
N PHE F 470 3.92 -6.71 50.88
CA PHE F 470 4.31 -8.08 51.11
C PHE F 470 5.50 -8.01 52.07
N PRO F 471 5.26 -8.12 53.39
CA PRO F 471 6.35 -7.88 54.34
C PRO F 471 7.33 -9.04 54.38
N VAL F 472 8.60 -8.72 54.55
CA VAL F 472 9.64 -9.72 54.71
C VAL F 472 10.43 -9.35 55.94
N VAL F 473 10.60 -10.32 56.86
CA VAL F 473 11.33 -10.11 58.10
C VAL F 473 12.80 -10.43 57.88
N CYS F 474 13.68 -9.49 58.21
CA CYS F 474 15.12 -9.69 58.13
C CYS F 474 15.66 -10.04 59.51
N LYS F 475 16.28 -11.20 59.64
CA LYS F 475 16.82 -11.65 60.92
C LYS F 475 18.33 -11.54 60.97
N ASP F 476 18.97 -10.90 59.98
CA ASP F 476 20.41 -10.81 59.94
C ASP F 476 20.93 -9.72 60.86
N PRO F 477 22.06 -9.96 61.50
CA PRO F 477 22.72 -8.89 62.26
C PRO F 477 22.95 -7.68 61.38
N VAL F 478 22.92 -6.50 62.00
CA VAL F 478 23.23 -5.26 61.30
C VAL F 478 24.70 -5.26 60.89
N GLN F 479 24.97 -5.09 59.59
CA GLN F 479 26.35 -5.01 59.09
C GLN F 479 26.96 -3.63 59.37
N GLU F 480 28.25 -3.62 59.70
CA GLU F 480 28.96 -2.39 60.04
C GLU F 480 28.77 -1.31 58.98
N ALA F 481 29.07 -1.65 57.72
CA ALA F 481 28.98 -0.68 56.64
C ALA F 481 27.53 -0.53 56.20
N TRP F 482 27.01 0.69 56.31
CA TRP F 482 25.64 0.98 55.87
C TRP F 482 25.38 0.39 54.49
N ALA F 483 26.29 0.63 53.55
CA ALA F 483 26.06 0.21 52.17
C ALA F 483 25.88 -1.31 52.08
N GLU F 484 26.65 -2.07 52.86
CA GLU F 484 26.47 -3.51 52.89
C GLU F 484 25.19 -3.90 53.59
N ASP F 485 24.80 -3.13 54.61
CA ASP F 485 23.56 -3.49 55.28
C ASP F 485 22.36 -3.26 54.38
N VAL F 486 22.40 -2.21 53.57
CA VAL F 486 21.33 -1.99 52.59
C VAL F 486 21.34 -3.11 51.54
N ASP F 487 22.52 -3.46 51.02
CA ASP F 487 22.58 -4.47 49.97
C ASP F 487 22.07 -5.82 50.45
N LEU F 488 22.37 -6.16 51.71
CA LEU F 488 21.93 -7.42 52.28
C LEU F 488 20.41 -7.51 52.26
N ARG F 489 19.74 -6.46 52.74
CA ARG F 489 18.28 -6.48 52.82
C ARG F 489 17.65 -6.42 51.44
N VAL F 490 18.27 -5.68 50.52
CA VAL F 490 17.73 -5.62 49.16
C VAL F 490 17.80 -6.99 48.50
N ASN F 491 18.93 -7.70 48.70
CA ASN F 491 19.12 -9.01 48.10
C ASN F 491 18.18 -10.03 48.74
N LEU F 492 17.87 -9.87 50.03
CA LEU F 492 16.86 -10.73 50.62
C LEU F 492 15.52 -10.56 49.90
N ALA F 493 15.18 -9.31 49.55
CA ALA F 493 13.93 -9.10 48.80
C ALA F 493 14.01 -9.67 47.39
N MET F 494 15.19 -9.59 46.72
CA MET F 494 15.36 -10.22 45.42
C MET F 494 15.09 -11.72 45.49
N ASN F 495 15.61 -12.37 46.54
CA ASN F 495 15.47 -13.82 46.72
C ASN F 495 14.01 -14.22 46.97
N VAL F 496 13.34 -13.48 47.85
CA VAL F 496 11.93 -13.74 48.15
C VAL F 496 11.10 -13.65 46.88
N GLY F 497 11.29 -12.57 46.11
CA GLY F 497 10.51 -12.37 44.90
C GLY F 497 10.79 -13.41 43.83
N LYS F 498 12.05 -13.81 43.67
CA LYS F 498 12.36 -14.94 42.77
C LYS F 498 11.71 -16.23 43.26
N ALA F 499 11.85 -16.55 44.57
CA ALA F 499 11.25 -17.78 45.10
C ALA F 499 9.74 -17.80 44.92
N ARG F 500 9.10 -16.64 44.99
CA ARG F 500 7.65 -16.57 44.88
C ARG F 500 7.18 -16.46 43.45
N GLY F 501 8.07 -16.24 42.48
CA GLY F 501 7.64 -16.06 41.11
C GLY F 501 7.14 -14.68 40.80
N PHE F 502 7.42 -13.69 41.66
CA PHE F 502 7.10 -12.29 41.35
C PHE F 502 7.95 -11.75 40.20
N PHE F 503 9.19 -12.21 40.09
CA PHE F 503 10.11 -11.74 39.05
C PHE F 503 11.24 -12.75 38.88
N LYS F 504 12.03 -12.57 37.83
CA LYS F 504 13.21 -13.41 37.62
C LYS F 504 14.37 -12.55 37.14
N LYS F 505 15.53 -13.19 37.07
CA LYS F 505 16.77 -12.52 36.67
C LYS F 505 16.54 -11.68 35.44
N GLY F 506 17.02 -10.43 35.48
CA GLY F 506 16.85 -9.54 34.35
C GLY F 506 15.55 -8.76 34.31
N ASP F 507 14.60 -9.04 35.19
CA ASP F 507 13.45 -8.15 35.35
C ASP F 507 13.91 -6.84 36.01
N VAL F 508 13.05 -5.83 35.95
CA VAL F 508 13.35 -4.52 36.52
C VAL F 508 12.50 -4.30 37.76
N VAL F 509 13.12 -3.85 38.86
CA VAL F 509 12.38 -3.46 40.06
C VAL F 509 12.77 -2.05 40.50
N ILE F 510 11.84 -1.38 41.24
CA ILE F 510 12.16 -0.11 41.90
C ILE F 510 12.62 -0.41 43.33
N VAL F 511 13.66 0.29 43.80
CA VAL F 511 14.23 0.04 45.12
C VAL F 511 14.28 1.37 45.87
N LEU F 512 13.63 1.43 47.04
CA LEU F 512 13.58 2.63 47.86
C LEU F 512 14.37 2.38 49.13
N THR F 513 15.37 3.21 49.40
CA THR F 513 16.24 3.06 50.57
C THR F 513 16.49 4.43 51.20
N GLY F 514 17.09 4.42 52.39
CA GLY F 514 17.66 5.63 52.99
C GLY F 514 19.11 5.80 52.55
N TRP F 515 19.50 7.04 52.24
CA TRP F 515 20.85 7.24 51.74
C TRP F 515 21.90 7.09 52.85
N ARG F 516 21.52 7.34 54.10
CA ARG F 516 22.38 7.04 55.23
C ARG F 516 21.53 6.45 56.35
N PRO F 517 22.11 5.95 57.44
CA PRO F 517 21.29 5.44 58.54
C PRO F 517 20.54 6.53 59.24
N GLY F 518 20.91 7.80 58.97
CA GLY F 518 20.31 8.98 59.55
C GLY F 518 19.12 9.54 58.83
N SER F 519 18.84 9.04 57.62
CA SER F 519 17.63 9.41 56.91
C SER F 519 16.42 8.83 57.64
N GLY F 520 15.36 9.64 57.76
CA GLY F 520 14.14 9.21 58.43
C GLY F 520 13.04 8.79 57.47
N PHE F 521 13.42 8.52 56.22
CA PHE F 521 12.51 7.99 55.21
C PHE F 521 13.38 7.53 54.05
N THR F 522 12.78 6.77 53.15
CA THR F 522 13.47 6.32 51.94
C THR F 522 13.57 7.49 50.98
N ASN F 523 14.71 8.19 51.03
CA ASN F 523 14.94 9.31 50.14
C ASN F 523 15.71 8.90 48.87
N THR F 524 15.95 7.61 48.66
CA THR F 524 16.73 7.15 47.51
C THR F 524 15.91 6.11 46.74
N MET F 525 15.72 6.38 45.46
CA MET F 525 15.00 5.49 44.55
C MET F 525 15.90 5.09 43.39
N ARG F 526 15.96 3.79 43.09
CA ARG F 526 16.73 3.29 41.96
C ARG F 526 15.88 2.30 41.19
N VAL F 527 16.09 2.28 39.87
CA VAL F 527 15.64 1.19 39.02
C VAL F 527 16.80 0.23 38.89
N VAL F 528 16.58 -1.05 39.20
CA VAL F 528 17.70 -1.99 39.15
C VAL F 528 17.24 -3.30 38.57
N PRO F 529 18.16 -3.98 37.89
CA PRO F 529 17.82 -5.30 37.33
C PRO F 529 17.86 -6.37 38.38
N VAL F 530 16.93 -7.30 38.29
CA VAL F 530 16.98 -8.44 39.21
C VAL F 530 18.19 -9.30 38.87
N PRO F 531 19.07 -9.62 39.83
CA PRO F 531 20.25 -10.43 39.54
C PRO F 531 19.95 -11.92 39.44
N ILE G 13 -9.26 14.52 3.85
CA ILE G 13 -9.00 15.40 5.00
C ILE G 13 -10.29 16.04 5.47
N GLN G 14 -10.68 15.76 6.70
CA GLN G 14 -11.90 16.40 7.21
C GLN G 14 -11.68 17.90 7.26
N THR G 15 -12.73 18.64 6.95
CA THR G 15 -12.65 20.09 6.99
C THR G 15 -12.78 20.54 8.43
N GLN G 16 -12.52 21.83 8.67
CA GLN G 16 -12.91 22.46 9.94
C GLN G 16 -12.17 21.82 11.13
N GLN G 17 -10.94 21.37 10.92
CA GLN G 17 -10.15 20.71 11.96
C GLN G 17 -10.96 19.66 12.73
N LEU G 18 -11.77 18.87 12.01
CA LEU G 18 -12.65 17.94 12.72
C LEU G 18 -11.87 16.74 13.24
N HIS G 19 -10.76 16.38 12.60
CA HIS G 19 -9.92 15.35 13.19
C HIS G 19 -9.40 15.79 14.55
N ALA G 20 -8.86 17.01 14.63
CA ALA G 20 -8.39 17.54 15.92
C ALA G 20 -9.54 17.66 16.90
N ALA G 21 -10.76 17.92 16.40
CA ALA G 21 -11.90 18.08 17.30
C ALA G 21 -12.16 16.82 18.12
N MET G 22 -11.79 15.64 17.60
CA MET G 22 -12.09 14.37 18.24
C MET G 22 -10.96 13.85 19.11
N ALA G 23 -9.91 14.65 19.32
CA ALA G 23 -8.80 14.28 20.17
C ALA G 23 -9.24 14.13 21.63
N ASP G 24 -8.44 13.36 22.39
CA ASP G 24 -8.74 13.09 23.79
C ASP G 24 -8.03 14.05 24.73
N THR G 25 -6.92 14.64 24.32
CA THR G 25 -6.13 15.52 25.17
C THR G 25 -5.82 16.82 24.44
N PHE G 26 -5.43 17.86 25.19
CA PHE G 26 -5.07 19.09 24.51
C PHE G 26 -3.83 18.90 23.63
N LEU G 27 -2.82 18.19 24.13
CA LEU G 27 -1.64 17.90 23.30
C LEU G 27 -2.03 17.22 21.98
N GLU G 28 -2.91 16.22 22.05
CA GLU G 28 -3.29 15.52 20.83
C GLU G 28 -4.09 16.43 19.90
N HIS G 29 -4.92 17.29 20.48
CA HIS G 29 -5.65 18.26 19.66
C HIS G 29 -4.69 19.12 18.86
N MET G 30 -3.63 19.64 19.51
CA MET G 30 -2.67 20.48 18.78
C MET G 30 -1.89 19.70 17.73
N CYS G 31 -1.47 18.47 18.06
CA CYS G 31 -0.72 17.62 17.13
C CYS G 31 -1.54 17.27 15.90
N ARG G 32 -2.86 17.36 15.99
CA ARG G 32 -3.72 17.02 14.86
C ARG G 32 -4.08 18.25 14.01
N LEU G 33 -3.66 19.44 14.39
CA LEU G 33 -4.03 20.62 13.59
C LEU G 33 -3.41 20.52 12.20
N ASP G 34 -4.19 20.90 11.18
CA ASP G 34 -3.90 20.49 9.81
C ASP G 34 -4.07 21.68 8.86
N ILE G 35 -2.96 22.20 8.34
CA ILE G 35 -3.04 23.33 7.41
C ILE G 35 -3.86 23.01 6.16
N ASP G 36 -4.12 21.73 5.85
CA ASP G 36 -4.91 21.40 4.69
C ASP G 36 -6.37 21.08 5.04
N SER G 37 -6.79 21.30 6.28
CA SER G 37 -8.22 21.17 6.62
C SER G 37 -8.90 22.53 6.48
N ALA G 38 -9.80 22.66 5.49
CA ALA G 38 -10.38 23.95 5.14
C ALA G 38 -11.32 24.45 6.24
N PRO G 39 -11.23 25.72 6.62
CA PRO G 39 -12.24 26.30 7.52
C PRO G 39 -13.58 26.45 6.82
N ILE G 40 -14.63 26.65 7.61
CA ILE G 40 -15.96 26.88 7.02
C ILE G 40 -16.00 28.32 6.49
N THR G 41 -17.04 28.62 5.71
CA THR G 41 -17.23 29.97 5.18
C THR G 41 -17.57 30.98 6.26
N ALA G 42 -18.42 30.59 7.22
CA ALA G 42 -18.85 31.53 8.25
C ALA G 42 -17.67 31.91 9.12
N ARG G 43 -17.67 33.17 9.55
CA ARG G 43 -16.65 33.71 10.45
C ARG G 43 -17.37 34.26 11.69
N ASN G 44 -17.02 33.73 12.86
CA ASN G 44 -17.76 33.94 14.10
C ASN G 44 -17.24 35.09 14.98
N THR G 45 -15.97 35.46 14.87
CA THR G 45 -15.43 36.50 15.75
C THR G 45 -15.78 37.90 15.21
N GLY G 46 -16.41 38.73 16.05
CA GLY G 46 -16.75 40.07 15.61
C GLY G 46 -15.52 40.91 15.35
N ILE G 47 -15.59 41.77 14.33
CA ILE G 47 -14.47 42.64 13.99
C ILE G 47 -14.88 44.09 14.24
N ILE G 48 -14.17 44.75 15.15
CA ILE G 48 -14.39 46.14 15.51
C ILE G 48 -13.30 46.99 14.88
N CYS G 49 -13.70 48.02 14.12
CA CYS G 49 -12.75 48.88 13.39
C CYS G 49 -12.85 50.33 13.85
N THR G 50 -11.72 50.91 14.23
CA THR G 50 -11.69 52.33 14.53
C THR G 50 -11.69 53.12 13.24
N ILE G 51 -12.58 54.09 13.14
CA ILE G 51 -12.72 54.89 11.94
C ILE G 51 -12.03 56.23 12.13
N GLY G 52 -11.23 56.63 11.15
CA GLY G 52 -10.52 57.89 11.19
C GLY G 52 -10.28 58.41 9.79
N PRO G 53 -9.26 59.28 9.63
CA PRO G 53 -8.96 59.84 8.30
C PRO G 53 -8.86 58.80 7.19
N ALA G 54 -8.25 57.63 7.44
CA ALA G 54 -8.03 56.67 6.36
C ALA G 54 -9.30 55.93 5.96
N SER G 55 -10.34 55.97 6.78
CA SER G 55 -11.44 55.05 6.56
C SER G 55 -12.84 55.69 6.67
N ARG G 56 -12.96 57.00 6.85
CA ARG G 56 -14.26 57.59 7.13
C ARG G 56 -15.02 58.04 5.88
N SER G 57 -14.47 57.89 4.67
CA SER G 57 -15.27 58.20 3.49
C SER G 57 -16.36 57.16 3.30
N VAL G 58 -17.47 57.57 2.70
CA VAL G 58 -18.55 56.64 2.46
C VAL G 58 -18.07 55.49 1.58
N GLU G 59 -17.25 55.80 0.58
CA GLU G 59 -16.83 54.72 -0.32
C GLU G 59 -15.90 53.72 0.38
N THR G 60 -14.99 54.20 1.21
CA THR G 60 -14.15 53.24 1.91
C THR G 60 -14.97 52.45 2.94
N LEU G 61 -15.94 53.10 3.59
CA LEU G 61 -16.74 52.39 4.59
C LEU G 61 -17.51 51.24 3.95
N LYS G 62 -18.01 51.43 2.73
CA LYS G 62 -18.73 50.33 2.07
C LYS G 62 -17.83 49.11 1.94
N GLU G 63 -16.58 49.32 1.54
CA GLU G 63 -15.66 48.20 1.41
C GLU G 63 -15.31 47.62 2.77
N MET G 64 -15.22 48.46 3.81
CA MET G 64 -14.99 47.93 5.15
C MET G 64 -16.09 46.96 5.53
N ILE G 65 -17.33 47.30 5.16
CA ILE G 65 -18.44 46.41 5.48
C ILE G 65 -18.32 45.12 4.70
N LYS G 66 -18.04 45.22 3.39
CA LYS G 66 -17.79 44.04 2.57
C LYS G 66 -16.62 43.22 3.10
N SER G 67 -15.59 43.91 3.60
CA SER G 67 -14.41 43.19 4.04
C SER G 67 -14.61 42.47 5.38
N GLY G 68 -15.63 42.85 6.16
CA GLY G 68 -16.02 42.10 7.33
C GLY G 68 -16.20 42.95 8.58
N MET G 69 -16.08 44.28 8.46
CA MET G 69 -16.28 45.14 9.62
C MET G 69 -17.68 44.97 10.20
N ASN G 70 -17.77 44.75 11.52
CA ASN G 70 -19.07 44.65 12.19
C ASN G 70 -19.40 45.84 13.06
N VAL G 71 -18.39 46.46 13.66
CA VAL G 71 -18.60 47.57 14.58
C VAL G 71 -17.67 48.70 14.19
N ALA G 72 -18.22 49.92 14.14
CA ALA G 72 -17.42 51.10 13.87
C ALA G 72 -17.17 51.79 15.21
N ARG G 73 -15.90 51.92 15.58
CA ARG G 73 -15.49 52.56 16.82
C ARG G 73 -15.08 54.01 16.56
N MET G 74 -15.72 54.93 17.28
CA MET G 74 -15.36 56.35 17.26
C MET G 74 -14.59 56.65 18.54
N ASN G 75 -13.33 57.10 18.39
CA ASN G 75 -12.45 57.38 19.53
C ASN G 75 -12.50 58.85 19.94
N PHE G 76 -13.14 59.12 21.08
CA PHE G 76 -13.35 60.49 21.48
C PHE G 76 -12.16 61.08 22.21
N SER G 77 -11.04 60.34 22.29
CA SER G 77 -9.78 60.96 22.72
C SER G 77 -9.40 62.10 21.80
N HIS G 78 -9.90 62.10 20.57
CA HIS G 78 -9.58 63.13 19.61
C HIS G 78 -10.82 63.48 18.80
N GLY G 79 -10.80 64.68 18.22
CA GLY G 79 -11.82 65.10 17.28
C GLY G 79 -13.00 65.77 17.97
N THR G 80 -13.73 66.56 17.20
CA THR G 80 -14.88 67.29 17.71
C THR G 80 -16.18 66.48 17.51
N HIS G 81 -17.22 66.89 18.23
CA HIS G 81 -18.55 66.34 17.97
C HIS G 81 -18.92 66.45 16.50
N GLU G 82 -18.63 67.60 15.87
CA GLU G 82 -18.95 67.74 14.45
C GLU G 82 -18.20 66.70 13.61
N TYR G 83 -16.92 66.50 13.91
CA TYR G 83 -16.14 65.52 13.18
C TYR G 83 -16.77 64.13 13.33
N HIS G 84 -17.05 63.72 14.55
CA HIS G 84 -17.56 62.38 14.80
C HIS G 84 -18.98 62.19 14.27
N ALA G 85 -19.83 63.22 14.39
CA ALA G 85 -21.17 63.12 13.84
C ALA G 85 -21.11 62.83 12.34
N GLU G 86 -20.19 63.49 11.64
CA GLU G 86 -20.06 63.24 10.21
C GLU G 86 -19.55 61.82 9.93
N THR G 87 -18.55 61.36 10.71
CA THR G 87 -18.11 59.96 10.59
C THR G 87 -19.28 58.99 10.77
N ILE G 88 -20.06 59.20 11.83
CA ILE G 88 -21.19 58.33 12.11
C ILE G 88 -22.19 58.36 10.97
N LYS G 89 -22.47 59.57 10.46
CA LYS G 89 -23.38 59.71 9.32
C LYS G 89 -22.92 58.88 8.12
N ASN G 90 -21.61 58.98 7.79
CA ASN G 90 -21.07 58.19 6.68
C ASN G 90 -21.15 56.70 6.96
N VAL G 91 -20.87 56.28 8.20
CA VAL G 91 -21.05 54.86 8.53
C VAL G 91 -22.46 54.45 8.19
N ARG G 92 -23.44 55.24 8.62
CA ARG G 92 -24.82 54.86 8.40
C ARG G 92 -25.17 54.89 6.92
N THR G 93 -24.63 55.86 6.17
CA THR G 93 -24.90 55.93 4.75
C THR G 93 -24.36 54.71 4.04
N ALA G 94 -23.11 54.34 4.34
CA ALA G 94 -22.53 53.15 3.75
C ALA G 94 -23.31 51.89 4.15
N THR G 95 -23.72 51.79 5.41
CA THR G 95 -24.45 50.61 5.88
C THR G 95 -25.77 50.46 5.14
N GLU G 96 -26.52 51.56 5.03
CA GLU G 96 -27.85 51.51 4.46
C GLU G 96 -27.83 51.37 2.94
N SER G 97 -26.69 51.66 2.30
CA SER G 97 -26.61 51.45 0.86
C SER G 97 -26.83 49.99 0.48
N PHE G 98 -26.75 49.07 1.46
CA PHE G 98 -26.96 47.65 1.21
C PHE G 98 -28.36 47.19 1.61
N ALA G 99 -29.20 48.11 2.08
CA ALA G 99 -30.49 47.72 2.66
C ALA G 99 -31.47 47.31 1.58
N SER G 100 -31.18 47.65 0.33
CA SER G 100 -32.05 47.26 -0.78
C SER G 100 -32.34 45.76 -0.71
N ASP G 101 -31.30 44.95 -0.49
CA ASP G 101 -31.43 43.50 -0.42
C ASP G 101 -31.48 43.02 1.03
N PRO G 102 -32.66 42.70 1.58
CA PRO G 102 -32.72 42.29 2.99
C PRO G 102 -32.03 40.96 3.26
N ILE G 103 -31.82 40.15 2.23
CA ILE G 103 -31.17 38.86 2.42
C ILE G 103 -29.67 39.04 2.63
N LEU G 104 -29.08 40.14 2.13
CA LEU G 104 -27.64 40.34 2.19
C LEU G 104 -27.23 41.50 3.09
N TYR G 105 -28.16 42.32 3.55
CA TYR G 105 -27.88 43.46 4.41
C TYR G 105 -27.18 43.03 5.70
N ARG G 106 -26.04 43.66 5.99
CA ARG G 106 -25.37 43.45 7.27
C ARG G 106 -25.65 44.63 8.19
N PRO G 107 -26.28 44.42 9.36
CA PRO G 107 -26.27 45.48 10.38
C PRO G 107 -24.85 45.83 10.81
N VAL G 108 -24.64 47.11 11.12
CA VAL G 108 -23.34 47.62 11.58
C VAL G 108 -23.56 48.45 12.84
N ALA G 109 -22.83 48.12 13.92
CA ALA G 109 -23.01 48.79 15.20
C ALA G 109 -22.11 50.03 15.28
N VAL G 110 -22.50 50.96 16.14
CA VAL G 110 -21.72 52.18 16.36
C VAL G 110 -21.31 52.20 17.82
N ALA G 111 -20.00 52.30 18.07
CA ALA G 111 -19.48 52.37 19.43
C ALA G 111 -18.79 53.70 19.67
N LEU G 112 -19.02 54.25 20.87
CA LEU G 112 -18.40 55.49 21.33
C LEU G 112 -17.35 55.14 22.39
N ASP G 113 -16.10 55.50 22.14
CA ASP G 113 -15.00 55.17 23.05
C ASP G 113 -14.61 56.45 23.78
N THR G 114 -14.82 56.49 25.10
CA THR G 114 -14.65 57.74 25.84
C THR G 114 -13.17 58.11 26.00
N LYS G 115 -12.94 59.41 26.20
CA LYS G 115 -11.60 59.88 26.54
C LYS G 115 -11.17 59.39 27.93
N GLY G 116 -11.99 59.64 28.94
CA GLY G 116 -11.71 59.20 30.27
C GLY G 116 -10.64 60.04 30.94
N PRO G 117 -10.17 59.60 32.07
CA PRO G 117 -9.16 60.37 32.84
C PRO G 117 -7.74 60.24 32.28
N GLU G 118 -7.57 60.66 31.03
CA GLU G 118 -6.27 60.75 30.38
C GLU G 118 -5.43 61.87 30.97
N ILE G 119 -4.12 61.69 30.93
CA ILE G 119 -3.14 62.72 31.28
C ILE G 119 -2.37 63.05 30.00
N ARG G 120 -2.41 64.31 29.60
CA ARG G 120 -1.70 64.78 28.41
C ARG G 120 -0.84 66.00 28.76
N THR G 121 0.11 66.29 27.87
CA THR G 121 1.09 67.36 28.00
C THR G 121 0.71 68.52 27.07
N GLY G 122 1.42 69.65 27.25
CA GLY G 122 1.13 70.84 26.46
C GLY G 122 1.71 70.87 25.06
N ALA G 130 5.73 71.29 16.27
CA ALA G 130 7.14 71.35 16.68
C ALA G 130 7.55 70.11 17.48
N GLU G 131 8.76 70.12 18.05
CA GLU G 131 9.32 68.98 18.77
C GLU G 131 10.54 69.42 19.56
N VAL G 132 10.82 68.70 20.65
CA VAL G 132 12.06 68.82 21.42
C VAL G 132 12.64 67.42 21.58
N GLU G 133 13.81 67.32 22.22
CA GLU G 133 14.43 66.03 22.47
C GLU G 133 14.79 65.88 23.94
N LEU G 134 14.36 64.76 24.54
CA LEU G 134 14.76 64.39 25.88
C LEU G 134 15.78 63.26 25.78
N LYS G 135 16.95 63.46 26.40
CA LYS G 135 18.07 62.51 26.28
C LYS G 135 18.38 61.89 27.65
N LYS G 136 18.78 60.62 27.63
CA LYS G 136 18.96 59.83 28.85
C LYS G 136 19.92 60.50 29.83
N GLY G 137 19.48 60.66 31.07
CA GLY G 137 20.25 61.32 32.10
C GLY G 137 19.97 62.80 32.24
N ALA G 138 19.53 63.47 31.17
CA ALA G 138 19.12 64.86 31.25
C ALA G 138 18.02 65.05 32.31
N THR G 139 18.01 66.21 32.95
CA THR G 139 17.04 66.54 33.99
C THR G 139 15.92 67.41 33.41
N LEU G 140 14.68 66.95 33.61
CA LEU G 140 13.48 67.62 33.11
C LEU G 140 12.59 67.99 34.28
N LYS G 141 12.10 69.23 34.29
CA LYS G 141 11.17 69.71 35.33
C LYS G 141 9.73 69.59 34.87
N ILE G 142 8.88 68.98 35.69
CA ILE G 142 7.45 68.84 35.40
C ILE G 142 6.72 69.95 36.15
N THR G 143 6.15 70.90 35.42
CA THR G 143 5.48 72.04 36.00
C THR G 143 3.96 71.84 35.95
N LEU G 144 3.29 72.29 37.01
CA LEU G 144 1.85 72.41 37.03
C LEU G 144 1.40 73.86 36.87
N ASP G 145 2.36 74.79 36.82
CA ASP G 145 2.12 76.20 36.58
C ASP G 145 1.59 76.42 35.16
N ASN G 146 0.35 76.90 35.05
CA ASN G 146 -0.33 77.00 33.77
C ASN G 146 0.34 77.96 32.79
N ALA G 147 1.24 78.83 33.25
CA ALA G 147 1.99 79.70 32.35
C ALA G 147 2.78 78.90 31.32
N TYR G 148 3.26 77.72 31.70
CA TYR G 148 4.01 76.84 30.80
C TYR G 148 3.11 75.90 30.01
N MET G 149 1.79 76.12 30.02
CA MET G 149 0.87 75.25 29.29
C MET G 149 1.29 75.11 27.83
N GLU G 150 1.79 76.19 27.22
CA GLU G 150 2.23 76.18 25.84
C GLU G 150 3.70 76.61 25.68
N LYS G 151 4.49 76.47 26.75
CA LYS G 151 5.93 76.77 26.70
C LYS G 151 6.73 75.53 27.06
N CYS G 152 6.37 74.38 26.47
CA CYS G 152 7.00 73.10 26.76
C CYS G 152 8.24 72.90 25.90
N ASP G 153 9.35 72.59 26.56
CA ASP G 153 10.60 72.20 25.90
C ASP G 153 11.26 71.13 26.78
N GLU G 154 12.49 70.72 26.42
CA GLU G 154 13.14 69.60 27.10
C GLU G 154 13.60 69.90 28.53
N ASN G 155 13.34 71.10 29.05
CA ASN G 155 13.67 71.44 30.44
C ASN G 155 12.45 71.57 31.34
N ILE G 156 11.39 72.22 30.84
CA ILE G 156 10.13 72.36 31.57
C ILE G 156 9.02 71.78 30.69
N LEU G 157 8.28 70.83 31.25
CA LEU G 157 7.14 70.23 30.59
C LEU G 157 5.91 70.43 31.47
N TRP G 158 4.83 70.91 30.86
CA TRP G 158 3.55 71.10 31.54
C TRP G 158 2.64 69.91 31.26
N LEU G 159 2.00 69.38 32.31
CA LEU G 159 0.97 68.36 32.16
C LEU G 159 -0.27 68.76 32.94
N ASP G 160 -1.42 68.29 32.48
CA ASP G 160 -2.72 68.77 32.95
C ASP G 160 -3.25 68.05 34.19
N TYR G 161 -2.52 67.09 34.75
CA TYR G 161 -2.92 66.45 36.01
C TYR G 161 -2.42 67.30 37.19
N LYS G 162 -3.30 68.10 37.80
CA LYS G 162 -2.83 69.05 38.80
C LYS G 162 -2.66 68.42 40.19
N ASN G 163 -3.16 67.19 40.41
CA ASN G 163 -2.89 66.49 41.64
C ASN G 163 -1.69 65.53 41.54
N ILE G 164 -0.86 65.68 40.50
CA ILE G 164 0.22 64.71 40.23
C ILE G 164 1.17 64.61 41.42
N CYS G 165 1.55 65.75 42.00
CA CYS G 165 2.57 65.76 43.05
C CYS G 165 2.08 65.17 44.37
N LYS G 166 0.79 64.86 44.50
CA LYS G 166 0.29 64.25 45.71
C LYS G 166 0.24 62.74 45.61
N VAL G 167 0.53 62.18 44.43
CA VAL G 167 0.29 60.77 44.15
C VAL G 167 1.55 60.06 43.63
N VAL G 168 2.60 60.82 43.33
CA VAL G 168 3.89 60.26 42.92
C VAL G 168 4.89 60.47 44.06
N ASP G 169 5.62 59.42 44.42
CA ASP G 169 6.69 59.50 45.39
C ASP G 169 8.01 59.82 44.68
N VAL G 170 9.02 60.21 45.46
CA VAL G 170 10.35 60.43 44.89
C VAL G 170 10.92 59.08 44.44
N GLY G 171 11.43 59.04 43.21
CA GLY G 171 12.00 57.84 42.65
C GLY G 171 11.08 57.07 41.73
N SER G 172 9.76 57.26 41.86
CA SER G 172 8.81 56.56 41.01
C SER G 172 8.96 57.00 39.55
N LYS G 173 8.38 56.20 38.66
CA LYS G 173 8.52 56.41 37.22
C LYS G 173 7.36 57.20 36.66
N VAL G 174 7.65 58.02 35.67
CA VAL G 174 6.67 58.77 34.92
C VAL G 174 6.85 58.41 33.46
N TYR G 175 5.79 57.94 32.81
CA TYR G 175 5.87 57.52 31.42
C TYR G 175 5.11 58.50 30.53
N VAL G 176 5.75 58.89 29.42
CA VAL G 176 5.17 59.83 28.47
C VAL G 176 5.14 59.21 27.08
N ASP G 177 4.13 59.59 26.29
CA ASP G 177 4.02 59.33 24.86
C ASP G 177 3.92 57.83 24.54
N ASP G 178 2.77 57.24 24.89
CA ASP G 178 2.55 55.81 24.65
C ASP G 178 3.62 54.94 25.31
N GLY G 179 4.17 55.40 26.44
CA GLY G 179 5.26 54.73 27.11
C GLY G 179 6.63 54.87 26.46
N LEU G 180 6.75 55.62 25.35
CA LEU G 180 8.01 55.75 24.62
C LEU G 180 9.11 56.49 25.40
N ILE G 181 8.77 57.32 26.38
CA ILE G 181 9.79 57.94 27.23
C ILE G 181 9.55 57.52 28.67
N SER G 182 10.61 57.54 29.47
CA SER G 182 10.58 57.19 30.88
C SER G 182 11.34 58.23 31.70
N LEU G 183 10.79 58.60 32.85
CA LEU G 183 11.42 59.55 33.76
C LEU G 183 11.30 59.04 35.20
N GLN G 184 12.17 59.56 36.06
CA GLN G 184 12.23 59.13 37.45
C GLN G 184 12.30 60.37 38.34
N VAL G 185 11.39 60.46 39.30
CA VAL G 185 11.28 61.65 40.13
C VAL G 185 12.42 61.68 41.14
N LYS G 186 13.25 62.72 41.06
CA LYS G 186 14.35 62.91 41.98
C LYS G 186 13.90 63.87 43.09
N LEU G 193 7.64 68.72 40.05
CA LEU G 193 8.54 67.58 40.10
C LEU G 193 9.84 67.87 39.35
N VAL G 194 10.95 67.36 39.89
CA VAL G 194 12.24 67.35 39.20
C VAL G 194 12.57 65.90 38.86
N THR G 195 12.72 65.62 37.55
CA THR G 195 12.90 64.25 37.07
C THR G 195 14.20 64.12 36.27
N GLU G 196 14.66 62.87 36.14
CA GLU G 196 15.77 62.51 35.27
C GLU G 196 15.24 61.61 34.17
N VAL G 197 15.55 61.96 32.91
CA VAL G 197 15.14 61.17 31.76
C VAL G 197 15.85 59.84 31.84
N GLU G 198 15.09 58.75 32.00
CA GLU G 198 15.65 57.41 31.99
C GLU G 198 15.86 56.89 30.58
N ASN G 199 14.99 57.27 29.64
CA ASN G 199 15.21 56.95 28.24
C ASN G 199 14.38 57.91 27.40
N GLY G 200 15.04 58.68 26.53
CA GLY G 200 14.44 59.83 25.89
C GLY G 200 14.11 59.62 24.43
N GLY G 201 13.81 60.73 23.76
CA GLY G 201 13.26 60.67 22.42
C GLY G 201 12.81 62.03 21.95
N PHE G 202 11.91 62.02 20.95
CA PHE G 202 11.37 63.24 20.33
C PHE G 202 10.00 63.54 20.95
N LEU G 203 9.94 64.61 21.76
CA LEU G 203 8.76 64.92 22.56
C LEU G 203 7.86 65.93 21.85
N GLY G 204 6.57 65.60 21.76
CA GLY G 204 5.59 66.43 21.10
C GLY G 204 4.56 67.04 22.04
N SER G 205 3.50 67.57 21.42
CA SER G 205 2.41 68.21 22.14
C SER G 205 1.24 67.26 22.37
N LYS G 206 0.53 67.47 23.48
CA LYS G 206 -0.58 66.61 23.88
C LYS G 206 -0.21 65.14 23.70
N LYS G 207 0.76 64.66 24.47
CA LYS G 207 1.18 63.27 24.46
C LYS G 207 0.69 62.55 25.71
N GLY G 208 0.29 61.28 25.55
CA GLY G 208 -0.21 60.52 26.67
C GLY G 208 0.84 60.36 27.76
N VAL G 209 0.37 60.29 29.01
CA VAL G 209 1.24 60.18 30.17
C VAL G 209 0.68 59.11 31.11
N ASN G 210 1.54 58.18 31.53
CA ASN G 210 1.10 57.18 32.50
C ASN G 210 1.93 57.28 33.77
N LEU G 211 1.27 57.02 34.92
CA LEU G 211 1.91 56.96 36.22
C LEU G 211 1.63 55.58 36.82
N PRO G 212 2.34 54.56 36.34
CA PRO G 212 2.10 53.21 36.86
C PRO G 212 2.48 53.17 38.33
N GLY G 213 1.82 52.30 39.08
CA GLY G 213 2.08 52.23 40.51
C GLY G 213 1.73 53.50 41.27
N ALA G 214 0.99 54.42 40.64
CA ALA G 214 0.42 55.58 41.30
C ALA G 214 -1.07 55.37 41.49
N ALA G 215 -1.60 55.84 42.62
CA ALA G 215 -3.04 55.81 42.88
C ALA G 215 -3.69 57.08 42.31
N VAL G 216 -3.81 57.11 40.97
CA VAL G 216 -4.40 58.25 40.30
C VAL G 216 -5.85 58.43 40.76
N ASP G 217 -6.17 59.64 41.23
CA ASP G 217 -7.48 59.97 41.80
C ASP G 217 -8.38 60.72 40.83
N LEU G 218 -7.97 60.92 39.58
CA LEU G 218 -8.81 61.60 38.62
C LEU G 218 -10.16 60.90 38.53
N PRO G 219 -11.23 61.65 38.27
CA PRO G 219 -12.55 61.01 38.21
C PRO G 219 -12.67 60.17 36.96
N ALA G 220 -13.44 59.09 37.06
CA ALA G 220 -13.59 58.21 35.92
C ALA G 220 -14.40 58.85 34.83
N VAL G 221 -15.20 59.85 35.17
CA VAL G 221 -16.10 60.54 34.25
C VAL G 221 -15.92 62.05 34.45
N SER G 222 -15.28 62.72 33.49
CA SER G 222 -15.10 64.16 33.50
C SER G 222 -16.30 64.84 32.87
N GLU G 223 -16.34 66.16 32.97
CA GLU G 223 -17.43 66.91 32.34
C GLU G 223 -17.36 66.73 30.83
N LYS G 224 -16.15 66.68 30.28
CA LYS G 224 -16.00 66.37 28.86
C LYS G 224 -16.60 65.00 28.53
N ASP G 225 -16.34 63.99 29.37
CA ASP G 225 -16.95 62.68 29.14
C ASP G 225 -18.46 62.76 29.16
N ILE G 226 -19.03 63.56 30.07
CA ILE G 226 -20.49 63.68 30.13
C ILE G 226 -21.01 64.31 28.84
N GLN G 227 -20.36 65.37 28.39
CA GLN G 227 -20.71 65.94 27.09
C GLN G 227 -20.67 64.87 26.00
N ASP G 228 -19.60 64.06 25.96
CA ASP G 228 -19.48 63.07 24.89
C ASP G 228 -20.53 61.98 25.03
N LEU G 229 -20.77 61.53 26.26
CA LEU G 229 -21.76 60.48 26.48
C LEU G 229 -23.16 60.96 26.10
N LYS G 230 -23.53 62.17 26.53
CA LYS G 230 -24.83 62.71 26.13
C LYS G 230 -24.92 62.81 24.61
N PHE G 231 -23.84 63.24 23.97
CA PHE G 231 -23.79 63.25 22.51
C PHE G 231 -23.98 61.84 21.95
N GLY G 232 -23.41 60.83 22.59
CA GLY G 232 -23.62 59.47 22.11
C GLY G 232 -25.08 59.07 22.16
N VAL G 233 -25.77 59.44 23.25
CA VAL G 233 -27.22 59.20 23.33
C VAL G 233 -27.95 59.88 22.17
N GLU G 234 -27.66 61.18 21.92
CA GLU G 234 -28.31 61.85 20.79
C GLU G 234 -28.00 61.18 19.45
N GLN G 235 -26.78 60.63 19.29
CA GLN G 235 -26.42 59.98 18.03
C GLN G 235 -26.92 58.53 17.94
N ASP G 236 -27.62 58.04 18.95
CA ASP G 236 -28.17 56.67 18.94
C ASP G 236 -27.07 55.58 18.83
N VAL G 237 -25.93 55.78 19.52
CA VAL G 237 -24.90 54.74 19.47
C VAL G 237 -25.44 53.48 20.15
N ASP G 238 -24.80 52.35 19.84
CA ASP G 238 -25.21 51.05 20.38
C ASP G 238 -24.48 50.68 21.65
N MET G 239 -23.32 51.29 21.87
CA MET G 239 -22.46 50.83 22.94
C MET G 239 -21.42 51.89 23.25
N VAL G 240 -20.99 51.91 24.50
CA VAL G 240 -19.92 52.79 24.94
C VAL G 240 -18.76 51.92 25.39
N PHE G 241 -17.55 52.26 24.93
CA PHE G 241 -16.31 51.69 25.47
C PHE G 241 -15.78 52.71 26.45
N ALA G 242 -15.84 52.39 27.74
CA ALA G 242 -15.53 53.35 28.80
C ALA G 242 -14.08 53.16 29.27
N SER G 243 -13.30 54.22 29.16
CA SER G 243 -11.86 54.16 29.41
C SER G 243 -11.51 54.19 30.89
N PHE G 244 -10.46 53.43 31.24
CA PHE G 244 -9.83 53.46 32.56
C PHE G 244 -10.77 53.10 33.71
N ILE G 245 -11.65 52.11 33.49
CA ILE G 245 -12.50 51.65 34.57
C ILE G 245 -11.65 50.98 35.64
N ARG G 246 -11.82 51.41 36.90
CA ARG G 246 -11.03 50.90 38.01
C ARG G 246 -11.84 50.11 39.03
N LYS G 247 -13.17 50.27 39.04
CA LYS G 247 -14.01 49.71 40.08
C LYS G 247 -15.44 49.73 39.60
N ALA G 248 -16.29 49.00 40.29
CA ALA G 248 -17.68 48.89 39.92
C ALA G 248 -18.36 50.27 39.93
N ALA G 249 -17.98 51.12 40.88
CA ALA G 249 -18.57 52.45 40.99
C ALA G 249 -18.34 53.28 39.72
N ASP G 250 -17.19 53.10 39.06
CA ASP G 250 -16.98 53.82 37.80
C ASP G 250 -18.02 53.42 36.75
N VAL G 251 -18.32 52.12 36.65
CA VAL G 251 -19.33 51.66 35.69
C VAL G 251 -20.68 52.24 36.02
N HIS G 252 -21.03 52.25 37.31
CA HIS G 252 -22.30 52.77 37.76
C HIS G 252 -22.46 54.24 37.40
N GLU G 253 -21.37 54.99 37.51
CA GLU G 253 -21.39 56.39 37.12
C GLU G 253 -21.67 56.55 35.63
N VAL G 254 -21.04 55.71 34.77
CA VAL G 254 -21.35 55.78 33.34
C VAL G 254 -22.82 55.44 33.11
N ARG G 255 -23.31 54.38 33.75
CA ARG G 255 -24.73 54.01 33.63
C ARG G 255 -25.64 55.17 34.03
N LYS G 256 -25.30 55.85 35.13
CA LYS G 256 -26.04 57.01 35.59
C LYS G 256 -26.07 58.11 34.52
N ILE G 257 -24.89 58.42 33.94
CA ILE G 257 -24.80 59.50 32.96
C ILE G 257 -25.62 59.19 31.71
N LEU G 258 -25.50 57.97 31.18
CA LEU G 258 -26.32 57.58 30.04
C LEU G 258 -27.81 57.64 30.39
N GLY G 259 -28.16 57.45 31.67
CA GLY G 259 -29.50 57.77 32.12
C GLY G 259 -30.58 56.85 31.57
N GLU G 260 -31.81 57.31 31.79
CA GLU G 260 -32.99 56.58 31.33
C GLU G 260 -33.06 56.55 29.81
N LYS G 261 -32.77 57.68 29.16
CA LYS G 261 -32.81 57.67 27.71
C LYS G 261 -31.73 56.76 27.13
N GLY G 262 -30.58 56.62 27.82
CA GLY G 262 -29.48 55.79 27.33
C GLY G 262 -29.48 54.37 27.89
N LYS G 263 -30.62 53.93 28.45
CA LYS G 263 -30.57 52.74 29.29
C LYS G 263 -30.29 51.45 28.53
N ASN G 264 -30.60 51.37 27.22
CA ASN G 264 -30.33 50.15 26.46
C ASN G 264 -28.97 50.15 25.77
N ILE G 265 -28.19 51.18 25.99
CA ILE G 265 -26.83 51.27 25.46
C ILE G 265 -25.92 50.37 26.28
N LYS G 266 -25.18 49.48 25.60
CA LYS G 266 -24.28 48.57 26.29
C LYS G 266 -23.05 49.31 26.81
N ILE G 267 -22.66 49.03 28.05
CA ILE G 267 -21.44 49.59 28.60
C ILE G 267 -20.38 48.49 28.62
N ILE G 268 -19.29 48.73 27.89
CA ILE G 268 -18.11 47.86 27.82
C ILE G 268 -17.01 48.53 28.63
N SER G 269 -16.57 47.90 29.73
CA SER G 269 -15.53 48.53 30.53
C SER G 269 -14.15 48.18 29.97
N LYS G 270 -13.31 49.18 29.77
CA LYS G 270 -11.93 48.95 29.30
C LYS G 270 -11.03 48.74 30.51
N ILE G 271 -10.36 47.60 30.54
CA ILE G 271 -9.43 47.32 31.63
C ILE G 271 -8.06 47.73 31.17
N GLU G 272 -7.48 48.70 31.83
CA GLU G 272 -6.21 49.14 31.30
C GLU G 272 -5.27 49.67 32.38
N ASN G 273 -5.43 49.27 33.65
CA ASN G 273 -4.43 49.59 34.65
C ASN G 273 -4.49 48.52 35.74
N HIS G 274 -3.53 48.61 36.67
CA HIS G 274 -3.42 47.56 37.69
C HIS G 274 -4.70 47.44 38.50
N GLU G 275 -5.27 48.58 38.90
CA GLU G 275 -6.46 48.51 39.74
C GLU G 275 -7.63 47.86 38.99
N GLY G 276 -7.78 48.14 37.70
CA GLY G 276 -8.80 47.46 36.93
C GLY G 276 -8.63 45.94 36.90
N VAL G 277 -7.39 45.47 36.79
CA VAL G 277 -7.15 44.04 36.89
C VAL G 277 -7.50 43.55 38.29
N ARG G 278 -7.05 44.26 39.34
CA ARG G 278 -7.26 43.75 40.72
C ARG G 278 -8.72 43.66 41.05
N ARG G 279 -9.51 44.64 40.61
CA ARG G 279 -10.92 44.70 40.93
C ARG G 279 -11.79 44.13 39.80
N PHE G 280 -11.20 43.26 38.97
CA PHE G 280 -11.88 42.88 37.74
C PHE G 280 -13.24 42.25 38.00
N ASP G 281 -13.37 41.42 39.05
CA ASP G 281 -14.61 40.68 39.21
C ASP G 281 -15.79 41.61 39.48
N GLU G 282 -15.60 42.60 40.36
CA GLU G 282 -16.69 43.54 40.60
C GLU G 282 -16.96 44.37 39.35
N ILE G 283 -15.97 44.56 38.47
CA ILE G 283 -16.19 45.38 37.28
C ILE G 283 -17.01 44.61 36.26
N LEU G 284 -16.63 43.35 36.04
CA LEU G 284 -17.41 42.47 35.15
C LEU G 284 -18.86 42.39 35.61
N GLU G 285 -19.07 42.24 36.93
CA GLU G 285 -20.44 42.10 37.43
C GLU G 285 -21.28 43.30 37.03
N ALA G 286 -20.69 44.49 37.07
CA ALA G 286 -21.44 45.72 36.81
C ALA G 286 -21.55 46.07 35.33
N SER G 287 -20.73 45.48 34.47
CA SER G 287 -20.62 45.86 33.06
C SER G 287 -21.42 44.93 32.15
N ASP G 288 -21.70 45.43 30.95
CA ASP G 288 -22.29 44.54 29.94
C ASP G 288 -21.25 43.68 29.24
N GLY G 289 -19.99 44.11 29.24
CA GLY G 289 -18.93 43.44 28.52
C GLY G 289 -17.62 44.10 28.89
N ILE G 290 -16.52 43.56 28.35
CA ILE G 290 -15.18 43.99 28.74
C ILE G 290 -14.31 44.21 27.49
N MET G 291 -13.44 45.22 27.54
CA MET G 291 -12.34 45.32 26.60
C MET G 291 -11.02 45.10 27.33
N VAL G 292 -10.22 44.16 26.81
CA VAL G 292 -8.80 44.11 27.22
C VAL G 292 -8.08 45.20 26.45
N ALA G 293 -7.82 46.33 27.12
CA ALA G 293 -7.22 47.48 26.45
C ALA G 293 -5.71 47.44 26.65
N ARG G 294 -5.06 46.62 25.79
CA ARG G 294 -3.66 46.24 26.01
C ARG G 294 -2.69 47.40 25.83
N GLY G 295 -3.04 48.40 25.04
CA GLY G 295 -2.13 49.52 24.83
C GLY G 295 -1.71 50.17 26.13
N ASP G 296 -2.67 50.78 26.82
CA ASP G 296 -2.40 51.38 28.11
C ASP G 296 -2.04 50.32 29.14
N LEU G 297 -2.68 49.15 29.08
CA LEU G 297 -2.40 48.15 30.11
C LEU G 297 -0.90 47.82 30.17
N GLY G 298 -0.26 47.66 29.00
CA GLY G 298 1.16 47.31 28.96
C GLY G 298 2.10 48.44 29.28
N ILE G 299 1.56 49.63 29.51
CA ILE G 299 2.34 50.70 30.11
C ILE G 299 2.14 50.72 31.62
N GLU G 300 0.89 50.51 32.04
CA GLU G 300 0.54 50.55 33.46
C GLU G 300 1.12 49.37 34.23
N ILE G 301 1.19 48.19 33.61
CA ILE G 301 1.84 47.04 34.25
C ILE G 301 2.94 46.55 33.32
N PRO G 302 3.86 45.75 33.82
CA PRO G 302 4.95 45.22 32.97
C PRO G 302 4.42 44.57 31.69
N ALA G 303 4.99 44.94 30.54
CA ALA G 303 4.47 44.43 29.28
C ALA G 303 4.50 42.90 29.23
N GLU G 304 5.45 42.29 29.93
CA GLU G 304 5.55 40.84 29.93
C GLU G 304 4.43 40.18 30.73
N LYS G 305 3.63 40.95 31.49
CA LYS G 305 2.46 40.39 32.17
C LYS G 305 1.14 40.54 31.40
N VAL G 306 1.09 41.29 30.30
CA VAL G 306 -0.21 41.59 29.67
C VAL G 306 -0.94 40.31 29.27
N PHE G 307 -0.21 39.29 28.81
CA PHE G 307 -0.89 38.09 28.34
C PHE G 307 -1.58 37.36 29.48
N LEU G 308 -1.05 37.46 30.70
CA LEU G 308 -1.71 36.86 31.86
C LEU G 308 -3.05 37.54 32.12
N ALA G 309 -3.05 38.88 32.12
CA ALA G 309 -4.28 39.63 32.25
C ALA G 309 -5.25 39.30 31.11
N GLN G 310 -4.75 39.23 29.87
CA GLN G 310 -5.65 38.98 28.75
C GLN G 310 -6.34 37.64 28.90
N LYS G 311 -5.57 36.60 29.21
CA LYS G 311 -6.18 35.28 29.28
C LYS G 311 -7.09 35.14 30.51
N MET G 312 -6.70 35.73 31.64
CA MET G 312 -7.60 35.73 32.80
C MET G 312 -8.93 36.41 32.47
N ILE G 313 -8.87 37.57 31.83
CA ILE G 313 -10.08 38.35 31.61
C ILE G 313 -10.98 37.66 30.60
N ILE G 314 -10.41 37.16 29.51
CA ILE G 314 -11.25 36.51 28.50
C ILE G 314 -11.89 35.27 29.10
N GLY G 315 -11.11 34.49 29.84
CA GLY G 315 -11.68 33.30 30.47
C GLY G 315 -12.81 33.65 31.42
N ARG G 316 -12.62 34.68 32.25
CA ARG G 316 -13.69 35.02 33.19
C ARG G 316 -14.91 35.62 32.48
N CYS G 317 -14.70 36.38 31.39
CA CYS G 317 -15.87 36.78 30.58
C CYS G 317 -16.56 35.56 29.97
N ASN G 318 -15.80 34.59 29.46
CA ASN G 318 -16.44 33.40 28.89
C ASN G 318 -17.31 32.70 29.94
N ARG G 319 -16.78 32.56 31.16
CA ARG G 319 -17.52 31.94 32.26
C ARG G 319 -18.84 32.63 32.51
N ALA G 320 -18.82 33.95 32.53
CA ALA G 320 -20.00 34.75 32.81
C ALA G 320 -20.92 34.88 31.58
N GLY G 321 -20.46 34.49 30.40
CA GLY G 321 -21.28 34.73 29.22
C GLY G 321 -21.40 36.21 28.87
N LYS G 322 -20.39 37.03 29.21
CA LYS G 322 -20.40 38.41 28.81
C LYS G 322 -19.35 38.69 27.72
N PRO G 323 -19.68 39.54 26.76
CA PRO G 323 -18.75 39.84 25.63
C PRO G 323 -17.39 40.31 26.12
N VAL G 324 -16.33 39.87 25.47
CA VAL G 324 -15.01 40.40 25.73
C VAL G 324 -14.31 40.72 24.40
N ILE G 325 -13.69 41.90 24.33
CA ILE G 325 -12.97 42.38 23.16
C ILE G 325 -11.48 42.30 23.43
N CYS G 326 -10.71 41.77 22.48
CA CYS G 326 -9.26 41.90 22.54
C CYS G 326 -8.85 43.04 21.64
N ALA G 327 -8.01 43.94 22.15
CA ALA G 327 -7.75 45.20 21.48
C ALA G 327 -6.26 45.56 21.48
N THR G 328 -5.86 46.25 20.41
CA THR G 328 -4.70 47.14 20.35
C THR G 328 -3.44 46.46 19.84
N GLN G 329 -2.92 47.00 18.74
CA GLN G 329 -1.71 46.56 18.07
C GLN G 329 -1.79 45.12 17.55
N MET G 330 -2.98 44.52 17.42
CA MET G 330 -3.04 43.15 16.91
C MET G 330 -2.45 42.99 15.50
N LEU G 331 -2.57 43.99 14.63
CA LEU G 331 -1.96 43.93 13.30
C LEU G 331 -1.13 45.21 13.06
N GLU G 332 -0.45 45.70 14.10
CA GLU G 332 0.09 47.08 14.07
C GLU G 332 0.90 47.37 12.81
N SER G 333 1.73 46.42 12.35
CA SER G 333 2.63 46.73 11.24
C SER G 333 1.85 47.01 9.94
N MET G 334 0.59 46.60 9.85
CA MET G 334 -0.18 46.88 8.64
C MET G 334 -0.58 48.33 8.49
N ILE G 335 -0.25 49.18 9.46
CA ILE G 335 -0.39 50.60 9.25
C ILE G 335 0.43 51.04 8.05
N LYS G 336 1.54 50.35 7.79
CA LYS G 336 2.42 50.68 6.68
C LYS G 336 2.64 49.53 5.72
N LYS G 337 2.27 48.31 6.07
CA LYS G 337 2.60 47.17 5.22
C LYS G 337 1.33 46.41 4.89
N PRO G 338 1.23 45.90 3.65
CA PRO G 338 0.01 45.22 3.22
C PRO G 338 -0.13 43.80 3.76
N ARG G 339 0.90 43.24 4.40
CA ARG G 339 0.90 41.92 5.03
C ARG G 339 1.48 42.03 6.44
N PRO G 340 0.97 41.25 7.41
CA PRO G 340 1.38 41.42 8.81
C PRO G 340 2.63 40.60 9.17
N THR G 341 3.18 40.88 10.36
CA THR G 341 4.29 40.09 10.87
C THR G 341 3.79 38.73 11.38
N ARG G 342 4.75 37.83 11.67
CA ARG G 342 4.38 36.50 12.13
C ARG G 342 3.79 36.54 13.55
N ALA G 343 4.27 37.48 14.37
CA ALA G 343 3.74 37.67 15.71
C ALA G 343 2.30 38.21 15.66
N GLU G 344 2.01 39.08 14.71
CA GLU G 344 0.66 39.62 14.59
C GLU G 344 -0.32 38.53 14.15
N GLY G 345 0.11 37.65 13.22
CA GLY G 345 -0.72 36.52 12.86
C GLY G 345 -1.05 35.65 14.06
N SER G 346 -0.03 35.34 14.85
CA SER G 346 -0.28 34.45 15.99
C SER G 346 -1.10 35.15 17.08
N ASP G 347 -0.94 36.47 17.21
CA ASP G 347 -1.68 37.22 18.22
C ASP G 347 -3.18 37.20 17.95
N VAL G 348 -3.57 37.46 16.70
CA VAL G 348 -4.98 37.37 16.36
C VAL G 348 -5.48 35.95 16.58
N ALA G 349 -4.71 34.95 16.11
CA ALA G 349 -5.19 33.58 16.24
C ALA G 349 -5.37 33.19 17.70
N ASN G 350 -4.39 33.56 18.55
CA ASN G 350 -4.43 33.15 19.96
C ASN G 350 -5.52 33.89 20.75
N ALA G 351 -5.83 35.14 20.40
CA ALA G 351 -6.98 35.82 21.00
C ALA G 351 -8.29 35.09 20.71
N VAL G 352 -8.44 34.59 19.48
CA VAL G 352 -9.64 33.81 19.14
C VAL G 352 -9.65 32.49 19.92
N LEU G 353 -8.50 31.78 19.96
CA LEU G 353 -8.43 30.54 20.73
C LEU G 353 -8.67 30.78 22.21
N ASP G 354 -8.15 31.91 22.72
CA ASP G 354 -8.38 32.29 24.12
C ASP G 354 -9.87 32.37 24.44
N GLY G 355 -10.69 32.82 23.48
CA GLY G 355 -12.13 33.00 23.69
C GLY G 355 -12.66 34.40 23.39
N ALA G 356 -11.87 35.34 22.88
CA ALA G 356 -12.41 36.69 22.63
C ALA G 356 -13.64 36.65 21.72
N ASP G 357 -14.70 37.38 22.10
CA ASP G 357 -15.88 37.47 21.25
C ASP G 357 -15.59 38.30 20.02
N CYS G 358 -14.87 39.41 20.20
CA CYS G 358 -14.48 40.33 19.15
C CYS G 358 -12.98 40.63 19.24
N ILE G 359 -12.41 41.00 18.09
CA ILE G 359 -11.07 41.55 17.98
C ILE G 359 -11.21 42.95 17.37
N MET G 360 -10.20 43.77 17.57
CA MET G 360 -10.32 45.16 17.23
C MET G 360 -9.13 45.62 16.40
N LEU G 361 -9.35 46.65 15.60
CA LEU G 361 -8.27 47.38 14.93
C LEU G 361 -8.36 48.85 15.33
N SER G 362 -7.20 49.50 15.49
CA SER G 362 -7.14 50.89 15.91
C SER G 362 -6.48 51.68 14.80
N GLY G 363 -5.19 52.04 14.95
CA GLY G 363 -4.51 52.74 13.87
C GLY G 363 -4.61 52.02 12.53
N GLU G 364 -4.64 50.68 12.55
CA GLU G 364 -4.66 49.90 11.30
C GLU G 364 -5.77 50.33 10.36
N THR G 365 -6.93 50.73 10.90
CA THR G 365 -8.04 51.21 10.09
C THR G 365 -8.28 52.70 10.23
N ALA G 366 -7.84 53.30 11.34
CA ALA G 366 -8.14 54.71 11.56
C ALA G 366 -7.24 55.59 10.70
N LYS G 367 -5.98 55.22 10.50
CA LYS G 367 -5.05 56.12 9.83
C LYS G 367 -4.03 55.45 8.94
N GLY G 368 -3.99 54.13 8.85
CA GLY G 368 -2.94 53.47 8.12
C GLY G 368 -3.19 53.41 6.62
N ASP G 369 -2.19 52.86 5.93
CA ASP G 369 -2.23 52.77 4.48
C ASP G 369 -3.03 51.56 3.97
N TYR G 370 -3.32 50.56 4.82
CA TYR G 370 -3.94 49.32 4.32
C TYR G 370 -5.14 48.88 5.17
N PRO G 371 -6.12 49.79 5.39
CA PRO G 371 -7.26 49.44 6.25
C PRO G 371 -8.07 48.24 5.78
N LEU G 372 -8.36 48.13 4.48
CA LEU G 372 -9.15 46.99 3.99
C LEU G 372 -8.38 45.68 4.18
N GLU G 373 -7.09 45.70 3.87
CA GLU G 373 -6.30 44.50 4.06
C GLU G 373 -6.26 44.10 5.54
N ALA G 374 -6.19 45.08 6.44
CA ALA G 374 -6.16 44.73 7.86
C ALA G 374 -7.46 44.03 8.26
N VAL G 375 -8.60 44.57 7.82
CA VAL G 375 -9.87 43.92 8.11
C VAL G 375 -9.90 42.52 7.53
N ARG G 376 -9.45 42.39 6.27
CA ARG G 376 -9.52 41.09 5.60
C ARG G 376 -8.64 40.06 6.29
N MET G 377 -7.48 40.49 6.81
CA MET G 377 -6.57 39.56 7.50
C MET G 377 -7.19 39.08 8.82
N GLN G 378 -7.89 39.96 9.54
CA GLN G 378 -8.54 39.53 10.77
C GLN G 378 -9.64 38.52 10.46
N HIS G 379 -10.37 38.75 9.37
CA HIS G 379 -11.39 37.80 8.96
C HIS G 379 -10.76 36.46 8.63
N LEU G 380 -9.66 36.46 7.87
CA LEU G 380 -9.05 35.20 7.47
C LEU G 380 -8.49 34.43 8.67
N ILE G 381 -7.77 35.11 9.57
CA ILE G 381 -7.17 34.42 10.70
C ILE G 381 -8.24 33.87 11.63
N ALA G 382 -9.29 34.68 11.89
CA ALA G 382 -10.33 34.28 12.83
C ALA G 382 -10.99 32.96 12.40
N ARG G 383 -11.31 32.82 11.11
CA ARG G 383 -11.97 31.59 10.65
C ARG G 383 -11.10 30.37 10.90
N GLU G 384 -9.80 30.47 10.61
CA GLU G 384 -8.90 29.36 10.86
C GLU G 384 -8.80 29.06 12.34
N ALA G 385 -8.68 30.10 13.16
CA ALA G 385 -8.53 29.86 14.60
C ALA G 385 -9.83 29.30 15.19
N GLU G 386 -10.99 29.75 14.69
CA GLU G 386 -12.27 29.24 15.17
C GLU G 386 -12.38 27.74 14.97
N ALA G 387 -11.91 27.22 13.83
CA ALA G 387 -12.00 25.78 13.63
C ALA G 387 -11.06 25.03 14.56
N ALA G 388 -9.93 25.65 14.93
CA ALA G 388 -8.89 25.05 15.74
C ALA G 388 -9.22 25.07 17.23
N MET G 389 -10.31 25.70 17.64
CA MET G 389 -10.73 25.62 19.03
C MET G 389 -11.03 24.15 19.38
N PHE G 390 -10.83 23.81 20.65
CA PHE G 390 -11.11 22.46 21.15
C PHE G 390 -12.54 22.45 21.74
N HIS G 391 -13.54 22.49 20.83
CA HIS G 391 -14.91 22.79 21.27
C HIS G 391 -15.41 21.79 22.31
N ARG G 392 -15.16 20.50 22.11
CA ARG G 392 -15.70 19.52 23.05
C ARG G 392 -15.25 19.82 24.48
N LYS G 393 -13.96 20.13 24.65
CA LYS G 393 -13.47 20.41 25.98
C LYS G 393 -13.97 21.77 26.47
N LEU G 394 -14.02 22.75 25.57
CA LEU G 394 -14.47 24.08 25.97
C LEU G 394 -15.89 24.02 26.50
N PHE G 395 -16.77 23.35 25.77
CA PHE G 395 -18.16 23.15 26.22
C PHE G 395 -18.22 22.50 27.60
N GLU G 396 -17.53 21.36 27.75
CA GLU G 396 -17.50 20.68 29.06
C GLU G 396 -17.07 21.62 30.16
N GLU G 397 -16.04 22.41 29.91
CA GLU G 397 -15.51 23.23 30.98
C GLU G 397 -16.41 24.44 31.26
N LEU G 398 -17.02 24.99 30.22
CA LEU G 398 -18.00 26.05 30.41
C LEU G 398 -19.22 25.51 31.18
N ALA G 399 -19.73 24.34 30.78
CA ALA G 399 -20.85 23.71 31.48
C ALA G 399 -20.51 23.47 32.93
N ARG G 400 -19.30 22.99 33.17
CA ARG G 400 -18.83 22.78 34.52
C ARG G 400 -18.87 24.08 35.31
N ALA G 401 -18.39 25.18 34.72
CA ALA G 401 -18.26 26.41 35.50
C ALA G 401 -19.60 27.05 35.87
N SER G 402 -20.67 26.80 35.09
CA SER G 402 -21.97 27.39 35.34
C SER G 402 -22.94 26.42 35.98
N SER G 403 -22.47 25.25 36.45
CA SER G 403 -23.38 24.18 36.82
C SER G 403 -24.24 24.54 38.03
N HIS G 404 -23.89 25.55 38.82
CA HIS G 404 -24.80 25.93 39.90
C HIS G 404 -26.07 26.60 39.40
N SER G 405 -26.09 27.06 38.16
CA SER G 405 -27.28 27.63 37.55
C SER G 405 -28.12 26.52 36.89
N THR G 406 -29.43 26.56 37.12
CA THR G 406 -30.38 25.65 36.49
C THR G 406 -31.28 26.39 35.48
N ASP G 407 -30.86 27.58 35.05
CA ASP G 407 -31.66 28.44 34.18
C ASP G 407 -32.17 27.71 32.95
N LEU G 408 -33.46 27.88 32.67
CA LEU G 408 -34.11 27.16 31.58
C LEU G 408 -33.52 27.52 30.21
N MET G 409 -33.15 28.79 30.01
CA MET G 409 -32.64 29.14 28.69
C MET G 409 -31.20 28.68 28.52
N GLU G 410 -30.39 28.69 29.59
CA GLU G 410 -29.11 27.98 29.53
C GLU G 410 -29.32 26.51 29.19
N ALA G 411 -30.36 25.88 29.74
CA ALA G 411 -30.59 24.48 29.41
C ALA G 411 -30.93 24.31 27.93
N MET G 412 -31.81 25.17 27.40
CA MET G 412 -32.08 25.12 25.95
C MET G 412 -30.82 25.37 25.14
N ALA G 413 -29.99 26.31 25.58
CA ALA G 413 -28.78 26.64 24.82
C ALA G 413 -27.84 25.45 24.78
N MET G 414 -27.61 24.83 25.95
CA MET G 414 -26.69 23.70 26.04
C MET G 414 -27.19 22.52 25.22
N GLY G 415 -28.48 22.22 25.31
CA GLY G 415 -29.02 21.12 24.52
C GLY G 415 -28.89 21.40 23.04
N SER G 416 -29.10 22.66 22.64
CA SER G 416 -29.01 23.02 21.24
C SER G 416 -27.56 22.96 20.73
N VAL G 417 -26.61 23.48 21.50
CA VAL G 417 -25.21 23.40 21.05
C VAL G 417 -24.77 21.93 21.04
N GLU G 418 -25.14 21.18 22.08
CA GLU G 418 -24.84 19.75 22.13
C GLU G 418 -25.33 19.06 20.87
N ALA G 419 -26.62 19.28 20.53
CA ALA G 419 -27.17 18.69 19.31
C ALA G 419 -26.41 19.16 18.08
N SER G 420 -26.00 20.42 18.07
CA SER G 420 -25.32 20.90 16.89
C SER G 420 -23.96 20.21 16.73
N TYR G 421 -23.27 19.87 17.83
CA TYR G 421 -22.02 19.12 17.73
C TYR G 421 -22.27 17.72 17.19
N LYS G 422 -23.29 17.06 17.75
CA LYS G 422 -23.54 15.67 17.42
C LYS G 422 -23.84 15.51 15.92
N CYS G 423 -24.73 16.33 15.38
CA CYS G 423 -25.07 16.12 13.97
C CYS G 423 -24.27 17.02 13.01
N LEU G 424 -23.28 17.79 13.50
CA LEU G 424 -22.51 18.67 12.62
C LEU G 424 -23.44 19.60 11.83
N ALA G 425 -24.38 20.19 12.56
CA ALA G 425 -25.33 21.12 11.97
C ALA G 425 -24.60 22.31 11.35
N ALA G 426 -25.15 22.81 10.23
CA ALA G 426 -24.55 23.94 9.54
C ALA G 426 -24.84 25.29 10.21
N ALA G 427 -25.79 25.36 11.14
CA ALA G 427 -26.07 26.63 11.81
C ALA G 427 -27.11 26.36 12.89
N LEU G 428 -27.20 27.30 13.84
CA LEU G 428 -28.33 27.40 14.76
C LEU G 428 -29.10 28.66 14.41
N ILE G 429 -30.39 28.52 14.13
CA ILE G 429 -31.26 29.66 13.88
C ILE G 429 -32.01 29.99 15.17
N VAL G 430 -31.93 31.25 15.61
CA VAL G 430 -32.52 31.69 16.88
C VAL G 430 -33.42 32.91 16.62
N LEU G 431 -34.68 32.80 17.01
CA LEU G 431 -35.59 33.94 16.98
C LEU G 431 -35.51 34.64 18.32
N THR G 432 -35.16 35.92 18.31
CA THR G 432 -34.95 36.65 19.55
C THR G 432 -35.34 38.11 19.34
N GLU G 433 -35.88 38.72 20.40
CA GLU G 433 -36.18 40.14 20.38
C GLU G 433 -35.28 40.95 21.29
N SER G 434 -34.99 40.45 22.49
CA SER G 434 -33.98 41.07 23.33
C SER G 434 -32.56 40.63 22.96
N GLY G 435 -32.41 39.57 22.16
CA GLY G 435 -31.13 38.93 21.93
C GLY G 435 -30.73 37.89 22.98
N ARG G 436 -31.38 37.88 24.14
CA ARG G 436 -30.96 37.03 25.25
C ARG G 436 -30.88 35.55 24.87
N SER G 437 -31.90 35.03 24.21
CA SER G 437 -31.82 33.63 23.77
C SER G 437 -30.57 33.38 22.94
N ALA G 438 -30.27 34.28 21.99
CA ALA G 438 -29.11 34.08 21.14
C ALA G 438 -27.80 34.23 21.92
N HIS G 439 -27.73 35.18 22.86
CA HIS G 439 -26.51 35.32 23.69
C HIS G 439 -26.23 34.02 24.46
N GLN G 440 -27.27 33.38 25.01
CA GLN G 440 -27.02 32.17 25.80
C GLN G 440 -26.54 31.03 24.91
N VAL G 441 -26.98 31.00 23.63
CA VAL G 441 -26.45 29.99 22.70
C VAL G 441 -24.98 30.26 22.42
N ALA G 442 -24.65 31.54 22.16
CA ALA G 442 -23.28 31.92 21.83
C ALA G 442 -22.33 31.63 22.98
N ARG G 443 -22.79 31.84 24.21
CA ARG G 443 -21.98 31.58 25.39
C ARG G 443 -21.45 30.15 25.44
N TYR G 444 -22.23 29.18 24.95
CA TYR G 444 -21.79 27.79 24.98
C TYR G 444 -21.05 27.38 23.72
N ARG G 445 -20.73 28.34 22.83
CA ARG G 445 -19.66 28.19 21.84
C ARG G 445 -19.87 27.03 20.88
N PRO G 446 -20.93 27.04 20.08
CA PRO G 446 -21.01 26.09 18.97
C PRO G 446 -19.90 26.42 17.96
N ARG G 447 -19.59 25.44 17.11
CA ARG G 447 -18.74 25.82 15.99
C ARG G 447 -19.55 26.36 14.83
N ALA G 448 -20.86 25.97 14.72
CA ALA G 448 -21.67 26.47 13.62
C ALA G 448 -22.10 27.91 13.86
N PRO G 449 -22.30 28.70 12.80
CA PRO G 449 -22.80 30.07 12.99
C PRO G 449 -24.18 30.09 13.63
N ILE G 450 -24.46 31.15 14.38
CA ILE G 450 -25.77 31.40 15.01
C ILE G 450 -26.44 32.51 14.23
N ILE G 451 -27.47 32.19 13.44
CA ILE G 451 -28.23 33.21 12.70
C ILE G 451 -29.39 33.65 13.55
N ALA G 452 -29.31 34.88 14.09
CA ALA G 452 -30.29 35.41 15.02
C ALA G 452 -31.21 36.36 14.25
N VAL G 453 -32.49 36.00 14.13
CA VAL G 453 -33.47 36.80 13.41
C VAL G 453 -34.23 37.61 14.45
N THR G 454 -34.25 38.94 14.27
CA THR G 454 -34.91 39.86 15.19
C THR G 454 -35.62 40.96 14.40
N ARG G 455 -36.69 41.49 14.99
CA ARG G 455 -37.29 42.71 14.47
C ARG G 455 -36.79 43.95 15.20
N ASN G 456 -35.94 43.77 16.21
CA ASN G 456 -35.40 44.86 17.03
C ASN G 456 -34.03 45.25 16.45
N HIS G 457 -34.00 46.41 15.79
CA HIS G 457 -32.81 46.76 15.01
C HIS G 457 -31.60 46.94 15.89
N GLN G 458 -31.81 47.52 17.08
CA GLN G 458 -30.71 47.68 18.03
C GLN G 458 -30.22 46.35 18.59
N THR G 459 -31.13 45.39 18.83
CA THR G 459 -30.69 44.03 19.18
C THR G 459 -29.78 43.46 18.11
N ALA G 460 -30.17 43.63 16.85
CA ALA G 460 -29.33 43.17 15.76
C ALA G 460 -27.95 43.79 15.82
N ARG G 461 -27.85 45.11 16.08
CA ARG G 461 -26.53 45.74 16.04
C ARG G 461 -25.68 45.31 17.23
N GLN G 462 -26.29 45.24 18.42
CA GLN G 462 -25.53 44.86 19.61
C GLN G 462 -25.13 43.38 19.59
N ALA G 463 -25.77 42.55 18.77
CA ALA G 463 -25.42 41.14 18.75
C ALA G 463 -24.00 40.91 18.27
N HIS G 464 -23.42 41.87 17.56
CA HIS G 464 -22.04 41.73 17.12
C HIS G 464 -21.09 41.59 18.29
N LEU G 465 -21.51 41.99 19.49
CA LEU G 465 -20.62 41.82 20.64
C LEU G 465 -20.37 40.36 21.02
N TYR G 466 -21.13 39.42 20.45
CA TYR G 466 -21.14 38.02 20.88
C TYR G 466 -20.56 37.10 19.80
N ARG G 467 -19.65 36.21 20.23
CA ARG G 467 -19.05 35.25 19.31
C ARG G 467 -20.12 34.48 18.56
N GLY G 468 -20.04 34.51 17.24
CA GLY G 468 -20.81 33.62 16.41
C GLY G 468 -22.23 34.06 16.08
N ILE G 469 -22.69 35.21 16.58
CA ILE G 469 -24.05 35.62 16.25
C ILE G 469 -23.99 36.45 14.98
N PHE G 470 -24.70 36.00 13.96
CA PHE G 470 -24.83 36.62 12.66
C PHE G 470 -26.22 37.27 12.64
N PRO G 471 -26.36 38.52 13.09
CA PRO G 471 -27.69 39.10 13.24
C PRO G 471 -28.38 39.34 11.90
N VAL G 472 -29.70 39.12 11.87
CA VAL G 472 -30.51 39.33 10.68
C VAL G 472 -31.76 40.10 11.07
N VAL G 473 -31.91 41.29 10.49
CA VAL G 473 -33.06 42.14 10.81
C VAL G 473 -34.24 41.72 9.94
N CYS G 474 -35.37 41.47 10.60
CA CYS G 474 -36.62 41.15 9.91
C CYS G 474 -37.45 42.42 9.83
N LYS G 475 -37.78 42.83 8.61
CA LYS G 475 -38.60 44.03 8.40
C LYS G 475 -40.06 43.71 8.09
N ASP G 476 -40.44 42.42 8.04
CA ASP G 476 -41.80 42.05 7.67
C ASP G 476 -42.78 42.36 8.80
N PRO G 477 -44.02 42.72 8.46
CA PRO G 477 -45.05 42.92 9.47
C PRO G 477 -45.29 41.63 10.24
N VAL G 478 -45.87 41.79 11.43
CA VAL G 478 -46.19 40.63 12.24
C VAL G 478 -47.40 39.91 11.66
N GLN G 479 -47.27 38.59 11.50
CA GLN G 479 -48.35 37.75 10.99
C GLN G 479 -49.35 37.45 12.11
N GLU G 480 -50.62 37.36 11.73
CA GLU G 480 -51.67 37.12 12.71
C GLU G 480 -51.46 35.78 13.41
N ALA G 481 -51.07 34.76 12.65
CA ALA G 481 -50.87 33.41 13.18
C ALA G 481 -49.43 33.27 13.69
N TRP G 482 -49.28 32.94 14.98
CA TRP G 482 -47.95 32.76 15.57
C TRP G 482 -47.12 31.78 14.76
N ALA G 483 -47.69 30.61 14.45
CA ALA G 483 -46.94 29.62 13.69
C ALA G 483 -46.43 30.21 12.39
N GLU G 484 -47.24 31.04 11.74
CA GLU G 484 -46.86 31.55 10.43
C GLU G 484 -45.78 32.63 10.59
N ASP G 485 -45.86 33.42 11.65
CA ASP G 485 -44.85 34.44 11.88
C ASP G 485 -43.50 33.80 12.22
N VAL G 486 -43.53 32.69 12.96
CA VAL G 486 -42.31 31.93 13.23
C VAL G 486 -41.75 31.38 11.92
N ASP G 487 -42.61 30.74 11.12
CA ASP G 487 -42.13 30.21 9.86
C ASP G 487 -41.54 31.30 8.99
N LEU G 488 -42.16 32.48 8.96
CA LEU G 488 -41.63 33.57 8.14
C LEU G 488 -40.21 33.91 8.56
N ARG G 489 -39.98 34.06 9.86
CA ARG G 489 -38.65 34.43 10.35
C ARG G 489 -37.64 33.31 10.16
N VAL G 490 -38.05 32.04 10.36
CA VAL G 490 -37.10 30.94 10.13
C VAL G 490 -36.71 30.89 8.65
N ASN G 491 -37.68 31.09 7.75
CA ASN G 491 -37.36 31.03 6.32
C ASN G 491 -36.45 32.18 5.90
N LEU G 492 -36.57 33.34 6.56
CA LEU G 492 -35.63 34.42 6.30
C LEU G 492 -34.19 34.02 6.66
N ALA G 493 -34.01 33.37 7.82
CA ALA G 493 -32.68 32.84 8.15
C ALA G 493 -32.24 31.78 7.14
N MET G 494 -33.16 30.91 6.72
CA MET G 494 -32.79 29.93 5.69
C MET G 494 -32.26 30.64 4.43
N ASN G 495 -32.96 31.69 3.98
CA ASN G 495 -32.52 32.38 2.76
C ASN G 495 -31.18 33.08 2.97
N VAL G 496 -30.99 33.73 4.11
CA VAL G 496 -29.70 34.36 4.38
C VAL G 496 -28.59 33.32 4.29
N GLY G 497 -28.74 32.19 4.99
CA GLY G 497 -27.64 31.24 5.09
C GLY G 497 -27.27 30.62 3.77
N LYS G 498 -28.26 30.40 2.90
CA LYS G 498 -27.98 29.90 1.55
C LYS G 498 -27.26 30.95 0.72
N ALA G 499 -27.76 32.19 0.75
CA ALA G 499 -27.12 33.26 0.00
C ALA G 499 -25.70 33.48 0.46
N ARG G 500 -25.45 33.41 1.76
CA ARG G 500 -24.07 33.61 2.22
C ARG G 500 -23.24 32.33 2.13
N GLY G 501 -23.80 31.22 1.67
CA GLY G 501 -22.97 30.04 1.58
C GLY G 501 -22.70 29.32 2.89
N PHE G 502 -23.49 29.56 3.95
CA PHE G 502 -23.33 28.78 5.19
C PHE G 502 -23.91 27.37 5.05
N PHE G 503 -24.90 27.17 4.18
CA PHE G 503 -25.45 25.84 3.98
C PHE G 503 -26.23 25.86 2.68
N LYS G 504 -26.68 24.67 2.26
CA LYS G 504 -27.49 24.50 1.06
C LYS G 504 -28.60 23.49 1.36
N LYS G 505 -29.59 23.45 0.45
CA LYS G 505 -30.73 22.55 0.58
C LYS G 505 -30.29 21.16 1.01
N GLY G 506 -30.98 20.60 2.02
CA GLY G 506 -30.64 19.29 2.52
C GLY G 506 -29.56 19.23 3.58
N ASP G 507 -28.85 20.33 3.85
CA ASP G 507 -28.09 20.36 5.09
C ASP G 507 -29.07 20.40 6.28
N VAL G 508 -28.51 20.31 7.48
CA VAL G 508 -29.27 20.25 8.72
C VAL G 508 -28.92 21.45 9.57
N VAL G 509 -29.93 22.03 10.21
CA VAL G 509 -29.74 23.15 11.11
C VAL G 509 -30.56 22.94 12.39
N ILE G 510 -30.13 23.57 13.47
CA ILE G 510 -30.87 23.61 14.74
C ILE G 510 -31.68 24.92 14.77
N VAL G 511 -32.96 24.83 15.10
CA VAL G 511 -33.85 25.98 15.07
C VAL G 511 -34.47 26.14 16.46
N LEU G 512 -34.37 27.36 17.00
CA LEU G 512 -34.79 27.65 18.37
C LEU G 512 -35.85 28.74 18.33
N THR G 513 -37.02 28.45 18.87
CA THR G 513 -38.16 29.35 18.78
C THR G 513 -38.92 29.31 20.08
N GLY G 514 -39.87 30.24 20.19
CA GLY G 514 -40.86 30.23 21.24
C GLY G 514 -42.10 29.47 20.80
N TRP G 515 -42.58 28.59 21.68
CA TRP G 515 -43.73 27.76 21.36
C TRP G 515 -45.00 28.61 21.17
N ARG G 516 -45.16 29.64 21.97
CA ARG G 516 -46.29 30.53 21.93
C ARG G 516 -45.80 31.97 22.01
N PRO G 517 -46.64 32.94 21.65
CA PRO G 517 -46.23 34.35 21.72
C PRO G 517 -45.72 34.77 23.07
N GLY G 518 -46.24 34.22 24.15
CA GLY G 518 -45.76 34.72 25.42
C GLY G 518 -44.69 33.87 26.07
N SER G 519 -43.97 33.05 25.29
CA SER G 519 -43.12 32.01 25.90
C SER G 519 -41.99 32.59 26.76
N GLY G 520 -41.46 33.76 26.41
CA GLY G 520 -40.46 34.39 27.25
C GLY G 520 -39.02 33.99 26.98
N PHE G 521 -38.78 32.95 26.19
CA PHE G 521 -37.45 32.57 25.73
C PHE G 521 -37.69 31.51 24.66
N THR G 522 -36.62 31.11 23.97
CA THR G 522 -36.75 30.03 22.99
C THR G 522 -36.80 28.71 23.75
N ASN G 523 -38.02 28.23 24.05
CA ASN G 523 -38.24 26.96 24.74
C ASN G 523 -38.47 25.78 23.80
N THR G 524 -38.30 25.97 22.50
CA THR G 524 -38.55 24.94 21.48
C THR G 524 -37.33 24.78 20.60
N MET G 525 -36.82 23.54 20.49
CA MET G 525 -35.66 23.25 19.68
CA MET G 525 -35.64 23.22 19.70
C MET G 525 -35.99 22.16 18.68
N ARG G 526 -35.66 22.41 17.41
CA ARG G 526 -35.91 21.46 16.34
C ARG G 526 -34.65 21.26 15.52
N VAL G 527 -34.49 20.04 15.03
CA VAL G 527 -33.54 19.71 13.97
C VAL G 527 -34.32 19.71 12.66
N VAL G 528 -33.88 20.52 11.72
CA VAL G 528 -34.64 20.86 10.53
C VAL G 528 -33.73 20.78 9.31
N PRO G 529 -34.17 20.17 8.21
CA PRO G 529 -33.39 20.18 6.97
C PRO G 529 -33.54 21.50 6.25
N VAL G 530 -32.48 21.96 5.62
CA VAL G 530 -32.59 23.21 4.86
C VAL G 530 -33.47 22.97 3.63
N PRO G 531 -34.46 23.82 3.34
CA PRO G 531 -35.30 23.68 2.14
C PRO G 531 -34.57 24.13 0.87
N SER H 10 -33.75 25.48 50.72
CA SER H 10 -33.79 24.04 50.51
C SER H 10 -32.60 23.52 49.71
N ALA H 11 -31.55 24.34 49.58
CA ALA H 11 -30.28 23.85 49.06
C ALA H 11 -29.58 22.94 50.05
N PHE H 12 -30.11 22.83 51.26
CA PHE H 12 -29.51 22.01 52.29
C PHE H 12 -30.13 20.63 52.38
N ILE H 13 -31.26 20.41 51.73
CA ILE H 13 -31.86 19.08 51.64
C ILE H 13 -31.07 18.21 50.66
N GLN H 14 -30.63 17.05 51.11
CA GLN H 14 -29.80 16.18 50.28
C GLN H 14 -30.71 15.19 49.55
N THR H 15 -30.67 15.24 48.20
CA THR H 15 -31.43 14.27 47.40
C THR H 15 -30.64 13.79 46.19
N GLN H 16 -30.89 12.53 45.81
CA GLN H 16 -30.43 11.97 44.54
C GLN H 16 -28.93 11.98 44.38
N GLN H 17 -28.18 11.98 45.47
CA GLN H 17 -26.73 12.04 45.40
C GLN H 17 -26.27 13.22 44.54
N LEU H 18 -27.01 14.32 44.62
CA LEU H 18 -26.64 15.43 43.75
C LEU H 18 -25.38 16.13 44.25
N HIS H 19 -25.01 15.99 45.53
CA HIS H 19 -23.70 16.52 45.91
C HIS H 19 -22.56 15.71 45.27
N ALA H 20 -22.65 14.39 45.31
CA ALA H 20 -21.69 13.57 44.57
C ALA H 20 -21.77 13.81 43.05
N ALA H 21 -22.98 14.10 42.51
CA ALA H 21 -23.10 14.41 41.08
C ALA H 21 -22.14 15.50 40.64
N MET H 22 -21.90 16.46 41.52
CA MET H 22 -21.07 17.64 41.30
C MET H 22 -19.58 17.39 41.51
N ALA H 23 -19.14 16.18 41.87
CA ALA H 23 -17.71 15.96 42.06
C ALA H 23 -16.95 16.16 40.77
N ASP H 24 -15.66 16.44 40.90
CA ASP H 24 -14.79 16.56 39.74
C ASP H 24 -14.18 15.22 39.34
N THR H 25 -13.81 14.36 40.30
CA THR H 25 -13.13 13.12 39.97
C THR H 25 -14.00 11.92 40.39
N PHE H 26 -13.65 10.74 39.86
CA PHE H 26 -14.38 9.55 40.24
C PHE H 26 -14.19 9.26 41.74
N LEU H 27 -12.98 9.50 42.25
CA LEU H 27 -12.71 9.30 43.68
C LEU H 27 -13.55 10.24 44.56
N GLU H 28 -13.56 11.55 44.23
CA GLU H 28 -14.37 12.50 44.99
C GLU H 28 -15.86 12.19 44.87
N HIS H 29 -16.32 11.70 43.70
CA HIS H 29 -17.71 11.25 43.56
C HIS H 29 -18.02 10.14 44.55
N MET H 30 -17.15 9.14 44.62
CA MET H 30 -17.30 8.06 45.59
C MET H 30 -17.26 8.59 47.04
N CYS H 31 -16.32 9.47 47.35
CA CYS H 31 -16.22 10.04 48.70
C CYS H 31 -17.49 10.82 49.10
N ARG H 32 -18.31 11.23 48.14
CA ARG H 32 -19.47 12.04 48.47
C ARG H 32 -20.76 11.23 48.58
N LEU H 33 -20.70 9.92 48.36
CA LEU H 33 -21.91 9.13 48.42
C LEU H 33 -22.44 9.17 49.85
N ASP H 34 -23.75 9.38 49.98
CA ASP H 34 -24.40 9.86 51.21
C ASP H 34 -25.61 9.00 51.51
N ILE H 35 -25.53 8.18 52.56
CA ILE H 35 -26.70 7.35 52.90
C ILE H 35 -27.93 8.18 53.28
N ASP H 36 -27.76 9.46 53.57
CA ASP H 36 -28.89 10.31 53.94
C ASP H 36 -29.32 11.25 52.80
N SER H 37 -28.84 11.01 51.58
CA SER H 37 -29.32 11.70 50.39
C SER H 37 -30.42 10.84 49.78
N ALA H 38 -31.65 11.35 49.79
CA ALA H 38 -32.82 10.51 49.52
C ALA H 38 -33.00 10.30 48.01
N PRO H 39 -33.26 9.07 47.56
CA PRO H 39 -33.52 8.86 46.11
C PRO H 39 -34.89 9.39 45.70
N ILE H 40 -35.08 9.55 44.39
CA ILE H 40 -36.39 9.93 43.86
C ILE H 40 -37.30 8.71 43.86
N THR H 41 -38.58 8.95 43.60
CA THR H 41 -39.57 7.88 43.55
C THR H 41 -39.31 6.94 42.38
N ALA H 42 -38.93 7.48 41.23
CA ALA H 42 -38.90 6.67 40.03
C ALA H 42 -37.71 5.72 40.08
N ARG H 43 -37.93 4.46 39.67
CA ARG H 43 -36.89 3.44 39.62
C ARG H 43 -36.70 3.05 38.16
N ASN H 44 -35.48 3.28 37.63
CA ASN H 44 -35.23 3.18 36.20
C ASN H 44 -34.83 1.79 35.70
N THR H 45 -34.24 0.94 36.54
CA THR H 45 -33.74 -0.36 36.10
C THR H 45 -34.91 -1.36 35.98
N GLY H 46 -35.11 -1.90 34.78
CA GLY H 46 -36.16 -2.90 34.59
C GLY H 46 -35.90 -4.14 35.43
N ILE H 47 -36.99 -4.74 35.94
CA ILE H 47 -36.90 -5.95 36.76
C ILE H 47 -37.56 -7.12 36.03
N ILE H 48 -36.77 -8.16 35.76
CA ILE H 48 -37.22 -9.36 35.05
C ILE H 48 -37.33 -10.50 36.05
N CYS H 49 -38.49 -11.14 36.13
CA CYS H 49 -38.76 -12.20 37.10
C CYS H 49 -39.05 -13.52 36.39
N THR H 50 -38.35 -14.56 36.80
CA THR H 50 -38.64 -15.92 36.33
C THR H 50 -39.88 -16.43 37.06
N ILE H 51 -40.86 -16.86 36.28
CA ILE H 51 -42.12 -17.34 36.85
C ILE H 51 -42.04 -18.86 36.99
N GLY H 52 -42.60 -19.39 38.06
CA GLY H 52 -42.46 -20.77 38.39
C GLY H 52 -43.50 -21.16 39.42
N PRO H 53 -43.36 -22.33 40.00
CA PRO H 53 -44.36 -22.78 40.99
C PRO H 53 -44.61 -21.78 42.12
N ALA H 54 -43.63 -20.97 42.56
CA ALA H 54 -43.85 -20.01 43.64
C ALA H 54 -44.58 -18.73 43.20
N SER H 55 -44.66 -18.45 41.91
CA SER H 55 -45.12 -17.15 41.43
C SER H 55 -46.18 -17.23 40.34
N ARG H 56 -46.73 -18.40 40.08
CA ARG H 56 -47.49 -18.71 38.89
C ARG H 56 -48.96 -18.31 39.00
N SER H 57 -49.52 -18.28 40.22
CA SER H 57 -50.94 -17.99 40.37
C SER H 57 -51.22 -16.54 39.98
N VAL H 58 -52.46 -16.30 39.56
CA VAL H 58 -52.91 -14.95 39.20
C VAL H 58 -52.71 -13.99 40.37
N GLU H 59 -53.17 -14.39 41.55
CA GLU H 59 -53.08 -13.51 42.71
C GLU H 59 -51.62 -13.21 43.07
N THR H 60 -50.72 -14.19 43.01
CA THR H 60 -49.30 -13.90 43.26
C THR H 60 -48.75 -12.96 42.19
N LEU H 61 -49.14 -13.17 40.93
CA LEU H 61 -48.65 -12.30 39.86
C LEU H 61 -49.16 -10.86 40.02
N LYS H 62 -50.40 -10.67 40.46
CA LYS H 62 -50.83 -9.31 40.76
C LYS H 62 -49.89 -8.64 41.76
N GLU H 63 -49.46 -9.38 42.79
CA GLU H 63 -48.55 -8.80 43.77
C GLU H 63 -47.14 -8.62 43.18
N MET H 64 -46.70 -9.52 42.29
CA MET H 64 -45.41 -9.33 41.61
C MET H 64 -45.40 -8.02 40.84
N ILE H 65 -46.46 -7.76 40.10
CA ILE H 65 -46.56 -6.53 39.32
C ILE H 65 -46.54 -5.32 40.24
N LYS H 66 -47.34 -5.35 41.32
CA LYS H 66 -47.35 -4.24 42.27
C LYS H 66 -46.00 -4.06 42.96
N SER H 67 -45.25 -5.13 43.15
CA SER H 67 -43.93 -4.96 43.77
C SER H 67 -42.86 -4.47 42.80
N GLY H 68 -43.12 -4.42 41.50
CA GLY H 68 -42.10 -3.94 40.58
C GLY H 68 -41.78 -4.79 39.34
N MET H 69 -42.35 -6.00 39.16
CA MET H 69 -42.08 -6.78 37.96
C MET H 69 -42.46 -6.04 36.68
N ASN H 70 -41.51 -6.00 35.74
CA ASN H 70 -41.75 -5.47 34.40
C ASN H 70 -41.81 -6.55 33.31
N VAL H 71 -41.06 -7.65 33.48
CA VAL H 71 -40.94 -8.71 32.49
C VAL H 71 -41.10 -10.05 33.19
N ALA H 72 -41.99 -10.87 32.67
CA ALA H 72 -42.16 -12.24 33.13
C ALA H 72 -41.36 -13.16 32.20
N ARG H 73 -40.43 -13.88 32.78
CA ARG H 73 -39.56 -14.80 32.07
C ARG H 73 -40.14 -16.21 32.19
N MET H 74 -40.44 -16.81 31.04
CA MET H 74 -40.90 -18.19 30.96
C MET H 74 -39.67 -19.03 30.59
N ASN H 75 -39.30 -19.93 31.46
CA ASN H 75 -38.06 -20.70 31.26
C ASN H 75 -38.44 -22.03 30.63
N PHE H 76 -38.17 -22.18 29.33
CA PHE H 76 -38.56 -23.39 28.60
C PHE H 76 -37.59 -24.53 28.77
N SER H 77 -36.53 -24.38 29.60
CA SER H 77 -35.70 -25.52 29.95
C SER H 77 -36.54 -26.64 30.58
N HIS H 78 -37.63 -26.29 31.28
CA HIS H 78 -38.52 -27.28 31.87
C HIS H 78 -39.97 -26.92 31.60
N GLY H 79 -40.86 -27.90 31.75
CA GLY H 79 -42.29 -27.70 31.53
C GLY H 79 -42.71 -27.91 30.08
N THR H 80 -43.93 -28.41 29.91
CA THR H 80 -44.56 -28.64 28.63
C THR H 80 -45.19 -27.35 28.08
N HIS H 81 -45.63 -27.41 26.83
CA HIS H 81 -46.30 -26.25 26.26
C HIS H 81 -47.59 -25.92 26.99
N GLU H 82 -48.35 -26.94 27.40
CA GLU H 82 -49.58 -26.66 28.14
C GLU H 82 -49.26 -25.89 29.43
N TYR H 83 -48.24 -26.32 30.17
CA TYR H 83 -47.84 -25.62 31.39
C TYR H 83 -47.50 -24.16 31.08
N HIS H 84 -46.71 -23.92 30.04
CA HIS H 84 -46.30 -22.56 29.72
C HIS H 84 -47.45 -21.72 29.19
N ALA H 85 -48.35 -22.29 28.37
CA ALA H 85 -49.53 -21.55 27.97
C ALA H 85 -50.29 -21.03 29.19
N GLU H 86 -50.49 -21.90 30.18
CA GLU H 86 -51.23 -21.49 31.36
C GLU H 86 -50.48 -20.42 32.18
N THR H 87 -49.15 -20.55 32.32
CA THR H 87 -48.40 -19.48 32.99
C THR H 87 -48.58 -18.14 32.27
N ILE H 88 -48.38 -18.15 30.96
CA ILE H 88 -48.56 -16.95 30.13
C ILE H 88 -49.97 -16.40 30.30
N LYS H 89 -50.96 -17.29 30.25
CA LYS H 89 -52.34 -16.84 30.47
C LYS H 89 -52.47 -16.15 31.83
N ASN H 90 -51.94 -16.76 32.90
CA ASN H 90 -52.04 -16.14 34.22
C ASN H 90 -51.34 -14.77 34.25
N VAL H 91 -50.20 -14.65 33.58
CA VAL H 91 -49.53 -13.35 33.56
C VAL H 91 -50.44 -12.29 32.94
N ARG H 92 -51.09 -12.62 31.83
CA ARG H 92 -51.92 -11.63 31.18
C ARG H 92 -53.20 -11.34 31.98
N THR H 93 -53.77 -12.36 32.63
CA THR H 93 -54.93 -12.11 33.49
C THR H 93 -54.55 -11.12 34.58
N ALA H 94 -53.40 -11.37 35.22
CA ALA H 94 -52.99 -10.53 36.34
C ALA H 94 -52.65 -9.10 35.86
N THR H 95 -51.95 -8.99 34.72
CA THR H 95 -51.64 -7.68 34.15
C THR H 95 -52.89 -6.88 33.80
N GLU H 96 -53.86 -7.53 33.14
CA GLU H 96 -55.06 -6.83 32.70
C GLU H 96 -56.01 -6.51 33.84
N SER H 97 -55.88 -7.14 35.01
CA SER H 97 -56.76 -6.76 36.10
C SER H 97 -56.54 -5.30 36.56
N PHE H 98 -55.49 -4.65 36.10
CA PHE H 98 -55.19 -3.27 36.41
C PHE H 98 -55.62 -2.34 35.28
N ALA H 99 -56.14 -2.88 34.17
CA ALA H 99 -56.40 -2.11 32.96
C ALA H 99 -57.57 -1.14 33.09
N SER H 100 -58.36 -1.19 34.18
CA SER H 100 -59.49 -0.27 34.31
C SER H 100 -59.06 1.16 34.64
N ASP H 101 -57.86 1.36 35.19
CA ASP H 101 -57.31 2.70 35.40
C ASP H 101 -56.17 2.94 34.43
N PRO H 102 -56.43 3.56 33.27
CA PRO H 102 -55.35 3.79 32.30
C PRO H 102 -54.22 4.64 32.85
N ILE H 103 -54.44 5.38 33.94
CA ILE H 103 -53.39 6.24 34.45
C ILE H 103 -52.38 5.43 35.25
N LEU H 104 -52.80 4.38 35.94
CA LEU H 104 -51.89 3.57 36.74
C LEU H 104 -51.48 2.25 36.08
N TYR H 105 -52.14 1.82 35.00
CA TYR H 105 -51.85 0.53 34.40
C TYR H 105 -50.40 0.43 33.96
N ARG H 106 -49.74 -0.68 34.33
CA ARG H 106 -48.35 -0.93 33.94
C ARG H 106 -48.34 -2.03 32.88
N PRO H 107 -47.79 -1.79 31.68
CA PRO H 107 -47.56 -2.90 30.75
C PRO H 107 -46.58 -3.90 31.34
N VAL H 108 -46.73 -5.16 30.95
CA VAL H 108 -45.90 -6.27 31.46
C VAL H 108 -45.55 -7.14 30.27
N ALA H 109 -44.26 -7.28 30.00
CA ALA H 109 -43.75 -8.05 28.87
C ALA H 109 -43.63 -9.54 29.22
N VAL H 110 -43.73 -10.37 28.17
CA VAL H 110 -43.54 -11.83 28.25
C VAL H 110 -42.28 -12.21 27.47
N ALA H 111 -41.33 -12.83 28.16
CA ALA H 111 -40.05 -13.30 27.60
C ALA H 111 -40.05 -14.82 27.58
N LEU H 112 -39.51 -15.39 26.48
CA LEU H 112 -39.34 -16.82 26.33
C LEU H 112 -37.85 -17.12 26.36
N ASP H 113 -37.41 -17.88 27.35
CA ASP H 113 -36.01 -18.21 27.52
C ASP H 113 -35.81 -19.67 27.07
N THR H 114 -35.03 -19.86 25.99
CA THR H 114 -34.99 -21.16 25.34
C THR H 114 -34.14 -22.14 26.14
N LYS H 115 -34.46 -23.44 26.00
CA LYS H 115 -33.62 -24.47 26.59
C LYS H 115 -32.24 -24.48 25.94
N GLY H 116 -32.20 -24.42 24.61
CA GLY H 116 -30.96 -24.46 23.88
C GLY H 116 -30.29 -25.83 23.81
N PRO H 117 -29.23 -25.91 23.01
CA PRO H 117 -28.50 -27.17 22.88
C PRO H 117 -27.76 -27.51 24.18
N GLU H 118 -27.63 -28.80 24.44
CA GLU H 118 -27.08 -29.34 25.67
C GLU H 118 -26.18 -30.52 25.35
N ILE H 119 -25.30 -30.82 26.29
CA ILE H 119 -24.54 -32.05 26.31
C ILE H 119 -24.90 -32.76 27.59
N ARG H 120 -25.35 -34.03 27.47
CA ARG H 120 -25.77 -34.84 28.61
C ARG H 120 -25.03 -36.18 28.65
N THR H 121 -24.77 -36.66 29.87
CA THR H 121 -24.23 -38.00 30.11
C THR H 121 -25.37 -39.02 30.07
N GLY H 122 -25.03 -40.31 30.16
CA GLY H 122 -26.02 -41.38 30.14
C GLY H 122 -26.44 -41.79 31.54
N LEU H 123 -26.97 -43.01 31.65
CA LEU H 123 -27.44 -43.58 32.90
C LEU H 123 -26.33 -44.32 33.63
N ILE H 124 -26.11 -43.97 34.90
CA ILE H 124 -25.26 -44.78 35.78
C ILE H 124 -25.95 -46.13 35.96
N LYS H 125 -25.35 -47.21 35.47
CA LYS H 125 -25.85 -48.57 35.71
C LYS H 125 -27.34 -48.71 35.34
N GLY H 126 -27.75 -48.05 34.27
CA GLY H 126 -29.13 -48.13 33.78
C GLY H 126 -30.17 -47.44 34.63
N SER H 127 -29.79 -46.74 35.69
CA SER H 127 -30.72 -46.27 36.72
C SER H 127 -30.73 -44.74 36.77
N GLY H 128 -31.92 -44.15 36.72
CA GLY H 128 -32.01 -42.69 36.87
C GLY H 128 -31.52 -42.17 38.21
N THR H 129 -31.57 -43.01 39.25
CA THR H 129 -31.24 -42.60 40.63
C THR H 129 -29.89 -43.12 41.15
N ALA H 130 -29.17 -43.92 40.38
CA ALA H 130 -27.88 -44.42 40.88
C ALA H 130 -26.77 -43.36 40.78
N GLU H 131 -25.75 -43.51 41.64
CA GLU H 131 -24.59 -42.61 41.66
C GLU H 131 -23.31 -43.39 41.86
N VAL H 132 -22.19 -42.85 41.37
CA VAL H 132 -20.88 -43.39 41.68
C VAL H 132 -20.00 -42.25 42.20
N GLU H 133 -19.07 -42.59 43.09
CA GLU H 133 -18.11 -41.62 43.58
C GLU H 133 -16.92 -41.54 42.63
N LEU H 134 -16.62 -40.34 42.13
CA LEU H 134 -15.41 -40.12 41.38
C LEU H 134 -14.36 -39.55 42.33
N LYS H 135 -13.18 -40.18 42.36
CA LYS H 135 -12.10 -39.79 43.28
C LYS H 135 -11.03 -38.97 42.56
N LYS H 136 -10.60 -37.88 43.19
CA LYS H 136 -9.51 -37.05 42.66
C LYS H 136 -8.30 -37.93 42.32
N GLY H 137 -7.82 -37.82 41.08
CA GLY H 137 -6.69 -38.60 40.61
C GLY H 137 -7.05 -39.90 39.92
N ALA H 138 -8.28 -40.38 40.08
CA ALA H 138 -8.71 -41.58 39.38
C ALA H 138 -8.78 -41.35 37.89
N THR H 139 -8.82 -42.44 37.15
CA THR H 139 -8.95 -42.40 35.70
C THR H 139 -10.42 -42.64 35.33
N LEU H 140 -10.90 -41.89 34.33
CA LEU H 140 -12.26 -42.03 33.84
C LEU H 140 -12.24 -41.86 32.33
N LYS H 141 -12.81 -42.83 31.64
CA LYS H 141 -12.84 -42.84 30.19
C LYS H 141 -14.21 -42.35 29.72
N ILE H 142 -14.20 -41.36 28.83
CA ILE H 142 -15.41 -40.88 28.17
C ILE H 142 -15.52 -41.60 26.84
N THR H 143 -16.70 -42.13 26.52
CA THR H 143 -16.89 -42.85 25.29
C THR H 143 -18.12 -42.32 24.59
N LEU H 144 -18.14 -42.46 23.26
CA LEU H 144 -19.31 -42.15 22.46
C LEU H 144 -20.03 -43.40 22.00
N ASP H 145 -19.47 -44.57 22.28
CA ASP H 145 -20.06 -45.85 21.92
C ASP H 145 -21.42 -46.04 22.57
N ASN H 146 -22.48 -45.92 21.78
CA ASN H 146 -23.83 -46.04 22.30
C ASN H 146 -24.05 -47.34 23.07
N ALA H 147 -23.16 -48.32 22.93
CA ALA H 147 -23.30 -49.53 23.74
C ALA H 147 -23.24 -49.20 25.21
N TYR H 148 -22.57 -48.13 25.60
CA TYR H 148 -22.42 -47.81 27.00
C TYR H 148 -23.37 -46.75 27.49
N MET H 149 -24.35 -46.36 26.68
CA MET H 149 -25.14 -45.20 27.07
C MET H 149 -26.01 -45.47 28.29
N GLU H 150 -26.25 -46.74 28.62
CA GLU H 150 -26.97 -47.05 29.84
C GLU H 150 -26.10 -47.81 30.82
N LYS H 151 -24.79 -47.75 30.60
CA LYS H 151 -23.84 -48.48 31.42
C LYS H 151 -22.72 -47.55 31.88
N CYS H 152 -23.07 -46.33 32.29
CA CYS H 152 -22.03 -45.45 32.81
C CYS H 152 -21.65 -45.88 34.23
N ASP H 153 -20.39 -45.69 34.59
CA ASP H 153 -19.98 -45.96 35.97
C ASP H 153 -18.70 -45.18 36.26
N GLU H 154 -18.03 -45.56 37.34
CA GLU H 154 -16.87 -44.76 37.68
C GLU H 154 -15.69 -45.00 36.73
N ASN H 155 -15.82 -45.92 35.79
CA ASN H 155 -14.77 -46.18 34.81
C ASN H 155 -15.11 -45.70 33.41
N ILE H 156 -16.38 -45.77 33.00
CA ILE H 156 -16.81 -45.43 31.65
C ILE H 156 -17.98 -44.47 31.75
N LEU H 157 -17.86 -43.34 31.08
CA LEU H 157 -18.90 -42.33 31.04
C LEU H 157 -19.24 -42.06 29.58
N TRP H 158 -20.48 -42.38 29.20
CA TRP H 158 -20.96 -42.05 27.87
C TRP H 158 -21.64 -40.68 27.88
N LEU H 159 -21.51 -39.94 26.78
CA LEU H 159 -22.24 -38.69 26.63
C LEU H 159 -22.68 -38.54 25.17
N ASP H 160 -23.64 -37.63 24.93
CA ASP H 160 -24.43 -37.63 23.70
C ASP H 160 -23.93 -36.63 22.64
N TYR H 161 -22.75 -36.03 22.83
CA TYR H 161 -22.22 -35.03 21.90
C TYR H 161 -21.21 -35.73 20.99
N LYS H 162 -21.67 -36.15 19.80
CA LYS H 162 -20.85 -37.03 18.97
C LYS H 162 -19.59 -36.35 18.47
N ASN H 163 -19.54 -35.02 18.44
CA ASN H 163 -18.35 -34.32 17.95
C ASN H 163 -17.36 -33.94 19.04
N ILE H 164 -17.50 -34.47 20.26
CA ILE H 164 -16.67 -33.96 21.35
C ILE H 164 -15.19 -34.11 21.03
N CYS H 165 -14.80 -35.20 20.36
CA CYS H 165 -13.38 -35.40 20.12
C CYS H 165 -12.82 -34.43 19.07
N LYS H 166 -13.69 -33.77 18.29
CA LYS H 166 -13.21 -32.75 17.34
C LYS H 166 -12.95 -31.40 18.00
N VAL H 167 -13.50 -31.12 19.18
CA VAL H 167 -13.40 -29.78 19.75
C VAL H 167 -12.59 -29.71 21.04
N VAL H 168 -12.23 -30.83 21.65
CA VAL H 168 -11.35 -30.81 22.83
C VAL H 168 -10.05 -31.50 22.46
N ASP H 169 -9.03 -31.26 23.29
CA ASP H 169 -7.70 -31.81 23.08
C ASP H 169 -7.14 -32.28 24.42
N VAL H 170 -5.99 -32.95 24.35
CA VAL H 170 -5.22 -33.30 25.54
C VAL H 170 -4.95 -32.04 26.34
N GLY H 171 -5.18 -32.09 27.66
CA GLY H 171 -5.06 -30.92 28.50
C GLY H 171 -6.34 -30.10 28.63
N SER H 172 -7.32 -30.29 27.75
CA SER H 172 -8.63 -29.67 27.88
C SER H 172 -9.32 -30.16 29.15
N LYS H 173 -10.19 -29.32 29.72
CA LYS H 173 -11.05 -29.72 30.84
C LYS H 173 -12.42 -30.15 30.33
N VAL H 174 -13.03 -31.12 31.01
CA VAL H 174 -14.43 -31.50 30.82
C VAL H 174 -15.12 -31.36 32.18
N TYR H 175 -16.20 -30.58 32.23
CA TYR H 175 -16.93 -30.39 33.47
C TYR H 175 -18.26 -31.15 33.41
N VAL H 176 -18.66 -31.73 34.54
CA VAL H 176 -19.84 -32.59 34.60
C VAL H 176 -20.75 -32.12 35.74
N ASP H 177 -22.05 -32.00 35.45
CA ASP H 177 -23.08 -31.68 36.45
C ASP H 177 -22.88 -30.28 37.03
N ASP H 178 -23.02 -29.29 36.15
CA ASP H 178 -22.96 -27.90 36.53
C ASP H 178 -21.63 -27.57 37.21
N GLY H 179 -20.54 -28.10 36.67
CA GLY H 179 -19.22 -27.87 37.21
C GLY H 179 -18.91 -28.59 38.51
N LEU H 180 -19.80 -29.46 39.01
CA LEU H 180 -19.50 -30.23 40.23
C LEU H 180 -18.23 -31.06 40.08
N ILE H 181 -18.11 -31.78 38.98
CA ILE H 181 -16.96 -32.66 38.72
C ILE H 181 -16.13 -32.05 37.62
N SER H 182 -14.81 -32.12 37.74
CA SER H 182 -13.98 -31.68 36.63
C SER H 182 -12.95 -32.72 36.26
N LEU H 183 -12.72 -32.84 34.97
CA LEU H 183 -11.88 -33.87 34.39
C LEU H 183 -10.88 -33.21 33.45
N GLN H 184 -9.67 -33.75 33.43
CA GLN H 184 -8.62 -33.32 32.52
C GLN H 184 -8.37 -34.43 31.49
N VAL H 185 -8.46 -34.09 30.21
CA VAL H 185 -8.12 -35.05 29.15
C VAL H 185 -6.61 -35.32 29.20
N LYS H 186 -6.25 -36.58 29.47
CA LYS H 186 -4.88 -37.08 29.42
C LYS H 186 -4.54 -37.79 28.11
N GLN H 187 -5.51 -38.43 27.46
CA GLN H 187 -5.26 -39.07 26.18
C GLN H 187 -6.51 -38.97 25.34
N LYS H 188 -6.33 -38.89 24.03
CA LYS H 188 -7.45 -38.71 23.11
C LYS H 188 -7.36 -39.78 22.04
N GLY H 189 -8.49 -40.42 21.77
CA GLY H 189 -8.57 -41.37 20.69
C GLY H 189 -9.58 -40.85 19.71
N PRO H 190 -9.93 -41.68 18.72
CA PRO H 190 -10.87 -41.23 17.68
C PRO H 190 -12.28 -41.03 18.21
N ASP H 191 -12.69 -41.81 19.21
CA ASP H 191 -14.03 -41.72 19.76
C ASP H 191 -14.03 -41.87 21.28
N PHE H 192 -12.93 -41.57 21.93
CA PHE H 192 -12.91 -41.65 23.38
C PHE H 192 -11.89 -40.65 23.91
N LEU H 193 -12.04 -40.33 25.20
CA LEU H 193 -11.11 -39.52 25.95
C LEU H 193 -10.77 -40.26 27.23
N VAL H 194 -9.49 -40.46 27.50
CA VAL H 194 -9.03 -40.86 28.81
C VAL H 194 -8.80 -39.60 29.63
N THR H 195 -9.51 -39.48 30.75
CA THR H 195 -9.38 -38.28 31.57
C THR H 195 -8.88 -38.66 32.96
N GLU H 196 -8.36 -37.69 33.67
CA GLU H 196 -8.10 -37.84 35.09
C GLU H 196 -9.03 -36.91 35.89
N VAL H 197 -9.53 -37.40 37.01
CA VAL H 197 -10.44 -36.62 37.86
C VAL H 197 -9.64 -35.56 38.63
N GLU H 198 -9.93 -34.30 38.36
CA GLU H 198 -9.33 -33.22 39.14
C GLU H 198 -10.19 -32.90 40.37
N ASN H 199 -11.47 -32.63 40.18
CA ASN H 199 -12.42 -32.40 41.28
C ASN H 199 -13.42 -33.54 41.23
N GLY H 200 -13.43 -34.36 42.28
CA GLY H 200 -14.32 -35.50 42.34
C GLY H 200 -15.65 -35.15 42.99
N GLY H 201 -16.45 -36.18 43.19
CA GLY H 201 -17.81 -36.00 43.64
C GLY H 201 -18.60 -37.23 43.24
N PHE H 202 -19.87 -37.21 43.59
CA PHE H 202 -20.79 -38.27 43.22
C PHE H 202 -21.42 -37.91 41.87
N LEU H 203 -21.21 -38.78 40.89
CA LEU H 203 -21.73 -38.60 39.54
C LEU H 203 -23.03 -39.37 39.42
N GLY H 204 -24.11 -38.67 39.03
CA GLY H 204 -25.39 -39.27 38.79
C GLY H 204 -25.67 -39.45 37.31
N SER H 205 -26.94 -39.68 37.00
CA SER H 205 -27.35 -39.97 35.62
C SER H 205 -27.76 -38.71 34.85
N LYS H 206 -27.54 -38.74 33.54
CA LYS H 206 -28.05 -37.69 32.65
C LYS H 206 -27.70 -36.29 33.14
N LYS H 207 -26.41 -36.03 33.36
CA LYS H 207 -25.99 -34.73 33.88
C LYS H 207 -25.45 -33.84 32.78
N GLY H 208 -25.49 -32.52 33.01
CA GLY H 208 -25.01 -31.58 32.01
C GLY H 208 -23.49 -31.63 31.89
N VAL H 209 -23.00 -31.36 30.68
CA VAL H 209 -21.55 -31.33 30.47
C VAL H 209 -21.18 -29.96 29.88
N ASN H 210 -20.08 -29.40 30.36
CA ASN H 210 -19.54 -28.13 29.88
C ASN H 210 -18.11 -28.35 29.42
N LEU H 211 -17.73 -27.67 28.33
CA LEU H 211 -16.42 -27.80 27.70
C LEU H 211 -15.72 -26.44 27.73
N PRO H 212 -15.11 -26.08 28.86
CA PRO H 212 -14.44 -24.77 28.97
C PRO H 212 -13.45 -24.53 27.84
N GLY H 213 -13.60 -23.38 27.19
CA GLY H 213 -12.71 -23.01 26.12
C GLY H 213 -12.95 -23.65 24.77
N ALA H 214 -13.90 -24.57 24.64
CA ALA H 214 -14.08 -25.26 23.37
C ALA H 214 -14.98 -24.45 22.44
N ALA H 215 -14.76 -24.62 21.13
CA ALA H 215 -15.72 -24.14 20.11
C ALA H 215 -16.73 -25.27 19.84
N VAL H 216 -17.74 -25.34 20.69
CA VAL H 216 -18.76 -26.37 20.59
C VAL H 216 -19.55 -26.10 19.33
N ASP H 217 -19.67 -27.12 18.46
CA ASP H 217 -20.31 -26.93 17.17
C ASP H 217 -21.75 -27.48 17.15
N LEU H 218 -22.40 -27.56 18.31
CA LEU H 218 -23.83 -27.87 18.37
C LEU H 218 -24.61 -26.83 17.57
N PRO H 219 -25.73 -27.22 16.98
CA PRO H 219 -26.55 -26.25 16.25
C PRO H 219 -26.96 -25.07 17.12
N ALA H 220 -27.27 -23.96 16.46
CA ALA H 220 -27.72 -22.76 17.17
C ALA H 220 -29.00 -23.03 17.97
N VAL H 221 -29.90 -23.83 17.42
CA VAL H 221 -31.16 -24.18 18.08
C VAL H 221 -31.33 -25.69 18.02
N SER H 222 -31.85 -26.27 19.10
CA SER H 222 -32.28 -27.66 19.09
C SER H 222 -33.65 -27.78 18.40
N GLU H 223 -34.06 -29.03 18.17
CA GLU H 223 -35.39 -29.26 17.63
C GLU H 223 -36.45 -28.84 18.62
N LYS H 224 -36.20 -29.04 19.93
CA LYS H 224 -37.16 -28.50 20.90
C LYS H 224 -37.26 -26.99 20.79
N ASP H 225 -36.12 -26.30 20.67
CA ASP H 225 -36.12 -24.84 20.52
C ASP H 225 -36.94 -24.42 19.33
N ILE H 226 -36.80 -25.12 18.19
CA ILE H 226 -37.57 -24.71 17.02
C ILE H 226 -39.07 -24.77 17.30
N GLN H 227 -39.53 -25.84 17.95
CA GLN H 227 -40.96 -25.90 18.30
C GLN H 227 -41.34 -24.85 19.34
N ASP H 228 -40.47 -24.63 20.34
CA ASP H 228 -40.72 -23.61 21.36
C ASP H 228 -40.82 -22.22 20.76
N LEU H 229 -39.94 -21.92 19.80
CA LEU H 229 -39.92 -20.60 19.18
C LEU H 229 -41.22 -20.37 18.40
N LYS H 230 -41.70 -21.39 17.68
CA LYS H 230 -42.95 -21.26 16.94
C LYS H 230 -44.12 -21.13 17.90
N PHE H 231 -44.07 -21.89 19.00
CA PHE H 231 -45.04 -21.71 20.07
C PHE H 231 -45.02 -20.27 20.60
N GLY H 232 -43.83 -19.74 20.86
CA GLY H 232 -43.74 -18.36 21.33
C GLY H 232 -44.34 -17.35 20.35
N VAL H 233 -44.21 -17.60 19.04
CA VAL H 233 -44.86 -16.71 18.10
C VAL H 233 -46.36 -16.81 18.22
N GLU H 234 -46.90 -18.02 18.41
CA GLU H 234 -48.34 -18.20 18.60
C GLU H 234 -48.80 -17.56 19.91
N GLN H 235 -47.95 -17.56 20.92
CA GLN H 235 -48.31 -16.97 22.20
C GLN H 235 -48.09 -15.46 22.23
N ASP H 236 -47.64 -14.86 21.12
CA ASP H 236 -47.39 -13.42 21.02
C ASP H 236 -46.37 -12.91 22.06
N VAL H 237 -45.28 -13.66 22.28
CA VAL H 237 -44.27 -13.19 23.25
C VAL H 237 -43.60 -11.93 22.71
N ASP H 238 -43.03 -11.13 23.62
CA ASP H 238 -42.42 -9.88 23.24
C ASP H 238 -40.95 -10.01 22.90
N MET H 239 -40.29 -11.03 23.41
CA MET H 239 -38.85 -11.18 23.28
C MET H 239 -38.46 -12.62 23.59
N VAL H 240 -37.31 -13.00 23.06
CA VAL H 240 -36.76 -14.33 23.22
C VAL H 240 -35.37 -14.16 23.84
N PHE H 241 -35.09 -14.89 24.94
CA PHE H 241 -33.74 -14.96 25.49
C PHE H 241 -33.10 -16.22 24.90
N ALA H 242 -32.18 -16.05 23.95
CA ALA H 242 -31.65 -17.15 23.13
C ALA H 242 -30.41 -17.74 23.79
N SER H 243 -30.49 -19.03 24.12
CA SER H 243 -29.46 -19.68 24.91
C SER H 243 -28.19 -19.93 24.10
N PHE H 244 -27.05 -19.81 24.78
CA PHE H 244 -25.80 -20.41 24.36
C PHE H 244 -25.31 -19.82 23.03
N ILE H 245 -25.39 -18.50 22.92
CA ILE H 245 -25.08 -17.85 21.65
C ILE H 245 -23.58 -17.65 21.53
N ARG H 246 -22.99 -18.22 20.47
CA ARG H 246 -21.55 -18.25 20.31
C ARG H 246 -21.05 -17.39 19.16
N LYS H 247 -21.93 -16.97 18.26
CA LYS H 247 -21.46 -16.24 17.08
C LYS H 247 -22.68 -15.59 16.45
N ALA H 248 -22.43 -14.63 15.54
CA ALA H 248 -23.54 -13.95 14.86
C ALA H 248 -24.42 -14.96 14.10
N ALA H 249 -23.82 -16.01 13.51
CA ALA H 249 -24.61 -17.02 12.79
C ALA H 249 -25.69 -17.65 13.70
N ASP H 250 -25.42 -17.84 14.99
CA ASP H 250 -26.46 -18.41 15.85
C ASP H 250 -27.67 -17.47 15.98
N VAL H 251 -27.39 -16.18 16.11
CA VAL H 251 -28.47 -15.19 16.18
C VAL H 251 -29.28 -15.21 14.90
N HIS H 252 -28.62 -15.29 13.74
CA HIS H 252 -29.35 -15.24 12.49
C HIS H 252 -30.28 -16.43 12.36
N GLU H 253 -29.84 -17.58 12.86
CA GLU H 253 -30.68 -18.76 12.84
C GLU H 253 -31.93 -18.56 13.71
N VAL H 254 -31.76 -17.98 14.91
CA VAL H 254 -32.95 -17.75 15.72
C VAL H 254 -33.89 -16.81 14.99
N ARG H 255 -33.34 -15.77 14.36
CA ARG H 255 -34.13 -14.82 13.60
C ARG H 255 -34.85 -15.50 12.42
N LYS H 256 -34.17 -16.43 11.75
CA LYS H 256 -34.77 -17.22 10.69
C LYS H 256 -35.98 -18.02 11.18
N ILE H 257 -35.82 -18.73 12.30
CA ILE H 257 -36.94 -19.52 12.82
C ILE H 257 -38.11 -18.62 13.18
N LEU H 258 -37.83 -17.49 13.85
CA LEU H 258 -38.95 -16.61 14.19
C LEU H 258 -39.63 -16.12 12.92
N GLY H 259 -38.86 -15.95 11.84
CA GLY H 259 -39.39 -15.67 10.51
C GLY H 259 -40.14 -14.35 10.37
N GLU H 260 -40.98 -14.31 9.34
CA GLU H 260 -41.71 -13.10 9.01
C GLU H 260 -42.71 -12.76 10.12
N LYS H 261 -43.46 -13.77 10.58
CA LYS H 261 -44.45 -13.52 11.62
C LYS H 261 -43.80 -13.04 12.91
N GLY H 262 -42.59 -13.51 13.21
CA GLY H 262 -41.94 -13.14 14.47
C GLY H 262 -40.94 -12.01 14.31
N LYS H 263 -41.04 -11.22 13.22
CA LYS H 263 -39.96 -10.29 12.92
C LYS H 263 -39.87 -9.16 13.92
N ASN H 264 -40.95 -8.87 14.66
CA ASN H 264 -40.88 -7.79 15.64
C ASN H 264 -40.52 -8.26 17.03
N ILE H 265 -40.32 -9.56 17.23
CA ILE H 265 -39.91 -10.09 18.54
C ILE H 265 -38.43 -9.80 18.78
N LYS H 266 -38.09 -9.26 19.95
CA LYS H 266 -36.69 -8.94 20.23
C LYS H 266 -35.91 -10.20 20.57
N ILE H 267 -34.70 -10.31 20.02
CA ILE H 267 -33.80 -11.42 20.30
C ILE H 267 -32.70 -10.92 21.23
N ILE H 268 -32.67 -11.49 22.43
CA ILE H 268 -31.67 -11.16 23.43
C ILE H 268 -30.74 -12.34 23.50
N SER H 269 -29.47 -12.16 23.13
CA SER H 269 -28.54 -13.29 23.11
C SER H 269 -27.95 -13.49 24.51
N LYS H 270 -28.04 -14.72 25.00
CA LYS H 270 -27.43 -15.11 26.28
C LYS H 270 -25.97 -15.48 26.04
N ILE H 271 -25.06 -14.73 26.69
CA ILE H 271 -23.64 -15.01 26.63
C ILE H 271 -23.32 -15.96 27.79
N GLU H 272 -22.91 -17.18 27.46
CA GLU H 272 -22.77 -18.24 28.44
C GLU H 272 -21.44 -18.99 28.44
N ASN H 273 -20.51 -18.70 27.52
CA ASN H 273 -19.29 -19.51 27.48
C ASN H 273 -18.14 -18.68 26.91
N HIS H 274 -16.93 -19.27 26.87
CA HIS H 274 -15.76 -18.51 26.39
C HIS H 274 -16.00 -17.99 24.96
N GLU H 275 -16.36 -18.87 24.02
CA GLU H 275 -16.51 -18.42 22.63
C GLU H 275 -17.42 -17.18 22.54
N GLY H 276 -18.57 -17.21 23.21
CA GLY H 276 -19.48 -16.07 23.16
C GLY H 276 -18.87 -14.77 23.68
N VAL H 277 -18.05 -14.85 24.73
CA VAL H 277 -17.33 -13.66 25.19
C VAL H 277 -16.33 -13.22 24.13
N ARG H 278 -15.55 -14.16 23.59
CA ARG H 278 -14.53 -13.82 22.60
C ARG H 278 -15.14 -13.27 21.33
N ARG H 279 -16.31 -13.77 20.93
CA ARG H 279 -16.93 -13.26 19.73
C ARG H 279 -18.03 -12.25 20.04
N PHE H 280 -17.96 -11.63 21.22
CA PHE H 280 -19.06 -10.78 21.66
C PHE H 280 -19.44 -9.73 20.63
N ASP H 281 -18.45 -9.09 19.99
CA ASP H 281 -18.75 -7.93 19.16
C ASP H 281 -19.66 -8.30 18.01
N GLU H 282 -19.41 -9.45 17.34
CA GLU H 282 -20.28 -9.83 16.23
C GLU H 282 -21.65 -10.31 16.75
N ILE H 283 -21.70 -10.87 17.95
CA ILE H 283 -22.99 -11.23 18.52
C ILE H 283 -23.81 -9.98 18.81
N LEU H 284 -23.20 -8.97 19.44
CA LEU H 284 -23.93 -7.73 19.74
C LEU H 284 -24.52 -7.12 18.47
N GLU H 285 -23.71 -6.98 17.42
CA GLU H 285 -24.19 -6.33 16.19
C GLU H 285 -25.45 -7.02 15.64
N ALA H 286 -25.50 -8.36 15.71
CA ALA H 286 -26.62 -9.12 15.18
C ALA H 286 -27.83 -9.21 16.14
N SER H 287 -27.66 -8.86 17.41
CA SER H 287 -28.72 -9.05 18.42
C SER H 287 -29.48 -7.75 18.71
N ASP H 288 -30.67 -7.91 19.29
CA ASP H 288 -31.39 -6.76 19.83
C ASP H 288 -30.94 -6.42 21.24
N GLY H 289 -30.21 -7.31 21.91
CA GLY H 289 -29.77 -7.05 23.27
C GLY H 289 -29.07 -8.30 23.77
N ILE H 290 -28.60 -8.23 25.02
CA ILE H 290 -27.71 -9.26 25.55
C ILE H 290 -28.15 -9.63 26.95
N MET H 291 -27.98 -10.90 27.33
CA MET H 291 -28.06 -11.25 28.74
C MET H 291 -26.69 -11.78 29.18
N VAL H 292 -26.13 -11.20 30.26
CA VAL H 292 -24.92 -11.76 30.89
C VAL H 292 -25.42 -12.92 31.76
N ALA H 293 -25.27 -14.15 31.25
CA ALA H 293 -25.86 -15.34 31.87
C ALA H 293 -24.79 -15.92 32.81
N ARG H 294 -24.66 -15.27 33.97
CA ARG H 294 -23.52 -15.48 34.87
C ARG H 294 -23.45 -16.90 35.41
N GLY H 295 -24.58 -17.58 35.55
CA GLY H 295 -24.56 -18.93 36.08
C GLY H 295 -23.69 -19.85 35.24
N ASP H 296 -24.14 -20.09 34.01
CA ASP H 296 -23.44 -20.99 33.10
C ASP H 296 -22.09 -20.42 32.69
N LEU H 297 -21.99 -19.09 32.54
CA LEU H 297 -20.69 -18.48 32.26
C LEU H 297 -19.67 -18.83 33.35
N GLY H 298 -20.08 -18.76 34.63
CA GLY H 298 -19.20 -19.12 35.73
C GLY H 298 -18.92 -20.61 35.84
N ILE H 299 -19.64 -21.45 35.11
CA ILE H 299 -19.21 -22.84 34.99
C ILE H 299 -18.17 -22.94 33.89
N GLU H 300 -18.39 -22.21 32.80
CA GLU H 300 -17.55 -22.32 31.62
C GLU H 300 -16.21 -21.65 31.84
N ILE H 301 -16.19 -20.49 32.48
CA ILE H 301 -14.92 -19.77 32.68
C ILE H 301 -14.67 -19.72 34.18
N PRO H 302 -13.42 -19.50 34.59
CA PRO H 302 -13.15 -19.45 36.03
C PRO H 302 -14.06 -18.40 36.68
N ALA H 303 -14.71 -18.79 37.78
CA ALA H 303 -15.67 -17.91 38.44
C ALA H 303 -15.07 -16.55 38.79
N GLU H 304 -13.78 -16.49 39.10
CA GLU H 304 -13.23 -15.22 39.51
C GLU H 304 -13.08 -14.27 38.33
N LYS H 305 -13.35 -14.73 37.10
CA LYS H 305 -13.29 -13.88 35.91
C LYS H 305 -14.65 -13.34 35.48
N VAL H 306 -15.74 -13.83 36.08
CA VAL H 306 -17.06 -13.46 35.58
C VAL H 306 -17.27 -11.94 35.64
N PHE H 307 -16.78 -11.27 36.70
CA PHE H 307 -17.03 -9.83 36.80
C PHE H 307 -16.36 -9.07 35.67
N LEU H 308 -15.23 -9.58 35.14
CA LEU H 308 -14.61 -8.97 33.97
C LEU H 308 -15.54 -9.01 32.76
N ALA H 309 -16.11 -10.19 32.49
CA ALA H 309 -17.01 -10.32 31.34
C ALA H 309 -18.26 -9.48 31.54
N GLN H 310 -18.82 -9.47 32.77
CA GLN H 310 -20.01 -8.65 33.04
C GLN H 310 -19.74 -7.18 32.73
N LYS H 311 -18.65 -6.62 33.27
CA LYS H 311 -18.43 -5.18 33.09
C LYS H 311 -18.08 -4.87 31.63
N MET H 312 -17.35 -5.76 30.96
CA MET H 312 -17.06 -5.57 29.54
C MET H 312 -18.35 -5.59 28.70
N ILE H 313 -19.16 -6.61 28.92
CA ILE H 313 -20.35 -6.75 28.10
C ILE H 313 -21.31 -5.58 28.32
N ILE H 314 -21.52 -5.21 29.60
CA ILE H 314 -22.45 -4.11 29.89
C ILE H 314 -21.91 -2.83 29.29
N GLY H 315 -20.60 -2.59 29.44
CA GLY H 315 -20.01 -1.39 28.84
C GLY H 315 -20.22 -1.33 27.33
N ARG H 316 -20.00 -2.46 26.65
CA ARG H 316 -20.10 -2.42 25.18
C ARG H 316 -21.54 -2.36 24.72
N CYS H 317 -22.46 -2.93 25.50
CA CYS H 317 -23.88 -2.72 25.20
C CYS H 317 -24.26 -1.27 25.42
N ASN H 318 -23.79 -0.68 26.53
CA ASN H 318 -24.07 0.75 26.76
C ASN H 318 -23.59 1.57 25.57
N ARG H 319 -22.37 1.27 25.07
CA ARG H 319 -21.82 2.02 23.94
C ARG H 319 -22.73 1.92 22.71
N ALA H 320 -23.32 0.75 22.48
CA ALA H 320 -24.14 0.57 21.29
C ALA H 320 -25.57 1.03 21.48
N GLY H 321 -25.98 1.35 22.72
CA GLY H 321 -27.41 1.61 22.94
C GLY H 321 -28.28 0.37 22.84
N LYS H 322 -27.73 -0.79 23.12
CA LYS H 322 -28.55 -1.98 23.06
C LYS H 322 -28.76 -2.55 24.47
N PRO H 323 -29.98 -3.02 24.76
CA PRO H 323 -30.34 -3.44 26.12
C PRO H 323 -29.43 -4.54 26.66
N VAL H 324 -29.14 -4.47 27.95
CA VAL H 324 -28.33 -5.53 28.56
C VAL H 324 -28.91 -5.89 29.92
N ILE H 325 -29.00 -7.19 30.19
CA ILE H 325 -29.56 -7.76 31.41
C ILE H 325 -28.43 -8.37 32.21
N CYS H 326 -28.38 -8.07 33.50
CA CYS H 326 -27.53 -8.83 34.42
C CYS H 326 -28.38 -9.90 35.10
N ALA H 327 -27.91 -11.15 35.09
CA ALA H 327 -28.73 -12.27 35.51
C ALA H 327 -27.97 -13.19 36.46
N THR H 328 -28.73 -13.80 37.38
CA THR H 328 -28.45 -15.06 38.05
C THR H 328 -27.76 -14.90 39.40
N GLN H 329 -28.42 -15.44 40.44
CA GLN H 329 -27.92 -15.47 41.83
C GLN H 329 -27.71 -14.07 42.42
N MET H 330 -28.39 -13.07 41.86
CA MET H 330 -28.28 -11.72 42.36
C MET H 330 -28.76 -11.63 43.82
N LEU H 331 -29.87 -12.27 44.16
CA LEU H 331 -30.38 -12.33 45.53
C LEU H 331 -30.59 -13.78 45.98
N GLU H 332 -29.61 -14.65 45.69
CA GLU H 332 -29.78 -16.10 45.81
C GLU H 332 -30.30 -16.54 47.17
N SER H 333 -29.67 -16.06 48.26
CA SER H 333 -30.08 -16.51 49.59
C SER H 333 -31.56 -16.22 49.90
N MET H 334 -32.21 -15.34 49.14
CA MET H 334 -33.62 -15.04 49.39
C MET H 334 -34.55 -16.12 48.86
N ILE H 335 -34.00 -17.17 48.23
CA ILE H 335 -34.77 -18.39 47.99
C ILE H 335 -35.31 -18.94 49.31
N LYS H 336 -34.52 -18.81 50.39
CA LYS H 336 -34.91 -19.33 51.69
C LYS H 336 -35.00 -18.27 52.80
N LYS H 337 -34.55 -17.04 52.56
CA LYS H 337 -34.50 -16.05 53.63
C LYS H 337 -35.17 -14.75 53.20
N PRO H 338 -35.89 -14.08 54.12
CA PRO H 338 -36.62 -12.87 53.74
C PRO H 338 -35.74 -11.64 53.55
N ARG H 339 -34.45 -11.70 53.86
CA ARG H 339 -33.53 -10.60 53.64
C ARG H 339 -32.31 -11.15 52.94
N PRO H 340 -31.66 -10.36 52.09
CA PRO H 340 -30.49 -10.85 51.35
C PRO H 340 -29.20 -10.67 52.15
N THR H 341 -28.11 -11.28 51.65
CA THR H 341 -26.82 -11.09 52.26
C THR H 341 -26.23 -9.74 51.86
N ARG H 342 -25.13 -9.35 52.53
CA ARG H 342 -24.49 -8.07 52.15
C ARG H 342 -23.84 -8.15 50.77
N ALA H 343 -23.29 -9.30 50.41
CA ALA H 343 -22.76 -9.49 49.05
C ALA H 343 -23.84 -9.34 48.00
N GLU H 344 -25.05 -9.80 48.30
CA GLU H 344 -26.13 -9.71 47.34
C GLU H 344 -26.58 -8.26 47.17
N GLY H 345 -26.70 -7.51 48.26
CA GLY H 345 -27.07 -6.10 48.10
C GLY H 345 -26.04 -5.37 47.27
N SER H 346 -24.78 -5.66 47.52
CA SER H 346 -23.69 -5.08 46.78
C SER H 346 -23.72 -5.49 45.30
N ASP H 347 -24.03 -6.76 45.03
CA ASP H 347 -24.05 -7.21 43.65
C ASP H 347 -25.10 -6.47 42.82
N VAL H 348 -26.31 -6.33 43.36
CA VAL H 348 -27.37 -5.64 42.64
C VAL H 348 -26.96 -4.19 42.38
N ALA H 349 -26.51 -3.51 43.42
CA ALA H 349 -26.10 -2.11 43.29
C ALA H 349 -24.97 -1.97 42.26
N ASN H 350 -23.97 -2.86 42.28
CA ASN H 350 -22.88 -2.69 41.33
C ASN H 350 -23.31 -3.02 39.89
N ALA H 351 -24.29 -3.92 39.69
CA ALA H 351 -24.81 -4.16 38.34
C ALA H 351 -25.48 -2.90 37.79
N VAL H 352 -26.27 -2.22 38.61
CA VAL H 352 -26.86 -0.95 38.18
C VAL H 352 -25.78 0.09 37.92
N LEU H 353 -24.78 0.21 38.82
CA LEU H 353 -23.72 1.16 38.53
C LEU H 353 -22.97 0.77 37.26
N ASP H 354 -22.84 -0.54 36.99
CA ASP H 354 -22.10 -0.96 35.80
C ASP H 354 -22.77 -0.44 34.54
N GLY H 355 -24.10 -0.23 34.59
CA GLY H 355 -24.83 0.17 33.41
C GLY H 355 -25.94 -0.76 32.96
N ALA H 356 -26.32 -1.77 33.75
CA ALA H 356 -27.30 -2.73 33.23
C ALA H 356 -28.69 -2.10 33.06
N ASP H 357 -29.31 -2.33 31.91
CA ASP H 357 -30.67 -1.84 31.72
C ASP H 357 -31.65 -2.57 32.62
N CYS H 358 -31.45 -3.89 32.78
CA CYS H 358 -32.36 -4.73 33.54
C CYS H 358 -31.57 -5.60 34.48
N ILE H 359 -32.23 -6.01 35.55
CA ILE H 359 -31.69 -7.01 36.46
C ILE H 359 -32.74 -8.11 36.56
N MET H 360 -32.32 -9.29 37.01
CA MET H 360 -33.18 -10.45 36.85
C MET H 360 -33.14 -11.32 38.11
N LEU H 361 -34.25 -12.03 38.32
CA LEU H 361 -34.43 -13.02 39.37
C LEU H 361 -34.74 -14.38 38.72
N SER H 362 -34.12 -15.44 39.21
CA SER H 362 -34.40 -16.77 38.67
C SER H 362 -35.05 -17.59 39.78
N GLY H 363 -34.30 -18.45 40.48
CA GLY H 363 -34.87 -19.17 41.60
C GLY H 363 -35.63 -18.31 42.60
N GLU H 364 -35.15 -17.08 42.82
CA GLU H 364 -35.76 -16.23 43.86
C GLU H 364 -37.23 -15.98 43.61
N THR H 365 -37.65 -15.95 42.35
CA THR H 365 -39.07 -15.79 42.06
C THR H 365 -39.72 -17.05 41.51
N ALA H 366 -38.95 -17.97 40.89
CA ALA H 366 -39.54 -19.16 40.29
C ALA H 366 -39.94 -20.18 41.35
N LYS H 367 -39.12 -20.33 42.38
CA LYS H 367 -39.38 -21.40 43.34
C LYS H 367 -39.14 -21.04 44.80
N GLY H 368 -38.67 -19.82 45.13
CA GLY H 368 -38.31 -19.55 46.51
C GLY H 368 -39.49 -19.24 47.42
N ASP H 369 -39.18 -19.09 48.70
CA ASP H 369 -40.20 -18.79 49.70
C ASP H 369 -40.57 -17.32 49.76
N TYR H 370 -39.83 -16.45 49.08
CA TYR H 370 -39.98 -15.01 49.26
C TYR H 370 -39.93 -14.27 47.91
N PRO H 371 -40.73 -14.71 46.91
CA PRO H 371 -40.69 -14.02 45.61
C PRO H 371 -41.03 -12.53 45.69
N LEU H 372 -42.06 -12.15 46.44
CA LEU H 372 -42.44 -10.74 46.52
C LEU H 372 -41.33 -9.93 47.18
N GLU H 373 -40.78 -10.43 48.30
CA GLU H 373 -39.70 -9.72 48.99
C GLU H 373 -38.47 -9.57 48.09
N ALA H 374 -38.18 -10.57 47.25
CA ALA H 374 -37.02 -10.41 46.36
C ALA H 374 -37.26 -9.31 45.32
N VAL H 375 -38.43 -9.29 44.69
CA VAL H 375 -38.73 -8.22 43.75
C VAL H 375 -38.62 -6.86 44.45
N ARG H 376 -39.16 -6.77 45.67
CA ARG H 376 -39.17 -5.47 46.34
C ARG H 376 -37.76 -5.02 46.68
N MET H 377 -36.89 -5.97 46.99
CA MET H 377 -35.54 -5.58 47.34
C MET H 377 -34.72 -5.15 46.13
N GLN H 378 -34.95 -5.76 44.96
CA GLN H 378 -34.32 -5.28 43.75
C GLN H 378 -34.73 -3.84 43.44
N HIS H 379 -36.03 -3.56 43.53
CA HIS H 379 -36.54 -2.20 43.33
C HIS H 379 -35.85 -1.20 44.28
N LEU H 380 -35.70 -1.55 45.56
CA LEU H 380 -35.11 -0.61 46.52
C LEU H 380 -33.63 -0.36 46.22
N ILE H 381 -32.86 -1.43 46.02
CA ILE H 381 -31.44 -1.25 45.72
C ILE H 381 -31.26 -0.51 44.42
N ALA H 382 -32.03 -0.87 43.39
CA ALA H 382 -31.82 -0.25 42.08
C ALA H 382 -32.02 1.27 42.17
N ARG H 383 -33.07 1.71 42.87
CA ARG H 383 -33.29 3.15 43.01
C ARG H 383 -32.10 3.85 43.64
N GLU H 384 -31.53 3.28 44.70
CA GLU H 384 -30.38 3.89 45.37
C GLU H 384 -29.16 3.92 44.46
N ALA H 385 -28.89 2.83 43.77
CA ALA H 385 -27.69 2.82 42.93
C ALA H 385 -27.86 3.73 41.71
N GLU H 386 -29.10 3.90 41.22
CA GLU H 386 -29.31 4.76 40.05
C GLU H 386 -28.90 6.20 40.35
N ALA H 387 -29.27 6.71 41.52
CA ALA H 387 -28.84 8.06 41.88
C ALA H 387 -27.32 8.13 42.07
N ALA H 388 -26.70 7.05 42.55
CA ALA H 388 -25.26 7.03 42.78
C ALA H 388 -24.45 6.91 41.51
N MET H 389 -25.06 6.77 40.32
CA MET H 389 -24.25 6.84 39.10
C MET H 389 -23.61 8.21 38.96
N PHE H 390 -22.54 8.27 38.18
CA PHE H 390 -21.80 9.50 37.91
C PHE H 390 -22.18 10.01 36.52
N HIS H 391 -23.42 10.55 36.44
CA HIS H 391 -24.05 10.83 35.14
C HIS H 391 -23.23 11.78 34.28
N ARG H 392 -22.65 12.82 34.87
CA ARG H 392 -21.93 13.77 34.04
C ARG H 392 -20.78 13.09 33.30
N LYS H 393 -19.97 12.32 34.02
CA LYS H 393 -18.89 11.61 33.33
C LYS H 393 -19.45 10.55 32.39
N LEU H 394 -20.48 9.83 32.81
CA LEU H 394 -21.02 8.75 31.98
C LEU H 394 -21.50 9.31 30.66
N PHE H 395 -22.23 10.43 30.69
CA PHE H 395 -22.75 11.02 29.45
C PHE H 395 -21.61 11.47 28.54
N GLU H 396 -20.58 12.10 29.11
CA GLU H 396 -19.42 12.52 28.33
C GLU H 396 -18.73 11.32 27.66
N GLU H 397 -18.64 10.20 28.38
CA GLU H 397 -17.93 9.04 27.82
C GLU H 397 -18.79 8.29 26.81
N LEU H 398 -20.10 8.24 27.03
CA LEU H 398 -21.01 7.69 26.01
C LEU H 398 -20.99 8.54 24.76
N ALA H 399 -20.98 9.87 24.91
CA ALA H 399 -20.94 10.75 23.74
C ALA H 399 -19.64 10.58 22.96
N ARG H 400 -18.53 10.49 23.68
CA ARG H 400 -17.24 10.25 23.03
C ARG H 400 -17.25 8.94 22.24
N ALA H 401 -17.82 7.86 22.80
CA ALA H 401 -17.76 6.57 22.15
C ALA H 401 -18.60 6.51 20.87
N SER H 402 -19.68 7.28 20.79
CA SER H 402 -20.59 7.23 19.65
C SER H 402 -20.35 8.36 18.64
N SER H 403 -19.26 9.11 18.78
CA SER H 403 -19.10 10.37 18.04
C SER H 403 -18.89 10.19 16.54
N HIS H 404 -18.61 8.98 16.07
CA HIS H 404 -18.58 8.78 14.63
C HIS H 404 -19.98 8.80 14.01
N SER H 405 -21.03 8.51 14.79
CA SER H 405 -22.38 8.68 14.31
C SER H 405 -22.82 10.15 14.40
N THR H 406 -23.37 10.68 13.30
CA THR H 406 -24.00 11.99 13.30
C THR H 406 -25.52 11.87 13.26
N ASP H 407 -26.06 10.73 13.72
CA ASP H 407 -27.48 10.45 13.58
C ASP H 407 -28.38 11.54 14.21
N LEU H 408 -29.43 11.94 13.49
CA LEU H 408 -30.26 13.06 13.93
C LEU H 408 -30.99 12.75 15.23
N MET H 409 -31.51 11.53 15.38
CA MET H 409 -32.23 11.20 16.61
C MET H 409 -31.28 11.17 17.80
N GLU H 410 -30.06 10.63 17.63
CA GLU H 410 -29.05 10.75 18.68
C GLU H 410 -28.84 12.19 19.08
N ALA H 411 -28.81 13.10 18.10
CA ALA H 411 -28.54 14.50 18.41
C ALA H 411 -29.65 15.06 19.26
N MET H 412 -30.90 14.74 18.92
CA MET H 412 -32.03 15.17 19.73
C MET H 412 -31.94 14.58 21.13
N ALA H 413 -31.58 13.29 21.22
CA ALA H 413 -31.55 12.63 22.51
C ALA H 413 -30.47 13.23 23.40
N MET H 414 -29.26 13.39 22.84
CA MET H 414 -28.14 14.03 23.56
C MET H 414 -28.49 15.45 24.00
N GLY H 415 -29.04 16.27 23.08
CA GLY H 415 -29.48 17.60 23.49
C GLY H 415 -30.54 17.54 24.58
N SER H 416 -31.46 16.58 24.49
CA SER H 416 -32.56 16.51 25.46
C SER H 416 -32.05 16.06 26.83
N VAL H 417 -31.17 15.05 26.86
CA VAL H 417 -30.59 14.62 28.12
C VAL H 417 -29.74 15.74 28.72
N GLU H 418 -28.93 16.38 27.88
CA GLU H 418 -28.13 17.52 28.35
C GLU H 418 -29.02 18.59 29.00
N ALA H 419 -30.09 18.99 28.33
CA ALA H 419 -30.99 19.98 28.90
C ALA H 419 -31.56 19.48 30.23
N SER H 420 -31.89 18.18 30.29
CA SER H 420 -32.47 17.63 31.51
C SER H 420 -31.48 17.64 32.67
N TYR H 421 -30.19 17.54 32.37
CA TYR H 421 -29.18 17.66 33.43
C TYR H 421 -29.13 19.10 33.93
N LYS H 422 -29.01 20.04 32.99
CA LYS H 422 -28.80 21.44 33.32
C LYS H 422 -29.92 21.99 34.18
N CYS H 423 -31.20 21.74 33.81
CA CYS H 423 -32.31 22.29 34.59
C CYS H 423 -32.89 21.30 35.58
N LEU H 424 -32.23 20.18 35.84
CA LEU H 424 -32.77 19.18 36.79
C LEU H 424 -34.25 18.91 36.52
N ALA H 425 -34.55 18.66 35.25
CA ALA H 425 -35.92 18.30 34.88
C ALA H 425 -36.40 17.03 35.62
N ALA H 426 -37.69 16.99 35.89
CA ALA H 426 -38.24 15.86 36.62
C ALA H 426 -38.51 14.64 35.74
N ALA H 427 -38.53 14.79 34.41
CA ALA H 427 -38.83 13.67 33.51
C ALA H 427 -38.60 14.12 32.07
N LEU H 428 -38.45 13.15 31.18
CA LEU H 428 -38.53 13.40 29.74
C LEU H 428 -39.73 12.64 29.21
N ILE H 429 -40.58 13.33 28.47
CA ILE H 429 -41.77 12.75 27.85
C ILE H 429 -41.47 12.53 26.38
N VAL H 430 -41.67 11.32 25.89
CA VAL H 430 -41.25 10.96 24.53
C VAL H 430 -42.41 10.27 23.85
N LEU H 431 -42.81 10.79 22.72
CA LEU H 431 -43.92 10.21 22.00
C LEU H 431 -43.30 9.31 20.94
N THR H 432 -43.71 8.05 20.91
CA THR H 432 -43.02 7.14 20.03
C THR H 432 -43.98 6.03 19.62
N GLU H 433 -43.77 5.48 18.43
CA GLU H 433 -44.57 4.37 17.97
C GLU H 433 -43.74 3.10 17.83
N SER H 434 -42.53 3.19 17.30
CA SER H 434 -41.61 2.07 17.23
C SER H 434 -40.78 1.86 18.50
N GLY H 435 -40.71 2.86 19.41
CA GLY H 435 -39.81 2.85 20.54
C GLY H 435 -38.49 3.55 20.31
N ARG H 436 -38.12 3.75 19.05
CA ARG H 436 -36.75 4.14 18.70
C ARG H 436 -36.35 5.46 19.34
N SER H 437 -37.24 6.46 19.27
CA SER H 437 -36.92 7.78 19.84
C SER H 437 -36.66 7.68 21.34
N ALA H 438 -37.48 6.92 22.05
CA ALA H 438 -37.25 6.75 23.48
C ALA H 438 -36.01 5.89 23.75
N HIS H 439 -35.76 4.85 22.93
CA HIS H 439 -34.53 4.06 23.09
C HIS H 439 -33.29 4.95 23.00
N GLN H 440 -33.26 5.86 22.02
CA GLN H 440 -32.10 6.76 21.88
C GLN H 440 -31.97 7.68 23.09
N VAL H 441 -33.07 8.14 23.70
CA VAL H 441 -32.94 8.93 24.93
C VAL H 441 -32.39 8.08 26.07
N ALA H 442 -32.91 6.85 26.25
CA ALA H 442 -32.45 5.99 27.34
C ALA H 442 -30.94 5.70 27.23
N ARG H 443 -30.48 5.51 26.00
CA ARG H 443 -29.08 5.25 25.72
C ARG H 443 -28.15 6.30 26.36
N TYR H 444 -28.58 7.56 26.40
CA TYR H 444 -27.67 8.59 26.90
C TYR H 444 -27.85 8.88 28.39
N ARG H 445 -28.60 8.04 29.09
CA ARG H 445 -28.60 7.95 30.55
C ARG H 445 -28.94 9.25 31.30
N PRO H 446 -30.14 9.78 31.10
CA PRO H 446 -30.65 10.80 32.02
C PRO H 446 -30.85 10.21 33.41
N ARG H 447 -30.77 11.06 34.43
CA ARG H 447 -31.17 10.57 35.74
C ARG H 447 -32.67 10.57 35.89
N ALA H 448 -33.38 11.47 35.14
CA ALA H 448 -34.82 11.60 35.22
C ALA H 448 -35.52 10.46 34.46
N PRO H 449 -36.70 10.02 34.92
CA PRO H 449 -37.41 8.97 34.19
C PRO H 449 -37.84 9.46 32.81
N ILE H 450 -38.00 8.51 31.89
CA ILE H 450 -38.45 8.77 30.52
C ILE H 450 -39.85 8.18 30.38
N ILE H 451 -40.86 9.03 30.33
CA ILE H 451 -42.22 8.56 30.12
C ILE H 451 -42.46 8.47 28.61
N ALA H 452 -42.53 7.25 28.10
CA ALA H 452 -42.68 6.99 26.66
C ALA H 452 -44.14 6.65 26.40
N VAL H 453 -44.84 7.53 25.67
CA VAL H 453 -46.27 7.35 25.36
C VAL H 453 -46.37 6.74 23.98
N THR H 454 -47.11 5.64 23.87
CA THR H 454 -47.23 4.97 22.59
C THR H 454 -48.63 4.40 22.41
N ARG H 455 -49.06 4.28 21.16
CA ARG H 455 -50.28 3.54 20.88
C ARG H 455 -49.99 2.10 20.49
N ASN H 456 -48.72 1.74 20.34
CA ASN H 456 -48.32 0.37 19.98
C ASN H 456 -48.05 -0.43 21.26
N HIS H 457 -48.94 -1.40 21.55
CA HIS H 457 -48.87 -2.10 22.83
C HIS H 457 -47.59 -2.93 22.95
N GLN H 458 -47.13 -3.51 21.84
CA GLN H 458 -45.91 -4.28 21.91
C GLN H 458 -44.70 -3.38 22.13
N THR H 459 -44.72 -2.18 21.54
CA THR H 459 -43.63 -1.22 21.82
C THR H 459 -43.56 -0.92 23.30
N ALA H 460 -44.73 -0.74 23.93
CA ALA H 460 -44.79 -0.46 25.36
C ALA H 460 -44.22 -1.60 26.18
N ARG H 461 -44.54 -2.85 25.80
CA ARG H 461 -44.05 -3.97 26.60
C ARG H 461 -42.55 -4.17 26.42
N GLN H 462 -42.06 -3.94 25.20
CA GLN H 462 -40.64 -4.15 24.89
C GLN H 462 -39.77 -3.04 25.45
N ALA H 463 -40.35 -1.88 25.74
CA ALA H 463 -39.60 -0.74 26.23
C ALA H 463 -38.96 -1.02 27.58
N HIS H 464 -39.52 -1.99 28.33
CA HIS H 464 -38.96 -2.40 29.61
C HIS H 464 -37.54 -2.90 29.49
N LEU H 465 -37.09 -3.22 28.28
CA LEU H 465 -35.70 -3.66 28.14
C LEU H 465 -34.71 -2.51 28.34
N TYR H 466 -35.19 -1.26 28.35
CA TYR H 466 -34.32 -0.08 28.35
C TYR H 466 -34.33 0.65 29.69
N ARG H 467 -33.15 0.94 30.22
CA ARG H 467 -33.03 1.70 31.45
C ARG H 467 -33.86 2.97 31.36
N GLY H 468 -34.65 3.23 32.40
CA GLY H 468 -35.31 4.53 32.53
C GLY H 468 -36.58 4.73 31.70
N ILE H 469 -36.95 3.82 30.81
CA ILE H 469 -38.15 4.02 30.01
C ILE H 469 -39.35 3.48 30.78
N PHE H 470 -40.33 4.34 31.01
CA PHE H 470 -41.54 4.02 31.73
C PHE H 470 -42.67 4.06 30.69
N PRO H 471 -43.03 2.94 30.08
CA PRO H 471 -43.93 2.99 28.92
C PRO H 471 -45.37 3.22 29.34
N VAL H 472 -46.10 3.95 28.50
CA VAL H 472 -47.49 4.30 28.74
C VAL H 472 -48.26 4.03 27.47
N VAL H 473 -49.34 3.24 27.58
CA VAL H 473 -50.16 2.88 26.42
C VAL H 473 -51.24 3.92 26.26
N CYS H 474 -51.32 4.51 25.08
CA CYS H 474 -52.42 5.41 24.75
C CYS H 474 -53.51 4.62 24.04
N LYS H 475 -54.70 4.63 24.62
CA LYS H 475 -55.87 3.94 24.04
C LYS H 475 -56.85 4.90 23.40
N ASP H 476 -56.56 6.23 23.39
CA ASP H 476 -57.47 7.22 22.80
C ASP H 476 -57.39 7.18 21.27
N PRO H 477 -58.52 7.39 20.57
CA PRO H 477 -58.49 7.47 19.10
C PRO H 477 -57.57 8.56 18.60
N VAL H 478 -57.03 8.36 17.41
CA VAL H 478 -56.20 9.41 16.80
C VAL H 478 -57.06 10.64 16.54
N GLN H 479 -56.59 11.80 17.02
CA GLN H 479 -57.25 13.07 16.71
C GLN H 479 -56.91 13.52 15.30
N GLU H 480 -57.84 14.26 14.69
CA GLU H 480 -57.64 14.65 13.31
C GLU H 480 -56.60 15.77 13.20
N ALA H 481 -56.58 16.72 14.13
CA ALA H 481 -55.54 17.76 14.17
C ALA H 481 -54.28 17.22 14.87
N TRP H 482 -53.15 17.18 14.15
CA TRP H 482 -51.91 16.64 14.72
C TRP H 482 -51.56 17.31 16.05
N ALA H 483 -51.64 18.64 16.10
CA ALA H 483 -51.29 19.34 17.33
C ALA H 483 -52.13 18.85 18.49
N GLU H 484 -53.42 18.59 18.24
CA GLU H 484 -54.31 18.06 19.27
C GLU H 484 -53.94 16.64 19.66
N ASP H 485 -53.53 15.82 18.69
CA ASP H 485 -53.17 14.45 19.02
C ASP H 485 -51.89 14.41 19.87
N VAL H 486 -50.89 15.20 19.48
CA VAL H 486 -49.69 15.35 20.28
C VAL H 486 -50.02 15.82 21.69
N ASP H 487 -50.80 16.91 21.80
CA ASP H 487 -51.14 17.44 23.12
C ASP H 487 -51.85 16.40 23.97
N LEU H 488 -52.70 15.59 23.34
CA LEU H 488 -53.43 14.57 24.09
C LEU H 488 -52.47 13.59 24.77
N ARG H 489 -51.49 13.11 24.02
CA ARG H 489 -50.52 12.14 24.52
C ARG H 489 -49.62 12.76 25.58
N VAL H 490 -49.15 13.99 25.34
CA VAL H 490 -48.34 14.68 26.33
C VAL H 490 -49.11 14.82 27.64
N ASN H 491 -50.39 15.20 27.56
CA ASN H 491 -51.18 15.36 28.78
CA ASN H 491 -51.19 15.36 28.76
C ASN H 491 -51.38 14.04 29.51
N LEU H 492 -51.51 12.94 28.77
CA LEU H 492 -51.53 11.62 29.40
C LEU H 492 -50.25 11.38 30.19
N ALA H 493 -49.08 11.65 29.58
CA ALA H 493 -47.82 11.51 30.32
C ALA H 493 -47.83 12.41 31.55
N MET H 494 -48.37 13.62 31.41
CA MET H 494 -48.48 14.55 32.54
C MET H 494 -49.29 13.93 33.69
N ASN H 495 -50.43 13.33 33.35
CA ASN H 495 -51.27 12.72 34.39
C ASN H 495 -50.62 11.48 35.01
N VAL H 496 -49.96 10.64 34.20
CA VAL H 496 -49.23 9.50 34.73
C VAL H 496 -48.14 9.95 35.71
N GLY H 497 -47.36 10.94 35.32
CA GLY H 497 -46.25 11.34 36.17
C GLY H 497 -46.73 11.93 37.48
N LYS H 498 -47.83 12.71 37.42
CA LYS H 498 -48.42 13.24 38.64
C LYS H 498 -48.99 12.12 39.52
N ALA H 499 -49.77 11.20 38.93
CA ALA H 499 -50.34 10.12 39.75
C ALA H 499 -49.23 9.27 40.37
N ARG H 500 -48.13 9.05 39.66
CA ARG H 500 -47.08 8.20 40.22
C ARG H 500 -46.15 8.96 41.13
N GLY H 501 -46.31 10.28 41.26
CA GLY H 501 -45.41 11.03 42.11
C GLY H 501 -44.04 11.29 41.51
N PHE H 502 -43.88 11.14 40.18
CA PHE H 502 -42.65 11.56 39.52
C PHE H 502 -42.49 13.08 39.50
N PHE H 503 -43.62 13.82 39.49
CA PHE H 503 -43.54 15.27 39.51
C PHE H 503 -44.89 15.84 39.89
N LYS H 504 -44.92 17.17 40.07
CA LYS H 504 -46.14 17.85 40.45
C LYS H 504 -46.19 19.17 39.67
N LYS H 505 -47.39 19.76 39.66
CA LYS H 505 -47.63 21.02 38.97
C LYS H 505 -46.50 22.01 39.20
N GLY H 506 -45.95 22.56 38.11
CA GLY H 506 -44.91 23.56 38.21
C GLY H 506 -43.47 23.05 38.21
N ASP H 507 -43.25 21.73 38.32
CA ASP H 507 -41.95 21.16 37.96
C ASP H 507 -41.74 21.36 36.47
N VAL H 508 -40.49 21.16 36.02
CA VAL H 508 -40.14 21.29 34.61
C VAL H 508 -39.86 19.91 34.01
N VAL H 509 -40.33 19.67 32.76
CA VAL H 509 -40.04 18.43 32.07
C VAL H 509 -39.59 18.76 30.65
N ILE H 510 -38.82 17.83 30.06
CA ILE H 510 -38.41 17.88 28.65
C ILE H 510 -39.38 17.04 27.84
N VAL H 511 -39.85 17.58 26.71
CA VAL H 511 -40.89 16.92 25.90
C VAL H 511 -40.36 16.78 24.48
N LEU H 512 -40.32 15.53 23.98
CA LEU H 512 -39.83 15.16 22.65
C LEU H 512 -41.01 14.67 21.81
N THR H 513 -41.29 15.38 20.70
CA THR H 513 -42.42 15.07 19.82
C THR H 513 -41.95 15.20 18.36
N GLY H 514 -42.77 14.68 17.45
CA GLY H 514 -42.59 14.96 16.02
C GLY H 514 -43.26 16.28 15.65
N TRP H 515 -42.60 17.05 14.79
CA TRP H 515 -43.15 18.37 14.46
C TRP H 515 -44.42 18.22 13.62
N ARG H 516 -44.42 17.29 12.68
CA ARG H 516 -45.54 17.00 11.83
C ARG H 516 -45.82 15.51 11.89
N PRO H 517 -47.03 15.07 11.50
CA PRO H 517 -47.34 13.63 11.47
C PRO H 517 -46.26 12.79 10.83
N GLY H 518 -45.51 13.34 9.88
CA GLY H 518 -44.63 12.49 9.10
C GLY H 518 -43.15 12.65 9.41
N SER H 519 -42.82 13.30 10.54
CA SER H 519 -41.44 13.72 10.77
C SER H 519 -40.44 12.56 10.89
N GLY H 520 -40.88 11.33 11.25
CA GLY H 520 -39.99 10.16 11.31
C GLY H 520 -39.18 9.95 12.60
N PHE H 521 -39.15 10.91 13.51
CA PHE H 521 -38.50 10.76 14.82
C PHE H 521 -38.93 11.99 15.57
N THR H 522 -38.66 12.03 16.88
CA THR H 522 -39.00 13.22 17.65
C THR H 522 -37.94 14.28 17.33
N ASN H 523 -38.28 15.15 16.37
CA ASN H 523 -37.39 16.23 15.96
C ASN H 523 -37.66 17.54 16.70
N THR H 524 -38.51 17.51 17.73
CA THR H 524 -38.95 18.70 18.45
C THR H 524 -38.80 18.48 19.95
N MET H 525 -38.05 19.37 20.59
CA MET H 525 -37.76 19.32 22.02
CA MET H 525 -37.80 19.31 22.03
C MET H 525 -38.24 20.61 22.65
N ARG H 526 -38.98 20.50 23.76
CA ARG H 526 -39.44 21.66 24.50
C ARG H 526 -39.16 21.45 25.98
N VAL H 527 -38.73 22.50 26.66
CA VAL H 527 -38.81 22.51 28.12
C VAL H 527 -40.18 23.07 28.50
N VAL H 528 -40.91 22.36 29.35
CA VAL H 528 -42.34 22.60 29.59
C VAL H 528 -42.64 22.54 31.08
N PRO H 529 -43.46 23.45 31.62
CA PRO H 529 -43.87 23.32 33.04
C PRO H 529 -45.00 22.32 33.17
N VAL H 530 -44.95 21.52 34.23
CA VAL H 530 -46.04 20.56 34.46
C VAL H 530 -47.29 21.37 34.83
N PRO H 531 -48.42 21.19 34.12
CA PRO H 531 -49.68 21.87 34.44
C PRO H 531 -50.32 21.32 35.72
PB ADP I . 17.22 36.41 6.57
O1B ADP I . 15.82 36.57 7.01
O2B ADP I . 17.57 37.43 5.49
O3B ADP I . 17.60 34.99 6.31
PA ADP I . 18.05 36.88 9.34
O1A ADP I . 16.58 36.61 9.68
O2A ADP I . 19.05 35.95 9.92
O3A ADP I . 18.23 36.94 7.74
O5' ADP I . 18.45 38.38 9.75
C5' ADP I . 17.57 39.44 9.34
C4' ADP I . 18.40 40.47 8.56
O4' ADP I . 19.56 40.81 9.34
C3' ADP I . 19.01 39.90 7.29
O3' ADP I . 18.11 39.93 6.16
C2' ADP I . 20.21 40.80 7.08
O2' ADP I . 19.75 42.08 6.61
C1' ADP I . 20.68 41.03 8.51
N9 ADP I . 21.74 40.01 8.75
C8 ADP I . 21.63 38.82 9.37
N7 ADP I . 22.83 38.17 9.40
C5 ADP I . 23.71 38.99 8.78
C6 ADP I . 25.15 38.94 8.47
N6 ADP I . 25.90 37.86 8.82
N1 ADP I . 25.67 39.99 7.82
C2 ADP I . 24.93 41.06 7.47
N3 ADP I . 23.62 41.19 7.73
C4 ADP I . 22.99 40.18 8.35
C1 SIN J . 13.66 31.30 8.49
O1 SIN J . 12.69 31.73 7.81
O2 SIN J . 14.72 30.86 7.94
C2 SIN J . 13.61 31.30 9.99
C3 SIN J . 14.91 31.92 10.47
C4 SIN J . 15.01 33.41 10.08
O3 SIN J . 14.45 34.31 10.78
O4 SIN J . 15.71 33.78 9.07
MN MN K . 14.94 35.77 8.81
MN MN L . 13.99 30.77 5.85
K K M . 19.59 30.77 6.01
C1 SIN N . 24.02 7.73 27.19
O1 SIN N . 23.60 8.47 26.27
O2 SIN N . 23.67 6.51 27.15
C2 SIN N . 24.84 8.30 28.35
C3 SIN N . 23.85 8.76 29.45
C4 SIN N . 24.14 10.14 29.99
O3 SIN N . 23.18 10.84 30.43
O4 SIN N . 25.32 10.60 30.04
H21 SIN N . 25.44 9.15 28.00
H22 SIN N . 25.52 7.55 28.73
H31 SIN N . 23.90 8.04 30.27
H32 SIN N . 22.85 8.74 29.04
N ALA O . 19.38 26.82 28.66
CA ALA O . 18.94 28.05 29.35
C ALA O . 20.07 28.62 30.17
O ALA O . 20.03 29.78 30.59
CB ALA O . 17.74 27.76 30.28
OXT ALA O . 21.02 27.91 30.49
C1 GOL P . 7.40 40.48 6.40
O1 GOL P . 7.17 39.14 6.65
C2 GOL P . 6.28 41.22 7.13
O2 GOL P . 6.79 42.26 8.01
C3 GOL P . 5.37 41.82 5.99
O3 GOL P . 5.50 41.05 4.81
C1 GOL Q . 0.99 16.75 43.04
O1 GOL Q . 0.94 17.68 44.10
C2 GOL Q . 0.20 17.32 41.80
O2 GOL Q . 1.07 17.51 40.71
C3 GOL Q . -0.80 16.21 41.45
O3 GOL Q . -2.11 16.74 41.46
C1 GOL R . -1.33 14.01 38.56
O1 GOL R . -2.05 14.02 37.35
C2 GOL R . 0.12 13.72 38.26
O2 GOL R . 0.27 12.64 37.41
C3 GOL R . 0.70 15.05 37.71
O3 GOL R . 1.24 15.75 38.82
C1 GOL S . -2.96 36.02 3.17
O1 GOL S . -3.43 34.72 3.06
C2 GOL S . -1.42 35.92 3.46
O2 GOL S . -0.82 34.89 2.75
C3 GOL S . -0.77 37.32 3.11
O3 GOL S . 0.55 37.05 2.59
PB ADP T . 19.41 12.58 -65.12
O1B ADP T . 18.25 12.18 -64.26
O2B ADP T . 20.33 11.42 -65.38
O3B ADP T . 19.10 13.38 -66.36
PA ADP T . 20.58 13.74 -62.69
O1A ADP T . 19.47 13.01 -61.99
O2A ADP T . 22.01 13.43 -62.25
O3A ADP T . 20.39 13.57 -64.29
O5' ADP T . 20.38 15.33 -62.53
C5' ADP T . 19.07 15.91 -62.70
C4' ADP T . 19.16 17.03 -63.73
O4' ADP T . 20.21 17.91 -63.28
C3' ADP T . 19.65 16.59 -65.12
O3' ADP T . 18.66 16.02 -66.00
C2' ADP T . 20.20 17.91 -65.66
O2' ADP T . 19.12 18.77 -66.11
C1' ADP T . 20.84 18.52 -64.42
N9 ADP T . 22.27 18.16 -64.40
C8 ADP T . 22.85 17.21 -63.65
N7 ADP T . 24.18 17.12 -63.88
C5 ADP T . 24.46 18.07 -64.81
C6 ADP T . 25.67 18.55 -65.52
N6 ADP T . 26.89 17.99 -65.27
N1 ADP T . 25.53 19.55 -66.40
C2 ADP T . 24.34 20.11 -66.66
N3 ADP T . 23.20 19.75 -66.06
C4 ADP T . 23.20 18.75 -65.14
C1 SIN U . 18.96 6.98 -62.08
O1 SIN U . 17.79 6.85 -62.56
O2 SIN U . 20.02 6.91 -62.77
C2 SIN U . 19.14 7.22 -60.60
C3 SIN U . 20.26 8.27 -60.50
C4 SIN U . 19.70 9.58 -61.07
O3 SIN U . 18.91 10.25 -60.34
O4 SIN U . 20.02 10.01 -62.25
MN MN V . 18.97 6.13 -64.59
K K W . 24.04 8.41 -65.88
MN MN X . 18.27 11.43 -62.32
C1 SIN Y . 41.86 -7.01 -44.96
O1 SIN Y . 40.64 -6.95 -45.30
O2 SIN Y . 42.59 -7.72 -45.67
C2 SIN Y . 42.43 -6.24 -43.78
C3 SIN Y . 41.47 -6.00 -42.59
C4 SIN Y . 41.34 -4.53 -42.25
O3 SIN Y . 40.31 -4.05 -41.68
O4 SIN Y . 42.27 -3.74 -42.53
H21 SIN Y . 42.77 -5.27 -44.14
H22 SIN Y . 43.30 -6.78 -43.40
H31 SIN Y . 41.84 -6.54 -41.72
H32 SIN Y . 40.49 -6.39 -42.85
N ALA Z . 29.96 8.51 -43.61
CA ALA Z . 29.15 9.57 -43.03
C ALA Z . 30.05 10.64 -42.45
O ALA Z . 29.59 11.75 -42.13
CB ALA Z . 28.20 9.02 -41.96
OXT ALA Z . 31.26 10.38 -42.31
C1 GOL AA . 8.42 13.15 -61.37
O1 GOL AA . 7.53 14.27 -61.41
C2 GOL AA . 8.46 12.56 -62.76
O2 GOL AA . 9.46 11.52 -62.89
C3 GOL AA . 6.99 12.09 -62.89
O3 GOL AA . 6.75 11.77 -64.23
C1 GOL BA . 13.27 -12.83 -57.23
O1 GOL BA . 14.27 -13.36 -56.39
C2 GOL BA . 13.59 -11.29 -57.36
O2 GOL BA . 14.84 -11.05 -57.97
C3 GOL BA . 12.40 -10.71 -58.15
O3 GOL BA . 12.02 -9.51 -57.58
C1 GOL CA . 20.88 -5.13 -24.56
O1 GOL CA . 20.50 -4.53 -23.35
C2 GOL CA . 19.65 -5.45 -25.48
O2 GOL CA . 20.04 -5.54 -26.80
C3 GOL CA . 19.19 -6.73 -24.83
O3 GOL CA . 18.01 -7.14 -25.43
H11 GOL CA . 21.36 -5.96 -24.41
H12 GOL CA . 21.49 -4.56 -25.06
HO1 GOL CA . 19.77 -4.89 -23.11
H2 GOL CA . 18.94 -4.79 -25.51
HO2 GOL CA . 20.50 -4.83 -26.95
H31 GOL CA . 19.11 -6.58 -23.88
H32 GOL CA . 19.91 -7.39 -24.92
HO3 GOL CA . 17.71 -6.45 -25.79
PB ADP DA . 7.09 -55.99 -20.18
O1B ADP DA . 8.03 -54.84 -19.87
O2B ADP DA . 6.71 -56.05 -21.66
O3B ADP DA . 7.59 -57.31 -19.62
PA ADP DA . 4.72 -54.58 -19.00
O1A ADP DA . 3.38 -54.68 -19.72
O2A ADP DA . 5.45 -53.28 -19.14
O3A ADP DA . 5.69 -55.85 -19.35
O5' ADP DA . 4.40 -54.88 -17.44
C5' ADP DA . 5.50 -54.98 -16.55
C4' ADP DA . 5.42 -56.30 -15.81
O4' ADP DA . 4.12 -56.53 -15.25
C3' ADP DA . 5.65 -57.51 -16.72
O3' ADP DA . 7.03 -57.74 -16.99
C2' ADP DA . 4.95 -58.63 -15.97
O2' ADP DA . 5.74 -59.17 -14.92
C1' ADP DA . 3.78 -57.93 -15.33
N9 ADP DA . 2.69 -58.16 -16.32
C8 ADP DA . 2.27 -57.29 -17.27
N7 ADP DA . 1.25 -57.82 -18.00
C5 ADP DA . 1.01 -59.06 -17.51
C6 ADP DA . 0.08 -60.19 -17.84
N6 ADP DA . -0.83 -60.08 -18.85
N1 ADP DA . 0.17 -61.31 -17.09
C2 ADP DA . 1.07 -61.43 -16.08
N3 ADP DA . 1.95 -60.46 -15.73
C4 ADP DA . 1.96 -59.28 -16.41
C1 SIN EA . 8.03 -50.94 -24.05
O1 SIN EA . 9.24 -50.86 -23.72
O2 SIN EA . 7.64 -51.94 -24.71
C2 SIN EA . 7.04 -49.87 -23.67
C3 SIN EA . 5.77 -50.54 -23.15
C4 SIN EA . 6.14 -51.36 -21.92
O3 SIN EA . 6.24 -50.76 -20.79
O4 SIN EA . 6.36 -52.62 -22.07
MN MN FA . 7.32 -52.69 -20.03
MN MN GA . 9.24 -52.95 -25.45
K K HA . 4.61 -56.41 -25.73
C1 SIN IA . -15.07 -37.47 -42.12
O1 SIN IA . -14.67 -36.63 -42.97
O2 SIN IA . -14.50 -38.58 -42.12
C2 SIN IA . -16.22 -37.20 -41.14
C3 SIN IA . -15.96 -35.91 -40.34
C4 SIN IA . -16.30 -36.02 -38.88
O3 SIN IA . -15.82 -35.22 -38.03
O4 SIN IA . -17.05 -36.91 -38.44
H21 SIN IA . -16.31 -38.03 -40.44
H22 SIN IA . -17.15 -37.10 -41.68
H31 SIN IA . -16.57 -35.11 -40.77
H32 SIN IA . -14.92 -35.64 -40.44
N ALA JA . -9.63 -38.67 -23.03
CA ALA JA . -9.52 -38.26 -21.63
C ALA JA . -10.84 -38.43 -20.87
O ALA JA . -10.92 -38.32 -19.62
CB ALA JA . -9.06 -36.84 -21.55
OXT ALA JA . -11.87 -38.65 -21.49
C1 GOL KA . -5.65 -14.34 -27.03
O1 GOL KA . -5.87 -13.17 -26.30
C2 GOL KA . -4.13 -14.62 -26.95
O2 GOL KA . -3.79 -15.75 -27.69
C3 GOL KA . -3.54 -13.35 -27.52
O3 GOL KA . -2.16 -13.54 -27.72
C1 GOL LA . -6.98 -32.83 -41.23
O1 GOL LA . -8.13 -32.57 -42.03
C2 GOL LA . -5.68 -32.85 -42.16
O2 GOL LA . -5.55 -31.66 -42.85
C3 GOL LA . -4.48 -33.09 -41.15
O3 GOL LA . -3.26 -33.23 -41.82
C1 GOL MA . 0.41 -19.96 -40.38
O1 GOL MA . 1.15 -19.27 -39.38
C2 GOL MA . -0.88 -19.14 -40.82
O2 GOL MA . -0.69 -17.76 -40.78
C3 GOL MA . -1.18 -19.61 -42.28
O3 GOL MA . -1.35 -20.99 -42.26
C1 GOL NA . 6.33 -27.54 -27.49
O1 GOL NA . 7.31 -27.45 -28.48
C2 GOL NA . 7.07 -27.72 -26.09
O2 GOL NA . 8.27 -28.43 -26.22
C3 GOL NA . 7.29 -26.29 -25.52
O3 GOL NA . 8.33 -25.76 -26.30
H11 GOL NA . 5.74 -28.30 -27.63
H12 GOL NA . 5.77 -26.76 -27.44
HO1 GOL NA . 6.91 -27.44 -29.22
H2 GOL NA . 6.51 -28.23 -25.49
HO2 GOL NA . 8.77 -28.02 -26.78
H31 GOL NA . 7.51 -26.34 -24.57
H32 GOL NA . 6.47 -25.79 -25.57
HO3 GOL NA . 8.66 -25.11 -25.87
C1 GOL OA . 15.77 -50.54 -14.07
O1 GOL OA . 14.91 -49.48 -13.73
C2 GOL OA . 16.56 -50.19 -15.33
O2 GOL OA . 17.66 -51.04 -15.50
C3 GOL OA . 15.46 -50.28 -16.41
O3 GOL OA . 15.13 -51.64 -16.60
H11 GOL OA . 15.29 -51.37 -14.23
H12 GOL OA . 16.40 -50.74 -13.35
HO1 GOL OA . 14.29 -49.45 -14.32
H2 GOL OA . 16.97 -49.31 -15.33
HO2 GOL OA . 17.54 -51.71 -15.00
H31 GOL OA . 15.79 -49.86 -17.22
H32 GOL OA . 14.70 -49.74 -16.12
HO3 GOL OA . 15.59 -52.10 -16.06
PB ADP PA . 18.46 -36.70 4.47
O1B ADP PA . 18.70 -35.32 5.04
O2B ADP PA . 17.54 -36.74 3.25
O3B ADP PA . 18.13 -37.75 5.52
PA ADP PA . 20.68 -37.08 2.58
O1A ADP PA . 19.68 -36.79 1.49
O2A ADP PA . 21.82 -36.11 2.73
O3A ADP PA . 19.91 -37.22 4.00
O5' ADP PA . 21.27 -38.56 2.49
C5' ADP PA . 20.34 -39.63 2.31
C4' ADP PA . 20.53 -40.65 3.42
O4' ADP PA . 21.89 -41.14 3.42
C3' ADP PA . 20.36 -40.13 4.85
O3' ADP PA . 19.00 -40.07 5.29
C2' ADP PA . 21.20 -41.11 5.66
O2' ADP PA . 20.61 -42.40 5.78
C1' ADP PA . 22.36 -41.42 4.75
N9 ADP PA . 23.42 -40.46 5.15
C8 ADP PA . 23.67 -39.28 4.52
N7 ADP PA . 24.70 -38.62 5.13
C5 ADP PA . 25.11 -39.41 6.17
C6 ADP PA . 26.15 -39.31 7.24
N6 ADP PA . 26.94 -38.22 7.27
N1 ADP PA . 26.25 -40.31 8.15
C2 ADP PA . 25.42 -41.37 8.11
N3 ADP PA . 24.45 -41.55 7.17
C4 ADP PA . 24.25 -40.61 6.19
C1 SIN QA . 16.55 -31.54 1.02
O1 SIN QA . 15.32 -31.83 1.21
O2 SIN QA . 17.28 -31.06 1.94
C2 SIN QA . 17.17 -31.75 -0.33
C3 SIN QA . 18.62 -32.21 -0.09
C4 SIN QA . 18.49 -33.66 0.34
O3 SIN QA . 18.56 -33.98 1.57
O4 SIN QA . 18.29 -34.56 -0.53
MN MN RA . 17.78 -35.94 1.31
MN MN SA . 15.41 -30.88 3.35
K K TA . 20.30 -31.05 6.29
C1 SIN UA . 37.39 -10.24 -11.43
O1 SIN UA . 38.35 -10.68 -10.76
O2 SIN UA . 36.92 -10.94 -12.38
C2 SIN UA . 36.81 -8.87 -11.19
C3 SIN UA . 37.49 -8.25 -9.99
C4 SIN UA . 36.50 -7.92 -8.89
O3 SIN UA . 35.29 -7.67 -9.11
O4 SIN UA . 36.92 -7.90 -7.71
H21 SIN UA . 35.73 -8.96 -11.00
H22 SIN UA . 36.94 -8.24 -12.07
H31 SIN UA . 37.99 -7.34 -10.31
H32 SIN UA . 38.24 -8.94 -9.61
N ALA VA . 32.58 -26.84 -12.71
CA ALA VA . 32.56 -28.07 -13.55
C ALA VA . 33.96 -28.62 -13.74
O ALA VA . 34.94 -27.93 -13.48
CB ALA VA . 31.91 -27.79 -14.91
OXT ALA VA . 34.16 -29.76 -14.14
C1 GOL WA . 8.59 -41.74 -1.56
O1 GOL WA . 7.65 -41.05 -0.75
C2 GOL WA . 9.79 -40.79 -1.90
O2 GOL WA . 10.09 -39.83 -0.91
C3 GOL WA . 11.01 -41.71 -2.21
O3 GOL WA . 10.57 -42.86 -2.83
CAI GZ3 XA . -3.15 19.03 -42.86
OAB GZ3 XA . -2.55 20.08 -42.70
OAD GZ3 XA . -2.54 17.96 -43.08
CAH GZ3 XA . -4.56 19.11 -42.65
CAA GZ3 XA . -5.43 18.24 -43.20
CAG GZ3 XA . -4.92 20.22 -41.66
PAJ GZ3 XA . -5.72 21.65 -42.41
OAE GZ3 XA . -4.80 22.21 -43.46
OAF GZ3 XA . -7.07 21.14 -42.96
OAC GZ3 XA . -5.92 22.60 -41.24
MN MN YA . -4.93 23.42 -39.46
MN MN ZA . -2.56 22.15 -44.09
K K AB . -10.62 22.46 -42.87
C1 SIN BB . -24.52 -3.85 -31.97
O1 SIN BB . -25.19 -2.87 -31.60
O2 SIN BB . -23.54 -4.19 -31.26
C2 SIN BB . -24.89 -4.62 -33.25
C3 SIN BB . -23.70 -5.37 -33.86
C4 SIN BB . -23.71 -5.43 -35.37
O3 SIN BB . -24.67 -5.00 -36.08
O4 SIN BB . -22.72 -5.93 -35.95
H21 SIN BB . -25.29 -3.91 -33.98
H22 SIN BB . -25.68 -5.33 -33.01
H31 SIN BB . -23.69 -6.38 -33.47
H32 SIN BB . -22.78 -4.88 -33.55
N ALA CB . -13.93 0.69 -48.31
CA ALA CB . -13.22 0.54 -49.58
C ALA CB . -14.21 0.24 -50.70
O ALA CB . -15.42 0.02 -50.46
CB ALA CB . -12.17 -0.57 -49.49
OXT ALA CB . -13.82 0.23 -51.88
C1 GOL DB . 0.55 -16.76 -36.45
O1 GOL DB . 1.09 -17.17 -35.24
C2 GOL DB . -0.92 -17.15 -36.39
O2 GOL DB . -1.49 -17.03 -35.11
C3 GOL DB . -1.50 -16.17 -37.44
O3 GOL DB . -1.71 -16.94 -38.59
C1 GOL EB . -15.68 -4.14 -29.08
O1 GOL EB . -15.79 -5.41 -29.72
C2 GOL EB . -14.42 -4.08 -28.15
O2 GOL EB . -13.82 -5.33 -27.91
C3 GOL EB . -13.47 -2.99 -28.79
O3 GOL EB . -12.25 -2.95 -28.07
C1 GOL FB . -4.23 27.39 -34.84
O1 GOL FB . -4.80 26.93 -36.07
C2 GOL FB . -2.71 27.60 -35.17
O2 GOL FB . -2.61 28.68 -36.03
C3 GOL FB . -1.92 27.84 -33.80
O3 GOL FB . -0.54 27.33 -33.87
C1 GOL GB . -4.66 24.24 -24.57
O1 GOL GB . -5.18 23.23 -25.42
C2 GOL GB . -4.82 23.77 -23.08
O2 GOL GB . -3.77 22.92 -22.67
C3 GOL GB . -4.92 25.09 -22.24
O3 GOL GB . -6.29 25.27 -21.96
PB ADP HB . -20.94 -12.97 64.90
O1B ADP HB . -21.05 -12.86 66.43
O2B ADP HB . -21.90 -14.00 64.34
O3B ADP HB . -20.98 -11.63 64.22
PA ADP HB . -18.54 -13.53 63.30
O1A ADP HB . -19.40 -12.95 62.14
O2A ADP HB . -17.24 -12.83 63.54
O3A ADP HB . -19.44 -13.58 64.66
O5' ADP HB . -18.26 -15.11 63.08
C5' ADP HB . -19.36 -15.84 62.50
C4' ADP HB . -19.77 -17.05 63.34
O4' ADP HB . -18.65 -17.92 63.55
C3' ADP HB . -20.28 -16.68 64.74
O3' ADP HB . -21.69 -16.47 64.83
C2' ADP HB . -19.92 -17.89 65.56
O2' ADP HB . -20.95 -18.86 65.41
C1' ADP HB . -18.69 -18.46 64.87
N9 ADP HB . -17.51 -18.00 65.66
C8 ADP HB . -16.75 -16.93 65.35
N7 ADP HB . -15.76 -16.77 66.25
C5 ADP HB . -15.89 -17.75 67.16
C6 ADP HB . -15.17 -18.16 68.39
N6 ADP HB . -14.09 -17.46 68.82
N1 ADP HB . -15.65 -19.24 69.07
C2 ADP HB . -16.73 -19.94 68.64
N3 ADP HB . -17.43 -19.63 67.55
C4 ADP HB . -17.06 -18.56 66.77
CAI GZ3 IB . -20.01 -7.00 61.43
OAB GZ3 IB . -20.92 -6.43 62.10
OAD GZ3 IB . -19.93 -6.77 60.19
CAH GZ3 IB . -19.01 -7.91 62.03
CAA GZ3 IB . -17.73 -7.69 61.68
CAG GZ3 IB . -19.33 -9.15 62.93
PAJ GZ3 IB . -19.27 -8.79 64.74
OAE GZ3 IB . -18.00 -8.01 64.94
OAF GZ3 IB . -19.11 -10.04 65.60
OAC GZ3 IB . -20.60 -8.06 64.99
MN MN JB . -22.82 -10.81 63.08
MN MN KB . -20.71 -5.97 64.28
K K LB . -17.04 -8.55 67.90
C1 SIN MB . 9.53 6.92 60.53
O1 SIN MB . 8.31 6.63 60.73
O2 SIN MB . 9.89 8.10 60.76
C2 SIN MB . 10.53 5.87 60.03
C3 SIN MB . 10.61 5.72 58.50
C4 SIN MB . 10.62 4.27 58.03
O3 SIN MB . 11.06 3.36 58.76
O4 SIN MB . 10.17 3.96 56.90
H21 SIN MB . 10.26 4.90 60.47
H22 SIN MB . 11.52 6.14 60.41
H31 SIN MB . 11.51 6.22 58.15
H32 SIN MB . 9.75 6.23 58.05
N ALA NB . -0.06 -8.43 52.59
CA ALA NB . -0.34 -9.47 51.57
C ALA NB . 0.67 -10.63 51.65
O ALA NB . 1.76 -10.51 52.22
CB ALA NB . -0.35 -8.88 50.15
OXT ALA NB . 0.37 -11.72 51.12
C1 GOL OB . 1.32 6.39 30.91
O1 GOL OB . 0.15 7.23 31.16
C2 GOL OB . 1.88 5.86 32.29
O2 GOL OB . 0.90 5.30 33.07
C3 GOL OB . 2.96 4.76 32.00
O3 GOL OB . 3.45 4.89 30.70
C1 GOL PB . -16.16 2.68 37.51
O1 GOL PB . -17.14 1.70 37.82
C2 GOL PB . -16.55 3.81 38.51
O2 GOL PB . -17.20 4.86 37.88
C3 GOL PB . -15.28 4.14 39.32
O3 GOL PB . -15.65 4.89 40.45
C1 GOL QB . -0.33 7.90 35.40
O1 GOL QB . 0.93 7.45 34.97
C2 GOL QB . -0.37 9.35 34.92
O2 GOL QB . -1.57 9.69 34.24
C3 GOL QB . -0.18 10.14 36.19
O3 GOL QB . 1.10 10.66 36.17
C1 GOL RB . 0.83 11.12 55.45
O1 GOL RB . -0.22 11.90 54.96
C2 GOL RB . 2.15 11.48 54.66
O2 GOL RB . 2.28 12.85 54.45
C3 GOL RB . 3.29 10.95 55.56
O3 GOL RB . 4.39 10.71 54.73
C1 GOL SB . -18.09 4.14 35.01
O1 GOL SB . -19.36 4.26 35.56
C2 GOL SB . -18.02 2.69 34.47
O2 GOL SB . -19.01 1.87 35.02
C3 GOL SB . -18.21 2.64 32.94
O3 GOL SB . -19.35 3.36 32.56
H11 GOL SB . -17.38 4.29 35.66
H12 GOL SB . -17.92 4.77 34.29
HO1 GOL SB . -19.89 3.91 34.99
H2 GOL SB . -17.14 2.39 34.72
HO2 GOL SB . -19.75 2.00 34.55
H31 GOL SB . -18.25 1.72 32.68
H32 GOL SB . -17.40 3.00 32.54
HO3 GOL SB . -19.29 3.50 31.73
CAI GZ3 TB . -5.87 50.80 24.71
OAB GZ3 TB . -5.17 51.43 25.54
OAD GZ3 TB . -5.50 49.66 24.33
CAH GZ3 TB . -7.10 51.37 24.16
CAA GZ3 TB . -7.76 50.75 23.20
CAG GZ3 TB . -7.66 52.69 24.64
PAJ GZ3 TB . -7.06 54.12 23.67
OAE GZ3 TB . -6.68 53.66 22.24
OAF GZ3 TB . -5.95 54.62 24.61
OAC GZ3 TB . -8.23 55.09 23.62
MN MN UB . -6.35 53.27 26.47
K K VB . -10.32 56.73 24.13
C1 SIN WB . -35.65 36.81 23.66
O1 SIN WB . -36.13 37.67 22.90
O2 SIN WB . -34.59 36.22 23.33
C2 SIN WB . -36.35 36.54 24.97
C3 SIN WB . -35.56 37.19 26.12
C4 SIN WB . -36.23 38.41 26.75
O3 SIN WB . -35.77 38.92 27.81
O4 SIN WB . -37.23 38.93 26.21
H21 SIN WB . -36.42 35.47 25.12
H22 SIN WB . -37.36 36.94 24.93
H31 SIN WB . -34.58 37.49 25.74
H32 SIN WB . -35.40 36.44 26.89
N ALA XB . -21.15 39.14 14.22
CA ALA XB . -20.33 38.67 13.09
C ALA XB . -21.04 38.98 11.77
O ALA XB . -22.24 39.24 11.80
CB ALA XB . -20.05 37.19 13.21
OXT ALA XB . -20.46 38.97 10.70
C1 GOL YB . -20.47 14.94 19.64
O1 GOL YB . -20.54 13.73 18.95
C2 GOL YB . -19.08 14.94 20.36
O2 GOL YB . -18.73 16.23 20.71
C3 GOL YB . -19.27 14.04 21.63
O3 GOL YB . -18.02 14.02 22.34
C1 GOL ZB . -29.49 34.05 31.30
O1 GOL ZB . -30.17 32.92 30.77
C2 GOL ZB . -28.60 33.63 32.56
O2 GOL ZB . -28.65 32.23 32.83
C3 GOL ZB . -27.18 34.23 32.27
O3 GOL ZB . -26.29 33.78 33.26
CAI GZ3 AC . -27.25 -18.33 33.72
OAB GZ3 AC . -26.92 -17.24 34.26
OAD GZ3 AC . -26.59 -19.37 33.89
CAH GZ3 AC . -28.38 -18.43 32.82
CAA GZ3 AC . -29.48 -17.73 33.06
CAG GZ3 AC . -28.20 -19.35 31.59
PAJ GZ3 AC . -29.21 -20.87 31.66
OAE GZ3 AC . -28.99 -21.53 33.01
OAF GZ3 AC . -28.68 -21.74 30.53
OAC GZ3 AC . -30.64 -20.36 31.52
MN MN BC . -26.97 -22.63 29.67
K K CC . -33.57 -21.65 29.59
C1 SIN DC . -38.59 4.62 13.66
O1 SIN DC . -38.17 3.50 14.03
O2 SIN DC . -37.90 5.24 12.80
C2 SIN DC . -39.86 5.21 14.27
C3 SIN DC . -39.51 6.35 15.25
C4 SIN DC . -40.33 6.37 16.52
O3 SIN DC . -39.84 6.77 17.62
O4 SIN DC . -41.51 5.98 16.50
H21 SIN DC . -40.41 4.43 14.80
H22 SIN DC . -40.50 5.59 13.47
H31 SIN DC . -39.65 7.30 14.74
H32 SIN DC . -38.46 6.27 15.52
N ALA EC . -39.34 0.00 32.59
CA ALA EC . -39.54 0.02 34.04
C ALA EC . -40.93 0.44 34.48
O ALA EC . -41.22 0.35 35.68
CB ALA EC . -38.53 0.93 34.68
OXT ALA EC . -41.77 0.91 33.71
C1 GOL FC . -51.36 -15.63 47.01
O1 GOL FC . -51.07 -17.01 47.37
C2 GOL FC . -50.19 -14.67 47.46
O2 GOL FC . -48.97 -14.94 46.82
C3 GOL FC . -50.65 -13.20 47.05
O3 GOL FC . -51.89 -12.94 47.66
C1 GOL GC . -28.13 3.75 16.30
O1 GOL GC . -26.83 3.80 16.88
C2 GOL GC . -28.81 5.22 16.38
O2 GOL GC . -28.16 6.11 15.59
C3 GOL GC . -30.27 5.05 15.94
O3 GOL GC . -30.91 6.27 16.19
MN MN HC . -27.48 -21.47 35.13
#